data_4IRN
#
_entry.id   4IRN
#
_cell.length_a   64.442
_cell.length_b   191.184
_cell.length_c   132.492
_cell.angle_alpha   90.000
_cell.angle_beta   98.940
_cell.angle_gamma   90.000
#
_symmetry.space_group_name_H-M   'P 1 21 1'
#
loop_
_entity.id
_entity.type
_entity.pdbx_description
1 polymer 'Prolyl-ACP dehydrogenase'
2 non-polymer 'FLAVIN-ADENINE DINUCLEOTIDE'
3 water water
#
_entity_poly.entity_id   1
_entity_poly.type   'polypeptide(L)'
_entity_poly.pdbx_seq_one_letter_code
;MGSSHHHHHHSSGLVPRGSHMASMTGGQQMGRGSEFDFAWNSQQIQFRKKVIQFAQQSLISDLIKNDKEEIFNRDAWQKC
SEFGVHGWPIPARYGGQELDILTTAYALQGLGYGCKDNGLIFAMNAHIWACEMPLLTFGTEEQKEKYLPLLCRGGWIASH
AATEPQAGSDIYSLKTTAQKDGDKYILNGYKHYVTNGTIADLFIIFATIDPSLGKEGLTTFMIEKDTPGLILSKPISKMG
MRTAEVPELRLENCEVSAANRLGEEGTGLAIFNHSMEWERGFILAAAVGTMERLLEQSIRYARSHKQFGQAIGKFQLVAN
KLVEMKLRLENAKAYLYKVAWMKENKQMALLEASMANLYISEAWVQSCLEAIEIHGAYGYLTNTELERELRDAIASKFYS
GTSEIQRVVIAKFLGL
;
_entity_poly.pdbx_strand_id   A,B,C,D,E,F,G,H
#
loop_
_chem_comp.id
_chem_comp.type
_chem_comp.name
_chem_comp.formula
FAD non-polymer 'FLAVIN-ADENINE DINUCLEOTIDE' 'C27 H33 N9 O15 P2'
#
# COMPACT_ATOMS: atom_id res chain seq x y z
N ALA A 39 6.53 41.48 30.39
CA ALA A 39 5.95 42.81 30.20
C ALA A 39 4.53 42.78 29.59
N TRP A 40 3.92 41.57 29.52
CA TRP A 40 2.56 41.38 29.01
C TRP A 40 1.54 41.56 30.14
N ASN A 41 0.49 42.36 29.89
CA ASN A 41 -0.56 42.62 30.89
C ASN A 41 -1.57 41.48 30.96
N SER A 42 -2.46 41.51 31.97
CA SER A 42 -3.50 40.50 32.19
C SER A 42 -4.42 40.27 31.00
N GLN A 43 -4.74 41.30 30.20
CA GLN A 43 -5.63 41.14 29.07
C GLN A 43 -4.96 40.44 27.88
N GLN A 44 -3.66 40.69 27.70
CA GLN A 44 -2.82 40.05 26.68
C GLN A 44 -2.57 38.57 27.05
N ILE A 45 -2.31 38.26 28.36
CA ILE A 45 -2.13 36.88 28.86
C ILE A 45 -3.44 36.12 28.63
N GLN A 46 -4.59 36.71 29.04
CA GLN A 46 -5.93 36.14 28.90
C GLN A 46 -6.37 35.93 27.47
N PHE A 47 -6.08 36.89 26.57
CA PHE A 47 -6.46 36.76 25.15
C PHE A 47 -5.69 35.64 24.46
N ARG A 48 -4.37 35.53 24.73
CA ARG A 48 -3.52 34.48 24.19
C ARG A 48 -3.99 33.11 24.69
N LYS A 49 -4.37 33.04 25.98
CA LYS A 49 -4.90 31.84 26.65
C LYS A 49 -6.22 31.45 25.99
N LYS A 50 -7.05 32.44 25.61
CA LYS A 50 -8.34 32.23 24.92
C LYS A 50 -8.08 31.70 23.50
N VAL A 51 -7.02 32.20 22.82
CA VAL A 51 -6.60 31.77 21.48
C VAL A 51 -6.15 30.29 21.51
N ILE A 52 -5.30 29.91 22.51
CA ILE A 52 -4.80 28.55 22.70
C ILE A 52 -5.98 27.58 22.91
N GLN A 53 -6.90 27.91 23.85
CA GLN A 53 -8.09 27.11 24.17
C GLN A 53 -8.99 26.89 22.95
N PHE A 54 -9.24 27.97 22.15
CA PHE A 54 -10.03 27.92 20.91
C PHE A 54 -9.39 26.95 19.91
N ALA A 55 -8.06 27.10 19.70
CA ALA A 55 -7.25 26.26 18.79
C ALA A 55 -7.19 24.81 19.23
N GLN A 56 -7.12 24.56 20.55
CA GLN A 56 -7.04 23.22 21.11
C GLN A 56 -8.39 22.51 21.10
N GLN A 57 -9.52 23.27 21.21
CA GLN A 57 -10.86 22.69 21.27
C GLN A 57 -11.64 22.64 19.95
N SER A 58 -11.69 23.77 19.23
CA SER A 58 -12.46 23.85 17.98
C SER A 58 -11.68 23.81 16.67
N LEU A 59 -10.41 23.36 16.69
CA LEU A 59 -9.61 23.25 15.45
C LEU A 59 -9.10 21.83 15.17
N ILE A 60 -9.51 20.85 16.00
CA ILE A 60 -9.12 19.44 15.90
C ILE A 60 -9.35 18.91 14.47
N SER A 61 -8.28 18.32 13.89
CA SER A 61 -8.33 17.75 12.55
C SER A 61 -7.56 16.44 12.53
N ASP A 62 -7.78 15.63 11.49
CA ASP A 62 -7.09 14.36 11.28
C ASP A 62 -5.84 14.72 10.50
N LEU A 63 -4.87 15.34 11.22
CA LEU A 63 -3.63 15.85 10.64
C LEU A 63 -2.74 14.87 9.90
N ILE A 64 -2.67 13.60 10.36
CA ILE A 64 -1.88 12.60 9.66
C ILE A 64 -2.48 12.37 8.26
N LYS A 65 -3.83 12.30 8.17
CA LYS A 65 -4.58 12.13 6.93
C LYS A 65 -4.52 13.36 6.02
N ASN A 66 -4.82 14.57 6.55
CA ASN A 66 -4.78 15.84 5.80
C ASN A 66 -3.40 16.12 5.18
N ASP A 67 -2.34 15.82 5.93
CA ASP A 67 -0.98 16.00 5.46
C ASP A 67 -0.66 15.01 4.33
N LYS A 68 -0.98 13.72 4.53
CA LYS A 68 -0.76 12.64 3.56
C LYS A 68 -1.56 12.88 2.28
N GLU A 69 -2.86 13.18 2.42
CA GLU A 69 -3.79 13.38 1.30
C GLU A 69 -3.80 14.80 0.69
N GLU A 70 -3.06 15.74 1.32
CA GLU A 70 -2.96 17.16 0.92
C GLU A 70 -4.32 17.87 1.00
N ILE A 71 -4.94 17.85 2.19
CA ILE A 71 -6.26 18.46 2.41
C ILE A 71 -6.19 19.79 3.14
N PHE A 72 -6.66 20.85 2.47
CA PHE A 72 -6.75 22.19 3.05
C PHE A 72 -8.02 22.21 3.94
N ASN A 73 -7.89 22.66 5.19
CA ASN A 73 -9.00 22.71 6.15
C ASN A 73 -9.79 24.02 6.03
N ARG A 74 -10.82 24.00 5.17
CA ARG A 74 -11.68 25.17 4.96
C ARG A 74 -12.53 25.47 6.19
N ASP A 75 -12.96 24.40 6.90
CA ASP A 75 -13.76 24.50 8.12
C ASP A 75 -13.01 25.30 9.20
N ALA A 76 -11.71 25.00 9.39
CA ALA A 76 -10.84 25.66 10.35
C ALA A 76 -10.52 27.10 9.95
N TRP A 77 -10.43 27.39 8.64
CA TRP A 77 -10.21 28.75 8.12
C TRP A 77 -11.40 29.63 8.50
N GLN A 78 -12.63 29.12 8.22
CA GLN A 78 -13.92 29.75 8.52
C GLN A 78 -14.07 30.06 10.01
N LYS A 79 -13.73 29.09 10.88
CA LYS A 79 -13.79 29.22 12.33
C LYS A 79 -12.83 30.29 12.87
N CYS A 80 -11.62 30.37 12.28
CA CYS A 80 -10.60 31.34 12.63
C CYS A 80 -11.05 32.76 12.27
N SER A 81 -11.72 32.93 11.11
CA SER A 81 -12.26 34.22 10.65
C SER A 81 -13.41 34.68 11.55
N GLU A 82 -14.25 33.72 12.03
CA GLU A 82 -15.36 33.96 12.97
C GLU A 82 -14.78 34.46 14.31
N PHE A 83 -13.64 33.88 14.73
CA PHE A 83 -12.94 34.25 15.97
C PHE A 83 -12.34 35.65 15.85
N GLY A 84 -11.89 35.99 14.64
CA GLY A 84 -11.35 37.31 14.30
C GLY A 84 -9.91 37.34 13.87
N VAL A 85 -9.25 36.17 13.71
CA VAL A 85 -7.83 36.05 13.33
C VAL A 85 -7.43 37.00 12.19
N HIS A 86 -8.10 36.86 11.05
CA HIS A 86 -7.85 37.67 9.83
C HIS A 86 -7.96 39.17 10.06
N GLY A 87 -8.91 39.58 10.91
CA GLY A 87 -9.15 40.98 11.25
C GLY A 87 -8.27 41.57 12.32
N TRP A 88 -7.41 40.74 12.99
CA TRP A 88 -6.52 41.18 14.08
C TRP A 88 -5.73 42.48 13.81
N PRO A 89 -5.00 42.66 12.69
CA PRO A 89 -4.31 43.95 12.48
C PRO A 89 -5.14 44.97 11.69
N ILE A 90 -6.38 44.61 11.31
CA ILE A 90 -7.29 45.43 10.49
C ILE A 90 -8.16 46.34 11.38
N PRO A 91 -8.30 47.65 11.04
CA PRO A 91 -9.17 48.52 11.85
C PRO A 91 -10.63 48.09 11.78
N ALA A 92 -11.36 48.29 12.88
CA ALA A 92 -12.77 47.92 13.06
C ALA A 92 -13.70 48.52 12.00
N ARG A 93 -13.29 49.65 11.37
CA ARG A 93 -13.99 50.37 10.29
C ARG A 93 -14.25 49.46 9.08
N TYR A 94 -13.28 48.53 8.79
CA TYR A 94 -13.29 47.57 7.69
C TYR A 94 -13.65 46.18 8.20
N GLY A 95 -14.38 46.13 9.32
CA GLY A 95 -14.81 44.89 9.96
C GLY A 95 -13.74 44.13 10.73
N GLY A 96 -12.61 44.79 10.99
CA GLY A 96 -11.49 44.18 11.70
C GLY A 96 -11.63 44.18 13.22
N GLN A 97 -10.57 43.71 13.91
CA GLN A 97 -10.51 43.62 15.37
C GLN A 97 -9.77 44.82 15.94
N GLU A 98 -8.87 45.39 15.12
CA GLU A 98 -8.06 46.55 15.39
C GLU A 98 -7.13 46.36 16.56
N LEU A 99 -6.40 45.24 16.62
CA LEU A 99 -5.45 45.02 17.73
C LEU A 99 -4.16 45.70 17.45
N ASP A 100 -3.41 45.99 18.50
CA ASP A 100 -2.08 46.52 18.33
C ASP A 100 -1.17 45.36 17.92
N ILE A 101 -0.10 45.66 17.18
CA ILE A 101 0.85 44.67 16.62
C ILE A 101 1.43 43.73 17.67
N LEU A 102 1.89 44.29 18.81
CA LEU A 102 2.47 43.48 19.90
C LEU A 102 1.49 42.43 20.44
N THR A 103 0.19 42.78 20.55
CA THR A 103 -0.88 41.88 20.97
C THR A 103 -1.13 40.85 19.86
N THR A 104 -1.16 41.30 18.60
CA THR A 104 -1.36 40.46 17.40
C THR A 104 -0.28 39.37 17.33
N ALA A 105 1.01 39.74 17.52
CA ALA A 105 2.16 38.84 17.51
C ALA A 105 2.09 37.83 18.65
N TYR A 106 1.72 38.29 19.86
CA TYR A 106 1.56 37.48 21.06
C TYR A 106 0.46 36.42 20.87
N ALA A 107 -0.69 36.85 20.30
CA ALA A 107 -1.86 36.00 20.00
C ALA A 107 -1.52 35.00 18.90
N LEU A 108 -0.69 35.41 17.91
CA LEU A 108 -0.22 34.52 16.82
C LEU A 108 0.70 33.43 17.38
N GLN A 109 1.58 33.83 18.41
CA GLN A 109 2.45 32.89 19.09
C GLN A 109 1.56 31.82 19.76
N GLY A 110 0.44 32.25 20.38
CA GLY A 110 -0.55 31.40 21.04
C GLY A 110 -1.25 30.47 20.07
N LEU A 111 -1.57 30.99 18.88
CA LEU A 111 -2.22 30.22 17.81
C LEU A 111 -1.32 29.08 17.35
N GLY A 112 -0.02 29.36 17.17
CA GLY A 112 0.97 28.38 16.76
C GLY A 112 1.17 27.26 17.76
N TYR A 113 1.08 27.59 19.06
CA TYR A 113 1.19 26.62 20.16
C TYR A 113 -0.05 25.70 20.20
N GLY A 114 -1.24 26.29 20.08
CA GLY A 114 -2.52 25.58 20.13
C GLY A 114 -2.94 24.86 18.87
N CYS A 115 -2.53 25.37 17.69
CA CYS A 115 -2.88 24.78 16.39
C CYS A 115 -1.69 24.02 15.80
N LYS A 116 -1.90 22.73 15.50
CA LYS A 116 -0.85 21.86 14.97
C LYS A 116 -0.73 21.93 13.44
N ASP A 117 -1.78 22.43 12.76
CA ASP A 117 -1.84 22.56 11.31
C ASP A 117 -1.02 23.77 10.86
N ASN A 118 0.28 23.53 10.59
CA ASN A 118 1.21 24.55 10.17
C ASN A 118 0.90 25.11 8.78
N GLY A 119 0.33 24.28 7.91
CA GLY A 119 -0.07 24.68 6.56
C GLY A 119 -1.18 25.72 6.57
N LEU A 120 -2.18 25.54 7.48
CA LEU A 120 -3.31 26.46 7.64
C LEU A 120 -2.79 27.79 8.14
N ILE A 121 -1.91 27.75 9.17
CA ILE A 121 -1.25 28.90 9.77
C ILE A 121 -0.51 29.72 8.69
N PHE A 122 0.26 29.03 7.80
CA PHE A 122 1.00 29.67 6.71
C PHE A 122 0.04 30.33 5.71
N ALA A 123 -1.04 29.60 5.32
CA ALA A 123 -2.07 30.06 4.38
C ALA A 123 -2.78 31.35 4.87
N MET A 124 -3.08 31.42 6.17
CA MET A 124 -3.72 32.56 6.81
C MET A 124 -2.78 33.78 6.91
N ASN A 125 -1.50 33.54 7.28
CA ASN A 125 -0.49 34.59 7.42
C ASN A 125 -0.13 35.22 6.08
N ALA A 126 -0.20 34.42 5.00
CA ALA A 126 0.01 34.85 3.63
C ALA A 126 -1.09 35.82 3.22
N HIS A 127 -2.32 35.52 3.59
CA HIS A 127 -3.54 36.28 3.35
C HIS A 127 -3.54 37.62 4.14
N ILE A 128 -3.18 37.57 5.43
CA ILE A 128 -3.10 38.76 6.29
C ILE A 128 -1.99 39.74 5.93
N TRP A 129 -0.73 39.28 6.01
CA TRP A 129 0.47 40.10 5.82
C TRP A 129 0.85 40.47 4.40
N ALA A 130 0.68 39.56 3.43
CA ALA A 130 1.06 39.83 2.05
C ALA A 130 -0.07 40.38 1.16
N CYS A 131 -1.33 40.36 1.65
CA CYS A 131 -2.47 40.82 0.88
C CYS A 131 -3.28 41.92 1.57
N GLU A 132 -3.81 41.66 2.78
CA GLU A 132 -4.61 42.63 3.53
C GLU A 132 -3.81 43.88 3.92
N MET A 133 -2.57 43.70 4.43
CA MET A 133 -1.69 44.80 4.85
C MET A 133 -1.31 45.79 3.74
N PRO A 134 -0.76 45.37 2.55
CA PRO A 134 -0.46 46.35 1.49
C PRO A 134 -1.72 47.10 1.00
N LEU A 135 -2.90 46.42 0.99
CA LEU A 135 -4.21 47.00 0.63
C LEU A 135 -4.61 48.10 1.64
N LEU A 136 -4.39 47.85 2.94
CA LEU A 136 -4.70 48.80 4.01
C LEU A 136 -3.82 50.07 3.91
N THR A 137 -2.53 49.88 3.57
CA THR A 137 -1.53 50.94 3.46
C THR A 137 -1.59 51.72 2.16
N PHE A 138 -1.63 51.04 1.00
CA PHE A 138 -1.60 51.71 -0.30
C PHE A 138 -2.95 51.89 -1.02
N GLY A 139 -3.99 51.21 -0.55
CA GLY A 139 -5.31 51.30 -1.16
C GLY A 139 -6.04 52.60 -0.91
N THR A 140 -6.88 52.98 -1.87
CA THR A 140 -7.71 54.18 -1.75
C THR A 140 -8.90 53.85 -0.84
N GLU A 141 -9.62 54.88 -0.36
CA GLU A 141 -10.76 54.68 0.52
C GLU A 141 -11.80 53.73 -0.08
N GLU A 142 -12.08 53.86 -1.39
CA GLU A 142 -13.03 52.99 -2.10
C GLU A 142 -12.51 51.56 -2.30
N GLN A 143 -11.20 51.40 -2.53
CA GLN A 143 -10.53 50.09 -2.68
C GLN A 143 -10.57 49.33 -1.36
N LYS A 144 -10.32 50.04 -0.24
CA LYS A 144 -10.33 49.50 1.11
C LYS A 144 -11.76 49.12 1.54
N GLU A 145 -12.73 50.05 1.32
CA GLU A 145 -14.15 49.86 1.65
C GLU A 145 -14.79 48.67 0.96
N LYS A 146 -14.35 48.37 -0.26
CA LYS A 146 -14.87 47.23 -1.04
C LYS A 146 -14.21 45.90 -0.68
N TYR A 147 -12.87 45.83 -0.71
CA TYR A 147 -12.12 44.58 -0.51
C TYR A 147 -11.78 44.15 0.91
N LEU A 148 -11.44 45.08 1.80
CA LEU A 148 -11.04 44.75 3.16
C LEU A 148 -12.12 44.09 3.99
N PRO A 149 -13.38 44.58 4.00
CA PRO A 149 -14.41 43.89 4.78
C PRO A 149 -14.65 42.45 4.32
N LEU A 150 -14.47 42.20 3.01
CA LEU A 150 -14.62 40.87 2.40
C LEU A 150 -13.56 39.87 2.86
N LEU A 151 -12.29 40.29 2.90
CA LEU A 151 -11.18 39.43 3.31
C LEU A 151 -11.24 39.15 4.82
N CYS A 152 -11.58 40.18 5.55
CA CYS A 152 -11.74 40.27 6.97
C CYS A 152 -12.88 39.37 7.49
N ARG A 153 -14.11 39.52 6.90
CA ARG A 153 -15.33 38.86 7.38
C ARG A 153 -16.21 38.13 6.34
N GLY A 154 -15.94 38.33 5.05
CA GLY A 154 -16.74 37.79 3.95
C GLY A 154 -16.39 36.41 3.44
N GLY A 155 -15.35 35.79 3.98
CA GLY A 155 -14.95 34.46 3.53
C GLY A 155 -14.15 34.48 2.23
N TRP A 156 -13.70 35.69 1.84
CA TRP A 156 -12.88 35.90 0.67
C TRP A 156 -11.44 35.61 1.04
N ILE A 157 -10.74 34.86 0.17
CA ILE A 157 -9.34 34.51 0.38
C ILE A 157 -8.49 35.25 -0.64
N ALA A 158 -7.31 35.68 -0.21
CA ALA A 158 -6.41 36.42 -1.08
C ALA A 158 -5.07 35.71 -1.31
N SER A 159 -4.50 35.95 -2.50
CA SER A 159 -3.22 35.41 -2.94
C SER A 159 -2.31 36.55 -3.34
N HIS A 160 -1.00 36.36 -3.12
CA HIS A 160 0.04 37.31 -3.46
C HIS A 160 0.88 36.63 -4.53
N ALA A 161 0.78 37.10 -5.79
CA ALA A 161 1.53 36.54 -6.93
C ALA A 161 2.55 37.53 -7.45
N ALA A 162 3.82 37.32 -7.04
CA ALA A 162 4.96 38.16 -7.40
C ALA A 162 6.07 37.39 -8.06
N THR A 163 6.46 36.23 -7.49
CA THR A 163 7.55 35.38 -8.02
C THR A 163 7.25 34.79 -9.40
N GLU A 164 8.31 34.58 -10.21
CA GLU A 164 8.28 34.02 -11.58
C GLU A 164 9.45 33.03 -11.80
N PRO A 165 9.40 32.13 -12.80
CA PRO A 165 10.54 31.20 -13.03
C PRO A 165 11.92 31.84 -13.21
N GLN A 166 11.98 33.07 -13.76
CA GLN A 166 13.22 33.81 -14.01
C GLN A 166 13.39 34.96 -13.01
N ALA A 167 12.42 35.10 -12.09
CA ALA A 167 12.40 36.16 -11.09
C ALA A 167 11.89 35.65 -9.72
N GLY A 168 12.80 35.03 -8.96
CA GLY A 168 12.53 34.58 -7.60
C GLY A 168 13.20 35.55 -6.64
N SER A 169 14.50 35.36 -6.43
CA SER A 169 15.32 36.25 -5.62
C SER A 169 15.44 37.61 -6.33
N ASP A 170 15.69 37.58 -7.67
CA ASP A 170 15.80 38.76 -8.54
C ASP A 170 14.38 39.17 -8.97
N ILE A 171 13.60 39.63 -7.99
CA ILE A 171 12.21 40.05 -8.14
C ILE A 171 12.03 41.28 -9.04
N TYR A 172 13.04 42.16 -9.11
CA TYR A 172 13.02 43.35 -9.95
C TYR A 172 12.95 43.01 -11.44
N SER A 173 13.49 41.84 -11.81
CA SER A 173 13.53 41.33 -13.18
C SER A 173 12.24 40.61 -13.61
N LEU A 174 11.07 41.07 -13.11
CA LEU A 174 9.74 40.55 -13.45
C LEU A 174 9.48 40.71 -14.93
N LYS A 175 8.90 39.70 -15.55
CA LYS A 175 8.55 39.75 -16.96
C LYS A 175 7.05 40.00 -17.21
N THR A 176 6.18 39.74 -16.20
CA THR A 176 4.72 39.97 -16.29
C THR A 176 4.44 41.42 -16.65
N THR A 177 3.97 41.65 -17.88
CA THR A 177 3.70 42.98 -18.40
C THR A 177 2.25 43.39 -18.23
N ALA A 178 2.02 44.71 -18.05
CA ALA A 178 0.71 45.31 -17.93
C ALA A 178 0.61 46.48 -18.93
N GLN A 179 -0.06 46.23 -20.06
CA GLN A 179 -0.24 47.23 -21.12
C GLN A 179 -1.58 47.97 -20.99
N LYS A 180 -1.52 49.30 -20.84
CA LYS A 180 -2.66 50.20 -20.70
C LYS A 180 -3.45 50.37 -22.02
N ASP A 181 -4.79 50.45 -21.92
CA ASP A 181 -5.71 50.65 -23.04
C ASP A 181 -6.85 51.57 -22.56
N GLY A 182 -6.49 52.82 -22.30
CA GLY A 182 -7.39 53.84 -21.79
C GLY A 182 -7.59 53.70 -20.31
N ASP A 183 -8.77 53.20 -19.91
CA ASP A 183 -9.15 52.99 -18.50
C ASP A 183 -8.81 51.58 -17.98
N LYS A 184 -8.27 50.72 -18.85
CA LYS A 184 -7.94 49.35 -18.46
C LYS A 184 -6.48 48.98 -18.71
N TYR A 185 -6.08 47.77 -18.27
CA TYR A 185 -4.73 47.22 -18.40
C TYR A 185 -4.81 45.77 -18.89
N ILE A 186 -3.92 45.39 -19.81
CA ILE A 186 -3.85 44.04 -20.35
C ILE A 186 -2.64 43.35 -19.74
N LEU A 187 -2.89 42.35 -18.88
CA LEU A 187 -1.85 41.60 -18.18
C LEU A 187 -1.52 40.27 -18.83
N ASN A 188 -0.22 40.03 -19.04
CA ASN A 188 0.33 38.80 -19.63
C ASN A 188 1.60 38.40 -18.88
N GLY A 189 1.68 37.14 -18.51
CA GLY A 189 2.80 36.59 -17.77
C GLY A 189 2.55 35.25 -17.09
N TYR A 190 3.56 34.77 -16.36
CA TYR A 190 3.47 33.50 -15.64
C TYR A 190 4.07 33.65 -14.25
N LYS A 191 3.30 33.26 -13.24
CA LYS A 191 3.72 33.33 -11.85
C LYS A 191 3.72 31.93 -11.26
N HIS A 192 4.90 31.46 -10.85
CA HIS A 192 4.95 30.17 -10.19
C HIS A 192 4.86 30.40 -8.68
N TYR A 193 4.45 29.38 -7.91
CA TYR A 193 4.23 29.45 -6.45
C TYR A 193 3.25 30.57 -6.04
N VAL A 194 1.94 30.28 -6.02
CA VAL A 194 0.94 31.27 -5.62
C VAL A 194 0.10 30.66 -4.47
N THR A 195 0.53 30.90 -3.22
CA THR A 195 -0.16 30.39 -2.02
C THR A 195 -1.63 30.82 -2.04
N ASN A 196 -2.55 29.85 -1.84
CA ASN A 196 -4.01 30.02 -1.82
C ASN A 196 -4.67 30.20 -3.20
N GLY A 197 -3.87 30.19 -4.26
CA GLY A 197 -4.31 30.39 -5.64
C GLY A 197 -5.56 29.64 -6.07
N THR A 198 -5.64 28.33 -5.77
CA THR A 198 -6.77 27.47 -6.13
C THR A 198 -8.08 27.75 -5.34
N ILE A 199 -8.00 28.52 -4.25
CA ILE A 199 -9.16 28.89 -3.42
C ILE A 199 -9.33 30.40 -3.22
N ALA A 200 -8.43 31.22 -3.80
CA ALA A 200 -8.47 32.69 -3.70
C ALA A 200 -9.58 33.34 -4.49
N ASP A 201 -10.12 34.43 -3.96
CA ASP A 201 -11.18 35.23 -4.56
C ASP A 201 -10.61 36.52 -5.12
N LEU A 202 -9.48 36.99 -4.56
CA LEU A 202 -8.75 38.19 -4.99
C LEU A 202 -7.24 37.91 -5.12
N PHE A 203 -6.64 38.37 -6.22
CA PHE A 203 -5.23 38.15 -6.52
C PHE A 203 -4.46 39.47 -6.52
N ILE A 204 -3.40 39.55 -5.68
CA ILE A 204 -2.51 40.71 -5.61
C ILE A 204 -1.34 40.38 -6.55
N ILE A 205 -1.32 41.00 -7.73
CA ILE A 205 -0.35 40.73 -8.78
C ILE A 205 0.65 41.86 -9.02
N PHE A 206 1.94 41.50 -9.05
CA PHE A 206 3.07 42.40 -9.30
C PHE A 206 3.48 42.29 -10.75
N ALA A 207 3.26 43.35 -11.52
CA ALA A 207 3.55 43.42 -12.96
C ALA A 207 4.37 44.66 -13.32
N THR A 208 4.74 44.82 -14.61
CA THR A 208 5.51 45.96 -15.10
C THR A 208 4.81 46.68 -16.26
N ILE A 209 4.76 48.02 -16.21
CA ILE A 209 4.15 48.82 -17.28
C ILE A 209 5.09 48.89 -18.50
N ASP A 210 6.41 48.88 -18.25
CA ASP A 210 7.48 48.88 -19.24
C ASP A 210 8.72 48.19 -18.67
N PRO A 211 9.13 47.04 -19.25
CA PRO A 211 10.33 46.33 -18.74
C PRO A 211 11.66 47.09 -18.86
N SER A 212 11.73 48.11 -19.74
CA SER A 212 12.92 48.95 -19.92
C SER A 212 13.18 49.80 -18.66
N LEU A 213 12.11 50.14 -17.91
CA LEU A 213 12.17 50.97 -16.71
C LEU A 213 12.77 50.23 -15.52
N GLY A 214 12.67 48.90 -15.54
CA GLY A 214 13.17 48.06 -14.47
C GLY A 214 12.38 48.25 -13.18
N LYS A 215 13.08 48.60 -12.09
CA LYS A 215 12.55 48.86 -10.76
C LYS A 215 11.45 49.93 -10.78
N GLU A 216 11.64 50.97 -11.58
CA GLU A 216 10.71 52.08 -11.71
C GLU A 216 9.43 51.75 -12.49
N GLY A 217 9.40 50.59 -13.14
CA GLY A 217 8.25 50.16 -13.94
C GLY A 217 7.27 49.25 -13.24
N LEU A 218 7.63 48.73 -12.04
CA LEU A 218 6.85 47.81 -11.23
C LEU A 218 5.53 48.42 -10.74
N THR A 219 4.40 47.73 -10.97
CA THR A 219 3.05 48.17 -10.60
C THR A 219 2.22 46.98 -10.08
N THR A 220 1.35 47.21 -9.07
CA THR A 220 0.48 46.21 -8.44
C THR A 220 -0.97 46.32 -8.94
N PHE A 221 -1.63 45.15 -9.18
CA PHE A 221 -3.02 45.04 -9.65
C PHE A 221 -3.81 44.03 -8.82
N MET A 222 -5.10 44.34 -8.57
CA MET A 222 -6.01 43.48 -7.82
C MET A 222 -7.01 42.87 -8.79
N ILE A 223 -6.84 41.57 -9.06
CA ILE A 223 -7.69 40.86 -10.00
C ILE A 223 -8.56 39.85 -9.26
N GLU A 224 -9.87 39.95 -9.45
CA GLU A 224 -10.82 39.03 -8.85
C GLU A 224 -10.75 37.66 -9.54
N LYS A 225 -11.14 36.60 -8.81
CA LYS A 225 -11.18 35.22 -9.28
C LYS A 225 -12.14 35.13 -10.50
N ASP A 226 -11.87 34.23 -11.43
CA ASP A 226 -12.69 34.01 -12.63
C ASP A 226 -12.76 35.26 -13.51
N THR A 227 -11.60 35.90 -13.74
CA THR A 227 -11.51 37.01 -14.66
C THR A 227 -10.98 36.35 -15.94
N PRO A 228 -11.60 36.58 -17.12
CA PRO A 228 -11.10 35.90 -18.34
C PRO A 228 -9.61 36.21 -18.57
N GLY A 229 -8.83 35.15 -18.61
CA GLY A 229 -7.38 35.22 -18.81
C GLY A 229 -6.55 34.74 -17.62
N LEU A 230 -7.21 34.51 -16.48
CA LEU A 230 -6.59 34.07 -15.23
C LEU A 230 -6.66 32.52 -15.14
N ILE A 231 -5.55 31.85 -15.48
CA ILE A 231 -5.42 30.38 -15.51
C ILE A 231 -4.60 29.82 -14.37
N LEU A 232 -5.20 28.88 -13.61
CA LEU A 232 -4.56 28.22 -12.47
C LEU A 232 -4.33 26.74 -12.73
N SER A 233 -3.21 26.23 -12.21
CA SER A 233 -2.83 24.82 -12.31
C SER A 233 -3.36 24.09 -11.08
N LYS A 234 -3.11 22.79 -10.99
CA LYS A 234 -3.47 21.97 -9.84
C LYS A 234 -2.42 22.32 -8.74
N PRO A 235 -2.76 22.28 -7.42
CA PRO A 235 -1.76 22.62 -6.40
C PRO A 235 -0.57 21.66 -6.48
N ILE A 236 0.64 22.23 -6.43
CA ILE A 236 1.89 21.47 -6.52
C ILE A 236 2.19 20.71 -5.22
N SER A 237 2.60 19.43 -5.35
CA SER A 237 2.97 18.56 -4.24
C SER A 237 4.35 18.96 -3.69
N LYS A 238 4.44 19.10 -2.37
CA LYS A 238 5.67 19.51 -1.68
C LYS A 238 5.95 18.71 -0.39
N MET A 239 7.19 18.84 0.15
CA MET A 239 7.67 18.16 1.36
C MET A 239 6.72 18.29 2.56
N GLY A 240 6.52 19.53 2.99
CA GLY A 240 5.62 19.88 4.08
C GLY A 240 4.67 20.97 3.62
N MET A 241 3.93 21.59 4.56
CA MET A 241 2.92 22.62 4.30
C MET A 241 1.88 22.11 3.27
N ARG A 242 1.65 20.77 3.27
CA ARG A 242 0.74 20.04 2.38
C ARG A 242 -0.73 20.39 2.52
N THR A 243 -1.10 21.04 3.64
CA THR A 243 -2.46 21.48 3.94
C THR A 243 -2.67 22.93 3.47
N ALA A 244 -1.70 23.46 2.69
CA ALA A 244 -1.74 24.79 2.09
C ALA A 244 -1.62 24.61 0.58
N GLU A 245 -2.57 25.17 -0.17
CA GLU A 245 -2.61 25.03 -1.63
C GLU A 245 -1.70 26.03 -2.35
N VAL A 246 -0.68 25.50 -3.06
CA VAL A 246 0.29 26.32 -3.80
C VAL A 246 0.38 25.91 -5.30
N PRO A 247 -0.54 26.44 -6.14
CA PRO A 247 -0.48 26.13 -7.59
C PRO A 247 0.36 27.17 -8.37
N GLU A 248 0.37 27.04 -9.71
CA GLU A 248 0.99 28.03 -10.59
C GLU A 248 -0.12 28.90 -11.13
N LEU A 249 0.24 30.05 -11.68
CA LEU A 249 -0.68 30.99 -12.31
C LEU A 249 -0.15 31.46 -13.66
N ARG A 250 -1.07 31.60 -14.63
CA ARG A 250 -0.76 32.11 -15.98
C ARG A 250 -1.79 33.15 -16.34
N LEU A 251 -1.33 34.31 -16.85
CA LEU A 251 -2.19 35.42 -17.28
C LEU A 251 -2.11 35.53 -18.80
N GLU A 252 -3.25 35.35 -19.47
CA GLU A 252 -3.37 35.43 -20.92
C GLU A 252 -4.36 36.53 -21.30
N ASN A 253 -3.84 37.76 -21.55
CA ASN A 253 -4.63 38.96 -21.89
C ASN A 253 -5.72 39.25 -20.86
N CYS A 254 -5.33 39.17 -19.59
CA CYS A 254 -6.18 39.40 -18.43
C CYS A 254 -6.45 40.90 -18.29
N GLU A 255 -7.71 41.31 -18.50
CA GLU A 255 -8.13 42.72 -18.41
C GLU A 255 -8.49 43.12 -16.98
N VAL A 256 -7.98 44.28 -16.56
CA VAL A 256 -8.25 44.85 -15.24
C VAL A 256 -8.40 46.39 -15.34
N SER A 257 -9.40 46.94 -14.63
CA SER A 257 -9.67 48.38 -14.60
C SER A 257 -8.56 49.13 -13.87
N ALA A 258 -8.33 50.41 -14.24
CA ALA A 258 -7.34 51.27 -13.59
C ALA A 258 -7.73 51.56 -12.12
N ALA A 259 -9.01 51.33 -11.78
CA ALA A 259 -9.58 51.48 -10.44
C ALA A 259 -9.09 50.37 -9.51
N ASN A 260 -8.77 49.18 -10.08
CA ASN A 260 -8.30 48.01 -9.33
C ASN A 260 -6.78 47.91 -9.25
N ARG A 261 -6.08 48.97 -9.71
CA ARG A 261 -4.63 49.10 -9.64
C ARG A 261 -4.26 49.64 -8.26
N LEU A 262 -3.46 48.88 -7.50
CA LEU A 262 -3.05 49.27 -6.16
C LEU A 262 -1.88 50.25 -6.27
N GLY A 263 -2.10 51.48 -5.82
CA GLY A 263 -1.15 52.58 -5.89
C GLY A 263 -0.99 53.11 -7.31
N GLU A 264 -0.11 54.11 -7.47
CA GLU A 264 0.17 54.71 -8.78
C GLU A 264 1.12 53.83 -9.58
N GLU A 265 1.31 54.15 -10.89
CA GLU A 265 2.24 53.46 -11.77
C GLU A 265 3.67 53.67 -11.24
N GLY A 266 4.38 52.57 -11.02
CA GLY A 266 5.76 52.60 -10.53
C GLY A 266 5.91 52.44 -9.03
N THR A 267 4.77 52.39 -8.27
CA THR A 267 4.75 52.23 -6.81
C THR A 267 4.95 50.75 -6.36
N GLY A 268 4.83 49.82 -7.31
CA GLY A 268 4.96 48.37 -7.09
C GLY A 268 6.10 47.91 -6.23
N LEU A 269 7.27 48.51 -6.33
CA LEU A 269 8.44 48.19 -5.50
C LEU A 269 8.18 48.57 -4.03
N ALA A 270 7.72 49.83 -3.78
CA ALA A 270 7.41 50.32 -2.45
C ALA A 270 6.35 49.42 -1.78
N ILE A 271 5.39 48.94 -2.57
CA ILE A 271 4.34 48.05 -2.12
C ILE A 271 4.92 46.68 -1.75
N PHE A 272 5.79 46.12 -2.60
CA PHE A 272 6.42 44.82 -2.38
C PHE A 272 7.32 44.83 -1.13
N ASN A 273 8.15 45.87 -1.02
CA ASN A 273 9.08 46.07 0.08
C ASN A 273 8.33 46.32 1.39
N HIS A 274 7.13 46.99 1.31
CA HIS A 274 6.28 47.18 2.48
C HIS A 274 5.63 45.83 2.86
N SER A 275 5.24 45.05 1.83
CA SER A 275 4.65 43.72 1.94
C SER A 275 5.67 42.74 2.58
N MET A 276 6.96 42.84 2.22
CA MET A 276 8.05 42.03 2.79
C MET A 276 8.36 42.37 4.24
N GLU A 277 8.12 43.63 4.65
CA GLU A 277 8.31 44.04 6.04
C GLU A 277 7.33 43.24 6.94
N TRP A 278 6.03 43.24 6.59
CA TRP A 278 4.98 42.55 7.34
C TRP A 278 5.11 41.05 7.23
N GLU A 279 5.45 40.55 6.02
CA GLU A 279 5.58 39.12 5.75
C GLU A 279 6.73 38.51 6.55
N ARG A 280 7.97 38.95 6.30
CA ARG A 280 9.18 38.46 6.95
C ARG A 280 9.11 38.49 8.48
N GLY A 281 8.60 39.60 9.01
CA GLY A 281 8.50 39.79 10.45
C GLY A 281 7.38 39.06 11.17
N PHE A 282 6.26 38.75 10.47
CA PHE A 282 5.10 38.15 11.12
C PHE A 282 4.59 36.78 10.64
N ILE A 283 5.07 36.28 9.48
CA ILE A 283 4.67 34.97 8.97
C ILE A 283 5.13 33.83 9.92
N LEU A 284 6.24 34.06 10.67
CA LEU A 284 6.85 33.09 11.57
C LEU A 284 6.53 33.34 13.05
N ALA A 285 5.56 34.23 13.34
CA ALA A 285 5.14 34.55 14.71
C ALA A 285 4.57 33.29 15.37
N ALA A 286 3.76 32.52 14.62
CA ALA A 286 3.15 31.27 15.07
C ALA A 286 4.16 30.13 15.21
N ALA A 287 5.24 30.15 14.39
CA ALA A 287 6.34 29.18 14.40
C ALA A 287 7.04 29.19 15.77
N VAL A 288 7.11 30.37 16.41
CA VAL A 288 7.68 30.58 17.76
C VAL A 288 6.83 29.78 18.77
N GLY A 289 5.50 29.77 18.55
CA GLY A 289 4.54 29.03 19.37
C GLY A 289 4.71 27.53 19.23
N THR A 290 4.94 27.06 17.98
CA THR A 290 5.20 25.66 17.62
C THR A 290 6.49 25.20 18.31
N MET A 291 7.52 26.07 18.33
CA MET A 291 8.81 25.83 18.96
C MET A 291 8.64 25.63 20.47
N GLU A 292 7.72 26.42 21.09
CA GLU A 292 7.40 26.32 22.53
C GLU A 292 6.71 24.98 22.80
N ARG A 293 5.81 24.53 21.90
CA ARG A 293 5.10 23.24 22.04
C ARG A 293 6.06 22.05 21.97
N LEU A 294 6.98 22.05 20.99
CA LEU A 294 7.98 21.00 20.83
C LEU A 294 8.99 20.94 21.96
N LEU A 295 9.31 22.08 22.58
CA LEU A 295 10.23 22.12 23.72
C LEU A 295 9.60 21.41 24.91
N GLU A 296 8.35 21.76 25.27
CA GLU A 296 7.63 21.17 26.39
C GLU A 296 7.37 19.67 26.17
N GLN A 297 7.09 19.30 24.91
CA GLN A 297 6.85 17.90 24.50
C GLN A 297 8.11 17.09 24.65
N SER A 298 9.26 17.69 24.28
CA SER A 298 10.57 17.04 24.36
C SER A 298 11.09 16.93 25.79
N ILE A 299 10.82 17.97 26.66
CA ILE A 299 11.17 17.92 28.10
C ILE A 299 10.42 16.75 28.73
N ARG A 300 9.08 16.66 28.49
CA ARG A 300 8.23 15.57 28.98
C ARG A 300 8.83 14.21 28.63
N TYR A 301 9.24 14.01 27.35
CA TYR A 301 9.84 12.76 26.88
C TYR A 301 11.21 12.48 27.51
N ALA A 302 12.06 13.52 27.64
CA ALA A 302 13.39 13.41 28.24
C ALA A 302 13.33 13.05 29.74
N ARG A 303 12.22 13.41 30.39
CA ARG A 303 11.97 13.10 31.79
C ARG A 303 11.28 11.74 31.95
N SER A 304 10.37 11.40 31.03
CA SER A 304 9.61 10.14 31.02
C SER A 304 10.40 8.95 30.54
N HIS A 305 10.98 9.03 29.33
CA HIS A 305 11.72 7.91 28.74
C HIS A 305 13.00 7.58 29.48
N LYS A 306 13.15 6.30 29.84
CA LYS A 306 14.30 5.78 30.59
C LYS A 306 15.14 4.81 29.80
N GLN A 307 16.46 4.86 30.03
CA GLN A 307 17.48 3.99 29.43
C GLN A 307 18.70 3.99 30.38
N PHE A 308 19.34 2.82 30.54
CA PHE A 308 20.50 2.61 31.43
C PHE A 308 20.17 2.94 32.92
N GLY A 309 18.91 2.66 33.31
CA GLY A 309 18.41 2.85 34.66
C GLY A 309 18.09 4.28 35.09
N GLN A 310 18.05 5.22 34.13
CA GLN A 310 17.71 6.60 34.41
C GLN A 310 17.00 7.28 33.23
N ALA A 311 16.38 8.45 33.47
CA ALA A 311 15.70 9.22 32.43
C ALA A 311 16.76 9.69 31.48
N ILE A 312 16.46 9.69 30.18
CA ILE A 312 17.39 10.08 29.11
C ILE A 312 17.95 11.51 29.28
N GLY A 313 17.15 12.41 29.87
CA GLY A 313 17.52 13.78 30.17
C GLY A 313 18.62 13.93 31.20
N LYS A 314 18.96 12.84 31.90
CA LYS A 314 20.06 12.81 32.88
C LYS A 314 21.42 12.72 32.17
N PHE A 315 21.42 12.36 30.86
CA PHE A 315 22.61 12.32 30.03
C PHE A 315 22.73 13.69 29.39
N GLN A 316 23.90 14.34 29.54
CA GLN A 316 24.16 15.69 29.05
C GLN A 316 24.00 15.91 27.54
N LEU A 317 24.20 14.87 26.72
CA LEU A 317 24.03 15.02 25.27
C LEU A 317 22.55 15.23 24.90
N VAL A 318 21.62 14.68 25.72
CA VAL A 318 20.17 14.81 25.55
C VAL A 318 19.72 16.16 26.15
N ALA A 319 20.12 16.47 27.39
CA ALA A 319 19.76 17.71 28.08
C ALA A 319 20.23 18.97 27.35
N ASN A 320 21.33 18.87 26.61
CA ASN A 320 21.88 20.01 25.88
C ASN A 320 21.03 20.40 24.70
N LYS A 321 20.36 19.40 24.09
CA LYS A 321 19.46 19.64 22.95
C LYS A 321 18.27 20.48 23.40
N LEU A 322 17.86 20.29 24.65
CA LEU A 322 16.78 21.05 25.25
C LEU A 322 17.22 22.44 25.72
N VAL A 323 18.48 22.59 26.12
CA VAL A 323 19.11 23.87 26.50
C VAL A 323 19.24 24.71 25.21
N GLU A 324 19.63 24.08 24.08
CA GLU A 324 19.74 24.75 22.77
C GLU A 324 18.35 25.17 22.26
N MET A 325 17.34 24.31 22.47
CA MET A 325 15.94 24.59 22.12
C MET A 325 15.43 25.80 22.90
N LYS A 326 15.80 25.89 24.20
CA LYS A 326 15.44 27.00 25.09
C LYS A 326 16.07 28.33 24.64
N LEU A 327 17.39 28.33 24.37
CA LEU A 327 18.12 29.52 23.88
C LEU A 327 17.49 30.04 22.58
N ARG A 328 17.23 29.14 21.62
CA ARG A 328 16.62 29.48 20.34
C ARG A 328 15.23 30.08 20.49
N LEU A 329 14.39 29.51 21.38
CA LEU A 329 13.03 29.97 21.64
C LEU A 329 13.00 31.40 22.17
N GLU A 330 13.90 31.71 23.12
CA GLU A 330 14.01 33.05 23.73
C GLU A 330 14.55 34.08 22.75
N ASN A 331 15.44 33.68 21.84
CA ASN A 331 16.00 34.53 20.79
C ASN A 331 14.94 34.85 19.73
N ALA A 332 14.13 33.83 19.36
CA ALA A 332 13.04 33.94 18.39
C ALA A 332 12.00 34.95 18.89
N LYS A 333 11.67 34.88 20.20
CA LYS A 333 10.73 35.79 20.87
C LYS A 333 11.27 37.23 20.80
N ALA A 334 12.57 37.41 21.06
CA ALA A 334 13.24 38.71 20.99
C ALA A 334 13.17 39.35 19.58
N TYR A 335 13.42 38.56 18.50
CA TYR A 335 13.38 39.07 17.12
C TYR A 335 11.97 39.43 16.72
N LEU A 336 10.98 38.60 17.14
CA LEU A 336 9.56 38.79 16.84
C LEU A 336 9.01 40.04 17.52
N TYR A 337 9.32 40.23 18.82
CA TYR A 337 8.85 41.37 19.59
C TYR A 337 9.47 42.70 19.30
N LYS A 338 10.66 42.72 18.69
CA LYS A 338 11.32 43.94 18.26
C LYS A 338 10.58 44.51 17.03
N VAL A 339 10.35 43.66 16.00
CA VAL A 339 9.63 44.00 14.76
C VAL A 339 8.21 44.47 15.09
N ALA A 340 7.50 43.71 15.96
CA ALA A 340 6.15 44.00 16.43
C ALA A 340 6.08 45.39 17.05
N TRP A 341 7.07 45.75 17.88
CA TRP A 341 7.15 47.05 18.54
C TRP A 341 7.37 48.17 17.50
N MET A 342 8.39 48.00 16.63
CA MET A 342 8.76 48.95 15.58
C MET A 342 7.61 49.26 14.63
N LYS A 343 6.91 48.21 14.14
CA LYS A 343 5.76 48.35 13.24
C LYS A 343 4.56 49.01 13.92
N GLU A 344 4.40 48.79 15.24
CA GLU A 344 3.36 49.40 16.06
C GLU A 344 3.64 50.90 16.16
N ASN A 345 4.93 51.27 16.34
CA ASN A 345 5.40 52.66 16.45
C ASN A 345 5.69 53.27 15.05
N LYS A 346 5.01 52.73 14.01
CA LYS A 346 5.03 53.15 12.59
C LYS A 346 6.43 53.42 12.00
N GLN A 347 7.42 52.58 12.35
CA GLN A 347 8.79 52.66 11.86
C GLN A 347 9.07 51.67 10.72
N MET A 348 10.04 52.03 9.85
CA MET A 348 10.47 51.18 8.73
C MET A 348 11.37 50.09 9.33
N ALA A 349 10.88 48.81 9.30
CA ALA A 349 11.62 47.71 9.90
C ALA A 349 11.97 46.55 8.95
N LEU A 350 12.47 46.86 7.73
CA LEU A 350 12.85 45.81 6.76
C LEU A 350 14.10 45.04 7.22
N LEU A 351 15.07 45.73 7.84
CA LEU A 351 16.26 45.09 8.38
C LEU A 351 15.90 44.15 9.52
N GLU A 352 15.03 44.60 10.45
CA GLU A 352 14.60 43.83 11.61
C GLU A 352 13.72 42.64 11.23
N ALA A 353 12.89 42.79 10.18
CA ALA A 353 12.02 41.73 9.66
C ALA A 353 12.85 40.65 8.98
N SER A 354 13.92 41.06 8.28
CA SER A 354 14.84 40.15 7.58
C SER A 354 15.66 39.34 8.57
N MET A 355 16.11 39.98 9.67
CA MET A 355 16.87 39.33 10.75
C MET A 355 15.98 38.31 11.48
N ALA A 356 14.70 38.67 11.69
CA ALA A 356 13.71 37.82 12.33
C ALA A 356 13.42 36.58 11.48
N ASN A 357 13.16 36.78 10.19
CA ASN A 357 12.88 35.71 9.24
C ASN A 357 14.06 34.75 9.12
N LEU A 358 15.27 35.30 8.99
CA LEU A 358 16.50 34.52 8.85
C LEU A 358 16.76 33.69 10.11
N TYR A 359 16.65 34.31 11.31
CA TYR A 359 16.87 33.61 12.57
C TYR A 359 15.81 32.54 12.87
N ILE A 360 14.53 32.93 12.92
CA ILE A 360 13.41 32.05 13.25
C ILE A 360 13.27 30.83 12.33
N SER A 361 13.44 31.00 11.01
CA SER A 361 13.31 29.91 10.04
C SER A 361 14.33 28.83 10.28
N GLU A 362 15.58 29.23 10.57
CA GLU A 362 16.68 28.30 10.84
C GLU A 362 16.58 27.70 12.22
N ALA A 363 16.15 28.49 13.21
CA ALA A 363 15.94 28.08 14.59
C ALA A 363 14.86 26.99 14.65
N TRP A 364 13.78 27.18 13.86
CA TRP A 364 12.66 26.25 13.77
C TRP A 364 13.08 24.89 13.21
N VAL A 365 13.84 24.87 12.11
CA VAL A 365 14.32 23.66 11.44
C VAL A 365 15.20 22.86 12.39
N GLN A 366 16.15 23.54 13.03
CA GLN A 366 17.12 22.99 13.97
C GLN A 366 16.45 22.38 15.19
N SER A 367 15.48 23.09 15.80
CA SER A 367 14.74 22.61 16.98
C SER A 367 13.88 21.40 16.65
N CYS A 368 13.31 21.35 15.43
CA CYS A 368 12.49 20.23 14.93
C CYS A 368 13.37 18.98 14.80
N LEU A 369 14.56 19.16 14.23
CA LEU A 369 15.56 18.11 14.02
C LEU A 369 15.98 17.49 15.37
N GLU A 370 16.20 18.34 16.38
CA GLU A 370 16.59 17.96 17.73
C GLU A 370 15.47 17.25 18.49
N ALA A 371 14.20 17.66 18.30
CA ALA A 371 13.04 17.02 18.90
C ALA A 371 12.94 15.57 18.42
N ILE A 372 13.21 15.32 17.12
CA ILE A 372 13.22 14.00 16.52
C ILE A 372 14.37 13.17 17.12
N GLU A 373 15.55 13.82 17.34
CA GLU A 373 16.74 13.19 17.91
C GLU A 373 16.50 12.72 19.34
N ILE A 374 15.91 13.57 20.20
CA ILE A 374 15.56 13.26 21.61
C ILE A 374 14.66 12.02 21.70
N HIS A 375 13.67 11.89 20.79
CA HIS A 375 12.74 10.76 20.72
C HIS A 375 13.31 9.46 20.12
N GLY A 376 14.48 9.57 19.46
CA GLY A 376 15.13 8.43 18.83
C GLY A 376 14.40 7.98 17.59
N ALA A 377 14.36 6.64 17.34
CA ALA A 377 13.65 6.06 16.19
C ALA A 377 12.17 6.38 16.24
N TYR A 378 11.63 6.52 17.47
CA TYR A 378 10.25 6.87 17.77
C TYR A 378 9.85 8.20 17.11
N GLY A 379 10.77 9.16 17.08
CA GLY A 379 10.58 10.47 16.47
C GLY A 379 10.57 10.48 14.95
N TYR A 380 10.94 9.35 14.33
CA TYR A 380 11.02 9.16 12.88
C TYR A 380 9.74 8.52 12.29
N LEU A 381 8.83 8.06 13.17
CA LEU A 381 7.57 7.43 12.77
C LEU A 381 6.51 8.45 12.42
N THR A 382 5.66 8.16 11.41
CA THR A 382 4.57 9.04 10.96
C THR A 382 3.58 9.38 12.09
N ASN A 383 3.12 8.37 12.84
CA ASN A 383 2.14 8.53 13.92
C ASN A 383 2.59 9.38 15.13
N THR A 384 3.91 9.65 15.25
CA THR A 384 4.50 10.47 16.33
C THR A 384 4.28 11.98 16.05
N GLU A 385 4.18 12.35 14.75
CA GLU A 385 3.91 13.69 14.19
C GLU A 385 5.05 14.70 14.26
N LEU A 386 6.20 14.35 14.86
CA LEU A 386 7.36 15.24 14.96
C LEU A 386 8.03 15.41 13.60
N GLU A 387 7.93 14.36 12.75
CA GLU A 387 8.50 14.32 11.41
C GLU A 387 7.85 15.38 10.51
N ARG A 388 6.49 15.52 10.58
CA ARG A 388 5.71 16.49 9.82
C ARG A 388 6.17 17.92 10.20
N GLU A 389 6.38 18.17 11.52
CA GLU A 389 6.84 19.44 12.05
C GLU A 389 8.10 19.92 11.33
N LEU A 390 9.10 19.00 11.14
CA LEU A 390 10.35 19.30 10.42
C LEU A 390 10.10 19.59 8.94
N ARG A 391 9.28 18.75 8.28
CA ARG A 391 8.90 18.89 6.86
C ARG A 391 8.27 20.27 6.60
N ASP A 392 7.42 20.73 7.53
CA ASP A 392 6.75 22.04 7.45
C ASP A 392 7.72 23.19 7.69
N ALA A 393 8.64 23.02 8.66
CA ALA A 393 9.66 24.00 9.04
C ALA A 393 10.59 24.41 7.90
N ILE A 394 10.95 23.46 6.99
CA ILE A 394 11.84 23.73 5.86
C ILE A 394 11.31 24.83 4.94
N ALA A 395 10.00 24.81 4.65
CA ALA A 395 9.31 25.78 3.79
C ALA A 395 9.69 27.23 4.12
N SER A 396 9.83 27.55 5.43
CA SER A 396 10.17 28.88 5.96
C SER A 396 11.52 29.40 5.48
N LYS A 397 12.40 28.50 5.00
CA LYS A 397 13.73 28.81 4.46
C LYS A 397 13.63 29.25 2.99
N PHE A 398 12.41 29.14 2.38
CA PHE A 398 12.16 29.49 0.98
C PHE A 398 11.11 30.58 0.78
N TYR A 399 9.96 30.50 1.50
CA TYR A 399 8.97 31.58 1.39
C TYR A 399 9.43 32.79 2.18
N SER A 400 8.99 34.00 1.76
CA SER A 400 9.36 35.32 2.32
C SER A 400 10.84 35.65 2.02
N GLY A 401 11.45 34.85 1.15
CA GLY A 401 12.85 34.99 0.76
C GLY A 401 13.73 33.91 1.38
N THR A 402 14.78 33.49 0.65
CA THR A 402 15.72 32.47 1.12
C THR A 402 16.65 33.05 2.18
N SER A 403 17.30 32.16 2.98
CA SER A 403 18.24 32.57 4.03
C SER A 403 19.38 33.43 3.48
N GLU A 404 19.87 33.08 2.28
CA GLU A 404 20.93 33.78 1.54
C GLU A 404 20.50 35.21 1.17
N ILE A 405 19.25 35.39 0.71
CA ILE A 405 18.66 36.67 0.33
C ILE A 405 18.61 37.62 1.50
N GLN A 406 18.14 37.12 2.68
CA GLN A 406 18.05 37.90 3.92
C GLN A 406 19.44 38.41 4.30
N ARG A 407 20.46 37.52 4.23
CA ARG A 407 21.87 37.83 4.52
C ARG A 407 22.35 38.95 3.61
N VAL A 408 21.99 38.90 2.30
CA VAL A 408 22.34 39.91 1.30
C VAL A 408 21.64 41.24 1.68
N VAL A 409 20.34 41.19 2.07
CA VAL A 409 19.56 42.36 2.49
C VAL A 409 20.20 43.01 3.73
N ILE A 410 20.58 42.20 4.75
CA ILE A 410 21.22 42.67 5.98
C ILE A 410 22.55 43.36 5.65
N ALA A 411 23.38 42.72 4.80
CA ALA A 411 24.67 43.26 4.36
C ALA A 411 24.55 44.64 3.71
N LYS A 412 23.48 44.86 2.89
CA LYS A 412 23.20 46.14 2.22
C LYS A 412 22.89 47.23 3.23
N PHE A 413 22.07 46.90 4.27
CA PHE A 413 21.73 47.81 5.37
C PHE A 413 22.96 48.22 6.19
N LEU A 414 23.98 47.33 6.26
CA LEU A 414 25.22 47.57 6.98
C LEU A 414 26.14 48.51 6.21
N GLY A 415 25.90 48.64 4.90
CA GLY A 415 26.63 49.52 4.01
C GLY A 415 27.49 48.83 2.98
N LEU A 416 27.50 47.49 2.99
CA LEU A 416 28.31 46.67 2.08
C LEU A 416 27.70 46.55 0.67
N ALA B 39 44.06 4.74 -5.56
CA ALA B 39 44.72 3.45 -5.28
C ALA B 39 43.87 2.23 -5.73
N TRP B 40 42.79 2.48 -6.51
CA TRP B 40 41.92 1.43 -7.04
C TRP B 40 42.46 0.90 -8.37
N ASN B 41 42.52 -0.43 -8.53
CA ASN B 41 43.01 -1.10 -9.74
C ASN B 41 41.95 -1.09 -10.86
N SER B 42 42.36 -1.48 -12.09
CA SER B 42 41.49 -1.55 -13.27
C SER B 42 40.26 -2.44 -13.07
N GLN B 43 40.42 -3.58 -12.37
CA GLN B 43 39.34 -4.52 -12.06
C GLN B 43 38.27 -3.84 -11.19
N GLN B 44 38.71 -3.08 -10.16
CA GLN B 44 37.87 -2.35 -9.20
C GLN B 44 37.13 -1.18 -9.86
N ILE B 45 37.80 -0.41 -10.76
CA ILE B 45 37.21 0.70 -11.52
C ILE B 45 36.09 0.14 -12.43
N GLN B 46 36.43 -0.90 -13.23
CA GLN B 46 35.51 -1.57 -14.16
C GLN B 46 34.31 -2.24 -13.48
N PHE B 47 34.52 -2.89 -12.32
CA PHE B 47 33.44 -3.56 -11.61
C PHE B 47 32.43 -2.56 -11.03
N ARG B 48 32.92 -1.44 -10.46
CA ARG B 48 32.08 -0.36 -9.92
C ARG B 48 31.29 0.29 -11.05
N LYS B 49 31.93 0.49 -12.21
CA LYS B 49 31.33 1.06 -13.42
C LYS B 49 30.21 0.12 -13.92
N LYS B 50 30.43 -1.21 -13.82
CA LYS B 50 29.46 -2.25 -14.19
C LYS B 50 28.26 -2.22 -13.22
N VAL B 51 28.53 -1.98 -11.92
CA VAL B 51 27.51 -1.88 -10.86
C VAL B 51 26.61 -0.64 -11.12
N ILE B 52 27.22 0.54 -11.42
CA ILE B 52 26.51 1.79 -11.70
C ILE B 52 25.58 1.60 -12.93
N GLN B 53 26.13 1.06 -14.04
CA GLN B 53 25.40 0.79 -15.29
C GLN B 53 24.20 -0.14 -15.07
N PHE B 54 24.40 -1.25 -14.30
CA PHE B 54 23.36 -2.21 -13.93
C PHE B 54 22.22 -1.51 -13.18
N ALA B 55 22.59 -0.70 -12.15
CA ALA B 55 21.66 0.06 -11.31
C ALA B 55 20.91 1.15 -12.09
N GLN B 56 21.58 1.80 -13.05
CA GLN B 56 20.99 2.85 -13.87
C GLN B 56 20.08 2.30 -14.97
N GLN B 57 20.35 1.07 -15.47
CA GLN B 57 19.58 0.47 -16.56
C GLN B 57 18.48 -0.50 -16.13
N SER B 58 18.82 -1.47 -15.25
CA SER B 58 17.87 -2.50 -14.83
C SER B 58 17.24 -2.37 -13.43
N LEU B 59 17.32 -1.18 -12.82
CA LEU B 59 16.69 -0.98 -11.49
C LEU B 59 15.65 0.16 -11.46
N ILE B 60 15.34 0.73 -12.64
CA ILE B 60 14.37 1.82 -12.84
C ILE B 60 13.04 1.50 -12.14
N SER B 61 12.57 2.41 -11.29
CA SER B 61 11.31 2.28 -10.57
C SER B 61 10.59 3.63 -10.54
N ASP B 62 9.27 3.60 -10.25
CA ASP B 62 8.46 4.80 -10.12
C ASP B 62 8.60 5.20 -8.65
N LEU B 63 9.76 5.77 -8.30
CA LEU B 63 10.13 6.17 -6.94
C LEU B 63 9.22 7.14 -6.22
N ILE B 64 8.62 8.14 -6.94
CA ILE B 64 7.68 9.07 -6.31
C ILE B 64 6.49 8.26 -5.78
N LYS B 65 5.96 7.33 -6.61
CA LYS B 65 4.85 6.45 -6.27
C LYS B 65 5.18 5.43 -5.18
N ASN B 66 6.29 4.68 -5.33
CA ASN B 66 6.72 3.68 -4.35
C ASN B 66 7.01 4.25 -2.97
N ASP B 67 7.52 5.50 -2.91
CA ASP B 67 7.78 6.20 -1.64
C ASP B 67 6.47 6.62 -0.99
N LYS B 68 5.57 7.24 -1.78
CA LYS B 68 4.26 7.72 -1.34
C LYS B 68 3.38 6.57 -0.86
N GLU B 69 3.29 5.50 -1.65
CA GLU B 69 2.46 4.34 -1.37
C GLU B 69 3.10 3.26 -0.47
N GLU B 70 4.40 3.43 -0.12
CA GLU B 70 5.19 2.52 0.74
C GLU B 70 5.34 1.15 0.09
N ILE B 71 5.90 1.11 -1.14
CA ILE B 71 6.06 -0.11 -1.91
C ILE B 71 7.50 -0.62 -1.92
N PHE B 72 7.71 -1.83 -1.39
CA PHE B 72 9.00 -2.50 -1.38
C PHE B 72 9.20 -3.12 -2.77
N ASN B 73 10.36 -2.86 -3.40
CA ASN B 73 10.67 -3.35 -4.74
C ASN B 73 11.30 -4.75 -4.70
N ARG B 74 10.44 -5.78 -4.74
CA ARG B 74 10.89 -7.17 -4.73
C ARG B 74 11.59 -7.54 -6.04
N ASP B 75 11.15 -6.95 -7.16
CA ASP B 75 11.74 -7.15 -8.49
C ASP B 75 13.22 -6.71 -8.52
N ALA B 76 13.50 -5.53 -7.92
CA ALA B 76 14.86 -4.98 -7.84
C ALA B 76 15.75 -5.76 -6.88
N TRP B 77 15.16 -6.33 -5.78
CA TRP B 77 15.88 -7.18 -4.82
C TRP B 77 16.37 -8.43 -5.54
N GLN B 78 15.45 -9.08 -6.29
CA GLN B 78 15.71 -10.30 -7.08
C GLN B 78 16.82 -10.08 -8.11
N LYS B 79 16.78 -8.94 -8.81
CA LYS B 79 17.78 -8.58 -9.83
C LYS B 79 19.16 -8.35 -9.24
N CYS B 80 19.22 -7.75 -8.04
CA CYS B 80 20.47 -7.49 -7.30
C CYS B 80 21.11 -8.80 -6.85
N SER B 81 20.28 -9.76 -6.38
CA SER B 81 20.74 -11.09 -5.95
C SER B 81 21.29 -11.90 -7.14
N GLU B 82 20.65 -11.76 -8.33
CA GLU B 82 21.08 -12.38 -9.58
C GLU B 82 22.44 -11.84 -10.00
N PHE B 83 22.64 -10.51 -9.80
CA PHE B 83 23.89 -9.81 -10.09
C PHE B 83 25.01 -10.25 -9.13
N GLY B 84 24.64 -10.56 -7.89
CA GLY B 84 25.55 -11.05 -6.87
C GLY B 84 25.76 -10.19 -5.65
N VAL B 85 25.04 -9.04 -5.55
CA VAL B 85 25.11 -8.05 -4.45
C VAL B 85 25.16 -8.69 -3.05
N HIS B 86 24.18 -9.53 -2.71
CA HIS B 86 24.07 -10.25 -1.43
C HIS B 86 25.26 -11.16 -1.13
N GLY B 87 25.81 -11.80 -2.17
CA GLY B 87 26.93 -12.73 -2.06
C GLY B 87 28.31 -12.09 -2.05
N TRP B 88 28.39 -10.75 -2.27
CA TRP B 88 29.66 -10.00 -2.32
C TRP B 88 30.66 -10.31 -1.20
N PRO B 89 30.31 -10.27 0.12
CA PRO B 89 31.32 -10.61 1.14
C PRO B 89 31.33 -12.09 1.54
N ILE B 90 30.43 -12.89 0.93
CA ILE B 90 30.23 -14.32 1.24
C ILE B 90 31.18 -15.20 0.44
N PRO B 91 31.85 -16.21 1.06
CA PRO B 91 32.72 -17.11 0.28
C PRO B 91 31.92 -17.93 -0.72
N ALA B 92 32.55 -18.22 -1.86
CA ALA B 92 31.96 -18.94 -2.97
C ALA B 92 31.44 -20.34 -2.63
N ARG B 93 31.96 -20.97 -1.53
CA ARG B 93 31.51 -22.29 -1.05
C ARG B 93 30.07 -22.31 -0.48
N TYR B 94 29.50 -21.11 -0.22
CA TYR B 94 28.13 -20.90 0.25
C TYR B 94 27.35 -20.12 -0.82
N GLY B 95 27.80 -20.25 -2.07
CA GLY B 95 27.21 -19.59 -3.23
C GLY B 95 27.46 -18.10 -3.32
N GLY B 96 28.49 -17.63 -2.61
CA GLY B 96 28.85 -16.21 -2.60
C GLY B 96 29.74 -15.81 -3.75
N GLN B 97 30.13 -14.53 -3.75
CA GLN B 97 30.97 -13.91 -4.75
C GLN B 97 32.45 -13.82 -4.32
N GLU B 98 32.75 -14.04 -3.01
CA GLU B 98 34.07 -14.04 -2.36
C GLU B 98 34.95 -12.83 -2.72
N LEU B 99 34.34 -11.64 -2.71
CA LEU B 99 35.06 -10.39 -2.99
C LEU B 99 35.71 -9.89 -1.71
N ASP B 100 36.83 -9.17 -1.85
CA ASP B 100 37.50 -8.57 -0.72
C ASP B 100 36.68 -7.36 -0.26
N ILE B 101 36.78 -7.01 1.04
CA ILE B 101 36.03 -5.91 1.68
C ILE B 101 36.16 -4.57 0.97
N LEU B 102 37.41 -4.17 0.63
CA LEU B 102 37.67 -2.92 -0.08
C LEU B 102 36.94 -2.81 -1.42
N THR B 103 36.88 -3.93 -2.17
CA THR B 103 36.15 -4.02 -3.44
C THR B 103 34.65 -3.95 -3.17
N THR B 104 34.18 -4.67 -2.11
CA THR B 104 32.78 -4.72 -1.69
C THR B 104 32.27 -3.30 -1.35
N ALA B 105 33.06 -2.54 -0.56
CA ALA B 105 32.75 -1.16 -0.17
C ALA B 105 32.73 -0.21 -1.37
N TYR B 106 33.70 -0.36 -2.30
CA TYR B 106 33.82 0.44 -3.52
C TYR B 106 32.61 0.20 -4.46
N ALA B 107 32.21 -1.09 -4.60
CA ALA B 107 31.07 -1.51 -5.41
C ALA B 107 29.75 -1.03 -4.79
N LEU B 108 29.64 -1.05 -3.45
CA LEU B 108 28.47 -0.56 -2.73
C LEU B 108 28.28 0.93 -2.96
N GLN B 109 29.36 1.71 -2.92
CA GLN B 109 29.40 3.16 -3.18
C GLN B 109 28.85 3.39 -4.61
N GLY B 110 29.29 2.54 -5.55
CA GLY B 110 28.81 2.57 -6.93
C GLY B 110 27.32 2.29 -7.01
N LEU B 111 26.84 1.33 -6.17
CA LEU B 111 25.42 0.96 -6.10
C LEU B 111 24.58 2.13 -5.60
N GLY B 112 25.06 2.84 -4.57
CA GLY B 112 24.40 4.01 -4.01
C GLY B 112 24.29 5.16 -4.99
N TYR B 113 25.32 5.33 -5.83
CA TYR B 113 25.36 6.36 -6.86
C TYR B 113 24.37 6.05 -8.00
N GLY B 114 24.33 4.79 -8.43
CA GLY B 114 23.46 4.32 -9.51
C GLY B 114 22.01 4.04 -9.15
N CYS B 115 21.75 3.62 -7.90
CA CYS B 115 20.41 3.30 -7.41
C CYS B 115 19.86 4.41 -6.54
N LYS B 116 18.68 4.94 -6.91
CA LYS B 116 18.03 6.04 -6.18
C LYS B 116 17.17 5.56 -5.00
N ASP B 117 16.79 4.27 -5.01
CA ASP B 117 15.96 3.66 -3.98
C ASP B 117 16.79 3.38 -2.73
N ASN B 118 16.85 4.36 -1.83
CA ASN B 118 17.60 4.27 -0.58
C ASN B 118 17.05 3.24 0.40
N GLY B 119 15.73 3.03 0.38
CA GLY B 119 15.06 2.04 1.20
C GLY B 119 15.46 0.63 0.87
N LEU B 120 15.64 0.35 -0.44
CA LEU B 120 16.07 -0.94 -0.99
C LEU B 120 17.49 -1.23 -0.58
N ILE B 121 18.35 -0.22 -0.71
CA ILE B 121 19.75 -0.26 -0.31
C ILE B 121 19.87 -0.58 1.20
N PHE B 122 19.05 0.08 2.05
CA PHE B 122 19.05 -0.15 3.50
C PHE B 122 18.58 -1.58 3.84
N ALA B 123 17.50 -2.05 3.18
CA ALA B 123 16.92 -3.39 3.37
C ALA B 123 17.92 -4.51 3.04
N MET B 124 18.71 -4.32 1.97
CA MET B 124 19.76 -5.27 1.53
C MET B 124 20.96 -5.29 2.46
N ASN B 125 21.42 -4.11 2.90
CA ASN B 125 22.55 -3.96 3.81
C ASN B 125 22.26 -4.55 5.20
N ALA B 126 21.00 -4.45 5.65
CA ALA B 126 20.55 -5.04 6.91
C ALA B 126 20.62 -6.58 6.83
N HIS B 127 20.21 -7.14 5.67
CA HIS B 127 20.23 -8.57 5.34
C HIS B 127 21.68 -9.08 5.26
N ILE B 128 22.57 -8.34 4.58
CA ILE B 128 23.98 -8.72 4.40
C ILE B 128 24.80 -8.64 5.70
N TRP B 129 24.94 -7.42 6.28
CA TRP B 129 25.78 -7.15 7.44
C TRP B 129 25.28 -7.59 8.82
N ALA B 130 23.96 -7.50 9.06
CA ALA B 130 23.40 -7.87 10.36
C ALA B 130 22.87 -9.31 10.46
N CYS B 131 22.80 -10.02 9.31
CA CYS B 131 22.28 -11.39 9.28
C CYS B 131 23.23 -12.40 8.68
N GLU B 132 23.67 -12.19 7.42
CA GLU B 132 24.60 -13.10 6.72
C GLU B 132 25.97 -13.17 7.40
N MET B 133 26.55 -12.00 7.78
CA MET B 133 27.86 -11.90 8.44
C MET B 133 27.96 -12.63 9.79
N PRO B 134 27.08 -12.40 10.81
CA PRO B 134 27.18 -13.18 12.06
C PRO B 134 27.01 -14.68 11.85
N LEU B 135 26.18 -15.10 10.86
CA LEU B 135 25.95 -16.51 10.50
C LEU B 135 27.24 -17.14 9.92
N LEU B 136 27.94 -16.39 9.08
CA LEU B 136 29.21 -16.83 8.47
C LEU B 136 30.30 -17.01 9.52
N THR B 137 30.36 -16.08 10.51
CA THR B 137 31.37 -16.06 11.56
C THR B 137 31.10 -17.05 12.70
N PHE B 138 29.87 -17.05 13.26
CA PHE B 138 29.52 -17.88 14.41
C PHE B 138 28.78 -19.20 14.13
N GLY B 139 28.26 -19.38 12.92
CA GLY B 139 27.54 -20.58 12.55
C GLY B 139 28.40 -21.81 12.34
N THR B 140 27.83 -22.99 12.62
CA THR B 140 28.52 -24.27 12.43
C THR B 140 28.49 -24.58 10.93
N GLU B 141 29.30 -25.57 10.49
CA GLU B 141 29.35 -25.97 9.07
C GLU B 141 27.98 -26.35 8.52
N GLU B 142 27.18 -27.08 9.30
CA GLU B 142 25.81 -27.48 8.92
C GLU B 142 24.84 -26.30 8.88
N GLN B 143 24.97 -25.34 9.83
CA GLN B 143 24.14 -24.13 9.90
C GLN B 143 24.42 -23.22 8.70
N LYS B 144 25.70 -23.10 8.32
CA LYS B 144 26.15 -22.29 7.20
C LYS B 144 25.74 -22.92 5.89
N GLU B 145 25.97 -24.24 5.72
CA GLU B 145 25.61 -25.01 4.51
C GLU B 145 24.12 -24.99 4.20
N LYS B 146 23.25 -24.95 5.25
CA LYS B 146 21.82 -24.91 5.07
C LYS B 146 21.29 -23.51 4.76
N TYR B 147 21.60 -22.52 5.62
CA TYR B 147 21.07 -21.16 5.53
C TYR B 147 21.78 -20.15 4.65
N LEU B 148 23.13 -20.14 4.63
CA LEU B 148 23.89 -19.19 3.83
C LEU B 148 23.61 -19.24 2.33
N PRO B 149 23.61 -20.42 1.67
CA PRO B 149 23.31 -20.46 0.22
C PRO B 149 21.93 -19.90 -0.12
N LEU B 150 20.97 -20.08 0.80
CA LEU B 150 19.61 -19.59 0.64
C LEU B 150 19.52 -18.06 0.68
N LEU B 151 20.23 -17.41 1.62
CA LEU B 151 20.21 -15.96 1.74
C LEU B 151 20.96 -15.32 0.57
N CYS B 152 22.07 -15.95 0.20
CA CYS B 152 23.05 -15.65 -0.84
C CYS B 152 22.43 -15.66 -2.26
N ARG B 153 21.85 -16.81 -2.66
CA ARG B 153 21.31 -17.05 -4.00
C ARG B 153 19.85 -17.49 -4.01
N GLY B 154 19.40 -18.16 -2.98
CA GLY B 154 18.05 -18.71 -2.86
C GLY B 154 16.81 -17.85 -2.90
N GLY B 155 16.92 -16.54 -2.62
CA GLY B 155 15.77 -15.64 -2.55
C GLY B 155 15.15 -15.50 -1.17
N TRP B 156 15.86 -16.04 -0.16
CA TRP B 156 15.49 -15.95 1.23
C TRP B 156 15.94 -14.62 1.75
N ILE B 157 15.09 -13.97 2.55
CA ILE B 157 15.35 -12.67 3.14
C ILE B 157 15.50 -12.85 4.65
N ALA B 158 16.43 -12.12 5.25
CA ALA B 158 16.67 -12.23 6.67
C ALA B 158 16.43 -10.91 7.42
N SER B 159 16.03 -11.03 8.69
CA SER B 159 15.77 -9.93 9.61
C SER B 159 16.62 -10.11 10.86
N HIS B 160 17.02 -8.98 11.46
CA HIS B 160 17.80 -8.92 12.67
C HIS B 160 16.91 -8.27 13.73
N ALA B 161 16.41 -9.07 14.69
CA ALA B 161 15.53 -8.58 15.75
C ALA B 161 16.24 -8.62 17.11
N ALA B 162 16.73 -7.43 17.54
CA ALA B 162 17.46 -7.27 18.79
C ALA B 162 16.85 -6.19 19.67
N THR B 163 16.49 -5.03 19.11
CA THR B 163 15.90 -3.89 19.82
C THR B 163 14.52 -4.19 20.45
N GLU B 164 14.22 -3.57 21.60
CA GLU B 164 12.97 -3.70 22.36
C GLU B 164 12.51 -2.32 22.89
N PRO B 165 11.23 -2.12 23.28
CA PRO B 165 10.77 -0.80 23.78
C PRO B 165 11.56 -0.21 24.96
N GLN B 166 12.11 -1.05 25.84
CA GLN B 166 12.95 -0.59 26.97
C GLN B 166 14.41 -1.02 26.82
N ALA B 167 14.77 -1.44 25.60
CA ALA B 167 16.12 -1.89 25.25
C ALA B 167 16.50 -1.47 23.80
N GLY B 168 16.70 -0.16 23.64
CA GLY B 168 17.13 0.44 22.39
C GLY B 168 18.63 0.64 22.43
N SER B 169 19.04 1.76 23.07
CA SER B 169 20.44 2.09 23.29
C SER B 169 21.03 1.07 24.30
N ASP B 170 20.27 0.76 25.40
CA ASP B 170 20.62 -0.20 26.45
C ASP B 170 20.19 -1.61 26.00
N ILE B 171 20.86 -2.12 24.96
CA ILE B 171 20.61 -3.43 24.36
C ILE B 171 20.82 -4.58 25.36
N TYR B 172 21.83 -4.46 26.23
CA TYR B 172 22.16 -5.49 27.22
C TYR B 172 20.97 -5.82 28.13
N SER B 173 20.07 -4.84 28.33
CA SER B 173 18.88 -4.95 29.16
C SER B 173 17.68 -5.59 28.42
N LEU B 174 17.96 -6.53 27.50
CA LEU B 174 16.97 -7.32 26.77
C LEU B 174 16.09 -8.13 27.70
N LYS B 175 14.78 -8.12 27.46
CA LYS B 175 13.84 -8.88 28.28
C LYS B 175 13.39 -10.19 27.62
N THR B 176 13.57 -10.33 26.27
CA THR B 176 13.18 -11.55 25.52
C THR B 176 13.89 -12.76 26.09
N THR B 177 13.14 -13.64 26.76
CA THR B 177 13.70 -14.83 27.41
C THR B 177 13.62 -16.07 26.52
N ALA B 178 14.59 -16.98 26.70
CA ALA B 178 14.68 -18.26 26.01
C ALA B 178 14.86 -19.38 27.04
N GLN B 179 13.79 -20.15 27.27
CA GLN B 179 13.78 -21.22 28.26
C GLN B 179 14.01 -22.59 27.60
N LYS B 180 15.08 -23.26 28.03
CA LYS B 180 15.45 -24.58 27.52
C LYS B 180 14.49 -25.68 28.05
N ASP B 181 14.12 -26.60 27.14
CA ASP B 181 13.25 -27.75 27.42
C ASP B 181 13.84 -28.98 26.70
N GLY B 182 15.00 -29.41 27.18
CA GLY B 182 15.74 -30.52 26.60
C GLY B 182 16.50 -30.10 25.36
N ASP B 183 16.01 -30.49 24.18
CA ASP B 183 16.59 -30.19 22.86
C ASP B 183 16.02 -28.93 22.21
N LYS B 184 15.05 -28.29 22.86
CA LYS B 184 14.42 -27.08 22.35
C LYS B 184 14.50 -25.88 23.31
N TYR B 185 14.03 -24.70 22.85
CA TYR B 185 14.00 -23.45 23.59
C TYR B 185 12.63 -22.78 23.40
N ILE B 186 12.05 -22.25 24.48
CA ILE B 186 10.77 -21.54 24.45
C ILE B 186 11.06 -20.04 24.53
N LEU B 187 10.81 -19.32 23.43
CA LEU B 187 11.07 -17.89 23.31
C LEU B 187 9.82 -17.04 23.53
N ASN B 188 9.94 -16.03 24.41
CA ASN B 188 8.89 -15.10 24.76
C ASN B 188 9.46 -13.70 24.88
N GLY B 189 8.81 -12.74 24.22
CA GLY B 189 9.23 -11.34 24.23
C GLY B 189 8.62 -10.49 23.16
N TYR B 190 9.03 -9.21 23.12
CA TYR B 190 8.54 -8.24 22.15
C TYR B 190 9.71 -7.47 21.55
N LYS B 191 9.79 -7.43 20.21
CA LYS B 191 10.86 -6.74 19.49
C LYS B 191 10.27 -5.68 18.58
N HIS B 192 10.53 -4.39 18.86
CA HIS B 192 10.05 -3.34 17.98
C HIS B 192 11.10 -3.03 16.93
N TYR B 193 10.71 -2.45 15.79
CA TYR B 193 11.62 -2.16 14.65
C TYR B 193 12.38 -3.39 14.15
N VAL B 194 11.79 -4.15 13.22
CA VAL B 194 12.42 -5.35 12.65
C VAL B 194 12.45 -5.20 11.13
N THR B 195 13.53 -4.59 10.59
CA THR B 195 13.71 -4.37 9.14
C THR B 195 13.55 -5.69 8.38
N ASN B 196 12.70 -5.71 7.34
CA ASN B 196 12.38 -6.86 6.47
C ASN B 196 11.46 -7.92 7.10
N GLY B 197 11.01 -7.69 8.33
CA GLY B 197 10.15 -8.59 9.10
C GLY B 197 8.97 -9.20 8.37
N THR B 198 8.19 -8.36 7.68
CA THR B 198 7.01 -8.78 6.92
C THR B 198 7.30 -9.60 5.64
N ILE B 199 8.57 -9.64 5.20
CA ILE B 199 9.01 -10.37 4.00
C ILE B 199 10.15 -11.38 4.27
N ALA B 200 10.65 -11.44 5.52
CA ALA B 200 11.75 -12.32 5.93
C ALA B 200 11.36 -13.79 6.00
N ASP B 201 12.31 -14.66 5.65
CA ASP B 201 12.19 -16.11 5.69
C ASP B 201 12.91 -16.69 6.90
N LEU B 202 13.95 -15.97 7.37
CA LEU B 202 14.75 -16.33 8.55
C LEU B 202 14.94 -15.10 9.48
N PHE B 203 14.76 -15.32 10.77
CA PHE B 203 14.86 -14.27 11.79
C PHE B 203 16.04 -14.54 12.71
N ILE B 204 16.93 -13.53 12.83
CA ILE B 204 18.08 -13.57 13.74
C ILE B 204 17.61 -12.85 15.02
N ILE B 205 17.37 -13.61 16.07
CA ILE B 205 16.81 -13.12 17.32
C ILE B 205 17.77 -13.17 18.50
N PHE B 206 17.87 -12.04 19.20
CA PHE B 206 18.72 -11.88 20.39
C PHE B 206 17.87 -11.98 21.63
N ALA B 207 18.06 -13.07 22.38
CA ALA B 207 17.31 -13.40 23.59
C ALA B 207 18.23 -13.70 24.78
N THR B 208 17.66 -13.97 25.96
CA THR B 208 18.40 -14.28 27.17
C THR B 208 17.98 -15.62 27.80
N ILE B 209 18.94 -16.41 28.26
CA ILE B 209 18.65 -17.68 28.92
C ILE B 209 18.23 -17.42 30.37
N ASP B 210 18.79 -16.35 30.96
CA ASP B 210 18.49 -15.89 32.32
C ASP B 210 18.81 -14.39 32.45
N PRO B 211 17.79 -13.57 32.75
CA PRO B 211 18.02 -12.10 32.86
C PRO B 211 18.92 -11.67 34.00
N SER B 212 19.09 -12.53 35.03
CA SER B 212 19.98 -12.27 36.18
C SER B 212 21.44 -12.22 35.77
N LEU B 213 21.80 -12.96 34.70
CA LEU B 213 23.16 -13.04 34.17
C LEU B 213 23.58 -11.77 33.46
N GLY B 214 22.61 -11.02 32.94
CA GLY B 214 22.85 -9.79 32.21
C GLY B 214 23.50 -10.05 30.87
N LYS B 215 24.64 -9.38 30.62
CA LYS B 215 25.45 -9.51 29.40
C LYS B 215 25.86 -10.95 29.10
N GLU B 216 26.16 -11.71 30.17
CA GLU B 216 26.57 -13.11 30.10
C GLU B 216 25.44 -14.09 29.77
N GLY B 217 24.19 -13.62 29.80
CA GLY B 217 23.02 -14.44 29.52
C GLY B 217 22.48 -14.36 28.10
N LEU B 218 22.98 -13.38 27.31
CA LEU B 218 22.56 -13.14 25.93
C LEU B 218 22.88 -14.30 24.99
N THR B 219 21.88 -14.75 24.20
CA THR B 219 22.01 -15.86 23.27
C THR B 219 21.24 -15.55 21.98
N THR B 220 21.76 -16.00 20.81
CA THR B 220 21.16 -15.78 19.49
C THR B 220 20.48 -17.04 18.97
N PHE B 221 19.30 -16.87 18.32
CA PHE B 221 18.50 -17.95 17.74
C PHE B 221 18.06 -17.62 16.32
N MET B 222 18.02 -18.65 15.45
CA MET B 222 17.59 -18.53 14.06
C MET B 222 16.24 -19.19 13.92
N ILE B 223 15.20 -18.37 13.76
CA ILE B 223 13.84 -18.86 13.65
C ILE B 223 13.30 -18.64 12.24
N GLU B 224 12.84 -19.71 11.58
CA GLU B 224 12.26 -19.63 10.25
C GLU B 224 10.88 -18.96 10.31
N LYS B 225 10.49 -18.33 9.22
CA LYS B 225 9.19 -17.68 9.02
C LYS B 225 8.08 -18.75 9.25
N ASP B 226 6.93 -18.31 9.76
CA ASP B 226 5.78 -19.19 10.01
C ASP B 226 6.08 -20.30 11.03
N THR B 227 6.74 -19.93 12.12
CA THR B 227 6.98 -20.83 13.23
C THR B 227 5.86 -20.49 14.22
N PRO B 228 5.14 -21.49 14.75
CA PRO B 228 4.05 -21.16 15.69
C PRO B 228 4.54 -20.35 16.88
N GLY B 229 3.97 -19.16 17.02
CA GLY B 229 4.31 -18.22 18.09
C GLY B 229 4.97 -16.93 17.63
N LEU B 230 5.37 -16.85 16.36
CA LEU B 230 6.02 -15.72 15.72
C LEU B 230 4.95 -14.79 15.12
N ILE B 231 4.65 -13.68 15.83
CA ILE B 231 3.61 -12.71 15.46
C ILE B 231 4.19 -11.39 14.93
N LEU B 232 3.79 -11.02 13.70
CA LEU B 232 4.23 -9.78 13.05
C LEU B 232 3.09 -8.81 12.86
N SER B 233 3.41 -7.50 13.00
CA SER B 233 2.44 -6.42 12.81
C SER B 233 2.54 -5.95 11.37
N LYS B 234 1.75 -4.95 11.01
CA LYS B 234 1.79 -4.37 9.67
C LYS B 234 3.01 -3.43 9.68
N PRO B 235 3.70 -3.21 8.53
CA PRO B 235 4.88 -2.34 8.54
C PRO B 235 4.52 -0.93 9.02
N ILE B 236 5.31 -0.39 9.94
CA ILE B 236 5.12 0.94 10.52
C ILE B 236 5.46 2.05 9.52
N SER B 237 4.59 3.07 9.41
CA SER B 237 4.78 4.24 8.54
C SER B 237 5.82 5.17 9.13
N LYS B 238 6.77 5.60 8.30
CA LYS B 238 7.86 6.49 8.72
C LYS B 238 8.19 7.61 7.72
N MET B 239 8.98 8.61 8.16
CA MET B 239 9.38 9.79 7.38
C MET B 239 9.97 9.41 5.99
N GLY B 240 11.07 8.68 5.99
CA GLY B 240 11.74 8.18 4.80
C GLY B 240 11.95 6.69 4.91
N MET B 241 12.76 6.11 3.99
CA MET B 241 13.04 4.66 3.90
C MET B 241 11.72 3.86 3.80
N ARG B 242 10.68 4.49 3.19
CA ARG B 242 9.31 3.98 3.00
C ARG B 242 9.22 2.74 2.11
N THR B 243 10.28 2.46 1.33
CA THR B 243 10.36 1.33 0.42
C THR B 243 11.05 0.13 1.13
N ALA B 244 11.27 0.26 2.46
CA ALA B 244 11.83 -0.78 3.33
C ALA B 244 10.76 -1.09 4.40
N GLU B 245 10.39 -2.36 4.54
CA GLU B 245 9.36 -2.78 5.49
C GLU B 245 9.89 -2.97 6.92
N VAL B 246 9.39 -2.14 7.86
CA VAL B 246 9.80 -2.18 9.28
C VAL B 246 8.61 -2.42 10.26
N PRO B 247 8.17 -3.68 10.45
CA PRO B 247 7.07 -3.94 11.40
C PRO B 247 7.58 -4.25 12.83
N GLU B 248 6.64 -4.61 13.73
CA GLU B 248 6.93 -5.02 15.11
C GLU B 248 6.83 -6.54 15.17
N LEU B 249 7.54 -7.14 16.11
CA LEU B 249 7.51 -8.57 16.31
C LEU B 249 7.19 -8.93 17.76
N ARG B 250 6.44 -10.01 17.92
CA ARG B 250 6.05 -10.57 19.20
C ARG B 250 6.30 -12.08 19.17
N LEU B 251 6.89 -12.62 20.24
CA LEU B 251 7.14 -14.04 20.39
C LEU B 251 6.29 -14.57 21.53
N GLU B 252 5.37 -15.49 21.22
CA GLU B 252 4.48 -16.10 22.21
C GLU B 252 4.69 -17.60 22.22
N ASN B 253 5.56 -18.07 23.15
CA ASN B 253 5.95 -19.48 23.33
C ASN B 253 6.44 -20.10 22.01
N CYS B 254 7.33 -19.36 21.33
CA CYS B 254 7.93 -19.73 20.07
C CYS B 254 9.01 -20.80 20.32
N GLU B 255 8.74 -22.03 19.84
CA GLU B 255 9.68 -23.15 19.98
C GLU B 255 10.73 -23.19 18.88
N VAL B 256 11.98 -23.35 19.27
CA VAL B 256 13.14 -23.47 18.37
C VAL B 256 14.10 -24.57 18.87
N SER B 257 14.61 -25.41 17.97
CA SER B 257 15.55 -26.46 18.35
C SER B 257 16.90 -25.84 18.75
N ALA B 258 17.70 -26.59 19.53
CA ALA B 258 19.04 -26.20 19.98
C ALA B 258 20.01 -26.16 18.79
N ALA B 259 19.63 -26.80 17.67
CA ALA B 259 20.37 -26.88 16.42
C ALA B 259 20.38 -25.52 15.70
N ASN B 260 19.31 -24.73 15.86
CA ASN B 260 19.15 -23.42 15.23
C ASN B 260 19.66 -22.26 16.10
N ARG B 261 20.25 -22.58 17.26
CA ARG B 261 20.85 -21.60 18.16
C ARG B 261 22.22 -21.22 17.60
N LEU B 262 22.41 -19.93 17.27
CA LEU B 262 23.68 -19.42 16.73
C LEU B 262 24.66 -19.23 17.89
N GLY B 263 25.75 -20.00 17.86
CA GLY B 263 26.76 -20.01 18.90
C GLY B 263 26.32 -20.71 20.17
N GLU B 264 27.20 -20.72 21.17
CA GLU B 264 26.90 -21.33 22.47
C GLU B 264 26.04 -20.39 23.33
N GLU B 265 25.52 -20.89 24.48
CA GLU B 265 24.74 -20.10 25.43
C GLU B 265 25.68 -19.02 26.01
N GLY B 266 25.26 -17.77 25.92
CA GLY B 266 26.04 -16.65 26.44
C GLY B 266 26.93 -15.95 25.42
N THR B 267 27.00 -16.47 24.18
CA THR B 267 27.82 -15.90 23.11
C THR B 267 27.12 -14.74 22.38
N GLY B 268 25.84 -14.54 22.66
CA GLY B 268 24.98 -13.51 22.06
C GLY B 268 25.56 -12.09 22.03
N LEU B 269 26.30 -11.70 23.07
CA LEU B 269 26.93 -10.39 23.18
C LEU B 269 28.06 -10.25 22.15
N ALA B 270 28.91 -11.28 22.03
CA ALA B 270 30.00 -11.34 21.07
C ALA B 270 29.46 -11.32 19.64
N ILE B 271 28.30 -11.96 19.40
CA ILE B 271 27.61 -12.01 18.10
C ILE B 271 27.02 -10.65 17.73
N PHE B 272 26.43 -9.96 18.70
CA PHE B 272 25.86 -8.62 18.52
C PHE B 272 26.95 -7.58 18.25
N ASN B 273 28.04 -7.60 19.06
CA ASN B 273 29.16 -6.66 18.93
C ASN B 273 29.90 -6.83 17.61
N HIS B 274 29.97 -8.07 17.10
CA HIS B 274 30.56 -8.40 15.81
C HIS B 274 29.64 -7.89 14.70
N SER B 275 28.32 -8.08 14.84
CA SER B 275 27.28 -7.65 13.90
C SER B 275 27.28 -6.10 13.75
N MET B 276 27.43 -5.34 14.85
CA MET B 276 27.54 -3.89 14.84
C MET B 276 28.77 -3.38 14.10
N GLU B 277 29.91 -4.08 14.22
CA GLU B 277 31.16 -3.75 13.52
C GLU B 277 30.88 -3.67 12.00
N TRP B 278 30.28 -4.73 11.42
CA TRP B 278 29.94 -4.82 10.00
C TRP B 278 28.81 -3.88 9.65
N GLU B 279 27.80 -3.75 10.53
CA GLU B 279 26.66 -2.87 10.30
C GLU B 279 27.08 -1.39 10.24
N ARG B 280 27.63 -0.85 11.35
CA ARG B 280 28.06 0.55 11.45
C ARG B 280 29.02 0.99 10.36
N GLY B 281 29.98 0.13 10.05
CA GLY B 281 31.00 0.41 9.05
C GLY B 281 30.59 0.27 7.59
N PHE B 282 29.56 -0.56 7.30
CA PHE B 282 29.17 -0.83 5.91
C PHE B 282 27.76 -0.48 5.44
N ILE B 283 26.80 -0.27 6.38
CA ILE B 283 25.41 0.09 6.03
C ILE B 283 25.32 1.43 5.27
N LEU B 284 26.28 2.33 5.51
CA LEU B 284 26.36 3.67 4.91
C LEU B 284 27.37 3.80 3.78
N ALA B 285 27.90 2.66 3.28
CA ALA B 285 28.85 2.63 2.16
C ALA B 285 28.20 3.21 0.92
N ALA B 286 26.93 2.83 0.67
CA ALA B 286 26.13 3.29 -0.47
C ALA B 286 25.71 4.75 -0.33
N ALA B 287 25.54 5.25 0.92
CA ALA B 287 25.16 6.63 1.25
C ALA B 287 26.23 7.60 0.73
N VAL B 288 27.51 7.17 0.72
CA VAL B 288 28.66 7.91 0.18
C VAL B 288 28.46 8.10 -1.34
N GLY B 289 27.92 7.06 -2.00
CA GLY B 289 27.60 7.09 -3.42
C GLY B 289 26.48 8.06 -3.75
N THR B 290 25.44 8.08 -2.89
CA THR B 290 24.28 8.99 -2.97
C THR B 290 24.77 10.44 -2.81
N MET B 291 25.71 10.67 -1.88
CA MET B 291 26.33 11.97 -1.61
C MET B 291 27.07 12.48 -2.85
N GLU B 292 27.74 11.56 -3.58
CA GLU B 292 28.46 11.88 -4.83
C GLU B 292 27.47 12.29 -5.92
N ARG B 293 26.32 11.58 -6.03
CA ARG B 293 25.27 11.88 -7.02
C ARG B 293 24.65 13.26 -6.76
N LEU B 294 24.34 13.58 -5.49
CA LEU B 294 23.74 14.87 -5.11
C LEU B 294 24.69 16.04 -5.35
N LEU B 295 25.99 15.83 -5.16
CA LEU B 295 26.98 16.87 -5.36
C LEU B 295 27.04 17.25 -6.86
N GLU B 296 27.13 16.24 -7.77
CA GLU B 296 27.19 16.46 -9.21
C GLU B 296 25.90 17.12 -9.74
N GLN B 297 24.74 16.70 -9.19
CA GLN B 297 23.43 17.24 -9.52
C GLN B 297 23.32 18.71 -9.10
N SER B 298 23.86 19.04 -7.91
CA SER B 298 23.85 20.40 -7.37
C SER B 298 24.81 21.33 -8.12
N ILE B 299 26.02 20.81 -8.52
CA ILE B 299 27.00 21.58 -9.32
C ILE B 299 26.33 21.95 -10.65
N ARG B 300 25.71 20.96 -11.33
CA ARG B 300 24.98 21.17 -12.60
C ARG B 300 23.95 22.28 -12.46
N TYR B 301 23.13 22.26 -11.36
CA TYR B 301 22.12 23.28 -11.10
C TYR B 301 22.72 24.67 -10.79
N ALA B 302 23.82 24.70 -10.00
CA ALA B 302 24.51 25.94 -9.64
C ALA B 302 25.17 26.62 -10.86
N ARG B 303 25.50 25.82 -11.88
CA ARG B 303 26.09 26.29 -13.14
C ARG B 303 25.00 26.67 -14.14
N SER B 304 23.88 25.90 -14.17
CA SER B 304 22.74 26.11 -15.06
C SER B 304 21.83 27.23 -14.63
N HIS B 305 21.30 27.18 -13.39
CA HIS B 305 20.35 28.18 -12.91
C HIS B 305 20.95 29.56 -12.73
N LYS B 306 20.29 30.55 -13.34
CA LYS B 306 20.71 31.94 -13.35
C LYS B 306 19.78 32.87 -12.62
N GLN B 307 20.36 33.88 -11.97
CA GLN B 307 19.69 34.92 -11.19
C GLN B 307 20.63 36.13 -11.14
N PHE B 308 20.09 37.35 -11.32
CA PHE B 308 20.83 38.63 -11.35
C PHE B 308 21.88 38.68 -12.50
N GLY B 309 21.55 38.05 -13.63
CA GLY B 309 22.38 38.02 -14.81
C GLY B 309 23.58 37.07 -14.80
N GLN B 310 23.63 36.17 -13.81
CA GLN B 310 24.72 35.20 -13.68
C GLN B 310 24.26 33.89 -13.06
N ALA B 311 25.04 32.83 -13.24
CA ALA B 311 24.75 31.52 -12.65
C ALA B 311 24.83 31.67 -11.13
N ILE B 312 23.91 31.01 -10.41
CA ILE B 312 23.86 31.04 -8.93
C ILE B 312 25.19 30.71 -8.26
N GLY B 313 25.93 29.73 -8.82
CA GLY B 313 27.24 29.29 -8.36
C GLY B 313 28.29 30.40 -8.30
N LYS B 314 28.04 31.54 -9.00
CA LYS B 314 28.93 32.71 -9.01
C LYS B 314 28.82 33.50 -7.72
N PHE B 315 27.76 33.27 -6.92
CA PHE B 315 27.58 33.89 -5.60
C PHE B 315 28.24 32.94 -4.60
N GLN B 316 29.13 33.48 -3.76
CA GLN B 316 29.90 32.72 -2.78
C GLN B 316 29.11 31.93 -1.75
N LEU B 317 27.89 32.41 -1.40
CA LEU B 317 27.04 31.72 -0.44
C LEU B 317 26.51 30.39 -1.00
N VAL B 318 26.35 30.33 -2.35
CA VAL B 318 25.89 29.13 -3.08
C VAL B 318 27.08 28.20 -3.31
N ALA B 319 28.20 28.74 -3.83
CA ALA B 319 29.44 28.00 -4.11
C ALA B 319 30.01 27.32 -2.86
N ASN B 320 29.95 27.99 -1.69
CA ASN B 320 30.44 27.45 -0.42
C ASN B 320 29.70 26.17 0.03
N LYS B 321 28.40 26.08 -0.26
CA LYS B 321 27.56 24.91 0.05
C LYS B 321 28.09 23.66 -0.70
N LEU B 322 28.59 23.88 -1.92
CA LEU B 322 29.17 22.82 -2.74
C LEU B 322 30.58 22.46 -2.30
N VAL B 323 31.31 23.45 -1.76
CA VAL B 323 32.65 23.28 -1.19
C VAL B 323 32.51 22.41 0.08
N GLU B 324 31.49 22.69 0.91
CA GLU B 324 31.19 21.91 2.12
C GLU B 324 30.75 20.48 1.76
N MET B 325 29.95 20.33 0.69
CA MET B 325 29.50 19.03 0.18
C MET B 325 30.70 18.19 -0.28
N LYS B 326 31.68 18.85 -0.94
CA LYS B 326 32.91 18.22 -1.43
C LYS B 326 33.80 17.74 -0.26
N LEU B 327 34.04 18.60 0.76
CA LEU B 327 34.82 18.27 1.97
C LEU B 327 34.21 17.06 2.67
N ARG B 328 32.88 17.07 2.90
CA ARG B 328 32.15 15.97 3.54
C ARG B 328 32.25 14.65 2.77
N LEU B 329 32.14 14.70 1.43
CA LEU B 329 32.21 13.53 0.56
C LEU B 329 33.58 12.83 0.66
N GLU B 330 34.66 13.62 0.66
CA GLU B 330 36.03 13.11 0.74
C GLU B 330 36.35 12.55 2.13
N ASN B 331 35.77 13.13 3.19
CA ASN B 331 35.92 12.67 4.57
C ASN B 331 35.16 11.36 4.78
N ALA B 332 33.94 11.24 4.20
CA ALA B 332 33.08 10.04 4.24
C ALA B 332 33.81 8.86 3.58
N LYS B 333 34.47 9.10 2.42
CA LYS B 333 35.25 8.11 1.68
C LYS B 333 36.39 7.59 2.57
N ALA B 334 37.08 8.51 3.25
CA ALA B 334 38.20 8.20 4.16
C ALA B 334 37.77 7.29 5.32
N TYR B 335 36.62 7.57 5.97
CA TYR B 335 36.10 6.76 7.07
C TYR B 335 35.67 5.39 6.61
N LEU B 336 35.05 5.31 5.42
CA LEU B 336 34.58 4.07 4.83
C LEU B 336 35.74 3.15 4.43
N TYR B 337 36.76 3.70 3.77
CA TYR B 337 37.91 2.92 3.31
C TYR B 337 38.87 2.48 4.38
N LYS B 338 38.91 3.16 5.54
CA LYS B 338 39.72 2.75 6.68
C LYS B 338 39.15 1.47 7.29
N VAL B 339 37.81 1.45 7.57
CA VAL B 339 37.08 0.30 8.12
C VAL B 339 37.19 -0.90 7.17
N ALA B 340 36.95 -0.67 5.86
CA ALA B 340 37.04 -1.68 4.81
C ALA B 340 38.42 -2.36 4.80
N TRP B 341 39.50 -1.56 4.93
CA TRP B 341 40.87 -2.04 4.97
C TRP B 341 41.12 -2.87 6.23
N MET B 342 40.75 -2.34 7.41
CA MET B 342 40.91 -2.98 8.71
C MET B 342 40.22 -4.33 8.79
N LYS B 343 38.96 -4.43 8.37
CA LYS B 343 38.19 -5.67 8.36
C LYS B 343 38.75 -6.70 7.37
N GLU B 344 39.31 -6.22 6.24
CA GLU B 344 39.95 -7.06 5.23
C GLU B 344 41.23 -7.67 5.83
N ASN B 345 41.97 -6.87 6.64
CA ASN B 345 43.19 -7.29 7.35
C ASN B 345 42.89 -7.93 8.72
N LYS B 346 41.65 -8.48 8.86
CA LYS B 346 41.12 -9.24 10.00
C LYS B 346 41.31 -8.56 11.38
N GLN B 347 41.20 -7.22 11.44
CA GLN B 347 41.36 -6.43 12.67
C GLN B 347 40.01 -6.05 13.29
N MET B 348 39.99 -5.84 14.64
CA MET B 348 38.78 -5.43 15.36
C MET B 348 38.63 -3.93 15.14
N ALA B 349 37.58 -3.52 14.43
CA ALA B 349 37.36 -2.12 14.08
C ALA B 349 36.04 -1.51 14.56
N LEU B 350 35.65 -1.75 15.83
CA LEU B 350 34.41 -1.18 16.38
C LEU B 350 34.50 0.33 16.55
N LEU B 351 35.69 0.84 16.95
CA LEU B 351 35.93 2.27 17.09
C LEU B 351 35.82 2.96 15.72
N GLU B 352 36.46 2.38 14.70
CA GLU B 352 36.48 2.92 13.35
C GLU B 352 35.12 2.86 12.67
N ALA B 353 34.32 1.81 12.95
CA ALA B 353 32.98 1.64 12.41
C ALA B 353 32.02 2.64 13.03
N SER B 354 32.20 2.93 14.34
CA SER B 354 31.40 3.90 15.09
C SER B 354 31.68 5.32 14.60
N MET B 355 32.96 5.65 14.32
CA MET B 355 33.38 6.95 13.80
C MET B 355 32.82 7.17 12.40
N ALA B 356 32.82 6.09 11.57
CA ALA B 356 32.31 6.09 10.20
C ALA B 356 30.80 6.34 10.20
N ASN B 357 30.03 5.54 11.00
CA ASN B 357 28.57 5.67 11.10
C ASN B 357 28.14 7.05 11.63
N LEU B 358 28.87 7.58 12.66
CA LEU B 358 28.59 8.89 13.24
C LEU B 358 28.86 10.00 12.22
N TYR B 359 30.02 9.97 11.54
CA TYR B 359 30.36 10.98 10.55
C TYR B 359 29.46 10.98 9.32
N ILE B 360 29.36 9.83 8.62
CA ILE B 360 28.60 9.64 7.38
C ILE B 360 27.09 9.92 7.53
N SER B 361 26.48 9.52 8.67
CA SER B 361 25.05 9.75 8.88
C SER B 361 24.72 11.24 8.97
N GLU B 362 25.56 12.01 9.66
CA GLU B 362 25.39 13.45 9.84
C GLU B 362 25.77 14.22 8.61
N ALA B 363 26.83 13.75 7.91
CA ALA B 363 27.32 14.35 6.68
C ALA B 363 26.26 14.23 5.59
N TRP B 364 25.58 13.06 5.54
CA TRP B 364 24.53 12.77 4.59
C TRP B 364 23.32 13.70 4.75
N VAL B 365 22.82 13.87 5.99
CA VAL B 365 21.67 14.73 6.32
C VAL B 365 21.98 16.19 5.92
N GLN B 366 23.17 16.68 6.33
CA GLN B 366 23.65 18.03 6.06
C GLN B 366 23.79 18.35 4.57
N SER B 367 24.38 17.42 3.79
CA SER B 367 24.55 17.58 2.33
C SER B 367 23.20 17.58 1.61
N CYS B 368 22.22 16.75 2.09
CA CYS B 368 20.87 16.66 1.54
C CYS B 368 20.15 18.01 1.75
N LEU B 369 20.28 18.56 2.96
CA LEU B 369 19.70 19.85 3.36
C LEU B 369 20.21 20.99 2.46
N GLU B 370 21.53 20.99 2.17
CA GLU B 370 22.21 21.97 1.33
C GLU B 370 21.82 21.85 -0.14
N ALA B 371 21.61 20.61 -0.64
CA ALA B 371 21.17 20.35 -2.01
C ALA B 371 19.79 20.97 -2.25
N ILE B 372 18.89 20.88 -1.24
CA ILE B 372 17.55 21.47 -1.27
C ILE B 372 17.69 23.01 -1.27
N GLU B 373 18.64 23.55 -0.47
CA GLU B 373 18.91 24.98 -0.36
C GLU B 373 19.37 25.58 -1.69
N ILE B 374 20.34 24.92 -2.37
CA ILE B 374 20.90 25.33 -3.68
C ILE B 374 19.77 25.46 -4.73
N HIS B 375 18.81 24.50 -4.74
CA HIS B 375 17.68 24.47 -5.66
C HIS B 375 16.54 25.45 -5.33
N GLY B 376 16.57 26.03 -4.12
CA GLY B 376 15.56 26.98 -3.69
C GLY B 376 14.24 26.29 -3.42
N ALA B 377 13.11 26.98 -3.73
CA ALA B 377 11.75 26.44 -3.55
C ALA B 377 11.56 25.17 -4.38
N TYR B 378 12.25 25.10 -5.53
CA TYR B 378 12.28 23.98 -6.47
C TYR B 378 12.72 22.68 -5.77
N GLY B 379 13.67 22.78 -4.85
CA GLY B 379 14.17 21.64 -4.08
C GLY B 379 13.23 21.12 -3.00
N TYR B 380 12.14 21.88 -2.73
CA TYR B 380 11.11 21.56 -1.73
C TYR B 380 9.91 20.79 -2.33
N LEU B 381 9.84 20.73 -3.68
CA LEU B 381 8.76 20.06 -4.42
C LEU B 381 8.97 18.54 -4.50
N THR B 382 7.87 17.77 -4.39
CA THR B 382 7.87 16.31 -4.46
C THR B 382 8.51 15.76 -5.75
N ASN B 383 8.13 16.31 -6.91
CA ASN B 383 8.60 15.87 -8.22
C ASN B 383 10.08 16.07 -8.51
N THR B 384 10.78 16.90 -7.71
CA THR B 384 12.22 17.14 -7.82
C THR B 384 13.02 15.94 -7.27
N GLU B 385 12.51 15.32 -6.18
CA GLU B 385 13.04 14.12 -5.52
C GLU B 385 14.18 14.34 -4.50
N LEU B 386 14.64 15.60 -4.33
CA LEU B 386 15.69 15.94 -3.37
C LEU B 386 15.18 15.87 -1.94
N GLU B 387 13.88 16.11 -1.77
CA GLU B 387 13.22 16.08 -0.47
C GLU B 387 13.20 14.66 0.12
N ARG B 388 12.92 13.65 -0.73
CA ARG B 388 12.92 12.24 -0.34
C ARG B 388 14.30 11.85 0.18
N GLU B 389 15.38 12.32 -0.53
CA GLU B 389 16.76 12.07 -0.16
C GLU B 389 17.03 12.46 1.29
N LEU B 390 16.54 13.66 1.71
CA LEU B 390 16.70 14.14 3.10
C LEU B 390 15.92 13.28 4.10
N ARG B 391 14.65 12.95 3.76
CA ARG B 391 13.76 12.10 4.57
C ARG B 391 14.40 10.74 4.83
N ASP B 392 15.06 10.17 3.81
CA ASP B 392 15.76 8.87 3.90
C ASP B 392 17.03 8.98 4.74
N ALA B 393 17.79 10.08 4.56
CA ALA B 393 19.06 10.35 5.26
C ALA B 393 18.93 10.38 6.77
N ILE B 394 17.80 10.90 7.31
CA ILE B 394 17.57 10.99 8.77
C ILE B 394 17.62 9.63 9.47
N ALA B 395 17.02 8.59 8.85
CA ALA B 395 16.99 7.22 9.35
C ALA B 395 18.34 6.73 9.85
N SER B 396 19.43 7.07 9.12
CA SER B 396 20.83 6.70 9.41
C SER B 396 21.32 7.20 10.78
N LYS B 397 20.66 8.21 11.35
CA LYS B 397 20.96 8.79 12.66
C LYS B 397 20.32 7.95 13.78
N PHE B 398 19.49 6.95 13.42
CA PHE B 398 18.79 6.08 14.37
C PHE B 398 19.12 4.60 14.23
N TYR B 399 19.15 4.05 12.99
CA TYR B 399 19.54 2.66 12.83
C TYR B 399 21.06 2.52 13.00
N SER B 400 21.53 1.33 13.44
CA SER B 400 22.95 1.01 13.73
C SER B 400 23.45 1.76 14.99
N GLY B 401 22.52 2.38 15.71
CA GLY B 401 22.78 3.17 16.90
C GLY B 401 22.68 4.67 16.63
N THR B 402 22.25 5.43 17.64
CA THR B 402 22.09 6.89 17.53
C THR B 402 23.45 7.57 17.56
N SER B 403 23.52 8.83 17.08
CA SER B 403 24.74 9.66 17.05
C SER B 403 25.37 9.79 18.45
N GLU B 404 24.53 9.92 19.49
CA GLU B 404 24.90 10.03 20.89
C GLU B 404 25.57 8.75 21.39
N ILE B 405 25.04 7.58 20.98
CA ILE B 405 25.59 6.25 21.35
C ILE B 405 27.00 6.06 20.80
N GLN B 406 27.20 6.42 19.52
CA GLN B 406 28.50 6.36 18.85
C GLN B 406 29.51 7.20 19.61
N ARG B 407 29.12 8.43 19.99
CA ARG B 407 29.94 9.38 20.76
C ARG B 407 30.35 8.76 22.11
N VAL B 408 29.40 8.10 22.80
CA VAL B 408 29.64 7.39 24.07
C VAL B 408 30.64 6.25 23.85
N VAL B 409 30.45 5.47 22.76
CA VAL B 409 31.33 4.35 22.37
C VAL B 409 32.75 4.86 22.11
N ILE B 410 32.89 5.96 21.32
CA ILE B 410 34.18 6.58 21.00
C ILE B 410 34.89 7.05 22.29
N ALA B 411 34.15 7.72 23.19
CA ALA B 411 34.67 8.21 24.47
C ALA B 411 35.28 7.08 25.34
N LYS B 412 34.62 5.89 25.36
CA LYS B 412 35.07 4.70 26.08
C LYS B 412 36.40 4.19 25.51
N PHE B 413 36.53 4.15 24.15
CA PHE B 413 37.74 3.76 23.43
C PHE B 413 38.91 4.74 23.64
N LEU B 414 38.60 6.02 24.01
CA LEU B 414 39.60 7.02 24.30
C LEU B 414 40.14 6.85 25.73
N GLY B 415 39.40 6.11 26.55
CA GLY B 415 39.76 5.81 27.91
C GLY B 415 38.77 6.28 28.94
N LEU B 416 37.99 7.32 28.60
CA LEU B 416 37.02 7.98 29.48
C LEU B 416 36.00 7.07 30.19
N ALA C 39 48.62 1.31 7.59
CA ALA C 39 49.33 0.91 6.37
C ALA C 39 50.81 1.39 6.34
N TRP C 40 51.35 1.84 7.49
CA TRP C 40 52.74 2.28 7.62
C TRP C 40 53.65 1.09 7.94
N ASN C 41 54.79 0.99 7.23
CA ASN C 41 55.77 -0.09 7.42
C ASN C 41 56.63 0.12 8.68
N SER C 42 57.40 -0.91 9.07
CA SER C 42 58.29 -0.89 10.24
C SER C 42 59.32 0.24 10.20
N GLN C 43 59.86 0.54 9.02
CA GLN C 43 60.83 1.61 8.80
C GLN C 43 60.22 2.97 9.09
N GLN C 44 58.97 3.18 8.63
CA GLN C 44 58.19 4.40 8.81
C GLN C 44 57.79 4.62 10.28
N ILE C 45 57.35 3.56 11.00
CA ILE C 45 57.00 3.59 12.43
C ILE C 45 58.25 3.98 13.24
N GLN C 46 59.37 3.27 13.01
CA GLN C 46 60.65 3.49 13.68
C GLN C 46 61.27 4.85 13.43
N PHE C 47 61.21 5.36 12.18
CA PHE C 47 61.76 6.67 11.84
C PHE C 47 60.99 7.80 12.50
N ARG C 48 59.64 7.72 12.51
CA ARG C 48 58.76 8.71 13.17
C ARG C 48 59.01 8.70 14.69
N LYS C 49 59.18 7.48 15.27
CA LYS C 49 59.49 7.28 16.69
C LYS C 49 60.87 7.91 17.02
N LYS C 50 61.84 7.81 16.08
CA LYS C 50 63.17 8.40 16.21
C LYS C 50 63.07 9.94 16.15
N VAL C 51 62.16 10.48 15.29
CA VAL C 51 61.91 11.91 15.15
C VAL C 51 61.32 12.48 16.45
N ILE C 52 60.29 11.79 17.03
CA ILE C 52 59.64 12.18 18.28
C ILE C 52 60.67 12.24 19.43
N GLN C 53 61.47 11.15 19.60
CA GLN C 53 62.52 11.04 20.62
C GLN C 53 63.57 12.16 20.51
N PHE C 54 64.04 12.46 19.27
CA PHE C 54 64.99 13.53 18.98
C PHE C 54 64.42 14.89 19.41
N ALA C 55 63.15 15.16 19.02
CA ALA C 55 62.44 16.38 19.34
C ALA C 55 62.16 16.54 20.84
N GLN C 56 61.87 15.43 21.54
CA GLN C 56 61.59 15.42 22.97
C GLN C 56 62.87 15.54 23.81
N GLN C 57 64.02 15.06 23.30
CA GLN C 57 65.28 15.07 24.04
C GLN C 57 66.22 16.23 23.73
N SER C 58 66.49 16.48 22.44
CA SER C 58 67.44 17.51 22.03
C SER C 58 66.87 18.83 21.49
N LEU C 59 65.57 19.10 21.71
CA LEU C 59 64.96 20.36 21.26
C LEU C 59 64.36 21.21 22.40
N ILE C 60 64.54 20.76 23.67
CA ILE C 60 64.06 21.43 24.88
C ILE C 60 64.44 22.92 24.88
N SER C 61 63.44 23.80 25.06
CA SER C 61 63.62 25.24 25.11
C SER C 61 62.73 25.84 26.20
N ASP C 62 63.04 27.08 26.63
CA ASP C 62 62.25 27.81 27.61
C ASP C 62 61.17 28.54 26.77
N LEU C 63 60.18 27.78 26.29
CA LEU C 63 59.14 28.28 25.39
C LEU C 63 58.24 29.40 25.92
N ILE C 64 57.97 29.43 27.24
CA ILE C 64 57.18 30.52 27.82
C ILE C 64 57.94 31.85 27.61
N LYS C 65 59.26 31.81 27.86
CA LYS C 65 60.19 32.93 27.71
C LYS C 65 60.39 33.31 26.24
N ASN C 66 60.74 32.33 25.39
CA ASN C 66 60.98 32.54 23.97
C ASN C 66 59.76 33.09 23.23
N ASP C 67 58.52 32.69 23.63
CA ASP C 67 57.28 33.20 23.06
C ASP C 67 57.04 34.65 23.50
N LYS C 68 57.18 34.92 24.81
CA LYS C 68 57.01 36.24 25.41
C LYS C 68 58.01 37.25 24.84
N GLU C 69 59.30 36.87 24.83
CA GLU C 69 60.41 37.71 24.37
C GLU C 69 60.64 37.74 22.86
N GLU C 70 59.92 36.88 22.10
CA GLU C 70 60.00 36.71 20.64
C GLU C 70 61.39 36.24 20.21
N ILE C 71 61.81 35.08 20.77
CA ILE C 71 63.14 34.52 20.49
C ILE C 71 63.09 33.34 19.51
N PHE C 72 63.76 33.50 18.36
CA PHE C 72 63.89 32.45 17.36
C PHE C 72 65.01 31.51 17.84
N ASN C 73 64.74 30.19 17.86
CA ASN C 73 65.68 29.18 18.31
C ASN C 73 66.62 28.72 17.18
N ARG C 74 67.76 29.41 17.03
CA ARG C 74 68.76 29.09 16.02
C ARG C 74 69.45 27.75 16.31
N ASP C 75 69.67 27.44 17.60
CA ASP C 75 70.28 26.21 18.06
C ASP C 75 69.45 24.99 17.62
N ALA C 76 68.11 25.08 17.78
CA ALA C 76 67.16 24.02 17.40
C ALA C 76 67.05 23.86 15.88
N TRP C 77 67.18 24.98 15.11
CA TRP C 77 67.16 24.97 13.63
C TRP C 77 68.35 24.15 13.15
N GLN C 78 69.58 24.47 13.71
CA GLN C 78 70.86 23.81 13.39
C GLN C 78 70.80 22.32 13.69
N LYS C 79 70.21 21.93 14.83
CA LYS C 79 70.08 20.53 15.26
C LYS C 79 69.16 19.73 14.33
N CYS C 80 68.08 20.37 13.85
CA CYS C 80 67.11 19.79 12.91
C CYS C 80 67.76 19.55 11.54
N SER C 81 68.60 20.50 11.06
CA SER C 81 69.35 20.37 9.80
C SER C 81 70.38 19.24 9.88
N GLU C 82 71.03 19.07 11.07
CA GLU C 82 72.00 18.00 11.37
C GLU C 82 71.28 16.66 11.31
N PHE C 83 70.01 16.60 11.79
CA PHE C 83 69.17 15.41 11.79
C PHE C 83 68.75 15.05 10.36
N GLY C 84 68.55 16.07 9.53
CA GLY C 84 68.19 15.91 8.13
C GLY C 84 66.83 16.45 7.72
N VAL C 85 66.10 17.13 8.64
CA VAL C 85 64.75 17.66 8.41
C VAL C 85 64.63 18.39 7.07
N HIS C 86 65.47 19.42 6.86
CA HIS C 86 65.53 20.27 5.67
C HIS C 86 65.77 19.50 4.38
N GLY C 87 66.51 18.41 4.48
CA GLY C 87 66.84 17.55 3.34
C GLY C 87 65.87 16.42 3.03
N TRP C 88 64.83 16.22 3.89
CA TRP C 88 63.83 15.16 3.75
C TRP C 88 63.24 14.99 2.34
N PRO C 89 62.70 16.04 1.64
CA PRO C 89 62.20 15.82 0.27
C PRO C 89 63.24 16.06 -0.83
N ILE C 90 64.47 16.45 -0.45
CA ILE C 90 65.58 16.77 -1.35
C ILE C 90 66.37 15.51 -1.74
N PRO C 91 66.74 15.36 -3.04
CA PRO C 91 67.57 14.21 -3.42
C PRO C 91 68.97 14.27 -2.80
N ALA C 92 69.52 13.09 -2.48
CA ALA C 92 70.83 12.89 -1.88
C ALA C 92 72.00 13.54 -2.64
N ARG C 93 71.86 13.76 -3.95
CA ARG C 93 72.88 14.41 -4.78
C ARG C 93 73.10 15.88 -4.40
N TYR C 94 72.09 16.56 -3.83
CA TYR C 94 72.17 17.95 -3.34
C TYR C 94 72.34 17.95 -1.83
N GLY C 95 72.84 16.84 -1.28
CA GLY C 95 73.03 16.64 0.15
C GLY C 95 71.76 16.37 0.94
N GLY C 96 70.69 15.96 0.26
CA GLY C 96 69.40 15.67 0.88
C GLY C 96 69.28 14.26 1.44
N GLN C 97 68.10 13.90 1.95
CA GLN C 97 67.80 12.59 2.53
C GLN C 97 67.12 11.66 1.50
N GLU C 98 66.49 12.25 0.47
CA GLU C 98 65.78 11.57 -0.61
C GLU C 98 64.66 10.64 -0.11
N LEU C 99 63.86 11.14 0.85
CA LEU C 99 62.73 10.37 1.41
C LEU C 99 61.51 10.57 0.54
N ASP C 100 60.63 9.56 0.49
CA ASP C 100 59.37 9.66 -0.23
C ASP C 100 58.44 10.59 0.55
N ILE C 101 57.50 11.25 -0.15
CA ILE C 101 56.55 12.22 0.40
C ILE C 101 55.74 11.67 1.57
N LEU C 102 55.17 10.46 1.43
CA LEU C 102 54.37 9.83 2.50
C LEU C 102 55.17 9.65 3.80
N THR C 103 56.46 9.29 3.69
CA THR C 103 57.36 9.15 4.83
C THR C 103 57.68 10.53 5.40
N THR C 104 57.92 11.52 4.52
CA THR C 104 58.21 12.92 4.87
C THR C 104 57.05 13.51 5.70
N ALA C 105 55.79 13.31 5.23
CA ALA C 105 54.57 13.77 5.91
C ALA C 105 54.37 13.09 7.27
N TYR C 106 54.62 11.77 7.33
CA TYR C 106 54.50 10.96 8.55
C TYR C 106 55.52 11.42 9.61
N ALA C 107 56.78 11.68 9.17
CA ALA C 107 57.89 12.15 10.02
C ALA C 107 57.61 13.57 10.51
N LEU C 108 56.96 14.40 9.66
CA LEU C 108 56.54 15.76 9.99
C LEU C 108 55.46 15.76 11.07
N GLN C 109 54.50 14.81 10.97
CA GLN C 109 53.45 14.64 11.97
C GLN C 109 54.14 14.30 13.32
N GLY C 110 55.19 13.46 13.27
CA GLY C 110 56.00 13.06 14.43
C GLY C 110 56.73 14.23 15.05
N LEU C 111 57.28 15.12 14.18
CA LEU C 111 58.00 16.32 14.60
C LEU C 111 57.06 17.27 15.35
N GLY C 112 55.85 17.46 14.84
CA GLY C 112 54.83 18.32 15.45
C GLY C 112 54.39 17.84 16.82
N TYR C 113 54.30 16.51 16.99
CA TYR C 113 53.95 15.85 18.24
C TYR C 113 55.07 16.02 19.30
N GLY C 114 56.33 15.80 18.88
CA GLY C 114 57.50 15.89 19.74
C GLY C 114 58.02 17.29 20.04
N CYS C 115 57.85 18.23 19.09
CA CYS C 115 58.34 19.60 19.21
C CYS C 115 57.17 20.54 19.52
N LYS C 116 57.30 21.29 20.63
CA LYS C 116 56.28 22.24 21.09
C LYS C 116 56.41 23.62 20.44
N ASP C 117 57.59 23.92 19.87
CA ASP C 117 57.90 25.20 19.23
C ASP C 117 57.27 25.26 17.85
N ASN C 118 56.01 25.73 17.79
CA ASN C 118 55.25 25.84 16.55
C ASN C 118 55.82 26.85 15.56
N GLY C 119 56.41 27.92 16.09
CA GLY C 119 57.05 28.96 15.30
C GLY C 119 58.25 28.45 14.52
N LEU C 120 59.08 27.58 15.16
CA LEU C 120 60.25 26.97 14.53
C LEU C 120 59.79 26.05 13.40
N ILE C 121 58.77 25.21 13.69
CA ILE C 121 58.15 24.28 12.75
C ILE C 121 57.67 25.05 11.49
N PHE C 122 56.98 26.20 11.69
CA PHE C 122 56.48 27.05 10.60
C PHE C 122 57.65 27.62 9.77
N ALA C 123 58.69 28.16 10.46
CA ALA C 123 59.88 28.75 9.86
C ALA C 123 60.63 27.75 8.95
N MET C 124 60.73 26.48 9.39
CA MET C 124 61.40 25.40 8.65
C MET C 124 60.58 24.95 7.44
N ASN C 125 59.25 24.81 7.61
CA ASN C 125 58.34 24.39 6.54
C ASN C 125 58.27 25.43 5.41
N ALA C 126 58.39 26.74 5.76
CA ALA C 126 58.41 27.83 4.81
C ALA C 126 59.70 27.73 3.96
N HIS C 127 60.84 27.41 4.61
CA HIS C 127 62.16 27.23 4.00
C HIS C 127 62.15 26.00 3.06
N ILE C 128 61.59 24.87 3.52
CA ILE C 128 61.51 23.62 2.75
C ILE C 128 60.58 23.71 1.52
N TRP C 129 59.27 23.93 1.76
CA TRP C 129 58.22 23.92 0.73
C TRP C 129 58.09 25.14 -0.19
N ALA C 130 58.34 26.35 0.33
CA ALA C 130 58.22 27.57 -0.48
C ALA C 130 59.54 28.06 -1.10
N CYS C 131 60.68 27.47 -0.71
CA CYS C 131 61.99 27.88 -1.21
C CYS C 131 62.80 26.76 -1.85
N GLU C 132 63.07 25.68 -1.11
CA GLU C 132 63.85 24.53 -1.62
C GLU C 132 63.15 23.82 -2.77
N MET C 133 61.80 23.57 -2.62
CA MET C 133 60.96 22.91 -3.62
C MET C 133 60.95 23.60 -4.99
N PRO C 134 60.56 24.89 -5.10
CA PRO C 134 60.57 25.54 -6.42
C PRO C 134 61.95 25.56 -7.09
N LEU C 135 63.03 25.68 -6.27
CA LEU C 135 64.42 25.66 -6.74
C LEU C 135 64.77 24.29 -7.33
N LEU C 136 64.34 23.19 -6.67
CA LEU C 136 64.58 21.82 -7.12
C LEU C 136 63.85 21.54 -8.46
N THR C 137 62.63 22.07 -8.61
CA THR C 137 61.76 21.87 -9.78
C THR C 137 62.10 22.77 -10.97
N PHE C 138 62.25 24.08 -10.76
CA PHE C 138 62.49 25.05 -11.83
C PHE C 138 63.94 25.51 -12.05
N GLY C 139 64.84 25.21 -11.10
CA GLY C 139 66.23 25.61 -11.19
C GLY C 139 67.05 24.81 -12.17
N THR C 140 68.06 25.46 -12.78
CA THR C 140 68.98 24.81 -13.70
C THR C 140 69.97 23.98 -12.88
N GLU C 141 70.72 23.08 -13.54
CA GLU C 141 71.70 22.21 -12.85
C GLU C 141 72.70 23.01 -12.02
N GLU C 142 73.20 24.13 -12.56
CA GLU C 142 74.14 25.03 -11.89
C GLU C 142 73.51 25.79 -10.73
N GLN C 143 72.22 26.21 -10.87
CA GLN C 143 71.46 26.92 -9.83
C GLN C 143 71.20 25.98 -8.65
N LYS C 144 70.87 24.72 -8.94
CA LYS C 144 70.60 23.69 -7.94
C LYS C 144 71.89 23.29 -7.21
N GLU C 145 72.99 23.04 -7.97
CA GLU C 145 74.31 22.65 -7.44
C GLU C 145 74.91 23.72 -6.51
N LYS C 146 74.65 25.00 -6.80
CA LYS C 146 75.13 26.11 -5.97
C LYS C 146 74.30 26.35 -4.69
N TYR C 147 72.99 26.58 -4.87
CA TYR C 147 72.08 26.93 -3.81
C TYR C 147 71.44 25.80 -2.98
N LEU C 148 71.10 24.65 -3.61
CA LEU C 148 70.45 23.56 -2.89
C LEU C 148 71.28 22.92 -1.77
N PRO C 149 72.57 22.55 -1.98
CA PRO C 149 73.37 21.96 -0.89
C PRO C 149 73.54 22.89 0.31
N LEU C 150 73.56 24.19 0.08
CA LEU C 150 73.67 25.20 1.13
C LEU C 150 72.45 25.24 2.04
N LEU C 151 71.24 25.17 1.46
CA LEU C 151 69.98 25.20 2.21
C LEU C 151 69.80 23.91 3.02
N CYS C 152 70.20 22.78 2.41
CA CYS C 152 70.19 21.45 3.01
C CYS C 152 71.06 21.35 4.25
N ARG C 153 72.38 21.48 4.06
CA ARG C 153 73.36 21.31 5.13
C ARG C 153 74.28 22.49 5.44
N GLY C 154 74.28 23.54 4.62
CA GLY C 154 75.16 24.69 4.86
C GLY C 154 74.74 25.70 5.90
N GLY C 155 73.55 25.53 6.46
CA GLY C 155 73.03 26.45 7.46
C GLY C 155 72.48 27.72 6.87
N TRP C 156 72.27 27.72 5.54
CA TRP C 156 71.70 28.82 4.80
C TRP C 156 70.19 28.75 4.96
N ILE C 157 69.57 29.91 5.26
CA ILE C 157 68.13 30.03 5.45
C ILE C 157 67.54 30.76 4.26
N ALA C 158 66.35 30.35 3.85
CA ALA C 158 65.68 30.97 2.73
C ALA C 158 64.33 31.57 3.09
N SER C 159 63.97 32.65 2.38
CA SER C 159 62.72 33.38 2.51
C SER C 159 62.01 33.41 1.17
N HIS C 160 60.67 33.40 1.22
CA HIS C 160 59.78 33.47 0.08
C HIS C 160 59.05 34.80 0.19
N ALA C 161 59.40 35.76 -0.67
CA ALA C 161 58.78 37.10 -0.66
C ALA C 161 57.96 37.31 -1.93
N ALA C 162 56.63 37.13 -1.79
CA ALA C 162 55.67 37.26 -2.88
C ALA C 162 54.59 38.28 -2.54
N THR C 163 54.01 38.22 -1.32
CA THR C 163 52.93 39.12 -0.88
C THR C 163 53.35 40.60 -0.78
N GLU C 164 52.39 41.53 -1.02
CA GLU C 164 52.56 42.99 -0.98
C GLU C 164 51.33 43.68 -0.36
N PRO C 165 51.41 44.94 0.11
CA PRO C 165 50.23 45.59 0.73
C PRO C 165 48.95 45.64 -0.09
N GLN C 166 49.06 45.74 -1.43
CA GLN C 166 47.93 45.78 -2.37
C GLN C 166 47.80 44.45 -3.17
N ALA C 167 48.59 43.41 -2.79
CA ALA C 167 48.60 42.09 -3.43
C ALA C 167 48.87 40.95 -2.43
N GLY C 168 47.83 40.60 -1.68
CA GLY C 168 47.82 39.49 -0.73
C GLY C 168 47.12 38.31 -1.38
N SER C 169 45.78 38.32 -1.35
CA SER C 169 44.94 37.31 -2.00
C SER C 169 45.08 37.44 -3.53
N ASP C 170 45.04 38.71 -4.03
CA ASP C 170 45.20 39.05 -5.45
C ASP C 170 46.70 39.20 -5.76
N ILE C 171 47.41 38.06 -5.67
CA ILE C 171 48.85 37.94 -5.89
C ILE C 171 49.29 38.26 -7.33
N TYR C 172 48.39 38.07 -8.31
CA TYR C 172 48.66 38.36 -9.73
C TYR C 172 48.89 39.85 -9.97
N SER C 173 48.28 40.70 -9.12
CA SER C 173 48.37 42.15 -9.16
C SER C 173 49.62 42.73 -8.48
N LEU C 174 50.77 41.99 -8.53
CA LEU C 174 52.09 42.38 -7.99
C LEU C 174 52.57 43.65 -8.65
N LYS C 175 53.15 44.54 -7.87
CA LYS C 175 53.70 45.80 -8.35
C LYS C 175 55.23 45.79 -8.44
N THR C 176 55.92 44.90 -7.68
CA THR C 176 57.39 44.78 -7.68
C THR C 176 57.89 44.55 -9.11
N THR C 177 58.55 45.56 -9.68
CA THR C 177 59.05 45.51 -11.06
C THR C 177 60.50 45.07 -11.16
N ALA C 178 60.84 44.40 -12.27
CA ALA C 178 62.19 43.92 -12.58
C ALA C 178 62.56 44.36 -14.00
N GLN C 179 63.43 45.37 -14.12
CA GLN C 179 63.85 45.88 -15.43
C GLN C 179 65.21 45.36 -15.85
N LYS C 180 65.24 44.71 -17.01
CA LYS C 180 66.47 44.16 -17.59
C LYS C 180 67.41 45.24 -18.11
N ASP C 181 68.71 45.10 -17.81
CA ASP C 181 69.78 46.00 -18.23
C ASP C 181 70.99 45.15 -18.64
N GLY C 182 70.83 44.44 -19.76
CA GLY C 182 71.83 43.54 -20.31
C GLY C 182 71.83 42.22 -19.58
N ASP C 183 72.86 42.01 -18.73
CA ASP C 183 73.09 40.81 -17.91
C ASP C 183 72.41 40.88 -16.55
N LYS C 184 71.86 42.04 -16.19
CA LYS C 184 71.24 42.23 -14.88
C LYS C 184 69.78 42.66 -14.93
N TYR C 185 69.16 42.72 -13.74
CA TYR C 185 67.79 43.14 -13.53
C TYR C 185 67.77 44.13 -12.34
N ILE C 186 67.07 45.25 -12.49
CA ILE C 186 66.97 46.25 -11.42
C ILE C 186 65.56 46.07 -10.81
N LEU C 187 65.52 45.59 -9.55
CA LEU C 187 64.29 45.32 -8.81
C LEU C 187 63.92 46.44 -7.85
N ASN C 188 62.64 46.84 -7.92
CA ASN C 188 62.06 47.88 -7.09
C ASN C 188 60.66 47.45 -6.66
N GLY C 189 60.40 47.57 -5.36
CA GLY C 189 59.12 47.21 -4.78
C GLY C 189 59.14 47.08 -3.27
N TYR C 190 58.00 46.69 -2.72
CA TYR C 190 57.83 46.50 -1.28
C TYR C 190 57.08 45.20 -1.03
N LYS C 191 57.65 44.35 -0.17
CA LYS C 191 57.07 43.06 0.18
C LYS C 191 56.81 42.99 1.69
N HIS C 192 55.53 42.93 2.10
CA HIS C 192 55.24 42.80 3.52
C HIS C 192 55.11 41.33 3.88
N TYR C 193 55.29 40.96 5.16
CA TYR C 193 55.29 39.55 5.63
C TYR C 193 56.30 38.66 4.88
N VAL C 194 57.55 38.63 5.36
CA VAL C 194 58.63 37.82 4.78
C VAL C 194 59.18 36.89 5.87
N THR C 195 58.58 35.68 6.02
CA THR C 195 59.02 34.70 7.01
C THR C 195 60.52 34.41 6.83
N ASN C 196 61.29 34.49 7.94
CA ASN C 196 62.75 34.27 8.02
C ASN C 196 63.62 35.41 7.44
N GLY C 197 62.99 36.49 6.98
CA GLY C 197 63.63 37.64 6.36
C GLY C 197 64.86 38.19 7.07
N THR C 198 64.75 38.41 8.40
CA THR C 198 65.85 38.95 9.22
C THR C 198 67.03 37.98 9.44
N ILE C 199 66.86 36.70 9.10
CA ILE C 199 67.88 35.65 9.28
C ILE C 199 68.23 34.89 7.97
N ALA C 200 67.53 35.21 6.87
CA ALA C 200 67.72 34.56 5.56
C ALA C 200 69.01 34.93 4.86
N ASP C 201 69.56 33.97 4.13
CA ASP C 201 70.79 34.09 3.34
C ASP C 201 70.46 34.23 1.86
N LEU C 202 69.30 33.66 1.45
CA LEU C 202 68.80 33.71 0.07
C LEU C 202 67.29 34.06 0.07
N PHE C 203 66.92 34.97 -0.82
CA PHE C 203 65.55 35.46 -0.96
C PHE C 203 64.94 35.03 -2.29
N ILE C 204 63.78 34.33 -2.24
CA ILE C 204 63.03 33.91 -3.41
C ILE C 204 61.97 35.03 -3.63
N ILE C 205 62.18 35.87 -4.64
CA ILE C 205 61.36 37.05 -4.92
C ILE C 205 60.54 36.95 -6.20
N PHE C 206 59.25 37.26 -6.07
CA PHE C 206 58.29 37.26 -7.17
C PHE C 206 58.06 38.69 -7.65
N ALA C 207 58.54 38.99 -8.86
CA ALA C 207 58.47 40.31 -9.48
C ALA C 207 57.83 40.25 -10.88
N THR C 208 57.68 41.42 -11.55
CA THR C 208 57.11 41.51 -12.90
C THR C 208 58.04 42.26 -13.87
N ILE C 209 58.20 41.74 -15.08
CA ILE C 209 59.02 42.39 -16.11
C ILE C 209 58.29 43.56 -16.76
N ASP C 210 56.96 43.45 -16.89
CA ASP C 210 56.05 44.46 -17.44
C ASP C 210 54.66 44.30 -16.79
N PRO C 211 54.20 45.25 -15.95
CA PRO C 211 52.88 45.12 -15.29
C PRO C 211 51.68 45.02 -16.23
N SER C 212 51.84 45.46 -17.51
CA SER C 212 50.79 45.40 -18.53
C SER C 212 50.48 43.96 -18.91
N LEU C 213 51.46 43.05 -18.77
CA LEU C 213 51.30 41.65 -19.12
C LEU C 213 50.46 40.88 -18.09
N GLY C 214 50.43 41.39 -16.85
CA GLY C 214 49.71 40.76 -15.76
C GLY C 214 50.34 39.45 -15.36
N LYS C 215 49.54 38.35 -15.37
CA LYS C 215 49.93 36.97 -15.03
C LYS C 215 51.12 36.50 -15.86
N GLU C 216 51.15 36.88 -17.15
CA GLU C 216 52.21 36.51 -18.09
C GLU C 216 53.52 37.28 -17.87
N GLY C 217 53.50 38.30 -17.02
CA GLY C 217 54.68 39.11 -16.73
C GLY C 217 55.48 38.72 -15.50
N LEU C 218 54.87 37.85 -14.63
CA LEU C 218 55.44 37.36 -13.37
C LEU C 218 56.73 36.56 -13.58
N THR C 219 57.82 36.95 -12.84
CA THR C 219 59.15 36.32 -12.93
C THR C 219 59.76 36.20 -11.52
N THR C 220 60.51 35.10 -11.26
CA THR C 220 61.16 34.84 -9.98
C THR C 220 62.66 35.14 -10.03
N PHE C 221 63.20 35.67 -8.92
CA PHE C 221 64.61 36.01 -8.76
C PHE C 221 65.15 35.54 -7.42
N MET C 222 66.40 35.05 -7.41
CA MET C 222 67.08 34.58 -6.20
C MET C 222 68.13 35.61 -5.83
N ILE C 223 67.87 36.38 -4.75
CA ILE C 223 68.77 37.43 -4.30
C ILE C 223 69.42 37.05 -2.98
N GLU C 224 70.77 37.07 -2.93
CA GLU C 224 71.53 36.77 -1.72
C GLU C 224 71.39 37.92 -0.71
N LYS C 225 71.52 37.57 0.57
CA LYS C 225 71.46 38.49 1.71
C LYS C 225 72.49 39.61 1.57
N ASP C 226 72.13 40.80 2.04
CA ASP C 226 72.97 42.00 2.01
C ASP C 226 73.46 42.37 0.60
N THR C 227 72.53 42.42 -0.36
CA THR C 227 72.80 42.87 -1.72
C THR C 227 72.40 44.34 -1.66
N PRO C 228 73.23 45.28 -2.17
CA PRO C 228 72.85 46.71 -2.13
C PRO C 228 71.46 46.95 -2.74
N GLY C 229 70.55 47.47 -1.91
CA GLY C 229 69.16 47.73 -2.28
C GLY C 229 68.13 46.86 -1.59
N LEU C 230 68.56 45.81 -0.86
CA LEU C 230 67.72 44.86 -0.12
C LEU C 230 67.58 45.33 1.36
N ILE C 231 66.50 46.06 1.67
CA ILE C 231 66.21 46.66 2.99
C ILE C 231 65.18 45.88 3.80
N LEU C 232 65.55 45.49 5.03
CA LEU C 232 64.69 44.74 5.94
C LEU C 232 64.35 45.54 7.19
N SER C 233 63.12 45.37 7.68
CA SER C 233 62.65 46.02 8.90
C SER C 233 62.89 45.10 10.08
N LYS C 234 62.51 45.54 11.29
CA LYS C 234 62.59 44.72 12.49
C LYS C 234 61.44 43.68 12.39
N PRO C 235 61.58 42.46 12.96
CA PRO C 235 60.47 41.50 12.86
C PRO C 235 59.19 42.04 13.52
N ILE C 236 58.06 41.95 12.82
CA ILE C 236 56.77 42.45 13.29
C ILE C 236 56.19 41.55 14.40
N SER C 237 55.68 42.18 15.48
CA SER C 237 55.06 41.52 16.63
C SER C 237 53.67 41.02 16.25
N LYS C 238 53.37 39.76 16.58
CA LYS C 238 52.10 39.11 16.25
C LYS C 238 51.55 38.26 17.41
N MET C 239 50.29 37.83 17.31
CA MET C 239 49.56 37.03 18.30
C MET C 239 50.33 35.79 18.74
N GLY C 240 50.59 34.89 17.79
CA GLY C 240 51.35 33.66 17.99
C GLY C 240 52.46 33.58 16.96
N MET C 241 53.10 32.39 16.86
CA MET C 241 54.24 32.12 15.96
C MET C 241 55.37 33.16 16.20
N ARG C 242 55.48 33.65 17.47
CA ARG C 242 56.41 34.66 17.96
C ARG C 242 57.88 34.24 17.91
N THR C 243 58.14 32.92 17.78
CA THR C 243 59.46 32.33 17.69
C THR C 243 59.90 32.18 16.22
N ALA C 244 59.11 32.79 15.30
CA ALA C 244 59.38 32.85 13.87
C ALA C 244 59.48 34.33 13.49
N GLU C 245 60.59 34.72 12.85
CA GLU C 245 60.83 36.11 12.48
C GLU C 245 60.15 36.50 11.16
N VAL C 246 59.22 37.47 11.24
CA VAL C 246 58.45 37.94 10.10
C VAL C 246 58.55 39.46 9.90
N PRO C 247 59.63 39.95 9.25
CA PRO C 247 59.74 41.41 9.00
C PRO C 247 59.17 41.82 7.64
N GLU C 248 59.37 43.10 7.27
CA GLU C 248 58.96 43.68 6.00
C GLU C 248 60.21 43.81 5.13
N LEU C 249 60.03 43.80 3.80
CA LEU C 249 61.13 43.92 2.85
C LEU C 249 60.87 45.02 1.83
N ARG C 250 61.93 45.78 1.52
CA ARG C 250 61.90 46.87 0.54
C ARG C 250 63.08 46.69 -0.42
N LEU C 251 62.82 46.84 -1.71
CA LEU C 251 63.83 46.73 -2.74
C LEU C 251 63.99 48.09 -3.41
N GLU C 252 65.17 48.70 -3.26
CA GLU C 252 65.50 50.00 -3.84
C GLU C 252 66.65 49.83 -4.83
N ASN C 253 66.31 49.67 -6.12
CA ASN C 253 67.25 49.46 -7.23
C ASN C 253 68.19 48.28 -6.93
N CYS C 254 67.60 47.15 -6.54
CA CYS C 254 68.30 45.92 -6.21
C CYS C 254 68.78 45.26 -7.49
N GLU C 255 70.09 45.14 -7.65
CA GLU C 255 70.66 44.53 -8.83
C GLU C 255 70.88 43.03 -8.66
N VAL C 256 70.41 42.26 -9.64
CA VAL C 256 70.53 40.80 -9.66
C VAL C 256 70.89 40.31 -11.07
N SER C 257 71.83 39.34 -11.16
CA SER C 257 72.26 38.75 -12.43
C SER C 257 71.16 37.90 -13.06
N ALA C 258 71.16 37.81 -14.39
CA ALA C 258 70.19 37.00 -15.15
C ALA C 258 70.37 35.49 -14.86
N ALA C 259 71.55 35.13 -14.32
CA ALA C 259 71.91 33.76 -13.93
C ALA C 259 71.16 33.35 -12.67
N ASN C 260 70.81 34.33 -11.81
CA ASN C 260 70.09 34.10 -10.55
C ASN C 260 68.56 34.21 -10.68
N ARG C 261 68.07 34.32 -11.92
CA ARG C 261 66.65 34.37 -12.24
C ARG C 261 66.14 32.92 -12.35
N LEU C 262 65.19 32.56 -11.48
CA LEU C 262 64.60 31.21 -11.44
C LEU C 262 63.58 31.09 -12.58
N GLY C 263 63.87 30.19 -13.53
CA GLY C 263 63.06 29.96 -14.71
C GLY C 263 63.17 31.08 -15.73
N GLU C 264 62.43 30.95 -16.84
CA GLU C 264 62.41 31.96 -17.90
C GLU C 264 61.51 33.14 -17.51
N GLU C 265 61.55 34.24 -18.30
CA GLU C 265 60.71 35.42 -18.09
C GLU C 265 59.25 34.99 -18.32
N GLY C 266 58.40 35.24 -17.33
CA GLY C 266 56.99 34.90 -17.39
C GLY C 266 56.61 33.58 -16.74
N THR C 267 57.60 32.80 -16.25
CA THR C 267 57.38 31.50 -15.59
C THR C 267 56.99 31.64 -14.10
N GLY C 268 57.13 32.85 -13.53
CA GLY C 268 56.82 33.16 -12.14
C GLY C 268 55.49 32.64 -11.62
N LEU C 269 54.44 32.65 -12.46
CA LEU C 269 53.10 32.17 -12.12
C LEU C 269 53.12 30.64 -11.88
N ALA C 270 53.75 29.88 -12.81
CA ALA C 270 53.90 28.43 -12.74
C ALA C 270 54.71 28.05 -11.50
N ILE C 271 55.71 28.86 -11.14
CA ILE C 271 56.58 28.66 -9.97
C ILE C 271 55.82 28.90 -8.67
N PHE C 272 55.00 29.95 -8.64
CA PHE C 272 54.17 30.29 -7.48
C PHE C 272 53.09 29.22 -7.24
N ASN C 273 52.38 28.80 -8.31
CA ASN C 273 51.31 27.80 -8.24
C ASN C 273 51.82 26.44 -7.80
N HIS C 274 53.06 26.11 -8.19
CA HIS C 274 53.75 24.89 -7.79
C HIS C 274 54.13 24.97 -6.33
N SER C 275 54.73 26.11 -5.89
CA SER C 275 55.14 26.34 -4.51
C SER C 275 53.95 26.38 -3.53
N MET C 276 52.73 26.83 -3.98
CA MET C 276 51.48 26.82 -3.19
C MET C 276 50.97 25.43 -2.98
N GLU C 277 51.12 24.61 -3.99
CA GLU C 277 50.69 23.23 -3.96
C GLU C 277 51.43 22.46 -2.85
N TRP C 278 52.75 22.67 -2.74
CA TRP C 278 53.62 22.05 -1.73
C TRP C 278 53.40 22.67 -0.37
N GLU C 279 53.32 24.01 -0.31
CA GLU C 279 53.09 24.78 0.91
C GLU C 279 51.76 24.39 1.59
N ARG C 280 50.62 24.58 0.90
CA ARG C 280 49.27 24.27 1.41
C ARG C 280 49.12 22.85 1.93
N GLY C 281 49.65 21.90 1.17
CA GLY C 281 49.58 20.50 1.53
C GLY C 281 50.46 20.05 2.67
N PHE C 282 51.64 20.66 2.82
CA PHE C 282 52.64 20.18 3.79
C PHE C 282 53.02 21.05 4.97
N ILE C 283 52.73 22.37 4.94
CA ILE C 283 53.05 23.30 6.03
C ILE C 283 52.32 22.94 7.35
N LEU C 284 51.15 22.28 7.23
CA LEU C 284 50.32 21.86 8.35
C LEU C 284 50.41 20.38 8.71
N ALA C 285 51.40 19.66 8.14
CA ALA C 285 51.64 18.26 8.42
C ALA C 285 51.98 18.06 9.90
N ALA C 286 52.80 18.97 10.46
CA ALA C 286 53.22 18.97 11.85
C ALA C 286 52.09 19.37 12.79
N ALA C 287 51.15 20.22 12.31
CA ALA C 287 49.98 20.70 13.06
C ALA C 287 49.09 19.52 13.47
N VAL C 288 49.02 18.47 12.61
CA VAL C 288 48.29 17.21 12.84
C VAL C 288 48.92 16.50 14.07
N GLY C 289 50.25 16.57 14.18
CA GLY C 289 51.01 16.01 15.30
C GLY C 289 50.72 16.73 16.60
N THR C 290 50.63 18.08 16.54
CA THR C 290 50.30 18.98 17.65
C THR C 290 48.89 18.64 18.16
N MET C 291 47.95 18.39 17.22
CA MET C 291 46.56 18.03 17.51
C MET C 291 46.50 16.70 18.26
N GLU C 292 47.38 15.73 17.90
CA GLU C 292 47.49 14.43 18.56
C GLU C 292 47.99 14.60 20.00
N ARG C 293 48.98 15.50 20.22
CA ARG C 293 49.55 15.77 21.54
C ARG C 293 48.50 16.41 22.47
N LEU C 294 47.74 17.40 21.99
CA LEU C 294 46.71 18.08 22.78
C LEU C 294 45.52 17.18 23.10
N LEU C 295 45.22 16.21 22.23
CA LEU C 295 44.13 15.25 22.48
C LEU C 295 44.50 14.37 23.66
N GLU C 296 45.72 13.77 23.64
CA GLU C 296 46.18 12.89 24.72
C GLU C 296 46.38 13.64 26.04
N GLN C 297 46.80 14.91 25.95
CA GLN C 297 46.98 15.78 27.11
C GLN C 297 45.62 16.10 27.75
N SER C 298 44.60 16.31 26.91
CA SER C 298 43.24 16.63 27.36
C SER C 298 42.53 15.41 27.93
N ILE C 299 42.76 14.19 27.34
CA ILE C 299 42.21 12.92 27.86
C ILE C 299 42.77 12.71 29.27
N ARG C 300 44.11 12.83 29.44
CA ARG C 300 44.78 12.71 30.73
C ARG C 300 44.13 13.64 31.78
N TYR C 301 43.88 14.93 31.42
CA TYR C 301 43.25 15.90 32.32
C TYR C 301 41.77 15.56 32.62
N ALA C 302 41.02 15.10 31.60
CA ALA C 302 39.61 14.72 31.76
C ALA C 302 39.44 13.49 32.66
N ARG C 303 40.47 12.63 32.74
CA ARG C 303 40.52 11.44 33.58
C ARG C 303 41.05 11.77 34.97
N SER C 304 42.04 12.68 35.08
CA SER C 304 42.67 13.11 36.32
C SER C 304 41.84 14.11 37.12
N HIS C 305 41.43 15.23 36.49
CA HIS C 305 40.69 16.27 37.19
C HIS C 305 39.31 15.86 37.60
N LYS C 306 38.99 16.04 38.90
CA LYS C 306 37.71 15.68 39.50
C LYS C 306 36.90 16.87 39.98
N GLN C 307 35.57 16.77 39.82
CA GLN C 307 34.56 17.76 40.25
C GLN C 307 33.24 17.02 40.45
N PHE C 308 32.49 17.37 41.51
CA PHE C 308 31.20 16.74 41.90
C PHE C 308 31.36 15.23 42.21
N GLY C 309 32.51 14.86 42.77
CA GLY C 309 32.84 13.49 43.17
C GLY C 309 33.24 12.53 42.07
N GLN C 310 33.48 13.04 40.85
CA GLN C 310 33.90 12.21 39.72
C GLN C 310 34.83 12.96 38.76
N ALA C 311 35.52 12.21 37.87
CA ALA C 311 36.37 12.79 36.83
C ALA C 311 35.49 13.60 35.89
N ILE C 312 35.98 14.76 35.41
CA ILE C 312 35.25 15.64 34.49
C ILE C 312 34.81 14.91 33.19
N GLY C 313 35.63 13.97 32.71
CA GLY C 313 35.34 13.15 31.54
C GLY C 313 34.10 12.28 31.66
N LYS C 314 33.57 12.12 32.89
CA LYS C 314 32.35 11.36 33.15
C LYS C 314 31.10 12.17 32.79
N PHE C 315 31.26 13.52 32.61
CA PHE C 315 30.20 14.41 32.17
C PHE C 315 30.29 14.45 30.64
N GLN C 316 29.17 14.15 29.96
CA GLN C 316 29.09 14.06 28.48
C GLN C 316 29.48 15.33 27.73
N LEU C 317 29.29 16.52 28.34
CA LEU C 317 29.68 17.77 27.69
C LEU C 317 31.19 17.94 27.58
N VAL C 318 31.94 17.30 28.50
CA VAL C 318 33.40 17.30 28.52
C VAL C 318 33.91 16.21 27.57
N ALA C 319 33.41 14.97 27.69
CA ALA C 319 33.77 13.85 26.80
C ALA C 319 33.50 14.14 25.33
N ASN C 320 32.39 14.81 24.99
CA ASN C 320 32.06 15.14 23.59
C ASN C 320 33.12 16.01 22.91
N LYS C 321 33.77 16.95 23.68
CA LYS C 321 34.87 17.79 23.19
C LYS C 321 36.07 16.94 22.75
N LEU C 322 36.30 15.81 23.41
CA LEU C 322 37.38 14.88 23.09
C LEU C 322 37.01 14.01 21.92
N VAL C 323 35.71 13.68 21.79
CA VAL C 323 35.15 12.91 20.68
C VAL C 323 35.30 13.77 19.41
N GLU C 324 35.00 15.09 19.50
CA GLU C 324 35.16 16.04 18.39
C GLU C 324 36.63 16.21 18.00
N MET C 325 37.53 16.25 19.00
CA MET C 325 38.97 16.33 18.81
C MET C 325 39.49 15.10 18.08
N LYS C 326 38.95 13.91 18.41
CA LYS C 326 39.29 12.62 17.78
C LYS C 326 38.85 12.57 16.32
N LEU C 327 37.58 12.95 16.03
CA LEU C 327 37.03 13.00 14.68
C LEU C 327 37.87 13.92 13.78
N ARG C 328 38.20 15.14 14.27
CA ARG C 328 39.01 16.12 13.56
C ARG C 328 40.42 15.63 13.27
N LEU C 329 41.06 14.95 14.25
CA LEU C 329 42.41 14.40 14.12
C LEU C 329 42.49 13.36 12.99
N GLU C 330 41.50 12.46 12.93
CA GLU C 330 41.44 11.39 11.92
C GLU C 330 41.16 11.95 10.53
N ASN C 331 40.37 13.03 10.44
CA ASN C 331 40.04 13.72 9.19
C ASN C 331 41.27 14.48 8.66
N ALA C 332 42.02 15.13 9.58
CA ALA C 332 43.26 15.87 9.27
C ALA C 332 44.31 14.91 8.66
N LYS C 333 44.44 13.70 9.26
CA LYS C 333 45.35 12.66 8.79
C LYS C 333 44.97 12.24 7.37
N ALA C 334 43.66 12.06 7.10
CA ALA C 334 43.14 11.68 5.80
C ALA C 334 43.47 12.72 4.71
N TYR C 335 43.30 14.02 5.01
CA TYR C 335 43.60 15.09 4.05
C TYR C 335 45.07 15.18 3.75
N LEU C 336 45.91 15.01 4.80
CA LEU C 336 47.36 15.07 4.70
C LEU C 336 47.93 13.90 3.88
N TYR C 337 47.46 12.69 4.15
CA TYR C 337 47.95 11.50 3.47
C TYR C 337 47.50 11.33 2.03
N LYS C 338 46.39 11.97 1.65
CA LYS C 338 45.91 11.95 0.26
C LYS C 338 46.86 12.79 -0.61
N VAL C 339 47.17 14.02 -0.16
CA VAL C 339 48.10 14.97 -0.84
C VAL C 339 49.49 14.35 -0.96
N ALA C 340 49.99 13.79 0.15
CA ALA C 340 51.28 13.12 0.23
C ALA C 340 51.38 12.00 -0.81
N TRP C 341 50.32 11.18 -0.96
CA TRP C 341 50.26 10.09 -1.92
C TRP C 341 50.27 10.62 -3.35
N MET C 342 49.35 11.56 -3.65
CA MET C 342 49.23 12.19 -4.97
C MET C 342 50.54 12.78 -5.49
N LYS C 343 51.22 13.65 -4.64
CA LYS C 343 52.49 14.28 -4.97
C LYS C 343 53.64 13.28 -5.15
N GLU C 344 53.58 12.14 -4.39
CA GLU C 344 54.56 11.06 -4.50
C GLU C 344 54.35 10.39 -5.88
N ASN C 345 53.08 10.20 -6.30
CA ASN C 345 52.71 9.61 -7.58
C ASN C 345 52.72 10.64 -8.74
N LYS C 346 53.51 11.73 -8.56
CA LYS C 346 53.76 12.82 -9.51
C LYS C 346 52.50 13.44 -10.15
N GLN C 347 51.40 13.57 -9.37
CA GLN C 347 50.11 14.14 -9.80
C GLN C 347 49.94 15.60 -9.34
N MET C 348 49.14 16.40 -10.09
CA MET C 348 48.87 17.80 -9.76
C MET C 348 47.79 17.77 -8.67
N ALA C 349 48.12 18.20 -7.46
CA ALA C 349 47.22 18.17 -6.31
C ALA C 349 46.91 19.51 -5.64
N LEU C 350 46.65 20.57 -6.44
CA LEU C 350 46.31 21.90 -5.90
C LEU C 350 44.96 21.90 -5.18
N LEU C 351 43.98 21.14 -5.72
CA LEU C 351 42.67 21.01 -5.11
C LEU C 351 42.77 20.30 -3.76
N GLU C 352 43.52 19.19 -3.72
CA GLU C 352 43.70 18.40 -2.52
C GLU C 352 44.50 19.12 -1.45
N ALA C 353 45.49 19.93 -1.86
CA ALA C 353 46.34 20.73 -0.96
C ALA C 353 45.52 21.86 -0.33
N SER C 354 44.61 22.47 -1.12
CA SER C 354 43.71 23.55 -0.69
C SER C 354 42.69 23.02 0.32
N MET C 355 42.14 21.81 0.08
CA MET C 355 41.18 21.16 0.97
C MET C 355 41.85 20.80 2.30
N ALA C 356 43.12 20.34 2.23
CA ALA C 356 43.93 19.98 3.39
C ALA C 356 44.22 21.21 4.26
N ASN C 357 44.75 22.30 3.65
CA ASN C 357 45.07 23.54 4.35
C ASN C 357 43.81 24.19 4.98
N LEU C 358 42.67 24.19 4.26
CA LEU C 358 41.40 24.73 4.75
C LEU C 358 40.89 23.93 5.94
N TYR C 359 40.85 22.58 5.81
CA TYR C 359 40.37 21.72 6.90
C TYR C 359 41.24 21.76 8.15
N ILE C 360 42.55 21.44 8.01
CA ILE C 360 43.53 21.37 9.11
C ILE C 360 43.72 22.69 9.88
N SER C 361 43.70 23.85 9.19
CA SER C 361 43.86 25.13 9.85
C SER C 361 42.70 25.45 10.80
N GLU C 362 41.47 25.15 10.37
CA GLU C 362 40.26 25.36 11.17
C GLU C 362 40.11 24.31 12.25
N ALA C 363 40.46 23.05 11.92
CA ALA C 363 40.41 21.92 12.84
C ALA C 363 41.35 22.18 14.02
N TRP C 364 42.57 22.68 13.72
CA TRP C 364 43.57 23.00 14.73
C TRP C 364 43.07 24.09 15.70
N VAL C 365 42.60 25.23 15.18
CA VAL C 365 42.09 26.36 16.01
C VAL C 365 40.97 25.87 16.95
N GLN C 366 39.99 25.13 16.41
CA GLN C 366 38.85 24.56 17.12
C GLN C 366 39.26 23.58 18.23
N SER C 367 40.20 22.65 17.94
CA SER C 367 40.71 21.68 18.90
C SER C 367 41.50 22.35 20.01
N CYS C 368 42.25 23.42 19.68
CA CYS C 368 43.03 24.26 20.61
C CYS C 368 42.11 24.96 21.58
N LEU C 369 40.99 25.51 21.08
CA LEU C 369 39.95 26.21 21.83
C LEU C 369 39.29 25.25 22.84
N GLU C 370 38.99 24.01 22.40
CA GLU C 370 38.37 22.95 23.20
C GLU C 370 39.31 22.42 24.29
N ALA C 371 40.63 22.31 24.00
CA ALA C 371 41.65 21.89 24.98
C ALA C 371 41.70 22.88 26.15
N ILE C 372 41.59 24.19 25.86
CA ILE C 372 41.55 25.26 26.87
C ILE C 372 40.23 25.13 27.67
N GLU C 373 39.10 24.81 26.97
CA GLU C 373 37.79 24.64 27.61
C GLU C 373 37.77 23.49 28.61
N ILE C 374 38.32 22.31 28.23
CA ILE C 374 38.44 21.10 29.08
C ILE C 374 39.19 21.41 30.39
N HIS C 375 40.28 22.22 30.31
CA HIS C 375 41.09 22.63 31.45
C HIS C 375 40.46 23.74 32.32
N GLY C 376 39.42 24.40 31.82
CA GLY C 376 38.74 25.47 32.54
C GLY C 376 39.59 26.72 32.60
N ALA C 377 39.51 27.48 33.71
CA ALA C 377 40.31 28.70 33.92
C ALA C 377 41.80 28.40 33.88
N TYR C 378 42.17 27.16 34.29
CA TYR C 378 43.53 26.63 34.31
C TYR C 378 44.16 26.69 32.90
N GLY C 379 43.35 26.41 31.87
CA GLY C 379 43.78 26.45 30.47
C GLY C 379 44.00 27.83 29.89
N TYR C 380 43.61 28.89 30.65
CA TYR C 380 43.73 30.30 30.27
C TYR C 380 45.01 30.96 30.83
N LEU C 381 45.73 30.26 31.72
CA LEU C 381 46.96 30.72 32.35
C LEU C 381 48.17 30.50 31.45
N THR C 382 49.11 31.46 31.44
CA THR C 382 50.34 31.41 30.64
C THR C 382 51.19 30.14 30.87
N ASN C 383 51.43 29.80 32.15
CA ASN C 383 52.25 28.67 32.56
C ASN C 383 51.72 27.28 32.16
N THR C 384 50.43 27.18 31.78
CA THR C 384 49.83 25.91 31.33
C THR C 384 50.34 25.56 29.90
N GLU C 385 50.52 26.60 29.05
CA GLU C 385 51.01 26.58 27.65
C GLU C 385 49.96 26.24 26.57
N LEU C 386 48.71 25.95 26.98
CA LEU C 386 47.65 25.62 26.02
C LEU C 386 47.19 26.85 25.27
N GLU C 387 47.30 28.03 25.91
CA GLU C 387 46.92 29.33 25.36
C GLU C 387 47.80 29.68 24.16
N ARG C 388 49.12 29.45 24.25
CA ARG C 388 50.09 29.70 23.18
C ARG C 388 49.73 28.86 21.95
N GLU C 389 49.34 27.58 22.18
CA GLU C 389 48.93 26.64 21.14
C GLU C 389 47.84 27.25 20.26
N LEU C 390 46.80 27.87 20.89
CA LEU C 390 45.70 28.53 20.16
C LEU C 390 46.19 29.75 19.39
N ARG C 391 47.02 30.62 20.04
CA ARG C 391 47.60 31.82 19.44
C ARG C 391 48.39 31.46 18.16
N ASP C 392 49.15 30.35 18.20
CA ASP C 392 49.95 29.86 17.08
C ASP C 392 49.06 29.31 15.97
N ALA C 393 48.00 28.54 16.35
CA ALA C 393 47.03 27.91 15.44
C ALA C 393 46.33 28.90 14.51
N ILE C 394 46.01 30.12 14.98
CA ILE C 394 45.33 31.15 14.19
C ILE C 394 46.10 31.53 12.92
N ALA C 395 47.43 31.67 13.03
CA ALA C 395 48.32 32.02 11.91
C ALA C 395 48.05 31.20 10.64
N SER C 396 47.77 29.88 10.82
CA SER C 396 47.49 28.92 9.75
C SER C 396 46.30 29.30 8.87
N LYS C 397 45.41 30.16 9.39
CA LYS C 397 44.22 30.66 8.70
C LYS C 397 44.57 31.81 7.77
N PHE C 398 45.83 32.31 7.83
CA PHE C 398 46.34 33.44 7.03
C PHE C 398 47.51 33.10 6.13
N TYR C 399 48.53 32.37 6.63
CA TYR C 399 49.62 31.97 5.75
C TYR C 399 49.17 30.83 4.84
N SER C 400 49.80 30.71 3.65
CA SER C 400 49.47 29.73 2.59
C SER C 400 48.10 30.03 1.93
N GLY C 401 47.55 31.21 2.25
CA GLY C 401 46.25 31.66 1.78
C GLY C 401 45.19 31.57 2.85
N THR C 402 44.21 32.49 2.83
CA THR C 402 43.13 32.53 3.80
C THR C 402 42.13 31.41 3.53
N SER C 403 41.29 31.07 4.55
CA SER C 403 40.22 30.06 4.46
C SER C 403 39.26 30.35 3.29
N GLU C 404 38.93 31.65 3.10
CA GLU C 404 38.06 32.15 2.03
C GLU C 404 38.66 31.89 0.63
N ILE C 405 39.97 32.12 0.47
CA ILE C 405 40.72 31.91 -0.77
C ILE C 405 40.68 30.45 -1.18
N GLN C 406 40.94 29.53 -0.22
CA GLN C 406 40.89 28.08 -0.44
C GLN C 406 39.51 27.67 -0.94
N ARG C 407 38.44 28.18 -0.29
CA ARG C 407 37.04 27.95 -0.66
C ARG C 407 36.78 28.38 -2.11
N VAL C 408 37.29 29.57 -2.49
CA VAL C 408 37.19 30.11 -3.85
C VAL C 408 37.93 29.17 -4.84
N VAL C 409 39.14 28.70 -4.47
CA VAL C 409 39.97 27.78 -5.26
C VAL C 409 39.21 26.45 -5.48
N ILE C 410 38.63 25.89 -4.39
CA ILE C 410 37.87 24.63 -4.44
C ILE C 410 36.65 24.79 -5.38
N ALA C 411 35.90 25.89 -5.25
CA ALA C 411 34.74 26.20 -6.10
C ALA C 411 35.10 26.22 -7.61
N LYS C 412 36.29 26.78 -7.96
CA LYS C 412 36.77 26.85 -9.34
C LYS C 412 37.05 25.44 -9.89
N PHE C 413 37.67 24.57 -9.07
CA PHE C 413 37.94 23.17 -9.41
C PHE C 413 36.66 22.35 -9.61
N LEU C 414 35.55 22.77 -8.95
CA LEU C 414 34.23 22.14 -9.06
C LEU C 414 33.55 22.52 -10.36
N GLY C 415 34.02 23.60 -10.97
CA GLY C 415 33.52 24.07 -12.25
C GLY C 415 32.79 25.40 -12.23
N LEU C 416 32.68 26.02 -11.05
CA LEU C 416 32.04 27.32 -10.82
C LEU C 416 33.07 28.46 -11.08
N ALA D 39 13.31 51.97 22.38
CA ALA D 39 12.51 52.22 23.59
C ALA D 39 13.25 53.08 24.64
N TRP D 40 14.45 53.60 24.29
CA TRP D 40 15.26 54.44 25.19
C TRP D 40 14.85 55.92 25.05
N ASN D 41 14.67 56.61 26.19
CA ASN D 41 14.28 58.02 26.25
C ASN D 41 15.50 58.95 26.01
N SER D 42 15.25 60.28 25.83
CA SER D 42 16.26 61.33 25.64
C SER D 42 17.34 61.35 26.71
N GLN D 43 16.95 61.16 28.00
CA GLN D 43 17.83 61.14 29.17
C GLN D 43 18.83 59.98 29.05
N GLN D 44 18.33 58.80 28.64
CA GLN D 44 19.08 57.55 28.47
C GLN D 44 20.07 57.63 27.28
N ILE D 45 19.63 58.21 26.14
CA ILE D 45 20.46 58.42 24.93
C ILE D 45 21.63 59.36 25.28
N GLN D 46 21.30 60.52 25.90
CA GLN D 46 22.26 61.55 26.29
C GLN D 46 23.27 61.09 27.32
N PHE D 47 22.83 60.31 28.34
CA PHE D 47 23.73 59.81 29.38
C PHE D 47 24.75 58.82 28.84
N ARG D 48 24.31 57.88 27.97
CA ARG D 48 25.21 56.91 27.33
C ARG D 48 26.21 57.67 26.45
N LYS D 49 25.74 58.66 25.67
CA LYS D 49 26.56 59.50 24.81
C LYS D 49 27.63 60.23 25.65
N LYS D 50 27.26 60.65 26.87
CA LYS D 50 28.15 61.31 27.82
C LYS D 50 29.21 60.32 28.34
N VAL D 51 28.81 59.05 28.59
CA VAL D 51 29.71 57.96 29.03
C VAL D 51 30.78 57.69 27.93
N ILE D 52 30.34 57.46 26.67
CA ILE D 52 31.19 57.22 25.49
C ILE D 52 32.23 58.34 25.35
N GLN D 53 31.77 59.60 25.35
CA GLN D 53 32.64 60.78 25.23
C GLN D 53 33.69 60.80 26.34
N PHE D 54 33.28 60.53 27.62
CA PHE D 54 34.16 60.47 28.79
C PHE D 54 35.24 59.40 28.60
N ALA D 55 34.82 58.19 28.18
CA ALA D 55 35.70 57.03 27.94
C ALA D 55 36.66 57.26 26.78
N GLN D 56 36.20 57.95 25.72
CA GLN D 56 37.00 58.25 24.53
C GLN D 56 38.00 59.38 24.77
N GLN D 57 37.67 60.34 25.67
CA GLN D 57 38.53 61.50 25.94
C GLN D 57 39.44 61.39 27.16
N SER D 58 38.89 60.99 28.32
CA SER D 58 39.67 60.91 29.55
C SER D 58 40.09 59.53 30.04
N LEU D 59 40.07 58.50 29.18
CA LEU D 59 40.51 57.15 29.57
C LEU D 59 41.67 56.61 28.72
N ILE D 60 42.18 57.43 27.76
CA ILE D 60 43.28 57.09 26.85
C ILE D 60 44.46 56.46 27.61
N SER D 61 44.88 55.26 27.16
CA SER D 61 46.00 54.54 27.75
C SER D 61 46.86 53.93 26.66
N ASP D 62 48.10 53.56 26.99
CA ASP D 62 49.03 52.89 26.08
C ASP D 62 48.71 51.39 26.25
N LEU D 63 47.59 50.96 25.68
CA LEU D 63 47.07 49.59 25.77
C LEU D 63 47.97 48.48 25.27
N ILE D 64 48.76 48.71 24.18
CA ILE D 64 49.70 47.68 23.70
C ILE D 64 50.71 47.39 24.82
N LYS D 65 51.24 48.45 25.45
CA LYS D 65 52.22 48.39 26.53
C LYS D 65 51.63 47.78 27.82
N ASN D 66 50.47 48.31 28.29
CA ASN D 66 49.81 47.86 29.51
C ASN D 66 49.40 46.38 29.45
N ASP D 67 49.01 45.89 28.25
CA ASP D 67 48.64 44.48 28.03
C ASP D 67 49.90 43.60 28.07
N LYS D 68 50.95 44.00 27.33
CA LYS D 68 52.23 43.29 27.25
C LYS D 68 52.91 43.21 28.64
N GLU D 69 53.00 44.35 29.33
CA GLU D 69 53.67 44.47 30.64
C GLU D 69 52.80 44.11 31.84
N GLU D 70 51.48 43.86 31.64
CA GLU D 70 50.48 43.51 32.67
C GLU D 70 50.28 44.64 33.68
N ILE D 71 49.91 45.82 33.17
CA ILE D 71 49.73 47.02 33.99
C ILE D 71 48.25 47.35 34.22
N PHE D 72 47.84 47.34 35.50
CA PHE D 72 46.49 47.73 35.90
C PHE D 72 46.43 49.26 35.91
N ASN D 73 45.41 49.86 35.27
CA ASN D 73 45.26 51.32 35.19
C ASN D 73 44.48 51.87 36.39
N ARG D 74 45.22 52.25 37.45
CA ARG D 74 44.65 52.82 38.67
C ARG D 74 44.09 54.21 38.42
N ASP D 75 44.74 54.98 37.53
CA ASP D 75 44.33 56.33 37.15
C ASP D 75 42.92 56.31 36.51
N ALA D 76 42.67 55.34 35.61
CA ALA D 76 41.39 55.17 34.93
C ALA D 76 40.29 54.67 35.87
N TRP D 77 40.66 53.84 36.89
CA TRP D 77 39.76 53.32 37.92
C TRP D 77 39.24 54.51 38.76
N GLN D 78 40.16 55.42 39.16
CA GLN D 78 39.88 56.63 39.95
C GLN D 78 38.96 57.58 39.19
N LYS D 79 39.23 57.80 37.88
CA LYS D 79 38.43 58.68 37.02
C LYS D 79 37.01 58.18 36.82
N CYS D 80 36.84 56.84 36.69
CA CYS D 80 35.55 56.17 36.54
C CYS D 80 34.70 56.33 37.81
N SER D 81 35.33 56.20 38.99
CA SER D 81 34.68 56.37 40.29
C SER D 81 34.23 57.83 40.52
N GLU D 82 35.05 58.81 40.02
CA GLU D 82 34.76 60.25 40.08
C GLU D 82 33.53 60.54 39.19
N PHE D 83 33.42 59.84 38.03
CA PHE D 83 32.31 59.97 37.10
C PHE D 83 31.03 59.38 37.70
N GLY D 84 31.18 58.32 38.50
CA GLY D 84 30.09 57.67 39.22
C GLY D 84 29.80 56.23 38.85
N VAL D 85 30.63 55.63 37.97
CA VAL D 85 30.46 54.25 37.45
C VAL D 85 30.11 53.25 38.56
N HIS D 86 30.98 53.14 39.58
CA HIS D 86 30.84 52.23 40.72
C HIS D 86 29.53 52.41 41.48
N GLY D 87 29.07 53.66 41.58
CA GLY D 87 27.84 54.02 42.30
C GLY D 87 26.56 53.91 41.50
N TRP D 88 26.65 53.59 40.17
CA TRP D 88 25.49 53.46 39.28
C TRP D 88 24.30 52.66 39.84
N PRO D 89 24.47 51.41 40.33
CA PRO D 89 23.30 50.68 40.89
C PRO D 89 23.08 50.91 42.39
N ILE D 90 23.88 51.79 42.98
CA ILE D 90 23.88 52.09 44.40
C ILE D 90 22.98 53.28 44.81
N PRO D 91 22.23 53.15 45.92
CA PRO D 91 21.39 54.28 46.38
C PRO D 91 22.26 55.46 46.77
N ALA D 92 21.77 56.66 46.50
CA ALA D 92 22.45 57.93 46.78
C ALA D 92 22.84 58.14 48.25
N ARG D 93 22.12 57.50 49.17
CA ARG D 93 22.42 57.59 50.60
C ARG D 93 23.74 56.93 51.00
N TYR D 94 24.21 55.96 50.20
CA TYR D 94 25.49 55.30 50.39
C TYR D 94 26.51 55.88 49.41
N GLY D 95 26.26 57.11 49.00
CA GLY D 95 27.11 57.83 48.05
C GLY D 95 27.03 57.36 46.62
N GLY D 96 25.95 56.64 46.27
CA GLY D 96 25.72 56.12 44.92
C GLY D 96 25.04 57.10 43.99
N GLN D 97 24.72 56.64 42.79
CA GLN D 97 24.06 57.43 41.75
C GLN D 97 22.55 57.16 41.71
N GLU D 98 22.13 56.00 42.22
CA GLU D 98 20.74 55.55 42.29
C GLU D 98 20.06 55.46 40.91
N LEU D 99 20.77 54.89 39.91
CA LEU D 99 20.23 54.73 38.57
C LEU D 99 19.46 53.42 38.49
N ASP D 100 18.45 53.37 37.62
CA ASP D 100 17.69 52.14 37.40
C ASP D 100 18.56 51.18 36.59
N ILE D 101 18.32 49.87 36.74
CA ILE D 101 19.09 48.79 36.10
C ILE D 101 19.19 48.93 34.57
N LEU D 102 18.06 49.18 33.90
CA LEU D 102 18.02 49.35 32.45
C LEU D 102 18.94 50.48 31.96
N THR D 103 18.99 51.61 32.71
CA THR D 103 19.86 52.75 32.42
C THR D 103 21.32 52.35 32.69
N THR D 104 21.56 51.63 33.81
CA THR D 104 22.88 51.13 34.22
C THR D 104 23.48 50.21 33.13
N ALA D 105 22.68 49.27 32.62
CA ALA D 105 23.09 48.33 31.56
C ALA D 105 23.38 49.05 30.24
N TYR D 106 22.53 50.05 29.87
CA TYR D 106 22.67 50.87 28.67
C TYR D 106 23.96 51.70 28.72
N ALA D 107 24.24 52.30 29.90
CA ALA D 107 25.45 53.11 30.15
C ALA D 107 26.71 52.23 30.15
N LEU D 108 26.64 50.99 30.71
CA LEU D 108 27.78 50.04 30.74
C LEU D 108 28.12 49.56 29.33
N GLN D 109 27.11 49.43 28.45
CA GLN D 109 27.29 49.07 27.04
C GLN D 109 28.06 50.22 26.37
N GLY D 110 27.66 51.47 26.68
CA GLY D 110 28.32 52.67 26.19
C GLY D 110 29.77 52.73 26.67
N LEU D 111 30.02 52.30 27.92
CA LEU D 111 31.36 52.25 28.50
C LEU D 111 32.25 51.26 27.74
N GLY D 112 31.69 50.09 27.41
CA GLY D 112 32.38 49.04 26.66
C GLY D 112 32.76 49.46 25.25
N TYR D 113 31.89 50.26 24.61
CA TYR D 113 32.10 50.82 23.28
C TYR D 113 33.21 51.88 23.30
N GLY D 114 33.18 52.77 24.29
CA GLY D 114 34.13 53.87 24.44
C GLY D 114 35.47 53.53 25.05
N CYS D 115 35.51 52.52 25.95
CA CYS D 115 36.72 52.10 26.63
C CYS D 115 37.26 50.79 26.02
N LYS D 116 38.53 50.82 25.58
CA LYS D 116 39.19 49.68 24.94
C LYS D 116 39.83 48.71 25.95
N ASP D 117 40.07 49.17 27.19
CA ASP D 117 40.68 48.39 28.28
C ASP D 117 39.66 47.44 28.86
N ASN D 118 39.58 46.23 28.29
CA ASN D 118 38.65 45.19 28.71
C ASN D 118 38.94 44.65 30.12
N GLY D 119 40.21 44.63 30.50
CA GLY D 119 40.66 44.18 31.82
C GLY D 119 40.16 45.08 32.93
N LEU D 120 40.18 46.42 32.69
CA LEU D 120 39.69 47.43 33.65
C LEU D 120 38.18 47.26 33.83
N ILE D 121 37.46 47.12 32.70
CA ILE D 121 36.02 46.89 32.65
C ILE D 121 35.64 45.65 33.49
N PHE D 122 36.40 44.53 33.32
CA PHE D 122 36.18 43.29 34.06
C PHE D 122 36.41 43.49 35.57
N ALA D 123 37.53 44.16 35.93
CA ALA D 123 37.93 44.48 37.30
C ALA D 123 36.87 45.31 38.05
N MET D 124 36.26 46.31 37.36
CA MET D 124 35.21 47.17 37.91
C MET D 124 33.89 46.43 38.08
N ASN D 125 33.50 45.62 37.09
CA ASN D 125 32.26 44.84 37.12
C ASN D 125 32.28 43.77 38.23
N ALA D 126 33.45 43.19 38.51
CA ALA D 126 33.66 42.22 39.59
C ALA D 126 33.43 42.90 40.94
N HIS D 127 33.95 44.15 41.09
CA HIS D 127 33.83 45.00 42.28
C HIS D 127 32.35 45.41 42.50
N ILE D 128 31.65 45.84 41.42
CA ILE D 128 30.26 46.27 41.48
C ILE D 128 29.27 45.13 41.78
N TRP D 129 29.19 44.14 40.87
CA TRP D 129 28.22 43.04 40.94
C TRP D 129 28.47 41.91 41.93
N ALA D 130 29.75 41.52 42.14
CA ALA D 130 30.08 40.41 43.04
C ALA D 130 30.44 40.83 44.48
N CYS D 131 30.59 42.15 44.72
CA CYS D 131 30.96 42.67 46.03
C CYS D 131 30.00 43.70 46.59
N GLU D 132 29.76 44.81 45.85
CA GLU D 132 28.86 45.89 46.29
C GLU D 132 27.40 45.42 46.41
N MET D 133 26.90 44.68 45.38
CA MET D 133 25.53 44.17 45.33
C MET D 133 25.15 43.23 46.49
N PRO D 134 25.91 42.12 46.78
CA PRO D 134 25.54 41.29 47.95
C PRO D 134 25.57 42.05 49.28
N LEU D 135 26.50 43.03 49.42
CA LEU D 135 26.62 43.89 50.61
C LEU D 135 25.38 44.77 50.77
N LEU D 136 24.87 45.32 49.65
CA LEU D 136 23.68 46.17 49.64
C LEU D 136 22.43 45.37 50.04
N THR D 137 22.32 44.12 49.56
CA THR D 137 21.19 43.24 49.79
C THR D 137 21.20 42.55 51.15
N PHE D 138 22.33 41.93 51.54
CA PHE D 138 22.43 41.16 52.79
C PHE D 138 23.06 41.85 54.00
N GLY D 139 23.72 42.98 53.77
CA GLY D 139 24.37 43.73 54.83
C GLY D 139 23.42 44.48 55.73
N THR D 140 23.80 44.62 57.01
CA THR D 140 23.01 45.36 58.00
C THR D 140 23.23 46.84 57.74
N GLU D 141 22.43 47.71 58.39
CA GLU D 141 22.54 49.16 58.26
C GLU D 141 23.95 49.65 58.54
N GLU D 142 24.52 49.19 59.64
CA GLU D 142 25.86 49.57 60.05
C GLU D 142 26.94 49.06 59.09
N GLN D 143 26.77 47.83 58.55
CA GLN D 143 27.69 47.21 57.58
C GLN D 143 27.67 47.99 56.26
N LYS D 144 26.47 48.40 55.83
CA LYS D 144 26.24 49.20 54.62
C LYS D 144 26.81 50.61 54.77
N GLU D 145 26.47 51.29 55.89
CA GLU D 145 26.90 52.65 56.21
C GLU D 145 28.43 52.78 56.27
N LYS D 146 29.13 51.74 56.75
CA LYS D 146 30.58 51.74 56.86
C LYS D 146 31.29 51.43 55.54
N TYR D 147 30.95 50.29 54.88
CA TYR D 147 31.65 49.82 53.69
C TYR D 147 31.18 50.32 52.32
N LEU D 148 29.87 50.47 52.11
CA LEU D 148 29.33 50.91 50.84
C LEU D 148 29.81 52.28 50.39
N PRO D 149 29.79 53.33 51.23
CA PRO D 149 30.29 54.63 50.75
C PRO D 149 31.77 54.58 50.36
N LEU D 150 32.55 53.73 51.05
CA LEU D 150 33.97 53.52 50.81
C LEU D 150 34.24 52.88 49.45
N LEU D 151 33.37 51.91 49.05
CA LEU D 151 33.51 51.20 47.76
C LEU D 151 33.03 52.07 46.59
N CYS D 152 32.02 52.91 46.84
CA CYS D 152 31.45 53.91 45.92
C CYS D 152 32.44 55.02 45.58
N ARG D 153 32.78 55.86 46.59
CA ARG D 153 33.62 57.05 46.41
C ARG D 153 34.90 57.15 47.24
N GLY D 154 35.20 56.15 48.05
CA GLY D 154 36.39 56.20 48.91
C GLY D 154 37.69 55.67 48.32
N GLY D 155 37.63 55.12 47.12
CA GLY D 155 38.82 54.56 46.47
C GLY D 155 39.16 53.18 46.98
N TRP D 156 38.22 52.57 47.71
CA TRP D 156 38.35 51.21 48.24
C TRP D 156 37.97 50.24 47.14
N ILE D 157 38.75 49.18 46.98
CA ILE D 157 38.51 48.16 45.98
C ILE D 157 38.13 46.86 46.68
N ALA D 158 37.19 46.12 46.09
CA ALA D 158 36.73 44.88 46.67
C ALA D 158 37.01 43.67 45.79
N SER D 159 37.23 42.51 46.45
CA SER D 159 37.48 41.21 45.83
C SER D 159 36.45 40.20 46.32
N HIS D 160 36.11 39.25 45.46
CA HIS D 160 35.16 38.19 45.73
C HIS D 160 35.97 36.89 45.66
N ALA D 161 36.24 36.27 46.83
CA ALA D 161 37.00 35.02 46.92
C ALA D 161 36.09 33.87 47.35
N ALA D 162 35.67 33.05 46.37
CA ALA D 162 34.79 31.91 46.57
C ALA D 162 35.39 30.60 46.03
N THR D 163 35.95 30.64 44.80
CA THR D 163 36.57 29.50 44.10
C THR D 163 37.82 28.92 44.80
N GLU D 164 37.98 27.58 44.73
CA GLU D 164 39.08 26.80 45.33
C GLU D 164 39.62 25.77 44.31
N PRO D 165 40.87 25.26 44.47
CA PRO D 165 41.39 24.26 43.50
C PRO D 165 40.51 23.02 43.27
N GLN D 166 39.76 22.59 44.28
CA GLN D 166 38.82 21.45 44.17
C GLN D 166 37.35 21.88 44.32
N ALA D 167 37.09 23.20 44.23
CA ALA D 167 35.76 23.80 44.30
C ALA D 167 35.66 24.98 43.35
N GLY D 168 35.59 24.66 42.07
CA GLY D 168 35.40 25.63 41.00
C GLY D 168 33.94 25.60 40.60
N SER D 169 33.60 24.66 39.73
CA SER D 169 32.24 24.42 39.29
C SER D 169 31.40 23.91 40.48
N ASP D 170 31.95 22.96 41.26
CA ASP D 170 31.33 22.39 42.47
C ASP D 170 31.66 23.30 43.68
N ILE D 171 31.12 24.51 43.64
CA ILE D 171 31.32 25.56 44.64
C ILE D 171 30.80 25.20 46.03
N TYR D 172 29.77 24.34 46.11
CA TYR D 172 29.20 23.91 47.39
C TYR D 172 30.17 23.06 48.21
N SER D 173 31.13 22.42 47.52
CA SER D 173 32.18 21.59 48.13
C SER D 173 33.39 22.41 48.63
N LEU D 174 33.14 23.65 49.13
CA LEU D 174 34.16 24.54 49.70
C LEU D 174 34.83 23.89 50.90
N LYS D 175 36.15 24.03 50.98
CA LYS D 175 36.91 23.48 52.09
C LYS D 175 37.32 24.55 53.12
N THR D 176 37.32 25.87 52.73
CA THR D 176 37.67 27.00 53.62
C THR D 176 36.75 27.00 54.84
N THR D 177 37.30 26.66 56.00
CA THR D 177 36.54 26.57 57.25
C THR D 177 36.60 27.84 58.07
N ALA D 178 35.52 28.12 58.83
CA ALA D 178 35.38 29.27 59.71
C ALA D 178 34.93 28.78 61.08
N GLN D 179 35.86 28.76 62.06
CA GLN D 179 35.57 28.29 63.40
C GLN D 179 35.27 29.45 64.36
N LYS D 180 34.08 29.43 64.97
CA LYS D 180 33.68 30.44 65.94
C LYS D 180 34.43 30.31 67.27
N ASP D 181 34.88 31.45 67.81
CA ASP D 181 35.59 31.55 69.08
C ASP D 181 35.04 32.76 69.86
N GLY D 182 33.78 32.62 70.29
CA GLY D 182 33.07 33.67 71.02
C GLY D 182 32.55 34.74 70.07
N ASP D 183 33.20 35.91 70.06
CA ASP D 183 32.82 37.06 69.21
C ASP D 183 33.56 37.08 67.86
N LYS D 184 34.47 36.12 67.63
CA LYS D 184 35.26 36.06 66.41
C LYS D 184 35.13 34.71 65.68
N TYR D 185 35.77 34.64 64.49
CA TYR D 185 35.82 33.45 63.63
C TYR D 185 37.26 33.26 63.15
N ILE D 186 37.73 32.00 63.16
CA ILE D 186 39.06 31.63 62.70
C ILE D 186 38.94 30.99 61.32
N LEU D 187 39.43 31.70 60.28
CA LEU D 187 39.36 31.27 58.88
C LEU D 187 40.65 30.64 58.39
N ASN D 188 40.53 29.44 57.79
CA ASN D 188 41.63 28.66 57.23
C ASN D 188 41.20 28.04 55.91
N GLY D 189 42.04 28.21 54.89
CA GLY D 189 41.77 27.70 53.54
C GLY D 189 42.63 28.31 52.46
N TYR D 190 42.36 27.92 51.22
CA TYR D 190 43.07 28.41 50.04
C TYR D 190 42.06 28.76 48.95
N LYS D 191 42.17 29.98 48.40
CA LYS D 191 41.28 30.47 47.34
C LYS D 191 42.10 30.84 46.11
N HIS D 192 41.96 30.09 45.01
CA HIS D 192 42.66 30.47 43.78
C HIS D 192 41.80 31.39 42.95
N TYR D 193 42.40 32.19 42.04
CA TYR D 193 41.71 33.20 41.21
C TYR D 193 40.90 34.21 42.05
N VAL D 194 41.54 35.29 42.49
CA VAL D 194 40.86 36.34 43.27
C VAL D 194 41.06 37.69 42.55
N THR D 195 40.12 38.04 41.63
CA THR D 195 40.18 39.29 40.86
C THR D 195 40.29 40.49 41.83
N ASN D 196 41.28 41.38 41.56
CA ASN D 196 41.58 42.60 42.34
C ASN D 196 42.30 42.36 43.68
N GLY D 197 42.60 41.09 43.99
CA GLY D 197 43.24 40.66 45.24
C GLY D 197 44.43 41.46 45.71
N THR D 198 45.39 41.71 44.80
CA THR D 198 46.62 42.46 45.08
C THR D 198 46.41 43.97 45.31
N ILE D 199 45.22 44.50 45.00
CA ILE D 199 44.87 45.93 45.15
C ILE D 199 43.61 46.18 46.01
N ALA D 200 42.92 45.10 46.44
CA ALA D 200 41.70 45.16 47.23
C ALA D 200 41.91 45.63 48.66
N ASP D 201 40.93 46.37 49.19
CA ASP D 201 40.90 46.88 50.55
C ASP D 201 39.94 46.06 51.41
N LEU D 202 38.94 45.42 50.77
CA LEU D 202 37.96 44.55 51.42
C LEU D 202 37.77 43.25 50.62
N PHE D 203 37.74 42.12 51.32
CA PHE D 203 37.59 40.79 50.75
C PHE D 203 36.28 40.14 51.14
N ILE D 204 35.48 39.73 50.14
CA ILE D 204 34.21 39.04 50.33
C ILE D 204 34.56 37.54 50.23
N ILE D 205 34.60 36.85 51.36
CA ILE D 205 35.03 35.46 51.47
C ILE D 205 33.92 34.49 51.79
N PHE D 206 33.84 33.41 51.02
CA PHE D 206 32.86 32.35 51.18
C PHE D 206 33.53 31.16 51.88
N ALA D 207 33.12 30.91 53.13
CA ALA D 207 33.66 29.84 53.98
C ALA D 207 32.54 28.94 54.54
N THR D 208 32.91 27.90 55.31
CA THR D 208 31.95 26.97 55.92
C THR D 208 32.15 26.85 57.44
N ILE D 209 31.05 26.90 58.20
CA ILE D 209 31.11 26.75 59.67
C ILE D 209 31.32 25.29 60.04
N ASP D 210 30.77 24.37 59.22
CA ASP D 210 30.90 22.92 59.35
C ASP D 210 30.79 22.24 57.99
N PRO D 211 31.86 21.57 57.52
CA PRO D 211 31.81 20.91 56.19
C PRO D 211 30.83 19.73 56.08
N SER D 212 30.39 19.17 57.23
CA SER D 212 29.41 18.06 57.27
C SER D 212 28.04 18.54 56.81
N LEU D 213 27.73 19.82 57.03
CA LEU D 213 26.46 20.45 56.63
C LEU D 213 26.40 20.67 55.14
N GLY D 214 27.58 20.90 54.55
CA GLY D 214 27.77 21.16 53.13
C GLY D 214 27.18 22.49 52.72
N LYS D 215 26.24 22.42 51.78
CA LYS D 215 25.48 23.51 51.17
C LYS D 215 24.78 24.41 52.22
N GLU D 216 24.36 23.82 53.38
CA GLU D 216 23.68 24.47 54.52
C GLU D 216 24.67 25.09 55.56
N GLY D 217 25.98 24.81 55.39
CA GLY D 217 27.04 25.32 56.27
C GLY D 217 27.78 26.53 55.74
N LEU D 218 27.52 26.92 54.48
CA LEU D 218 28.17 28.07 53.84
C LEU D 218 27.89 29.38 54.56
N THR D 219 28.90 30.22 54.72
CA THR D 219 28.79 31.53 55.39
C THR D 219 29.77 32.53 54.75
N THR D 220 29.34 33.81 54.62
CA THR D 220 30.15 34.89 54.03
C THR D 220 30.75 35.81 55.11
N PHE D 221 32.02 36.23 54.89
CA PHE D 221 32.78 37.10 55.79
C PHE D 221 33.46 38.24 55.03
N MET D 222 33.51 39.43 55.64
CA MET D 222 34.14 40.62 55.06
C MET D 222 35.42 40.89 55.82
N ILE D 223 36.56 40.63 55.18
CA ILE D 223 37.86 40.80 55.80
C ILE D 223 38.61 41.95 55.13
N GLU D 224 39.06 42.91 55.94
CA GLU D 224 39.84 44.05 55.46
C GLU D 224 41.25 43.61 55.07
N LYS D 225 41.85 44.33 54.14
CA LYS D 225 43.20 44.09 53.64
C LYS D 225 44.21 44.15 54.79
N ASP D 226 45.28 43.34 54.67
CA ASP D 226 46.35 43.21 55.65
C ASP D 226 45.87 42.85 57.06
N THR D 227 45.02 41.83 57.14
CA THR D 227 44.54 41.27 58.39
C THR D 227 45.49 40.10 58.64
N PRO D 228 46.07 39.95 59.85
CA PRO D 228 47.01 38.84 60.09
C PRO D 228 46.40 37.50 59.71
N GLY D 229 47.04 36.82 58.76
CA GLY D 229 46.61 35.52 58.24
C GLY D 229 46.18 35.51 56.79
N LEU D 230 46.00 36.68 56.19
CA LEU D 230 45.58 36.88 54.81
C LEU D 230 46.83 37.01 53.90
N ILE D 231 47.18 35.91 53.19
CA ILE D 231 48.36 35.84 52.33
C ILE D 231 48.01 35.87 50.85
N LEU D 232 48.61 36.82 50.12
CA LEU D 232 48.39 36.97 48.68
C LEU D 232 49.65 36.66 47.88
N SER D 233 49.45 36.07 46.70
CA SER D 233 50.54 35.75 45.79
C SER D 233 50.71 36.90 44.81
N LYS D 234 51.65 36.76 43.86
CA LYS D 234 51.87 37.73 42.80
C LYS D 234 50.72 37.51 41.79
N PRO D 235 50.23 38.54 41.07
CA PRO D 235 49.14 38.29 40.10
C PRO D 235 49.58 37.28 39.03
N ILE D 236 48.72 36.30 38.76
CA ILE D 236 48.98 35.23 37.79
C ILE D 236 48.92 35.74 36.34
N SER D 237 49.89 35.32 35.51
CA SER D 237 49.96 35.67 34.08
C SER D 237 48.96 34.83 33.29
N LYS D 238 48.18 35.49 32.44
CA LYS D 238 47.13 34.85 31.63
C LYS D 238 47.08 35.37 30.18
N MET D 239 46.33 34.67 29.30
CA MET D 239 46.17 34.98 27.87
C MET D 239 45.78 36.45 27.60
N GLY D 240 44.62 36.84 28.12
CA GLY D 240 44.08 38.19 28.02
C GLY D 240 43.69 38.67 29.40
N MET D 241 42.97 39.80 29.47
CA MET D 241 42.55 40.48 30.73
C MET D 241 43.80 40.76 31.61
N ARG D 242 44.96 40.99 30.96
CA ARG D 242 46.27 41.22 31.56
C ARG D 242 46.35 42.54 32.37
N THR D 243 45.38 43.45 32.16
CA THR D 243 45.29 44.72 32.86
C THR D 243 44.40 44.60 34.11
N ALA D 244 44.04 43.35 34.47
CA ALA D 244 43.26 43.02 35.66
C ALA D 244 44.10 42.06 36.50
N GLU D 245 44.31 42.40 37.77
CA GLU D 245 45.14 41.62 38.69
C GLU D 245 44.38 40.44 39.31
N VAL D 246 44.84 39.22 39.01
CA VAL D 246 44.23 37.98 39.51
C VAL D 246 45.25 37.09 40.26
N PRO D 247 45.52 37.35 41.56
CA PRO D 247 46.44 36.48 42.32
C PRO D 247 45.71 35.34 43.05
N GLU D 248 46.46 34.58 43.86
CA GLU D 248 45.94 33.49 44.70
C GLU D 248 45.85 34.02 46.13
N LEU D 249 44.92 33.46 46.94
CA LEU D 249 44.74 33.81 48.34
C LEU D 249 44.84 32.59 49.24
N ARG D 250 45.50 32.77 50.41
CA ARG D 250 45.66 31.73 51.42
C ARG D 250 45.32 32.34 52.78
N LEU D 251 44.52 31.60 53.58
CA LEU D 251 44.11 32.06 54.90
C LEU D 251 44.72 31.14 55.94
N GLU D 252 45.56 31.70 56.82
CA GLU D 252 46.23 30.97 57.90
C GLU D 252 45.80 31.59 59.25
N ASN D 253 44.76 30.99 59.87
CA ASN D 253 44.17 31.42 61.16
C ASN D 253 43.79 32.92 61.14
N CYS D 254 43.12 33.35 60.04
CA CYS D 254 42.69 34.73 59.84
C CYS D 254 41.49 35.01 60.71
N GLU D 255 41.67 35.89 61.72
CA GLU D 255 40.63 36.27 62.67
C GLU D 255 39.73 37.39 62.13
N VAL D 256 38.41 37.22 62.25
CA VAL D 256 37.40 38.19 61.82
C VAL D 256 36.26 38.26 62.86
N SER D 257 35.81 39.48 63.18
CA SER D 257 34.71 39.71 64.13
C SER D 257 33.37 39.22 63.57
N ALA D 258 32.45 38.82 64.46
CA ALA D 258 31.10 38.35 64.09
C ALA D 258 30.30 39.50 63.48
N ALA D 259 30.74 40.76 63.72
CA ALA D 259 30.12 41.99 63.18
C ALA D 259 30.39 42.13 61.69
N ASN D 260 31.54 41.58 61.21
CA ASN D 260 31.95 41.61 59.81
C ASN D 260 31.48 40.40 58.98
N ARG D 261 30.63 39.56 59.57
CA ARG D 261 30.04 38.38 58.94
C ARG D 261 28.79 38.86 58.17
N LEU D 262 28.78 38.67 56.84
CA LEU D 262 27.67 39.07 55.97
C LEU D 262 26.57 38.02 56.07
N GLY D 263 25.41 38.43 56.58
CA GLY D 263 24.26 37.55 56.82
C GLY D 263 24.44 36.63 58.01
N GLU D 264 23.44 35.78 58.27
CA GLU D 264 23.48 34.80 59.35
C GLU D 264 24.31 33.58 58.94
N GLU D 265 24.60 32.69 59.90
CA GLU D 265 25.33 31.44 59.65
C GLU D 265 24.44 30.55 58.75
N GLY D 266 24.98 30.09 57.62
CA GLY D 266 24.26 29.25 56.69
C GLY D 266 23.61 29.98 55.53
N THR D 267 23.67 31.33 55.54
CA THR D 267 23.10 32.18 54.48
C THR D 267 24.03 32.35 53.24
N GLY D 268 25.27 31.86 53.36
CA GLY D 268 26.29 31.92 52.31
C GLY D 268 25.85 31.49 50.93
N LEU D 269 24.99 30.46 50.84
CA LEU D 269 24.44 29.93 49.59
C LEU D 269 23.55 30.97 48.91
N ALA D 270 22.60 31.57 49.69
CA ALA D 270 21.67 32.58 49.24
C ALA D 270 22.43 33.83 48.75
N ILE D 271 23.53 34.20 49.44
CA ILE D 271 24.39 35.34 49.11
C ILE D 271 25.14 35.07 47.79
N PHE D 272 25.69 33.85 47.62
CA PHE D 272 26.42 33.43 46.42
C PHE D 272 25.49 33.37 45.20
N ASN D 273 24.29 32.77 45.36
CA ASN D 273 23.29 32.64 44.29
C ASN D 273 22.77 34.01 43.85
N HIS D 274 22.68 34.96 44.79
CA HIS D 274 22.26 36.33 44.52
C HIS D 274 23.37 37.06 43.76
N SER D 275 24.63 36.89 44.20
CA SER D 275 25.82 37.47 43.57
C SER D 275 25.97 36.99 42.11
N MET D 276 25.71 35.69 41.86
CA MET D 276 25.77 35.09 40.54
C MET D 276 24.75 35.65 39.57
N GLU D 277 23.55 36.01 40.07
CA GLU D 277 22.47 36.65 39.29
C GLU D 277 22.99 37.97 38.70
N TRP D 278 23.53 38.85 39.54
CA TRP D 278 24.05 40.16 39.15
C TRP D 278 25.31 40.02 38.31
N GLU D 279 26.18 39.07 38.67
CA GLU D 279 27.44 38.84 37.96
C GLU D 279 27.19 38.35 36.53
N ARG D 280 26.56 37.16 36.37
CA ARG D 280 26.26 36.55 35.08
C ARG D 280 25.50 37.47 34.12
N GLY D 281 24.50 38.17 34.63
CA GLY D 281 23.67 39.07 33.84
C GLY D 281 24.27 40.43 33.49
N PHE D 282 25.25 40.92 34.29
CA PHE D 282 25.79 42.26 34.06
C PHE D 282 27.29 42.43 33.80
N ILE D 283 28.12 41.41 34.09
CA ILE D 283 29.59 41.47 33.87
C ILE D 283 29.92 41.64 32.37
N LEU D 284 29.02 41.13 31.48
CA LEU D 284 29.20 41.17 30.04
C LEU D 284 28.38 42.26 29.33
N ALA D 285 27.79 43.21 30.11
CA ALA D 285 27.01 44.33 29.58
C ALA D 285 27.90 45.19 28.68
N ALA D 286 29.14 45.45 29.14
CA ALA D 286 30.13 46.24 28.39
C ALA D 286 30.68 45.50 27.18
N ALA D 287 30.73 44.14 27.23
CA ALA D 287 31.19 43.27 26.13
C ALA D 287 30.33 43.46 24.89
N VAL D 288 29.02 43.76 25.09
CA VAL D 288 28.04 44.04 24.04
C VAL D 288 28.47 45.34 23.31
N GLY D 289 28.99 46.31 24.09
CA GLY D 289 29.49 47.58 23.57
C GLY D 289 30.74 47.39 22.74
N THR D 290 31.65 46.50 23.20
CA THR D 290 32.89 46.13 22.53
C THR D 290 32.55 45.46 21.19
N MET D 291 31.52 44.59 21.17
CA MET D 291 31.01 43.89 19.99
C MET D 291 30.51 44.90 18.96
N GLU D 292 29.86 46.00 19.42
CA GLU D 292 29.36 47.07 18.55
C GLU D 292 30.52 47.82 17.92
N ARG D 293 31.60 48.09 18.69
CA ARG D 293 32.79 48.79 18.19
C ARG D 293 33.51 47.97 17.12
N LEU D 294 33.71 46.66 17.34
CA LEU D 294 34.37 45.77 16.38
C LEU D 294 33.57 45.56 15.11
N LEU D 295 32.25 45.60 15.20
CA LEU D 295 31.38 45.47 14.02
C LEU D 295 31.59 46.68 13.10
N GLU D 296 31.50 47.91 13.65
CA GLU D 296 31.67 49.13 12.88
C GLU D 296 33.09 49.31 12.33
N GLN D 297 34.10 48.81 13.09
CA GLN D 297 35.51 48.84 12.70
C GLN D 297 35.72 47.89 11.51
N SER D 298 35.05 46.71 11.55
CA SER D 298 35.14 45.69 10.51
C SER D 298 34.39 46.09 9.25
N ILE D 299 33.20 46.77 9.38
CA ILE D 299 32.43 47.27 8.24
C ILE D 299 33.31 48.30 7.51
N ARG D 300 33.89 49.27 8.26
CA ARG D 300 34.81 50.28 7.70
C ARG D 300 35.94 49.63 6.88
N TYR D 301 36.59 48.57 7.43
CA TYR D 301 37.66 47.85 6.75
C TYR D 301 37.18 47.09 5.51
N ALA D 302 35.99 46.44 5.59
CA ALA D 302 35.40 45.68 4.49
C ALA D 302 34.98 46.59 3.33
N ARG D 303 34.71 47.87 3.63
CA ARG D 303 34.35 48.89 2.64
C ARG D 303 35.59 49.58 2.09
N SER D 304 36.61 49.81 2.94
CA SER D 304 37.88 50.46 2.60
C SER D 304 38.85 49.56 1.87
N HIS D 305 39.20 48.40 2.46
CA HIS D 305 40.17 47.49 1.86
C HIS D 305 39.69 46.85 0.57
N LYS D 306 40.51 46.97 -0.48
CA LYS D 306 40.21 46.44 -1.81
C LYS D 306 41.14 45.32 -2.26
N GLN D 307 40.57 44.36 -2.99
CA GLN D 307 41.25 43.20 -3.57
C GLN D 307 40.44 42.75 -4.79
N PHE D 308 41.13 42.38 -5.89
CA PHE D 308 40.53 41.94 -7.15
C PHE D 308 39.64 43.04 -7.81
N GLY D 309 40.05 44.31 -7.62
CA GLY D 309 39.39 45.49 -8.17
C GLY D 309 38.11 45.93 -7.49
N GLN D 310 37.83 45.40 -6.30
CA GLN D 310 36.63 45.75 -5.52
C GLN D 310 36.88 45.66 -4.01
N ALA D 311 36.00 46.33 -3.23
CA ALA D 311 36.06 46.30 -1.76
C ALA D 311 35.76 44.86 -1.31
N ILE D 312 36.51 44.34 -0.35
CA ILE D 312 36.40 42.94 0.18
C ILE D 312 34.96 42.56 0.57
N GLY D 313 34.22 43.54 1.08
CA GLY D 313 32.81 43.39 1.46
C GLY D 313 31.88 43.02 0.32
N LYS D 314 32.35 43.17 -0.93
CA LYS D 314 31.59 42.81 -2.13
C LYS D 314 31.62 41.27 -2.35
N PHE D 315 32.54 40.56 -1.66
CA PHE D 315 32.61 39.09 -1.68
C PHE D 315 31.73 38.62 -0.53
N GLN D 316 30.76 37.72 -0.84
CA GLN D 316 29.78 37.22 0.14
C GLN D 316 30.34 36.49 1.35
N LEU D 317 31.53 35.87 1.23
CA LEU D 317 32.17 35.19 2.37
C LEU D 317 32.66 36.19 3.41
N VAL D 318 32.98 37.43 2.99
CA VAL D 318 33.42 38.52 3.87
C VAL D 318 32.19 39.20 4.45
N ALA D 319 31.20 39.55 3.60
CA ALA D 319 29.95 40.22 4.00
C ALA D 319 29.15 39.40 5.00
N ASN D 320 29.12 38.06 4.85
CA ASN D 320 28.40 37.16 5.75
C ASN D 320 28.93 37.18 7.20
N LYS D 321 30.26 37.40 7.36
CA LYS D 321 30.90 37.50 8.67
C LYS D 321 30.36 38.70 9.45
N LEU D 322 30.04 39.79 8.71
CA LEU D 322 29.49 41.00 9.30
C LEU D 322 28.00 40.85 9.58
N VAL D 323 27.31 40.08 8.75
CA VAL D 323 25.90 39.73 8.91
C VAL D 323 25.76 38.89 10.21
N GLU D 324 26.69 37.93 10.43
CA GLU D 324 26.72 37.09 11.63
C GLU D 324 27.04 37.94 12.87
N MET D 325 27.96 38.90 12.73
CA MET D 325 28.35 39.82 13.80
C MET D 325 27.14 40.68 14.21
N LYS D 326 26.33 41.13 13.20
CA LYS D 326 25.10 41.92 13.41
C LYS D 326 24.03 41.12 14.15
N LEU D 327 23.73 39.88 13.70
CA LEU D 327 22.76 39.00 14.33
C LEU D 327 23.11 38.76 15.80
N ARG D 328 24.40 38.44 16.09
CA ARG D 328 24.90 38.19 17.43
C ARG D 328 24.79 39.41 18.34
N LEU D 329 25.10 40.61 17.81
CA LEU D 329 25.03 41.88 18.54
C LEU D 329 23.60 42.18 19.03
N GLU D 330 22.61 41.98 18.14
CA GLU D 330 21.20 42.21 18.44
C GLU D 330 20.64 41.19 19.43
N ASN D 331 21.13 39.94 19.37
CA ASN D 331 20.74 38.86 20.30
C ASN D 331 21.33 39.12 21.69
N ALA D 332 22.60 39.60 21.74
CA ALA D 332 23.30 39.94 22.98
C ALA D 332 22.55 41.07 23.70
N LYS D 333 22.09 42.09 22.96
CA LYS D 333 21.32 43.22 23.48
C LYS D 333 20.02 42.72 24.10
N ALA D 334 19.33 41.78 23.41
CA ALA D 334 18.09 41.16 23.87
C ALA D 334 18.25 40.42 25.21
N TYR D 335 19.34 39.61 25.35
CA TYR D 335 19.60 38.87 26.59
C TYR D 335 19.95 39.80 27.74
N LEU D 336 20.72 40.86 27.45
CA LEU D 336 21.13 41.86 28.44
C LEU D 336 19.95 42.70 28.94
N TYR D 337 19.09 43.17 28.03
CA TYR D 337 17.95 44.00 28.40
C TYR D 337 16.80 43.27 29.08
N LYS D 338 16.70 41.94 28.90
CA LYS D 338 15.68 41.13 29.57
C LYS D 338 16.03 41.03 31.06
N VAL D 339 17.32 40.67 31.38
CA VAL D 339 17.83 40.55 32.76
C VAL D 339 17.74 41.89 33.48
N ALA D 340 18.16 42.98 32.79
CA ALA D 340 18.11 44.34 33.30
C ALA D 340 16.69 44.73 33.72
N TRP D 341 15.68 44.39 32.88
CA TRP D 341 14.26 44.66 33.13
C TRP D 341 13.79 43.87 34.35
N MET D 342 14.02 42.55 34.36
CA MET D 342 13.64 41.62 35.43
C MET D 342 14.21 42.04 36.79
N LYS D 343 15.48 42.38 36.83
CA LYS D 343 16.11 42.82 38.09
C LYS D 343 15.62 44.17 38.51
N GLU D 344 15.25 45.05 37.51
CA GLU D 344 14.67 46.37 37.79
C GLU D 344 13.28 46.21 38.44
N ASN D 345 12.55 45.16 38.04
CA ASN D 345 11.21 44.81 38.54
C ASN D 345 11.27 43.80 39.72
N LYS D 346 12.41 43.80 40.45
CA LYS D 346 12.71 43.00 41.64
C LYS D 346 12.41 41.49 41.54
N GLN D 347 12.65 40.88 40.34
CA GLN D 347 12.40 39.45 40.08
C GLN D 347 13.68 38.62 40.14
N MET D 348 13.49 37.29 40.46
CA MET D 348 14.60 36.33 40.52
C MET D 348 14.92 35.94 39.08
N ALA D 349 16.14 36.32 38.60
CA ALA D 349 16.49 36.05 37.21
C ALA D 349 17.77 35.25 37.01
N LEU D 350 17.96 34.15 37.76
CA LEU D 350 19.16 33.30 37.63
C LEU D 350 19.20 32.57 36.29
N LEU D 351 18.03 32.10 35.80
CA LEU D 351 17.92 31.42 34.50
C LEU D 351 18.27 32.39 33.38
N GLU D 352 17.72 33.61 33.44
CA GLU D 352 17.93 34.65 32.43
C GLU D 352 19.36 35.17 32.41
N ALA D 353 20.00 35.25 33.59
CA ALA D 353 21.40 35.70 33.73
C ALA D 353 22.34 34.65 33.19
N SER D 354 22.03 33.36 33.41
CA SER D 354 22.81 32.22 32.92
C SER D 354 22.74 32.14 31.39
N MET D 355 21.55 32.37 30.80
CA MET D 355 21.34 32.37 29.36
C MET D 355 22.12 33.53 28.70
N ALA D 356 22.11 34.70 29.37
CA ALA D 356 22.81 35.90 28.92
C ALA D 356 24.34 35.68 28.92
N ASN D 357 24.89 35.18 30.05
CA ASN D 357 26.33 34.92 30.18
C ASN D 357 26.80 33.85 29.19
N LEU D 358 26.01 32.77 29.00
CA LEU D 358 26.33 31.70 28.05
C LEU D 358 26.34 32.22 26.60
N TYR D 359 25.29 32.96 26.21
CA TYR D 359 25.18 33.51 24.87
C TYR D 359 26.26 34.56 24.55
N ILE D 360 26.33 35.65 25.34
CA ILE D 360 27.24 36.79 25.16
C ILE D 360 28.73 36.42 25.20
N SER D 361 29.13 35.46 26.07
CA SER D 361 30.52 35.06 26.16
C SER D 361 30.99 34.38 24.89
N GLU D 362 30.17 33.51 24.33
CA GLU D 362 30.46 32.80 23.10
C GLU D 362 30.31 33.64 21.86
N ALA D 363 29.34 34.56 21.88
CA ALA D 363 29.08 35.50 20.81
C ALA D 363 30.28 36.44 20.66
N TRP D 364 30.83 36.89 21.81
CA TRP D 364 31.97 37.79 21.87
C TRP D 364 33.24 37.16 21.27
N VAL D 365 33.57 35.91 21.65
CA VAL D 365 34.74 35.15 21.17
C VAL D 365 34.64 34.98 19.64
N GLN D 366 33.48 34.52 19.16
CA GLN D 366 33.19 34.28 17.75
C GLN D 366 33.29 35.54 16.88
N SER D 367 32.72 36.67 17.35
CA SER D 367 32.79 37.95 16.64
C SER D 367 34.22 38.49 16.58
N CYS D 368 35.02 38.27 17.64
CA CYS D 368 36.43 38.67 17.73
C CYS D 368 37.24 37.91 16.69
N LEU D 369 37.02 36.58 16.60
CA LEU D 369 37.71 35.73 15.64
C LEU D 369 37.42 36.18 14.18
N GLU D 370 36.15 36.51 13.90
CA GLU D 370 35.69 36.98 12.60
C GLU D 370 36.28 38.34 12.24
N ALA D 371 36.45 39.26 13.22
CA ALA D 371 37.05 40.58 13.02
C ALA D 371 38.49 40.44 12.56
N ILE D 372 39.23 39.47 13.14
CA ILE D 372 40.60 39.13 12.79
C ILE D 372 40.64 38.53 11.38
N GLU D 373 39.64 37.70 11.04
CA GLU D 373 39.52 37.07 9.72
C GLU D 373 39.30 38.10 8.62
N ILE D 374 38.39 39.06 8.83
CA ILE D 374 38.06 40.14 7.88
C ILE D 374 39.31 40.96 7.52
N HIS D 375 40.17 41.25 8.52
CA HIS D 375 41.41 42.01 8.36
C HIS D 375 42.56 41.22 7.74
N GLY D 376 42.44 39.90 7.66
CA GLY D 376 43.47 39.03 7.10
C GLY D 376 44.67 38.94 8.03
N ALA D 377 45.89 38.85 7.46
CA ALA D 377 47.14 38.79 8.22
C ALA D 377 47.31 40.02 9.10
N TYR D 378 46.80 41.15 8.64
CA TYR D 378 46.79 42.44 9.30
C TYR D 378 46.13 42.35 10.69
N GLY D 379 45.06 41.56 10.80
CA GLY D 379 44.33 41.35 12.05
C GLY D 379 45.04 40.45 13.06
N TYR D 380 46.17 39.83 12.66
CA TYR D 380 47.00 38.94 13.47
C TYR D 380 48.19 39.67 14.12
N LEU D 381 48.44 40.92 13.70
CA LEU D 381 49.54 41.75 14.21
C LEU D 381 49.18 42.43 15.53
N THR D 382 50.16 42.53 16.46
CA THR D 382 50.01 43.15 17.79
C THR D 382 49.53 44.61 17.71
N ASN D 383 50.16 45.42 16.86
CA ASN D 383 49.87 46.85 16.69
C ASN D 383 48.48 47.19 16.15
N THR D 384 47.77 46.19 15.61
CA THR D 384 46.41 46.31 15.07
C THR D 384 45.41 46.38 16.23
N GLU D 385 45.65 45.55 17.27
CA GLU D 385 44.92 45.45 18.54
C GLU D 385 43.69 44.52 18.56
N LEU D 386 43.32 43.93 17.41
CA LEU D 386 42.17 43.02 17.31
C LEU D 386 42.46 41.68 17.97
N GLU D 387 43.75 41.31 17.98
CA GLU D 387 44.22 40.07 18.59
C GLU D 387 43.98 40.06 20.12
N ARG D 388 44.26 41.20 20.80
CA ARG D 388 44.06 41.39 22.23
C ARG D 388 42.60 41.20 22.57
N GLU D 389 41.70 41.72 21.72
CA GLU D 389 40.26 41.60 21.89
C GLU D 389 39.88 40.14 22.07
N LEU D 390 40.35 39.26 21.16
CA LEU D 390 40.06 37.83 21.22
C LEU D 390 40.58 37.19 22.50
N ARG D 391 41.83 37.53 22.88
CA ARG D 391 42.47 37.03 24.08
C ARG D 391 41.70 37.40 25.34
N ASP D 392 41.13 38.63 25.38
CA ASP D 392 40.31 39.13 26.48
C ASP D 392 38.94 38.44 26.52
N ALA D 393 38.33 38.24 25.34
CA ALA D 393 37.02 37.61 25.16
C ALA D 393 36.93 36.18 25.72
N ILE D 394 38.03 35.39 25.62
CA ILE D 394 38.06 34.01 26.10
C ILE D 394 37.78 33.89 27.60
N ALA D 395 38.33 34.81 28.40
CA ALA D 395 38.15 34.87 29.85
C ALA D 395 36.69 34.72 30.29
N SER D 396 35.76 35.36 29.53
CA SER D 396 34.31 35.35 29.76
C SER D 396 33.69 33.95 29.76
N LYS D 397 34.37 32.99 29.13
CA LYS D 397 33.95 31.59 29.05
C LYS D 397 34.31 30.82 30.33
N PHE D 398 35.09 31.46 31.25
CA PHE D 398 35.55 30.87 32.50
C PHE D 398 35.09 31.60 33.75
N TYR D 399 35.17 32.96 33.78
CA TYR D 399 34.66 33.69 34.94
C TYR D 399 33.13 33.73 34.90
N SER D 400 32.48 33.85 36.07
CA SER D 400 31.01 33.82 36.25
C SER D 400 30.42 32.43 35.97
N GLY D 401 31.29 31.43 35.81
CA GLY D 401 30.94 30.06 35.50
C GLY D 401 31.24 29.70 34.05
N THR D 402 31.61 28.44 33.79
CA THR D 402 31.92 27.96 32.44
C THR D 402 30.65 27.78 31.63
N SER D 403 30.79 27.72 30.29
CA SER D 403 29.67 27.55 29.36
C SER D 403 28.86 26.26 29.67
N GLU D 404 29.57 25.19 30.05
CA GLU D 404 29.02 23.88 30.43
C GLU D 404 28.18 23.99 31.70
N ILE D 405 28.64 24.75 32.69
CA ILE D 405 27.95 25.00 33.96
C ILE D 405 26.62 25.70 33.72
N GLN D 406 26.61 26.76 32.90
CA GLN D 406 25.40 27.53 32.53
C GLN D 406 24.37 26.59 31.91
N ARG D 407 24.83 25.74 30.96
CA ARG D 407 24.01 24.73 30.29
C ARG D 407 23.38 23.78 31.31
N VAL D 408 24.16 23.32 32.31
CA VAL D 408 23.70 22.46 33.40
C VAL D 408 22.62 23.20 34.21
N VAL D 409 22.87 24.48 34.57
CA VAL D 409 21.96 25.34 35.32
C VAL D 409 20.63 25.50 34.55
N ILE D 410 20.70 25.81 33.23
CA ILE D 410 19.54 25.98 32.37
C ILE D 410 18.71 24.68 32.33
N ALA D 411 19.37 23.53 32.15
CA ALA D 411 18.73 22.21 32.11
C ALA D 411 17.93 21.91 33.37
N LYS D 412 18.48 22.27 34.55
CA LYS D 412 17.83 22.10 35.87
C LYS D 412 16.55 22.95 35.97
N PHE D 413 16.59 24.21 35.49
CA PHE D 413 15.44 25.12 35.46
C PHE D 413 14.34 24.61 34.52
N LEU D 414 14.73 23.86 33.47
CA LEU D 414 13.78 23.28 32.51
C LEU D 414 13.05 22.09 33.10
N GLY D 415 13.62 21.50 34.14
CA GLY D 415 13.06 20.37 34.86
C GLY D 415 13.81 19.07 34.70
N LEU D 416 14.90 19.10 33.92
CA LEU D 416 15.71 17.90 33.62
C LEU D 416 16.62 17.46 34.75
N ALA E 39 -43.19 1.89 -4.88
CA ALA E 39 -43.99 2.16 -3.70
C ALA E 39 -43.24 2.99 -2.62
N TRP E 40 -42.04 3.51 -2.96
CA TRP E 40 -41.23 4.34 -2.06
C TRP E 40 -41.63 5.81 -2.14
N ASN E 41 -41.80 6.47 -0.97
CA ASN E 41 -42.19 7.87 -0.87
C ASN E 41 -41.02 8.83 -1.15
N SER E 42 -41.29 10.14 -1.34
CA SER E 42 -40.32 11.20 -1.60
C SER E 42 -39.19 11.27 -0.57
N GLN E 43 -39.53 11.08 0.73
CA GLN E 43 -38.61 11.10 1.86
C GLN E 43 -37.61 9.94 1.73
N GLN E 44 -38.11 8.73 1.35
CA GLN E 44 -37.34 7.50 1.16
C GLN E 44 -36.39 7.58 -0.04
N ILE E 45 -36.86 8.16 -1.18
CA ILE E 45 -36.06 8.35 -2.40
C ILE E 45 -34.89 9.31 -2.08
N GLN E 46 -35.22 10.47 -1.47
CA GLN E 46 -34.26 11.51 -1.10
C GLN E 46 -33.23 11.08 -0.06
N PHE E 47 -33.66 10.29 0.95
CA PHE E 47 -32.74 9.81 2.00
C PHE E 47 -31.73 8.81 1.45
N ARG E 48 -32.18 7.87 0.58
CA ARG E 48 -31.31 6.87 -0.07
C ARG E 48 -30.32 7.59 -0.98
N LYS E 49 -30.79 8.63 -1.70
CA LYS E 49 -29.97 9.46 -2.59
C LYS E 49 -28.89 10.18 -1.77
N LYS E 50 -29.25 10.64 -0.55
CA LYS E 50 -28.36 11.31 0.40
C LYS E 50 -27.29 10.32 0.91
N VAL E 51 -27.71 9.04 1.15
CA VAL E 51 -26.83 7.96 1.61
C VAL E 51 -25.78 7.64 0.52
N ILE E 52 -26.21 7.49 -0.76
CA ILE E 52 -25.35 7.21 -1.91
C ILE E 52 -24.29 8.32 -2.07
N GLN E 53 -24.74 9.60 -2.08
CA GLN E 53 -23.88 10.78 -2.19
C GLN E 53 -22.82 10.84 -1.08
N PHE E 54 -23.23 10.59 0.19
CA PHE E 54 -22.34 10.55 1.37
C PHE E 54 -21.26 9.46 1.17
N ALA E 55 -21.68 8.24 0.76
CA ALA E 55 -20.82 7.10 0.52
C ALA E 55 -19.85 7.32 -0.65
N GLN E 56 -20.32 8.02 -1.71
CA GLN E 56 -19.51 8.30 -2.89
C GLN E 56 -18.50 9.44 -2.66
N GLN E 57 -18.84 10.40 -1.77
CA GLN E 57 -17.98 11.57 -1.50
C GLN E 57 -17.05 11.44 -0.30
N SER E 58 -17.60 11.05 0.87
CA SER E 58 -16.82 10.98 2.11
C SER E 58 -16.39 9.60 2.59
N LEU E 59 -16.43 8.55 1.72
CA LEU E 59 -15.98 7.21 2.11
C LEU E 59 -14.84 6.65 1.25
N ILE E 60 -14.31 7.47 0.31
CA ILE E 60 -13.20 7.15 -0.60
C ILE E 60 -12.03 6.50 0.16
N SER E 61 -11.61 5.31 -0.32
CA SER E 61 -10.53 4.52 0.27
C SER E 61 -9.64 3.92 -0.81
N ASP E 62 -8.35 3.69 -0.48
CA ASP E 62 -7.41 3.02 -1.38
C ASP E 62 -7.74 1.52 -1.20
N LEU E 63 -8.88 1.10 -1.76
CA LEU E 63 -9.42 -0.26 -1.63
C LEU E 63 -8.56 -1.37 -2.20
N ILE E 64 -7.73 -1.08 -3.21
CA ILE E 64 -6.85 -2.09 -3.77
C ILE E 64 -5.80 -2.45 -2.73
N LYS E 65 -5.24 -1.42 -2.04
CA LYS E 65 -4.27 -1.53 -0.96
C LYS E 65 -4.91 -2.14 0.32
N ASN E 66 -6.06 -1.60 0.77
CA ASN E 66 -6.81 -2.06 1.96
C ASN E 66 -7.17 -3.53 1.92
N ASP E 67 -7.52 -4.03 0.72
CA ASP E 67 -7.85 -5.45 0.54
C ASP E 67 -6.57 -6.31 0.58
N LYS E 68 -5.52 -5.89 -0.16
CA LYS E 68 -4.23 -6.59 -0.24
C LYS E 68 -3.56 -6.66 1.13
N GLU E 69 -3.49 -5.51 1.83
CA GLU E 69 -2.84 -5.39 3.15
C GLU E 69 -3.73 -5.71 4.36
N GLU E 70 -5.05 -5.91 4.14
CA GLU E 70 -6.07 -6.25 5.14
C GLU E 70 -6.34 -5.13 6.14
N ILE E 71 -6.57 -3.95 5.60
CA ILE E 71 -6.75 -2.76 6.43
C ILE E 71 -8.21 -2.49 6.71
N PHE E 72 -8.59 -2.49 7.98
CA PHE E 72 -9.94 -2.14 8.40
C PHE E 72 -10.01 -0.61 8.44
N ASN E 73 -11.04 -0.03 7.79
CA ASN E 73 -11.21 1.42 7.71
C ASN E 73 -11.97 1.98 8.91
N ARG E 74 -11.21 2.34 9.96
CA ARG E 74 -11.80 2.91 11.19
C ARG E 74 -12.36 4.31 10.94
N ASP E 75 -11.72 5.08 10.03
CA ASP E 75 -12.11 6.42 9.64
C ASP E 75 -13.53 6.41 9.03
N ALA E 76 -13.78 5.43 8.12
CA ALA E 76 -15.07 5.26 7.45
C ALA E 76 -16.15 4.76 8.40
N TRP E 77 -15.80 3.94 9.41
CA TRP E 77 -16.73 3.43 10.43
C TRP E 77 -17.23 4.62 11.25
N GLN E 78 -16.29 5.49 11.71
CA GLN E 78 -16.56 6.70 12.49
C GLN E 78 -17.49 7.66 11.73
N LYS E 79 -17.23 7.88 10.42
CA LYS E 79 -18.06 8.76 9.59
C LYS E 79 -19.49 8.25 9.48
N CYS E 80 -19.63 6.91 9.25
CA CYS E 80 -20.92 6.23 9.12
C CYS E 80 -21.76 6.39 10.39
N SER E 81 -21.11 6.27 11.57
CA SER E 81 -21.77 6.45 12.86
C SER E 81 -22.21 7.89 13.07
N GLU E 82 -21.39 8.88 12.58
CA GLU E 82 -21.68 10.31 12.62
C GLU E 82 -22.91 10.60 11.76
N PHE E 83 -23.03 9.90 10.60
CA PHE E 83 -24.16 10.01 9.67
C PHE E 83 -25.44 9.42 10.29
N GLY E 84 -25.27 8.36 11.09
CA GLY E 84 -26.36 7.71 11.81
C GLY E 84 -26.65 6.27 11.45
N VAL E 85 -25.81 5.66 10.57
CA VAL E 85 -25.97 4.28 10.08
C VAL E 85 -26.32 3.29 11.20
N HIS E 86 -25.44 3.19 12.20
CA HIS E 86 -25.57 2.26 13.33
C HIS E 86 -26.88 2.45 14.10
N GLY E 87 -27.34 3.69 14.20
CA GLY E 87 -28.57 4.04 14.91
C GLY E 87 -29.86 3.91 14.12
N TRP E 88 -29.77 3.60 12.82
CA TRP E 88 -30.94 3.47 11.92
C TRP E 88 -32.12 2.65 12.51
N PRO E 89 -31.93 1.39 13.01
CA PRO E 89 -33.09 0.66 13.57
C PRO E 89 -33.31 0.87 15.07
N ILE E 90 -32.43 1.67 15.70
CA ILE E 90 -32.43 1.96 17.13
C ILE E 90 -33.33 3.17 17.49
N PRO E 91 -34.14 3.10 18.57
CA PRO E 91 -34.95 4.27 18.94
C PRO E 91 -34.10 5.42 19.41
N ALA E 92 -34.59 6.64 19.14
CA ALA E 92 -33.93 7.92 19.44
C ALA E 92 -33.55 8.13 20.91
N ARG E 93 -34.24 7.46 21.84
CA ARG E 93 -33.93 7.55 23.26
C ARG E 93 -32.58 6.90 23.63
N TYR E 94 -32.13 5.93 22.82
CA TYR E 94 -30.83 5.30 23.01
C TYR E 94 -29.83 5.90 22.02
N GLY E 95 -30.08 7.13 21.59
CA GLY E 95 -29.26 7.86 20.63
C GLY E 95 -29.37 7.39 19.20
N GLY E 96 -30.43 6.66 18.89
CA GLY E 96 -30.66 6.13 17.55
C GLY E 96 -31.36 7.10 16.62
N GLN E 97 -31.69 6.63 15.42
CA GLN E 97 -32.36 7.43 14.40
C GLN E 97 -33.86 7.15 14.37
N GLU E 98 -34.27 5.98 14.88
CA GLU E 98 -35.67 5.52 14.96
C GLU E 98 -36.36 5.46 13.59
N LEU E 99 -35.65 4.89 12.59
CA LEU E 99 -36.18 4.71 11.24
C LEU E 99 -36.95 3.40 11.18
N ASP E 100 -37.97 3.33 10.32
CA ASP E 100 -38.71 2.09 10.12
C ASP E 100 -37.83 1.13 9.31
N ILE E 101 -38.06 -0.18 9.46
CA ILE E 101 -37.30 -1.26 8.81
C ILE E 101 -37.21 -1.11 7.29
N LEU E 102 -38.34 -0.87 6.62
CA LEU E 102 -38.38 -0.70 5.17
C LEU E 102 -37.48 0.42 4.66
N THR E 103 -37.43 1.55 5.42
CA THR E 103 -36.56 2.70 5.12
C THR E 103 -35.10 2.30 5.38
N THR E 104 -34.85 1.58 6.50
CA THR E 104 -33.52 1.09 6.90
C THR E 104 -32.92 0.18 5.82
N ALA E 105 -33.73 -0.79 5.31
CA ALA E 105 -33.34 -1.71 4.26
C ALA E 105 -33.06 -0.98 2.93
N TYR E 106 -33.91 0.01 2.57
CA TYR E 106 -33.78 0.83 1.35
C TYR E 106 -32.50 1.66 1.39
N ALA E 107 -32.20 2.27 2.57
CA ALA E 107 -31.02 3.09 2.81
C ALA E 107 -29.76 2.24 2.80
N LEU E 108 -29.84 1.04 3.38
CA LEU E 108 -28.73 0.10 3.47
C LEU E 108 -28.30 -0.34 2.07
N GLN E 109 -29.27 -0.49 1.16
CA GLN E 109 -29.10 -0.85 -0.24
C GLN E 109 -28.34 0.30 -0.93
N GLY E 110 -28.77 1.53 -0.64
CA GLY E 110 -28.14 2.73 -1.15
C GLY E 110 -26.70 2.82 -0.66
N LEU E 111 -26.46 2.36 0.56
CA LEU E 111 -25.11 2.29 1.11
C LEU E 111 -24.23 1.29 0.36
N GLY E 112 -24.80 0.12 0.03
CA GLY E 112 -24.11 -0.92 -0.72
C GLY E 112 -23.74 -0.49 -2.13
N TYR E 113 -24.61 0.31 -2.76
CA TYR E 113 -24.41 0.86 -4.11
C TYR E 113 -23.29 1.92 -4.10
N GLY E 114 -23.32 2.82 -3.11
CA GLY E 114 -22.39 3.93 -2.96
C GLY E 114 -21.03 3.59 -2.36
N CYS E 115 -20.98 2.57 -1.48
CA CYS E 115 -19.76 2.15 -0.79
C CYS E 115 -19.24 0.85 -1.42
N LYS E 116 -17.99 0.86 -1.87
CA LYS E 116 -17.32 -0.28 -2.51
C LYS E 116 -16.67 -1.24 -1.51
N ASP E 117 -16.44 -0.77 -0.26
CA ASP E 117 -15.81 -1.54 0.81
C ASP E 117 -16.82 -2.50 1.42
N ASN E 118 -16.91 -3.71 0.85
CA ASN E 118 -17.83 -4.75 1.29
C ASN E 118 -17.52 -5.29 2.69
N GLY E 119 -16.23 -5.30 3.06
CA GLY E 119 -15.77 -5.75 4.38
C GLY E 119 -16.28 -4.85 5.49
N LEU E 120 -16.26 -3.50 5.26
CA LEU E 120 -16.74 -2.50 6.22
C LEU E 120 -18.26 -2.67 6.41
N ILE E 121 -18.99 -2.81 5.28
CA ILE E 121 -20.43 -3.04 5.23
C ILE E 121 -20.79 -4.30 6.07
N PHE E 122 -20.04 -5.41 5.91
CA PHE E 122 -20.26 -6.65 6.65
C PHE E 122 -20.00 -6.44 8.15
N ALA E 123 -18.89 -5.77 8.50
CA ALA E 123 -18.48 -5.45 9.88
C ALA E 123 -19.54 -4.63 10.63
N MET E 124 -20.14 -3.63 9.97
CA MET E 124 -21.19 -2.78 10.55
C MET E 124 -22.51 -3.54 10.73
N ASN E 125 -22.91 -4.32 9.70
CA ASN E 125 -24.15 -5.11 9.74
C ASN E 125 -24.11 -6.18 10.84
N ALA E 126 -22.93 -6.75 11.10
CA ALA E 126 -22.72 -7.72 12.18
C ALA E 126 -22.93 -7.03 13.53
N HIS E 127 -22.41 -5.80 13.67
CA HIS E 127 -22.53 -4.94 14.86
C HIS E 127 -24.00 -4.55 15.10
N ILE E 128 -24.71 -4.12 14.03
CA ILE E 128 -26.12 -3.70 14.11
C ILE E 128 -27.09 -4.84 14.40
N TRP E 129 -27.17 -5.85 13.51
CA TRP E 129 -28.13 -6.96 13.58
C TRP E 129 -27.86 -8.08 14.56
N ALA E 130 -26.59 -8.46 14.76
CA ALA E 130 -26.23 -9.55 15.68
C ALA E 130 -25.86 -9.13 17.10
N CYS E 131 -25.70 -7.81 17.34
CA CYS E 131 -25.33 -7.30 18.66
C CYS E 131 -26.30 -6.26 19.22
N GLU E 132 -26.56 -5.16 18.46
CA GLU E 132 -27.47 -4.09 18.90
C GLU E 132 -28.92 -4.57 19.02
N MET E 133 -29.40 -5.33 18.01
CA MET E 133 -30.76 -5.86 17.98
C MET E 133 -31.11 -6.79 19.14
N PRO E 134 -30.36 -7.90 19.43
CA PRO E 134 -30.70 -8.73 20.59
C PRO E 134 -30.68 -7.97 21.92
N LEU E 135 -29.76 -6.97 22.05
CA LEU E 135 -29.65 -6.10 23.23
C LEU E 135 -30.89 -5.23 23.40
N LEU E 136 -31.41 -4.67 22.28
CA LEU E 136 -32.61 -3.83 22.27
C LEU E 136 -33.86 -4.64 22.67
N THR E 137 -33.96 -5.89 22.19
CA THR E 137 -35.08 -6.79 22.43
C THR E 137 -35.06 -7.47 23.80
N PHE E 138 -33.94 -8.10 24.17
CA PHE E 138 -33.81 -8.88 25.42
C PHE E 138 -33.18 -8.17 26.62
N GLY E 139 -32.52 -7.03 26.40
CA GLY E 139 -31.86 -6.29 27.47
C GLY E 139 -32.81 -5.57 28.39
N THR E 140 -32.40 -5.43 29.68
CA THR E 140 -33.17 -4.70 30.68
C THR E 140 -32.99 -3.21 30.41
N GLU E 141 -33.85 -2.36 31.02
CA GLU E 141 -33.79 -0.91 30.82
C GLU E 141 -32.41 -0.33 31.17
N GLU E 142 -31.78 -0.83 32.24
CA GLU E 142 -30.43 -0.42 32.68
C GLU E 142 -29.33 -0.92 31.74
N GLN E 143 -29.48 -2.15 31.19
CA GLN E 143 -28.54 -2.76 30.22
C GLN E 143 -28.57 -1.96 28.90
N LYS E 144 -29.78 -1.56 28.46
CA LYS E 144 -30.00 -0.78 27.24
C LYS E 144 -29.48 0.65 27.40
N GLU E 145 -29.81 1.32 28.52
CA GLU E 145 -29.39 2.68 28.83
C GLU E 145 -27.85 2.82 28.89
N LYS E 146 -27.14 1.79 29.36
CA LYS E 146 -25.68 1.79 29.47
C LYS E 146 -24.98 1.49 28.14
N TYR E 147 -25.32 0.34 27.49
CA TYR E 147 -24.64 -0.13 26.30
C TYR E 147 -25.11 0.37 24.93
N LEU E 148 -26.43 0.50 24.74
CA LEU E 148 -26.97 0.95 23.45
C LEU E 148 -26.49 2.32 22.98
N PRO E 149 -26.53 3.38 23.83
CA PRO E 149 -26.03 4.69 23.37
C PRO E 149 -24.55 4.66 22.96
N LEU E 150 -23.75 3.80 23.60
CA LEU E 150 -22.32 3.62 23.30
C LEU E 150 -22.08 3.02 21.91
N LEU E 151 -22.84 1.97 21.55
CA LEU E 151 -22.73 1.30 20.26
C LEU E 151 -23.22 2.21 19.13
N CYS E 152 -24.31 2.97 19.42
CA CYS E 152 -24.90 3.97 18.52
C CYS E 152 -23.92 5.09 18.19
N ARG E 153 -23.58 5.92 19.19
CA ARG E 153 -22.75 7.12 19.00
C ARG E 153 -21.46 7.23 19.82
N GLY E 154 -21.14 6.24 20.65
CA GLY E 154 -19.94 6.29 21.47
C GLY E 154 -18.65 5.76 20.88
N GLY E 155 -18.74 5.20 19.67
CA GLY E 155 -17.55 4.64 19.02
C GLY E 155 -17.20 3.26 19.52
N TRP E 156 -18.13 2.64 20.27
CA TRP E 156 -17.99 1.30 20.79
C TRP E 156 -18.38 0.32 19.70
N ILE E 157 -17.59 -0.74 19.54
CA ILE E 157 -17.84 -1.76 18.54
C ILE E 157 -18.22 -3.06 19.25
N ALA E 158 -19.12 -3.83 18.65
CA ALA E 158 -19.57 -5.07 19.25
C ALA E 158 -19.30 -6.29 18.35
N SER E 159 -19.07 -7.44 19.01
CA SER E 159 -18.83 -8.75 18.40
C SER E 159 -19.84 -9.76 18.91
N HIS E 160 -20.19 -10.72 18.05
CA HIS E 160 -21.14 -11.79 18.33
C HIS E 160 -20.35 -13.10 18.24
N ALA E 161 -20.08 -13.72 19.39
CA ALA E 161 -19.30 -14.97 19.46
C ALA E 161 -20.19 -16.12 19.90
N ALA E 162 -20.62 -16.93 18.93
CA ALA E 162 -21.50 -18.08 19.14
C ALA E 162 -20.90 -19.37 18.61
N THR E 163 -20.37 -19.36 17.36
CA THR E 163 -19.75 -20.51 16.68
C THR E 163 -18.48 -21.09 17.38
N GLU E 164 -18.30 -22.43 17.30
CA GLU E 164 -17.18 -23.18 17.90
C GLU E 164 -16.62 -24.19 16.90
N PRO E 165 -15.35 -24.68 17.03
CA PRO E 165 -14.84 -25.67 16.06
C PRO E 165 -15.73 -26.90 15.82
N GLN E 166 -16.47 -27.34 16.84
CA GLN E 166 -17.41 -28.47 16.70
C GLN E 166 -18.87 -28.05 16.86
N ALA E 167 -19.15 -26.74 16.74
CA ALA E 167 -20.48 -26.16 16.84
C ALA E 167 -20.61 -24.99 15.87
N GLY E 168 -20.71 -25.31 14.59
CA GLY E 168 -20.90 -24.36 13.52
C GLY E 168 -22.37 -24.38 13.14
N SER E 169 -22.74 -25.35 12.29
CA SER E 169 -24.13 -25.58 11.87
C SER E 169 -24.93 -26.08 13.09
N ASP E 170 -24.35 -27.04 13.85
CA ASP E 170 -24.93 -27.61 15.07
C ASP E 170 -24.59 -26.71 16.26
N ILE E 171 -25.15 -25.48 16.24
CA ILE E 171 -24.95 -24.43 17.24
C ILE E 171 -25.48 -24.81 18.64
N TYR E 172 -26.49 -25.68 18.71
CA TYR E 172 -27.06 -26.13 19.98
C TYR E 172 -26.07 -26.97 20.80
N SER E 173 -25.11 -27.61 20.12
CA SER E 173 -24.05 -28.42 20.71
C SER E 173 -22.83 -27.60 21.21
N LEU E 174 -23.08 -26.37 21.71
CA LEU E 174 -22.07 -25.47 22.27
C LEU E 174 -21.37 -26.11 23.43
N LYS E 175 -20.05 -25.93 23.51
CA LYS E 175 -19.29 -26.46 24.62
C LYS E 175 -18.88 -25.40 25.64
N THR E 176 -18.91 -24.08 25.26
CA THR E 176 -18.54 -22.97 26.14
C THR E 176 -19.45 -22.97 27.37
N THR E 177 -18.88 -23.32 28.54
CA THR E 177 -19.62 -23.41 29.80
C THR E 177 -19.57 -22.13 30.61
N ALA E 178 -20.64 -21.85 31.36
CA ALA E 178 -20.78 -20.70 32.25
C ALA E 178 -21.22 -21.19 33.63
N GLN E 179 -20.27 -21.23 34.59
CA GLN E 179 -20.54 -21.68 35.95
C GLN E 179 -20.78 -20.53 36.90
N LYS E 180 -21.97 -20.54 37.53
CA LYS E 180 -22.39 -19.53 38.50
C LYS E 180 -21.61 -19.65 39.82
N ASP E 181 -21.19 -18.51 40.38
CA ASP E 181 -20.47 -18.39 41.65
C ASP E 181 -21.06 -17.20 42.42
N GLY E 182 -22.30 -17.36 42.85
CA GLY E 182 -23.05 -16.31 43.53
C GLY E 182 -23.61 -15.28 42.58
N ASP E 183 -23.00 -14.08 42.57
CA ASP E 183 -23.38 -12.95 41.72
C ASP E 183 -22.62 -12.91 40.38
N LYS E 184 -21.72 -13.86 40.17
CA LYS E 184 -20.92 -13.91 38.94
C LYS E 184 -21.01 -15.25 38.21
N TYR E 185 -20.39 -15.31 37.02
CA TYR E 185 -20.32 -16.50 36.16
C TYR E 185 -18.89 -16.69 35.67
N ILE E 186 -18.41 -17.94 35.69
CA ILE E 186 -17.07 -18.32 35.22
C ILE E 186 -17.22 -18.95 33.83
N LEU E 187 -16.74 -18.23 32.79
CA LEU E 187 -16.81 -18.67 31.40
C LEU E 187 -15.53 -19.30 30.89
N ASN E 188 -15.65 -20.49 30.31
CA ASN E 188 -14.56 -21.27 29.75
C ASN E 188 -14.99 -21.89 28.43
N GLY E 189 -14.16 -21.71 27.40
CA GLY E 189 -14.42 -22.22 26.06
C GLY E 189 -13.59 -21.59 24.98
N TYR E 190 -13.87 -21.97 23.73
CA TYR E 190 -13.16 -21.47 22.56
C TYR E 190 -14.17 -21.13 21.46
N LYS E 191 -14.08 -19.91 20.93
CA LYS E 191 -14.97 -19.42 19.88
C LYS E 191 -14.17 -19.02 18.64
N HIS E 192 -14.30 -19.81 17.53
CA HIS E 192 -13.60 -19.45 16.31
C HIS E 192 -14.49 -18.53 15.47
N TYR E 193 -13.91 -17.73 14.56
CA TYR E 193 -14.62 -16.74 13.74
C TYR E 193 -15.43 -15.75 14.58
N VAL E 194 -14.80 -14.65 15.02
CA VAL E 194 -15.47 -13.61 15.80
C VAL E 194 -15.30 -12.26 15.09
N THR E 195 -16.24 -11.92 14.18
CA THR E 195 -16.20 -10.66 13.42
C THR E 195 -16.08 -9.46 14.38
N ASN E 196 -15.09 -8.56 14.10
CA ASN E 196 -14.78 -7.34 14.87
C ASN E 196 -14.07 -7.58 16.22
N GLY E 197 -13.76 -8.85 16.53
CA GLY E 197 -13.10 -9.28 17.76
C GLY E 197 -11.90 -8.47 18.20
N THR E 198 -10.97 -8.21 17.29
CA THR E 198 -9.75 -7.45 17.55
C THR E 198 -9.96 -5.95 17.79
N ILE E 199 -11.15 -5.41 17.47
CA ILE E 199 -11.50 -4.00 17.63
C ILE E 199 -12.75 -3.75 18.50
N ALA E 200 -13.42 -4.82 18.94
CA ALA E 200 -14.63 -4.76 19.75
C ALA E 200 -14.40 -4.29 21.17
N ASP E 201 -15.38 -3.55 21.71
CA ASP E 201 -15.40 -3.03 23.07
C ASP E 201 -16.34 -3.86 23.95
N LEU E 202 -17.34 -4.51 23.33
CA LEU E 202 -18.31 -5.38 23.97
C LEU E 202 -18.50 -6.68 23.18
N PHE E 203 -18.52 -7.81 23.90
CA PHE E 203 -18.65 -9.14 23.31
C PHE E 203 -19.96 -9.79 23.71
N ILE E 204 -20.76 -10.19 22.71
CA ILE E 204 -22.01 -10.91 22.91
C ILE E 204 -21.63 -12.39 22.79
N ILE E 205 -21.63 -13.11 23.92
CA ILE E 205 -21.20 -14.51 24.01
C ILE E 205 -22.32 -15.48 24.37
N PHE E 206 -22.41 -16.56 23.59
CA PHE E 206 -23.37 -17.63 23.77
C PHE E 206 -22.68 -18.79 24.46
N ALA E 207 -23.09 -19.07 25.70
CA ALA E 207 -22.56 -20.13 26.54
C ALA E 207 -23.67 -21.04 27.11
N THR E 208 -23.28 -22.08 27.86
CA THR E 208 -24.23 -23.01 28.48
C THR E 208 -24.01 -23.13 29.99
N ILE E 209 -25.10 -23.08 30.76
CA ILE E 209 -25.03 -23.22 32.23
C ILE E 209 -24.82 -24.68 32.61
N ASP E 210 -25.38 -25.60 31.80
CA ASP E 210 -25.27 -27.04 31.95
C ASP E 210 -25.42 -27.73 30.59
N PRO E 211 -24.34 -28.40 30.11
CA PRO E 211 -24.42 -29.06 28.79
C PRO E 211 -25.42 -30.20 28.68
N SER E 212 -25.85 -30.79 29.83
CA SER E 212 -26.84 -31.86 29.88
C SER E 212 -28.22 -31.38 29.43
N LEU E 213 -28.51 -30.09 29.64
CA LEU E 213 -29.79 -29.48 29.30
C LEU E 213 -29.95 -29.26 27.80
N GLY E 214 -28.84 -29.17 27.07
CA GLY E 214 -28.84 -28.94 25.64
C GLY E 214 -29.35 -27.56 25.29
N LYS E 215 -30.41 -27.49 24.44
CA LYS E 215 -31.09 -26.27 23.99
C LYS E 215 -31.55 -25.39 25.14
N GLU E 216 -32.07 -26.04 26.20
CA GLU E 216 -32.57 -25.37 27.40
C GLU E 216 -31.50 -24.79 28.31
N GLY E 217 -30.23 -25.12 28.05
CA GLY E 217 -29.11 -24.65 28.85
C GLY E 217 -28.38 -23.43 28.33
N LEU E 218 -28.67 -23.04 27.08
CA LEU E 218 -28.05 -21.91 26.39
C LEU E 218 -28.35 -20.56 27.05
N THR E 219 -27.30 -19.76 27.32
CA THR E 219 -27.41 -18.45 27.97
C THR E 219 -26.43 -17.45 27.34
N THR E 220 -26.84 -16.17 27.21
CA THR E 220 -26.06 -15.08 26.62
C THR E 220 -25.44 -14.16 27.69
N PHE E 221 -24.18 -13.74 27.47
CA PHE E 221 -23.40 -12.87 28.36
C PHE E 221 -22.73 -11.73 27.61
N MET E 222 -22.68 -10.54 28.22
CA MET E 222 -22.05 -9.35 27.65
C MET E 222 -20.77 -9.06 28.39
N ILE E 223 -19.65 -9.32 27.75
CA ILE E 223 -18.34 -9.14 28.35
C ILE E 223 -17.59 -7.98 27.68
N GLU E 224 -17.15 -7.00 28.48
CA GLU E 224 -16.39 -5.86 28.00
C GLU E 224 -14.97 -6.29 27.60
N LYS E 225 -14.39 -5.55 26.68
CA LYS E 225 -13.04 -5.73 26.16
C LYS E 225 -12.02 -5.73 27.31
N ASP E 226 -10.95 -6.50 27.18
CA ASP E 226 -9.87 -6.64 28.16
C ASP E 226 -10.37 -7.01 29.58
N THR E 227 -11.20 -8.05 29.66
CA THR E 227 -11.66 -8.63 30.91
C THR E 227 -10.68 -9.80 31.13
N PRO E 228 -10.08 -9.96 32.32
CA PRO E 228 -9.14 -11.06 32.53
C PRO E 228 -9.75 -12.42 32.18
N GLY E 229 -9.11 -13.09 31.23
CA GLY E 229 -9.54 -14.39 30.72
C GLY E 229 -10.00 -14.40 29.27
N LEU E 230 -10.16 -13.20 28.68
CA LEU E 230 -10.61 -12.99 27.30
C LEU E 230 -9.38 -12.87 26.39
N ILE E 231 -9.05 -13.97 25.66
CA ILE E 231 -7.87 -14.06 24.80
C ILE E 231 -8.25 -14.03 23.32
N LEU E 232 -7.68 -13.08 22.58
CA LEU E 232 -7.91 -12.91 21.15
C LEU E 232 -6.64 -13.20 20.34
N SER E 233 -6.83 -13.82 19.17
CA SER E 233 -5.73 -14.14 18.26
C SER E 233 -5.59 -12.97 17.27
N LYS E 234 -4.66 -13.10 16.33
CA LYS E 234 -4.50 -12.10 15.29
C LYS E 234 -5.62 -12.35 14.26
N PRO E 235 -6.12 -11.32 13.54
CA PRO E 235 -7.20 -11.59 12.57
C PRO E 235 -6.78 -12.60 11.51
N ILE E 236 -7.63 -13.61 11.26
CA ILE E 236 -7.35 -14.68 10.31
C ILE E 236 -7.46 -14.18 8.86
N SER E 237 -6.46 -14.54 8.02
CA SER E 237 -6.41 -14.21 6.59
C SER E 237 -7.41 -15.05 5.81
N LYS E 238 -8.21 -14.39 4.95
CA LYS E 238 -9.23 -15.04 4.15
C LYS E 238 -9.31 -14.56 2.69
N MET E 239 -10.07 -15.28 1.84
CA MET E 239 -10.26 -14.98 0.41
C MET E 239 -10.68 -13.52 0.14
N GLY E 240 -11.83 -13.12 0.67
CA GLY E 240 -12.38 -11.78 0.58
C GLY E 240 -12.75 -11.29 1.96
N MET E 241 -13.48 -10.15 2.04
CA MET E 241 -13.89 -9.46 3.28
C MET E 241 -12.65 -9.16 4.16
N ARG E 242 -11.50 -8.95 3.50
CA ARG E 242 -10.19 -8.69 4.09
C ARG E 242 -10.08 -7.37 4.89
N THR E 243 -11.05 -6.46 4.68
CA THR E 243 -11.13 -5.18 5.37
C THR E 243 -12.02 -5.30 6.64
N ALA E 244 -12.39 -6.55 6.99
CA ALA E 244 -13.17 -6.89 8.19
C ALA E 244 -12.33 -7.84 9.02
N GLU E 245 -12.11 -7.50 10.30
CA GLU E 245 -11.27 -8.28 11.20
C GLU E 245 -12.00 -9.47 11.83
N VAL E 246 -11.55 -10.71 11.51
CA VAL E 246 -12.15 -11.94 12.02
C VAL E 246 -11.11 -12.86 12.75
N PRO E 247 -10.83 -12.58 14.05
CA PRO E 247 -9.89 -13.43 14.80
C PRO E 247 -10.59 -14.59 15.53
N GLU E 248 -9.83 -15.34 16.34
CA GLU E 248 -10.33 -16.43 17.19
C GLU E 248 -10.41 -15.89 18.61
N LEU E 249 -11.29 -16.48 19.43
CA LEU E 249 -11.48 -16.10 20.82
C LEU E 249 -11.39 -17.30 21.75
N ARG E 250 -10.69 -17.14 22.87
CA ARG E 250 -10.58 -18.18 23.88
C ARG E 250 -10.88 -17.56 25.25
N LEU E 251 -11.70 -18.27 26.04
CA LEU E 251 -12.10 -17.84 27.37
C LEU E 251 -11.45 -18.75 28.41
N GLU E 252 -10.63 -18.16 29.30
CA GLU E 252 -9.97 -18.90 30.38
C GLU E 252 -10.38 -18.30 31.73
N ASN E 253 -11.40 -18.92 32.37
CA ASN E 253 -11.97 -18.50 33.66
C ASN E 253 -12.35 -17.01 33.64
N CYS E 254 -13.02 -16.59 32.56
CA CYS E 254 -13.49 -15.24 32.33
C CYS E 254 -14.69 -14.95 33.25
N GLU E 255 -14.51 -14.03 34.21
CA GLU E 255 -15.55 -13.64 35.16
C GLU E 255 -16.44 -12.53 34.63
N VAL E 256 -17.76 -12.74 34.74
CA VAL E 256 -18.79 -11.78 34.33
C VAL E 256 -19.92 -11.71 35.38
N SER E 257 -20.38 -10.49 35.70
CA SER E 257 -21.46 -10.25 36.66
C SER E 257 -22.81 -10.75 36.12
N ALA E 258 -23.72 -11.16 37.02
CA ALA E 258 -25.06 -11.62 36.66
C ALA E 258 -25.88 -10.48 36.04
N ALA E 259 -25.44 -9.23 36.28
CA ALA E 259 -26.04 -8.00 35.77
C ALA E 259 -25.79 -7.85 34.28
N ASN E 260 -24.65 -8.40 33.78
CA ASN E 260 -24.24 -8.36 32.38
C ASN E 260 -24.71 -9.57 31.56
N ARG E 261 -25.55 -10.43 32.16
CA ARG E 261 -26.14 -11.60 31.51
C ARG E 261 -27.40 -11.13 30.77
N LEU E 262 -27.41 -11.31 29.43
CA LEU E 262 -28.53 -10.92 28.57
C LEU E 262 -29.63 -11.97 28.69
N GLY E 263 -30.78 -11.55 29.21
CA GLY E 263 -31.93 -12.41 29.46
C GLY E 263 -31.73 -13.34 30.64
N GLU E 264 -32.74 -14.17 30.90
CA GLU E 264 -32.69 -15.15 31.99
C GLU E 264 -31.86 -16.38 31.57
N GLU E 265 -31.55 -17.27 32.53
CA GLU E 265 -30.82 -18.52 32.27
C GLU E 265 -31.72 -19.39 31.38
N GLY E 266 -31.17 -19.84 30.26
CA GLY E 266 -31.89 -20.69 29.32
C GLY E 266 -32.56 -19.95 28.18
N THR E 267 -32.53 -18.61 28.18
CA THR E 267 -33.12 -17.77 27.12
C THR E 267 -32.22 -17.59 25.89
N GLY E 268 -30.96 -18.03 25.99
CA GLY E 268 -29.95 -17.98 24.93
C GLY E 268 -30.40 -18.45 23.57
N LEU E 269 -31.25 -19.49 23.52
CA LEU E 269 -31.80 -20.06 22.29
C LEU E 269 -32.73 -19.05 21.57
N ALA E 270 -33.67 -18.44 22.35
CA ALA E 270 -34.61 -17.43 21.87
C ALA E 270 -33.86 -16.21 21.38
N ILE E 271 -32.74 -15.85 22.06
CA ILE E 271 -31.88 -14.71 21.72
C ILE E 271 -31.12 -14.96 20.42
N PHE E 272 -30.62 -16.20 20.23
CA PHE E 272 -29.90 -16.62 19.03
C PHE E 272 -30.83 -16.69 17.81
N ASN E 273 -32.03 -17.31 17.98
CA ASN E 273 -33.05 -17.44 16.94
C ASN E 273 -33.58 -16.08 16.45
N HIS E 274 -33.60 -15.08 17.36
CA HIS E 274 -34.01 -13.71 17.09
C HIS E 274 -32.86 -12.97 16.40
N SER E 275 -31.61 -13.18 16.89
CA SER E 275 -30.38 -12.61 16.34
C SER E 275 -30.20 -13.05 14.89
N MET E 276 -30.44 -14.36 14.61
CA MET E 276 -30.35 -14.96 13.27
C MET E 276 -31.38 -14.39 12.30
N GLU E 277 -32.58 -14.31 12.71
CA GLU E 277 -33.75 -13.78 11.99
C GLU E 277 -33.35 -12.40 11.40
N TRP E 278 -32.89 -11.46 12.26
CA TRP E 278 -32.46 -10.13 11.84
C TRP E 278 -31.19 -10.16 10.96
N GLU E 279 -30.18 -10.98 11.35
CA GLU E 279 -28.93 -11.15 10.62
C GLU E 279 -29.18 -11.65 9.19
N ARG E 280 -29.80 -12.85 9.03
CA ARG E 280 -30.11 -13.47 7.72
C ARG E 280 -30.87 -12.55 6.77
N GLY E 281 -31.87 -11.85 7.28
CA GLY E 281 -32.72 -10.96 6.48
C GLY E 281 -32.14 -9.60 6.14
N PHE E 282 -31.17 -9.09 6.95
CA PHE E 282 -30.63 -7.75 6.73
C PHE E 282 -29.14 -7.57 6.44
N ILE E 283 -28.29 -8.58 6.73
CA ILE E 283 -26.83 -8.51 6.48
C ILE E 283 -26.52 -8.35 4.98
N LEU E 284 -27.42 -8.83 4.11
CA LEU E 284 -27.27 -8.80 2.65
C LEU E 284 -28.10 -7.71 1.96
N ALA E 285 -28.67 -6.77 2.75
CA ALA E 285 -29.45 -5.64 2.23
C ALA E 285 -28.58 -4.77 1.33
N ALA E 286 -27.34 -4.52 1.76
CA ALA E 286 -26.36 -3.73 1.02
C ALA E 286 -25.81 -4.47 -0.20
N ALA E 287 -25.77 -5.83 -0.15
CA ALA E 287 -25.30 -6.71 -1.23
C ALA E 287 -26.17 -6.52 -2.48
N VAL E 288 -27.47 -6.22 -2.26
CA VAL E 288 -28.47 -5.93 -3.32
C VAL E 288 -28.04 -4.63 -4.03
N GLY E 289 -27.52 -3.66 -3.27
CA GLY E 289 -27.01 -2.39 -3.79
C GLY E 289 -25.77 -2.58 -4.63
N THR E 290 -24.86 -3.47 -4.17
CA THR E 290 -23.61 -3.86 -4.85
C THR E 290 -23.96 -4.53 -6.19
N MET E 291 -25.00 -5.37 -6.20
CA MET E 291 -25.51 -6.07 -7.39
C MET E 291 -26.02 -5.06 -8.42
N GLU E 292 -26.67 -3.97 -7.96
CA GLU E 292 -27.17 -2.88 -8.82
C GLU E 292 -25.99 -2.13 -9.46
N ARG E 293 -24.90 -1.86 -8.68
CA ARG E 293 -23.71 -1.18 -9.15
C ARG E 293 -22.98 -2.00 -10.23
N LEU E 294 -22.83 -3.32 -10.04
CA LEU E 294 -22.18 -4.20 -11.01
C LEU E 294 -22.98 -4.39 -12.28
N LEU E 295 -24.31 -4.34 -12.20
CA LEU E 295 -25.17 -4.45 -13.37
C LEU E 295 -24.98 -3.24 -14.28
N GLU E 296 -25.04 -2.02 -13.71
CA GLU E 296 -24.86 -0.78 -14.47
C GLU E 296 -23.44 -0.64 -15.03
N GLN E 297 -22.43 -1.11 -14.27
CA GLN E 297 -21.03 -1.13 -14.68
C GLN E 297 -20.83 -2.09 -15.87
N SER E 298 -21.51 -3.24 -15.83
CA SER E 298 -21.42 -4.25 -16.87
C SER E 298 -22.19 -3.84 -18.15
N ILE E 299 -23.34 -3.15 -18.00
CA ILE E 299 -24.11 -2.62 -19.14
C ILE E 299 -23.23 -1.60 -19.86
N ARG E 300 -22.63 -0.65 -19.10
CA ARG E 300 -21.71 0.35 -19.62
C ARG E 300 -20.60 -0.31 -20.47
N TYR E 301 -19.96 -1.38 -19.93
CA TYR E 301 -18.90 -2.10 -20.63
C TYR E 301 -19.39 -2.85 -21.88
N ALA E 302 -20.58 -3.49 -21.78
CA ALA E 302 -21.19 -4.23 -22.89
C ALA E 302 -21.58 -3.30 -24.05
N ARG E 303 -21.84 -2.02 -23.74
CA ARG E 303 -22.18 -0.97 -24.72
C ARG E 303 -20.93 -0.30 -25.27
N SER E 304 -19.90 -0.09 -24.40
CA SER E 304 -18.63 0.56 -24.73
C SER E 304 -17.67 -0.34 -25.49
N HIS E 305 -17.34 -1.50 -24.93
CA HIS E 305 -16.37 -2.41 -25.54
C HIS E 305 -16.86 -3.04 -26.82
N LYS E 306 -16.05 -2.92 -27.88
CA LYS E 306 -16.35 -3.43 -29.21
C LYS E 306 -15.44 -4.55 -29.66
N GLN E 307 -16.01 -5.50 -30.40
CA GLN E 307 -15.32 -6.67 -30.98
C GLN E 307 -16.14 -7.11 -32.20
N PHE E 308 -15.45 -7.48 -33.32
CA PHE E 308 -16.07 -7.90 -34.58
C PHE E 308 -16.94 -6.80 -35.23
N GLY E 309 -16.53 -5.54 -35.04
CA GLY E 309 -17.19 -4.36 -35.59
C GLY E 309 -18.47 -3.90 -34.89
N GLN E 310 -18.75 -4.42 -33.70
CA GLN E 310 -19.93 -4.06 -32.92
C GLN E 310 -19.68 -4.16 -31.42
N ALA E 311 -20.55 -3.53 -30.61
CA ALA E 311 -20.47 -3.62 -29.15
C ALA E 311 -20.67 -5.09 -28.79
N ILE E 312 -20.09 -5.52 -27.65
CA ILE E 312 -20.18 -6.92 -27.18
C ILE E 312 -21.60 -7.31 -26.79
N GLY E 313 -22.36 -6.34 -26.30
CA GLY E 313 -23.75 -6.50 -25.92
C GLY E 313 -24.69 -6.83 -27.07
N LYS E 314 -24.22 -6.70 -28.31
CA LYS E 314 -24.96 -7.06 -29.53
C LYS E 314 -24.95 -8.58 -29.76
N PHE E 315 -24.04 -9.30 -29.08
CA PHE E 315 -23.96 -10.76 -29.10
C PHE E 315 -24.85 -11.25 -27.95
N GLN E 316 -25.80 -12.14 -28.26
CA GLN E 316 -26.77 -12.68 -27.29
C GLN E 316 -26.18 -13.40 -26.07
N LEU E 317 -24.98 -14.00 -26.22
CA LEU E 317 -24.33 -14.69 -25.09
C LEU E 317 -23.88 -13.70 -24.01
N VAL E 318 -23.55 -12.46 -24.43
CA VAL E 318 -23.13 -11.38 -23.53
C VAL E 318 -24.38 -10.70 -22.95
N ALA E 319 -25.36 -10.36 -23.81
CA ALA E 319 -26.62 -9.71 -23.42
C ALA E 319 -27.41 -10.54 -22.42
N ASN E 320 -27.43 -11.89 -22.57
CA ASN E 320 -28.15 -12.79 -21.66
C ASN E 320 -27.61 -12.76 -20.21
N LYS E 321 -26.30 -12.54 -20.05
CA LYS E 321 -25.64 -12.44 -18.74
C LYS E 321 -26.19 -11.22 -17.96
N LEU E 322 -26.51 -10.14 -18.67
CA LEU E 322 -27.07 -8.91 -18.09
C LEU E 322 -28.56 -9.07 -17.82
N VAL E 323 -29.24 -9.91 -18.63
CA VAL E 323 -30.65 -10.25 -18.48
C VAL E 323 -30.77 -11.08 -17.17
N GLU E 324 -29.85 -12.04 -16.95
CA GLU E 324 -29.79 -12.87 -15.74
C GLU E 324 -29.48 -12.04 -14.51
N MET E 325 -28.57 -11.06 -14.65
CA MET E 325 -28.18 -10.14 -13.59
C MET E 325 -29.39 -9.28 -13.17
N LYS E 326 -30.21 -8.85 -14.16
CA LYS E 326 -31.43 -8.06 -13.95
C LYS E 326 -32.49 -8.86 -13.21
N LEU E 327 -32.78 -10.11 -13.66
CA LEU E 327 -33.74 -11.00 -13.02
C LEU E 327 -33.38 -11.23 -11.54
N ARG E 328 -32.10 -11.54 -11.27
CA ARG E 328 -31.59 -11.78 -9.92
C ARG E 328 -31.71 -10.57 -9.01
N LEU E 329 -31.39 -9.37 -9.53
CA LEU E 329 -31.46 -8.10 -8.80
C LEU E 329 -32.89 -7.81 -8.32
N GLU E 330 -33.89 -8.00 -9.22
CA GLU E 330 -35.30 -7.77 -8.91
C GLU E 330 -35.86 -8.78 -7.91
N ASN E 331 -35.36 -10.04 -7.96
CA ASN E 331 -35.75 -11.12 -7.04
C ASN E 331 -35.15 -10.86 -5.65
N ALA E 332 -33.88 -10.37 -5.60
CA ALA E 332 -33.17 -10.04 -4.36
C ALA E 332 -33.93 -8.91 -3.62
N LYS E 333 -34.40 -7.89 -4.37
CA LYS E 333 -35.17 -6.77 -3.85
C LYS E 333 -36.47 -7.29 -3.22
N ALA E 334 -37.15 -8.22 -3.91
CA ALA E 334 -38.39 -8.84 -3.45
C ALA E 334 -38.22 -9.59 -2.11
N TYR E 335 -37.15 -10.41 -1.98
CA TYR E 335 -36.86 -11.16 -0.74
C TYR E 335 -36.53 -10.23 0.41
N LEU E 336 -35.75 -9.17 0.13
CA LEU E 336 -35.34 -8.19 1.12
C LEU E 336 -36.51 -7.35 1.64
N TYR E 337 -37.37 -6.87 0.73
CA TYR E 337 -38.50 -6.05 1.10
C TYR E 337 -39.66 -6.77 1.78
N LYS E 338 -39.77 -8.08 1.60
CA LYS E 338 -40.79 -8.90 2.27
C LYS E 338 -40.43 -9.01 3.77
N VAL E 339 -39.17 -9.39 4.08
CA VAL E 339 -38.63 -9.52 5.43
C VAL E 339 -38.72 -8.17 6.17
N ALA E 340 -38.27 -7.08 5.50
CA ALA E 340 -38.30 -5.71 6.02
C ALA E 340 -39.72 -5.32 6.45
N TRP E 341 -40.74 -5.65 5.61
CA TRP E 341 -42.16 -5.38 5.88
C TRP E 341 -42.63 -6.18 7.08
N MET E 342 -42.41 -7.50 7.08
CA MET E 342 -42.79 -8.44 8.14
C MET E 342 -42.26 -8.06 9.51
N LYS E 343 -40.94 -7.75 9.59
CA LYS E 343 -40.30 -7.33 10.84
C LYS E 343 -40.79 -5.97 11.33
N GLU E 344 -41.16 -5.07 10.40
CA GLU E 344 -41.73 -3.74 10.70
C GLU E 344 -43.12 -3.95 11.34
N ASN E 345 -43.90 -4.92 10.79
CA ASN E 345 -45.22 -5.30 11.28
C ASN E 345 -45.15 -6.35 12.42
N LYS E 346 -44.01 -6.36 13.15
CA LYS E 346 -43.71 -7.20 14.32
C LYS E 346 -44.03 -8.70 14.21
N GLN E 347 -43.81 -9.28 13.01
CA GLN E 347 -44.06 -10.70 12.73
C GLN E 347 -42.78 -11.54 12.80
N MET E 348 -42.93 -12.84 13.10
CA MET E 348 -41.81 -13.79 13.16
C MET E 348 -41.49 -14.18 11.72
N ALA E 349 -40.30 -13.78 11.24
CA ALA E 349 -39.91 -14.03 9.85
C ALA E 349 -38.62 -14.82 9.65
N LEU E 350 -38.43 -15.93 10.40
CA LEU E 350 -37.23 -16.77 10.26
C LEU E 350 -37.19 -17.49 8.90
N LEU E 351 -38.35 -17.94 8.41
CA LEU E 351 -38.46 -18.61 7.11
C LEU E 351 -38.12 -17.63 5.99
N GLU E 352 -38.68 -16.41 6.05
CA GLU E 352 -38.47 -15.38 5.05
C GLU E 352 -37.04 -14.84 5.04
N ALA E 353 -36.39 -14.73 6.22
CA ALA E 353 -34.99 -14.28 6.36
C ALA E 353 -34.02 -15.36 5.86
N SER E 354 -34.38 -16.66 6.02
CA SER E 354 -33.58 -17.80 5.54
C SER E 354 -33.65 -17.88 4.02
N MET E 355 -34.85 -17.65 3.42
CA MET E 355 -35.04 -17.64 1.97
C MET E 355 -34.29 -16.48 1.34
N ALA E 356 -34.29 -15.31 2.01
CA ALA E 356 -33.60 -14.11 1.57
C ALA E 356 -32.08 -14.32 1.56
N ASN E 357 -31.51 -14.82 2.68
CA ASN E 357 -30.08 -15.07 2.81
C ASN E 357 -29.60 -16.15 1.82
N LEU E 358 -30.40 -17.22 1.61
CA LEU E 358 -30.07 -18.30 0.67
C LEU E 358 -30.08 -17.78 -0.77
N TYR E 359 -31.14 -17.03 -1.16
CA TYR E 359 -31.25 -16.49 -2.51
C TYR E 359 -30.18 -15.44 -2.83
N ILE E 360 -30.10 -14.35 -2.04
CA ILE E 360 -29.20 -13.21 -2.22
C ILE E 360 -27.72 -13.57 -2.18
N SER E 361 -27.31 -14.54 -1.32
CA SER E 361 -25.91 -14.93 -1.24
C SER E 361 -25.44 -15.61 -2.51
N GLU E 362 -26.27 -16.48 -3.07
CA GLU E 362 -25.97 -17.19 -4.31
C GLU E 362 -26.14 -16.32 -5.54
N ALA E 363 -27.13 -15.43 -5.51
CA ALA E 363 -27.39 -14.47 -6.58
C ALA E 363 -26.20 -13.52 -6.73
N TRP E 364 -25.65 -13.07 -5.59
CA TRP E 364 -24.49 -12.19 -5.51
C TRP E 364 -23.23 -12.80 -6.12
N VAL E 365 -22.89 -14.06 -5.74
CA VAL E 365 -21.72 -14.80 -6.24
C VAL E 365 -21.81 -14.97 -7.76
N GLN E 366 -22.98 -15.43 -8.23
CA GLN E 366 -23.27 -15.68 -9.65
C GLN E 366 -23.18 -14.41 -10.51
N SER E 367 -23.76 -13.29 -10.04
CA SER E 367 -23.73 -12.00 -10.74
C SER E 367 -22.30 -11.43 -10.82
N CYS E 368 -21.49 -11.66 -9.75
CA CYS E 368 -20.08 -11.24 -9.69
C CYS E 368 -19.27 -11.99 -10.73
N LEU E 369 -19.50 -13.32 -10.81
CA LEU E 369 -18.85 -14.23 -11.75
C LEU E 369 -19.12 -13.80 -13.20
N GLU E 370 -20.38 -13.42 -13.49
CA GLU E 370 -20.84 -12.96 -14.80
C GLU E 370 -20.25 -11.60 -15.17
N ALA E 371 -20.12 -10.68 -14.21
CA ALA E 371 -19.52 -9.36 -14.41
C ALA E 371 -18.06 -9.50 -14.88
N ILE E 372 -17.32 -10.46 -14.28
CA ILE E 372 -15.95 -10.79 -14.65
C ILE E 372 -15.93 -11.39 -16.07
N GLU E 373 -16.93 -12.25 -16.39
CA GLU E 373 -17.06 -12.87 -17.71
C GLU E 373 -17.26 -11.85 -18.81
N ILE E 374 -18.20 -10.88 -18.62
CA ILE E 374 -18.52 -9.80 -19.56
C ILE E 374 -17.25 -8.98 -19.91
N HIS E 375 -16.41 -8.69 -18.89
CA HIS E 375 -15.15 -7.95 -19.05
C HIS E 375 -13.99 -8.75 -19.67
N GLY E 376 -14.13 -10.07 -19.73
CA GLY E 376 -13.10 -10.96 -20.28
C GLY E 376 -11.89 -11.04 -19.37
N ALA E 377 -10.67 -11.15 -19.96
CA ALA E 377 -9.41 -11.19 -19.19
C ALA E 377 -9.23 -9.95 -18.34
N TYR E 378 -9.76 -8.82 -18.81
CA TYR E 378 -9.75 -7.51 -18.15
C TYR E 378 -10.42 -7.59 -16.75
N GLY E 379 -11.48 -8.39 -16.64
CA GLY E 379 -12.19 -8.61 -15.37
C GLY E 379 -11.48 -9.47 -14.36
N TYR E 380 -10.36 -10.10 -14.77
CA TYR E 380 -9.51 -10.99 -13.96
C TYR E 380 -8.32 -10.24 -13.31
N LEU E 381 -8.07 -8.98 -13.76
CA LEU E 381 -6.98 -8.14 -13.26
C LEU E 381 -7.34 -7.46 -11.94
N THR E 382 -6.36 -7.36 -11.01
CA THR E 382 -6.51 -6.73 -9.68
C THR E 382 -7.01 -5.26 -9.76
N ASN E 383 -6.40 -4.45 -10.64
CA ASN E 383 -6.72 -3.03 -10.80
C ASN E 383 -8.15 -2.72 -11.31
N THR E 384 -8.85 -3.71 -11.90
CA THR E 384 -10.23 -3.54 -12.38
C THR E 384 -11.20 -3.49 -11.18
N GLU E 385 -10.93 -4.30 -10.13
CA GLU E 385 -11.63 -4.45 -8.84
C GLU E 385 -12.87 -5.36 -8.85
N LEU E 386 -13.21 -5.97 -10.03
CA LEU E 386 -14.36 -6.86 -10.13
C LEU E 386 -14.07 -8.21 -9.47
N GLU E 387 -12.77 -8.60 -9.46
CA GLU E 387 -12.29 -9.82 -8.85
C GLU E 387 -12.52 -9.83 -7.33
N ARG E 388 -12.23 -8.69 -6.66
CA ARG E 388 -12.42 -8.51 -5.22
C ARG E 388 -13.91 -8.69 -4.87
N GLU E 389 -14.82 -8.12 -5.72
CA GLU E 389 -16.26 -8.22 -5.56
C GLU E 389 -16.69 -9.69 -5.40
N LEU E 390 -16.16 -10.60 -6.26
CA LEU E 390 -16.47 -12.04 -6.22
C LEU E 390 -15.92 -12.68 -4.94
N ARG E 391 -14.64 -12.38 -4.59
CA ARG E 391 -13.95 -12.88 -3.39
C ARG E 391 -14.76 -12.53 -2.13
N ASP E 392 -15.33 -11.30 -2.08
CA ASP E 392 -16.15 -10.81 -0.97
C ASP E 392 -17.50 -11.51 -0.91
N ALA E 393 -18.13 -11.71 -2.08
CA ALA E 393 -19.44 -12.34 -2.25
C ALA E 393 -19.51 -13.76 -1.70
N ILE E 394 -18.42 -14.56 -1.82
CA ILE E 394 -18.39 -15.95 -1.34
C ILE E 394 -18.66 -16.06 0.15
N ALA E 395 -18.09 -15.16 0.96
CA ALA E 395 -18.26 -15.09 2.43
C ALA E 395 -19.72 -15.24 2.87
N SER E 396 -20.66 -14.59 2.11
CA SER E 396 -22.10 -14.61 2.35
C SER E 396 -22.73 -16.01 2.35
N LYS E 397 -22.05 -16.98 1.73
CA LYS E 397 -22.48 -18.38 1.66
C LYS E 397 -22.10 -19.15 2.94
N PHE E 398 -21.31 -18.51 3.83
CA PHE E 398 -20.82 -19.10 5.08
C PHE E 398 -21.29 -18.37 6.35
N TYR E 399 -21.21 -17.02 6.37
CA TYR E 399 -21.71 -16.29 7.54
C TYR E 399 -23.24 -16.25 7.51
N SER E 400 -23.88 -16.14 8.70
CA SER E 400 -25.34 -16.16 8.90
C SER E 400 -25.93 -17.57 8.62
N GLY E 401 -25.06 -18.56 8.45
CA GLY E 401 -25.40 -19.94 8.15
C GLY E 401 -25.12 -20.27 6.70
N THR E 402 -24.75 -21.54 6.42
CA THR E 402 -24.46 -22.00 5.07
C THR E 402 -25.74 -22.18 4.26
N SER E 403 -25.62 -22.24 2.91
CA SER E 403 -26.73 -22.43 1.98
C SER E 403 -27.53 -23.71 2.28
N GLU E 404 -26.85 -24.83 2.63
CA GLU E 404 -27.49 -26.10 2.99
C GLU E 404 -28.31 -25.96 4.28
N ILE E 405 -27.76 -25.24 5.29
CA ILE E 405 -28.43 -25.00 6.57
C ILE E 405 -29.76 -24.30 6.34
N GLN E 406 -29.78 -23.22 5.52
CA GLN E 406 -30.98 -22.47 5.15
C GLN E 406 -32.01 -23.40 4.51
N ARG E 407 -31.55 -24.26 3.55
CA ARG E 407 -32.36 -25.26 2.86
C ARG E 407 -32.99 -26.23 3.88
N VAL E 408 -32.21 -26.67 4.88
CA VAL E 408 -32.69 -27.55 5.96
C VAL E 408 -33.76 -26.82 6.79
N VAL E 409 -33.51 -25.54 7.13
CA VAL E 409 -34.44 -24.68 7.88
C VAL E 409 -35.76 -24.53 7.11
N ILE E 410 -35.68 -24.22 5.79
CA ILE E 410 -36.85 -24.07 4.91
C ILE E 410 -37.67 -25.36 4.88
N ALA E 411 -37.00 -26.52 4.70
CA ALA E 411 -37.63 -27.85 4.67
C ALA E 411 -38.45 -28.14 5.95
N LYS E 412 -37.91 -27.76 7.13
CA LYS E 412 -38.59 -27.94 8.42
C LYS E 412 -39.88 -27.12 8.46
N PHE E 413 -39.84 -25.87 8.01
CA PHE E 413 -41.03 -25.01 7.95
C PHE E 413 -42.09 -25.58 7.04
N LEU E 414 -41.67 -26.23 5.96
CA LEU E 414 -42.58 -26.85 5.00
C LEU E 414 -43.31 -28.06 5.60
N GLY E 415 -42.75 -28.60 6.68
CA GLY E 415 -43.31 -29.75 7.40
C GLY E 415 -42.56 -31.06 7.25
N LEU E 416 -41.41 -31.01 6.54
CA LEU E 416 -40.59 -32.19 6.27
C LEU E 416 -39.66 -32.58 7.43
N ALA F 39 -7.66 -48.64 -19.96
CA ALA F 39 -6.95 -49.01 -21.18
C ALA F 39 -5.47 -48.56 -21.19
N TRP F 40 -4.95 -48.12 -20.04
CA TRP F 40 -3.56 -47.68 -19.88
C TRP F 40 -2.68 -48.88 -19.54
N ASN F 41 -1.53 -49.03 -20.23
CA ASN F 41 -0.60 -50.14 -20.00
C ASN F 41 0.27 -49.93 -18.75
N SER F 42 1.02 -50.96 -18.34
CA SER F 42 1.94 -50.95 -17.18
C SER F 42 2.98 -49.80 -17.23
N GLN F 43 3.53 -49.49 -18.42
CA GLN F 43 4.52 -48.46 -18.67
C GLN F 43 3.94 -47.07 -18.35
N GLN F 44 2.70 -46.86 -18.77
CA GLN F 44 1.97 -45.61 -18.59
C GLN F 44 1.58 -45.38 -17.14
N ILE F 45 1.05 -46.44 -16.47
CA ILE F 45 0.68 -46.41 -15.04
C ILE F 45 1.91 -46.02 -14.21
N GLN F 46 3.04 -46.73 -14.43
CA GLN F 46 4.31 -46.50 -13.74
C GLN F 46 4.93 -45.13 -13.99
N PHE F 47 4.85 -44.62 -15.25
CA PHE F 47 5.40 -43.30 -15.59
C PHE F 47 4.62 -42.17 -14.91
N ARG F 48 3.28 -42.25 -14.90
CA ARG F 48 2.41 -41.26 -14.25
C ARG F 48 2.66 -41.28 -12.73
N LYS F 49 2.84 -42.49 -12.15
CA LYS F 49 3.13 -42.69 -10.74
C LYS F 49 4.49 -42.05 -10.40
N LYS F 50 5.47 -42.15 -11.34
CA LYS F 50 6.81 -41.56 -11.21
C LYS F 50 6.72 -40.03 -11.26
N VAL F 51 5.80 -39.49 -12.11
CA VAL F 51 5.55 -38.05 -12.26
C VAL F 51 4.95 -37.48 -10.96
N ILE F 52 3.94 -38.17 -10.39
CA ILE F 52 3.28 -37.77 -9.14
C ILE F 52 4.31 -37.72 -7.98
N GLN F 53 5.11 -38.80 -7.81
CA GLN F 53 6.15 -38.91 -6.79
C GLN F 53 7.19 -37.79 -6.89
N PHE F 54 7.66 -37.49 -8.14
CA PHE F 54 8.61 -36.41 -8.42
C PHE F 54 8.04 -35.06 -7.98
N ALA F 55 6.77 -34.79 -8.37
CA ALA F 55 6.05 -33.56 -8.06
C ALA F 55 5.78 -33.40 -6.57
N GLN F 56 5.48 -34.52 -5.88
CA GLN F 56 5.20 -34.52 -4.44
C GLN F 56 6.47 -34.41 -3.58
N GLN F 57 7.62 -34.90 -4.09
CA GLN F 57 8.89 -34.88 -3.35
C GLN F 57 9.83 -33.72 -3.66
N SER F 58 10.09 -33.46 -4.95
CA SER F 58 11.04 -32.43 -5.36
C SER F 58 10.47 -31.11 -5.92
N LEU F 59 9.18 -30.83 -5.67
CA LEU F 59 8.56 -29.57 -6.13
C LEU F 59 7.96 -28.72 -5.00
N ILE F 60 8.12 -29.16 -3.74
CA ILE F 60 7.64 -28.48 -2.52
C ILE F 60 8.00 -26.99 -2.53
N SER F 61 6.99 -26.14 -2.37
CA SER F 61 7.15 -24.69 -2.32
C SER F 61 6.25 -24.08 -1.24
N ASP F 62 6.55 -22.84 -0.83
CA ASP F 62 5.78 -22.09 0.14
C ASP F 62 4.72 -21.35 -0.68
N LEU F 63 3.71 -22.12 -1.12
CA LEU F 63 2.65 -21.62 -2.00
C LEU F 63 1.77 -20.50 -1.49
N ILE F 64 1.52 -20.44 -0.18
CA ILE F 64 0.76 -19.35 0.41
C ILE F 64 1.52 -18.03 0.19
N LYS F 65 2.85 -18.07 0.42
CA LYS F 65 3.77 -16.95 0.23
C LYS F 65 4.00 -16.59 -1.24
N ASN F 66 4.28 -17.60 -2.09
CA ASN F 66 4.51 -17.46 -3.53
C ASN F 66 3.32 -16.83 -4.24
N ASP F 67 2.09 -17.19 -3.81
CA ASP F 67 0.84 -16.67 -4.38
C ASP F 67 0.62 -15.23 -3.94
N LYS F 68 0.78 -14.95 -2.63
CA LYS F 68 0.62 -13.63 -2.02
C LYS F 68 1.62 -12.62 -2.61
N GLU F 69 2.91 -13.00 -2.64
CA GLU F 69 4.01 -12.16 -3.10
C GLU F 69 4.23 -12.14 -4.62
N GLU F 70 3.51 -13.01 -5.37
CA GLU F 70 3.59 -13.17 -6.83
C GLU F 70 4.98 -13.66 -7.25
N ILE F 71 5.39 -14.81 -6.71
CA ILE F 71 6.71 -15.38 -6.97
C ILE F 71 6.65 -16.56 -7.93
N PHE F 72 7.31 -16.42 -9.08
CA PHE F 72 7.43 -17.47 -10.07
C PHE F 72 8.55 -18.42 -9.59
N ASN F 73 8.27 -19.74 -9.59
CA ASN F 73 9.23 -20.74 -9.14
C ASN F 73 10.18 -21.19 -10.23
N ARG F 74 11.33 -20.51 -10.31
CA ARG F 74 12.41 -20.71 -11.25
C ARG F 74 13.09 -22.08 -11.03
N ASP F 75 13.24 -22.49 -9.75
CA ASP F 75 13.84 -23.74 -9.29
C ASP F 75 13.02 -24.95 -9.75
N ALA F 76 11.68 -24.86 -9.62
CA ALA F 76 10.73 -25.91 -10.02
C ALA F 76 10.63 -26.05 -11.54
N TRP F 77 10.78 -24.92 -12.30
CA TRP F 77 10.77 -24.92 -13.78
C TRP F 77 11.99 -25.73 -14.25
N GLN F 78 13.19 -25.42 -13.68
CA GLN F 78 14.47 -26.07 -13.99
C GLN F 78 14.41 -27.57 -13.70
N LYS F 79 13.82 -27.97 -12.55
CA LYS F 79 13.70 -29.38 -12.16
C LYS F 79 12.80 -30.16 -13.10
N CYS F 80 11.70 -29.53 -13.54
CA CYS F 80 10.75 -30.10 -14.48
C CYS F 80 11.38 -30.39 -15.84
N SER F 81 12.22 -29.44 -16.37
CA SER F 81 12.91 -29.66 -17.65
C SER F 81 13.97 -30.76 -17.52
N GLU F 82 14.67 -30.83 -16.34
CA GLU F 82 15.66 -31.89 -16.04
C GLU F 82 14.95 -33.26 -16.08
N PHE F 83 13.69 -33.33 -15.56
CA PHE F 83 12.87 -34.53 -15.54
C PHE F 83 12.43 -34.89 -16.97
N GLY F 84 12.23 -33.87 -17.80
CA GLY F 84 11.86 -34.03 -19.20
C GLY F 84 10.51 -33.49 -19.61
N VAL F 85 9.75 -32.87 -18.66
CA VAL F 85 8.40 -32.30 -18.86
C VAL F 85 8.26 -31.55 -20.21
N HIS F 86 9.06 -30.48 -20.41
CA HIS F 86 9.08 -29.65 -21.62
C HIS F 86 9.31 -30.47 -22.91
N GLY F 87 10.17 -31.48 -22.83
CA GLY F 87 10.49 -32.33 -23.97
C GLY F 87 9.54 -33.47 -24.28
N TRP F 88 8.52 -33.68 -23.42
CA TRP F 88 7.54 -34.76 -23.57
C TRP F 88 6.95 -34.94 -24.99
N PRO F 89 6.40 -33.89 -25.68
CA PRO F 89 5.89 -34.12 -27.04
C PRO F 89 6.94 -33.88 -28.15
N ILE F 90 8.17 -33.49 -27.76
CA ILE F 90 9.28 -33.14 -28.66
C ILE F 90 10.10 -34.38 -29.04
N PRO F 91 10.46 -34.54 -30.35
CA PRO F 91 11.31 -35.69 -30.73
C PRO F 91 12.71 -35.59 -30.10
N ALA F 92 13.28 -36.76 -29.78
CA ALA F 92 14.59 -36.92 -29.14
C ALA F 92 15.76 -36.23 -29.88
N ARG F 93 15.62 -36.02 -31.22
CA ARG F 93 16.60 -35.32 -32.08
C ARG F 93 16.86 -33.90 -31.58
N TYR F 94 15.78 -33.22 -31.13
CA TYR F 94 15.81 -31.85 -30.62
C TYR F 94 15.92 -31.82 -29.09
N GLY F 95 16.47 -32.90 -28.53
CA GLY F 95 16.65 -33.08 -27.10
C GLY F 95 15.39 -33.41 -26.32
N GLY F 96 14.33 -33.83 -27.01
CA GLY F 96 13.07 -34.17 -26.39
C GLY F 96 12.99 -35.58 -25.84
N GLN F 97 11.78 -35.97 -25.37
CA GLN F 97 11.51 -37.29 -24.81
C GLN F 97 10.86 -38.23 -25.82
N GLU F 98 10.22 -37.64 -26.85
CA GLU F 98 9.53 -38.35 -27.93
C GLU F 98 8.41 -39.28 -27.45
N LEU F 99 7.58 -38.80 -26.49
CA LEU F 99 6.47 -39.56 -25.97
C LEU F 99 5.24 -39.36 -26.84
N ASP F 100 4.35 -40.37 -26.88
CA ASP F 100 3.10 -40.27 -27.63
C ASP F 100 2.16 -39.34 -26.86
N ILE F 101 1.22 -38.68 -27.57
CA ILE F 101 0.27 -37.71 -27.01
C ILE F 101 -0.55 -38.24 -25.83
N LEU F 102 -1.12 -39.45 -25.98
CA LEU F 102 -1.92 -40.09 -24.93
C LEU F 102 -1.14 -40.28 -23.63
N THR F 103 0.15 -40.64 -23.71
CA THR F 103 1.02 -40.77 -22.54
C THR F 103 1.35 -39.39 -22.00
N THR F 104 1.62 -38.42 -22.89
CA THR F 104 1.92 -37.02 -22.52
C THR F 104 0.75 -36.42 -21.69
N ALA F 105 -0.50 -36.61 -22.16
CA ALA F 105 -1.72 -36.13 -21.50
C ALA F 105 -1.92 -36.82 -20.14
N TYR F 106 -1.69 -38.15 -20.08
CA TYR F 106 -1.80 -38.98 -18.87
C TYR F 106 -0.77 -38.53 -17.82
N ALA F 107 0.48 -38.28 -18.25
CA ALA F 107 1.58 -37.81 -17.39
C ALA F 107 1.31 -36.38 -16.90
N LEU F 108 0.79 -35.50 -17.79
CA LEU F 108 0.44 -34.11 -17.46
C LEU F 108 -0.66 -34.05 -16.41
N GLN F 109 -1.61 -34.98 -16.50
CA GLN F 109 -2.71 -35.14 -15.56
C GLN F 109 -2.11 -35.54 -14.18
N GLY F 110 -1.14 -36.47 -14.17
CA GLY F 110 -0.37 -36.88 -12.99
C GLY F 110 0.39 -35.71 -12.37
N LEU F 111 0.95 -34.83 -13.25
CA LEU F 111 1.66 -33.62 -12.83
C LEU F 111 0.72 -32.65 -12.08
N GLY F 112 -0.50 -32.47 -12.60
CA GLY F 112 -1.52 -31.62 -12.01
C GLY F 112 -1.97 -32.10 -10.63
N TYR F 113 -2.05 -33.42 -10.46
CA TYR F 113 -2.41 -34.07 -9.21
C TYR F 113 -1.29 -33.91 -8.15
N GLY F 114 -0.03 -34.11 -8.57
CA GLY F 114 1.13 -34.03 -7.69
C GLY F 114 1.64 -32.62 -7.39
N CYS F 115 1.43 -31.69 -8.33
CA CYS F 115 1.91 -30.31 -8.24
C CYS F 115 0.78 -29.33 -7.92
N LYS F 116 0.91 -28.61 -6.80
CA LYS F 116 -0.10 -27.67 -6.33
C LYS F 116 0.02 -26.28 -6.96
N ASP F 117 1.19 -25.98 -7.55
CA ASP F 117 1.47 -24.70 -8.19
C ASP F 117 0.84 -24.65 -9.58
N ASN F 118 -0.42 -24.19 -9.63
CA ASN F 118 -1.18 -24.08 -10.86
C ASN F 118 -0.61 -23.04 -11.84
N GLY F 119 0.00 -21.98 -11.28
CA GLY F 119 0.64 -20.90 -12.02
C GLY F 119 1.86 -21.34 -12.80
N LEU F 120 2.63 -22.31 -12.24
CA LEU F 120 3.82 -22.92 -12.88
C LEU F 120 3.35 -23.85 -14.02
N ILE F 121 2.34 -24.69 -13.76
CA ILE F 121 1.74 -25.58 -14.76
C ILE F 121 1.28 -24.78 -15.98
N PHE F 122 0.54 -23.67 -15.74
CA PHE F 122 0.04 -22.81 -16.82
C PHE F 122 1.20 -22.23 -17.63
N ALA F 123 2.25 -21.72 -16.95
CA ALA F 123 3.46 -21.13 -17.55
C ALA F 123 4.21 -22.14 -18.43
N MET F 124 4.30 -23.41 -17.99
CA MET F 124 4.98 -24.48 -18.73
C MET F 124 4.19 -24.93 -19.93
N ASN F 125 2.84 -25.09 -19.77
CA ASN F 125 1.91 -25.49 -20.85
C ASN F 125 1.85 -24.46 -21.97
N ALA F 126 1.96 -23.17 -21.62
CA ALA F 126 2.00 -22.06 -22.59
C ALA F 126 3.27 -22.17 -23.43
N HIS F 127 4.41 -22.47 -22.78
CA HIS F 127 5.73 -22.67 -23.38
C HIS F 127 5.74 -23.89 -24.32
N ILE F 128 5.17 -25.02 -23.86
CA ILE F 128 5.11 -26.27 -24.63
C ILE F 128 4.18 -26.21 -25.85
N TRP F 129 2.87 -25.99 -25.62
CA TRP F 129 1.82 -26.02 -26.65
C TRP F 129 1.67 -24.82 -27.57
N ALA F 130 1.91 -23.59 -27.06
CA ALA F 130 1.77 -22.38 -27.87
C ALA F 130 3.07 -21.87 -28.49
N CYS F 131 4.23 -22.46 -28.10
CA CYS F 131 5.52 -22.01 -28.61
C CYS F 131 6.33 -23.15 -29.26
N GLU F 132 6.62 -24.24 -28.50
CA GLU F 132 7.41 -25.39 -28.98
C GLU F 132 6.72 -26.16 -30.12
N MET F 133 5.37 -26.40 -30.00
CA MET F 133 4.56 -27.11 -31.00
C MET F 133 4.46 -26.43 -32.38
N PRO F 134 4.07 -25.12 -32.49
CA PRO F 134 4.05 -24.48 -33.83
C PRO F 134 5.45 -24.44 -34.47
N LEU F 135 6.50 -24.34 -33.65
CA LEU F 135 7.88 -24.33 -34.13
C LEU F 135 8.22 -25.69 -34.73
N LEU F 136 7.85 -26.78 -34.05
CA LEU F 136 8.10 -28.15 -34.50
C LEU F 136 7.41 -28.46 -35.85
N THR F 137 6.18 -27.93 -36.02
CA THR F 137 5.36 -28.14 -37.20
C THR F 137 5.70 -27.23 -38.38
N PHE F 138 5.83 -25.91 -38.15
CA PHE F 138 6.08 -24.90 -39.18
C PHE F 138 7.53 -24.42 -39.37
N GLY F 139 8.39 -24.72 -38.40
CA GLY F 139 9.80 -24.32 -38.47
C GLY F 139 10.63 -25.11 -39.44
N THR F 140 11.65 -24.45 -40.02
CA THR F 140 12.57 -25.09 -40.96
C THR F 140 13.56 -25.93 -40.13
N GLU F 141 14.32 -26.85 -40.80
CA GLU F 141 15.29 -27.71 -40.10
C GLU F 141 16.29 -26.89 -39.27
N GLU F 142 16.78 -25.76 -39.82
CA GLU F 142 17.71 -24.85 -39.13
C GLU F 142 17.08 -24.08 -37.97
N GLN F 143 15.79 -23.70 -38.12
CA GLN F 143 15.03 -22.99 -37.09
C GLN F 143 14.76 -23.93 -35.90
N LYS F 144 14.42 -25.20 -36.18
CA LYS F 144 14.16 -26.24 -35.19
C LYS F 144 15.44 -26.63 -34.47
N GLU F 145 16.54 -26.86 -35.25
CA GLU F 145 17.86 -27.25 -34.73
C GLU F 145 18.43 -26.22 -33.75
N LYS F 146 18.20 -24.92 -34.00
CA LYS F 146 18.68 -23.83 -33.15
C LYS F 146 17.83 -23.59 -31.92
N TYR F 147 16.49 -23.38 -32.10
CA TYR F 147 15.58 -23.00 -31.02
C TYR F 147 14.96 -24.11 -30.17
N LEU F 148 14.52 -25.22 -30.80
CA LEU F 148 13.88 -26.33 -30.07
C LEU F 148 14.72 -26.94 -28.96
N PRO F 149 16.03 -27.29 -29.17
CA PRO F 149 16.83 -27.86 -28.08
C PRO F 149 16.95 -26.91 -26.89
N LEU F 150 16.99 -25.59 -27.16
CA LEU F 150 17.09 -24.55 -26.14
C LEU F 150 15.87 -24.49 -25.23
N LEU F 151 14.65 -24.49 -25.82
CA LEU F 151 13.38 -24.41 -25.09
C LEU F 151 13.16 -25.70 -24.27
N CYS F 152 13.55 -26.80 -24.89
CA CYS F 152 13.47 -28.16 -24.44
C CYS F 152 14.41 -28.48 -23.25
N ARG F 153 15.72 -28.11 -23.38
CA ARG F 153 16.76 -28.43 -22.41
C ARG F 153 17.69 -27.28 -21.95
N GLY F 154 17.76 -26.19 -22.69
CA GLY F 154 18.68 -25.08 -22.45
C GLY F 154 18.32 -24.03 -21.44
N GLY F 155 17.18 -24.14 -20.81
CA GLY F 155 16.77 -23.16 -19.82
C GLY F 155 16.17 -21.91 -20.43
N TRP F 156 15.90 -21.97 -21.74
CA TRP F 156 15.25 -20.92 -22.50
C TRP F 156 13.76 -21.03 -22.32
N ILE F 157 13.11 -19.90 -22.12
CA ILE F 157 11.67 -19.80 -21.90
C ILE F 157 11.05 -19.05 -23.06
N ALA F 158 9.91 -19.53 -23.54
CA ALA F 158 9.23 -18.90 -24.66
C ALA F 158 7.88 -18.29 -24.29
N SER F 159 7.50 -17.21 -25.00
CA SER F 159 6.26 -16.48 -24.86
C SER F 159 5.55 -16.44 -26.20
N HIS F 160 4.21 -16.45 -26.18
CA HIS F 160 3.35 -16.39 -27.37
C HIS F 160 2.58 -15.09 -27.27
N ALA F 161 2.91 -14.12 -28.11
CA ALA F 161 2.29 -12.78 -28.10
C ALA F 161 1.47 -12.57 -29.37
N ALA F 162 0.15 -12.78 -29.25
CA ALA F 162 -0.82 -12.66 -30.33
C ALA F 162 -1.92 -11.65 -30.00
N THR F 163 -2.49 -11.69 -28.78
CA THR F 163 -3.57 -10.78 -28.34
C THR F 163 -3.14 -9.30 -28.23
N GLU F 164 -4.09 -8.37 -28.45
CA GLU F 164 -3.89 -6.91 -28.40
C GLU F 164 -5.14 -6.21 -27.80
N PRO F 165 -5.04 -4.94 -27.34
CA PRO F 165 -6.22 -4.28 -26.75
C PRO F 165 -7.46 -4.20 -27.64
N GLN F 166 -7.29 -4.19 -28.98
CA GLN F 166 -8.41 -4.14 -29.95
C GLN F 166 -8.59 -5.48 -30.69
N ALA F 167 -7.86 -6.51 -30.23
CA ALA F 167 -7.88 -7.83 -30.85
C ALA F 167 -7.69 -8.91 -29.78
N GLY F 168 -8.79 -9.27 -29.14
CA GLY F 168 -8.87 -10.32 -28.13
C GLY F 168 -9.43 -11.58 -28.76
N SER F 169 -10.77 -11.64 -28.84
CA SER F 169 -11.58 -12.69 -29.46
C SER F 169 -11.42 -12.54 -30.98
N ASP F 170 -11.47 -11.27 -31.50
CA ASP F 170 -11.30 -10.92 -32.91
C ASP F 170 -9.79 -10.78 -33.21
N ILE F 171 -9.09 -11.92 -33.13
CA ILE F 171 -7.65 -12.05 -33.34
C ILE F 171 -7.25 -11.63 -34.75
N TYR F 172 -8.07 -12.00 -35.75
CA TYR F 172 -7.84 -11.70 -37.17
C TYR F 172 -7.62 -10.23 -37.44
N SER F 173 -8.21 -9.36 -36.60
CA SER F 173 -8.13 -7.91 -36.68
C SER F 173 -6.86 -7.33 -36.01
N LEU F 174 -5.71 -8.07 -36.08
CA LEU F 174 -4.42 -7.66 -35.54
C LEU F 174 -3.95 -6.37 -36.20
N LYS F 175 -3.41 -5.46 -35.39
CA LYS F 175 -2.89 -4.18 -35.86
C LYS F 175 -1.35 -4.16 -35.94
N THR F 176 -0.64 -5.06 -35.19
CA THR F 176 0.84 -5.14 -35.17
C THR F 176 1.35 -5.39 -36.58
N THR F 177 2.00 -4.37 -37.16
CA THR F 177 2.52 -4.44 -38.52
C THR F 177 3.99 -4.85 -38.56
N ALA F 178 4.36 -5.56 -39.65
CA ALA F 178 5.72 -6.03 -39.94
C ALA F 178 6.11 -5.60 -41.35
N GLN F 179 6.97 -4.55 -41.45
CA GLN F 179 7.43 -3.96 -42.71
C GLN F 179 8.73 -4.57 -43.20
N LYS F 180 8.70 -5.21 -44.40
CA LYS F 180 9.89 -5.81 -45.00
C LYS F 180 10.85 -4.73 -45.49
N ASP F 181 12.16 -4.93 -45.23
CA ASP F 181 13.24 -4.03 -45.62
C ASP F 181 14.41 -4.88 -46.12
N GLY F 182 14.20 -5.53 -47.26
CA GLY F 182 15.16 -6.42 -47.89
C GLY F 182 15.16 -7.79 -47.23
N ASP F 183 16.20 -8.05 -46.41
CA ASP F 183 16.40 -9.32 -45.68
C ASP F 183 15.77 -9.31 -44.27
N LYS F 184 15.24 -8.16 -43.84
CA LYS F 184 14.67 -8.03 -42.50
C LYS F 184 13.24 -7.54 -42.50
N TYR F 185 12.65 -7.49 -41.30
CA TYR F 185 11.29 -7.01 -41.03
C TYR F 185 11.35 -6.11 -39.81
N ILE F 186 10.59 -5.00 -39.86
CA ILE F 186 10.50 -4.02 -38.77
C ILE F 186 9.11 -4.06 -38.20
N LEU F 187 9.03 -4.37 -36.91
CA LEU F 187 7.79 -4.56 -36.19
C LEU F 187 7.42 -3.40 -35.29
N ASN F 188 6.12 -3.05 -35.34
CA ASN F 188 5.51 -1.98 -34.57
C ASN F 188 4.12 -2.45 -34.13
N GLY F 189 3.83 -2.25 -32.87
CA GLY F 189 2.56 -2.65 -32.28
C GLY F 189 2.60 -2.81 -30.78
N TYR F 190 1.45 -3.17 -30.20
CA TYR F 190 1.32 -3.37 -28.76
C TYR F 190 0.58 -4.67 -28.49
N LYS F 191 1.16 -5.52 -27.64
CA LYS F 191 0.58 -6.82 -27.29
C LYS F 191 0.32 -6.88 -25.78
N HIS F 192 -0.96 -6.94 -25.36
CA HIS F 192 -1.25 -7.08 -23.94
C HIS F 192 -1.38 -8.56 -23.59
N TYR F 193 -1.20 -8.92 -22.31
CA TYR F 193 -1.21 -10.32 -21.83
C TYR F 193 -0.19 -11.21 -22.56
N VAL F 194 1.05 -11.25 -22.09
CA VAL F 194 2.10 -12.08 -22.70
C VAL F 194 2.68 -13.00 -21.61
N THR F 195 2.09 -14.21 -21.44
CA THR F 195 2.54 -15.19 -20.44
C THR F 195 4.05 -15.47 -20.60
N ASN F 196 4.81 -15.38 -19.49
CA ASN F 196 6.27 -15.60 -19.40
C ASN F 196 7.14 -14.45 -19.96
N GLY F 197 6.51 -13.38 -20.43
CA GLY F 197 7.15 -12.22 -21.05
C GLY F 197 8.37 -11.67 -20.33
N THR F 198 8.27 -11.46 -19.02
CA THR F 198 9.35 -10.93 -18.20
C THR F 198 10.53 -11.89 -17.95
N ILE F 199 10.36 -13.19 -18.27
CA ILE F 199 11.39 -14.22 -18.07
C ILE F 199 11.72 -14.95 -19.37
N ALA F 200 11.04 -14.58 -20.47
CA ALA F 200 11.21 -15.19 -21.79
C ALA F 200 12.52 -14.81 -22.47
N ASP F 201 13.13 -15.79 -23.17
CA ASP F 201 14.36 -15.64 -23.94
C ASP F 201 14.04 -15.52 -25.43
N LEU F 202 12.90 -16.13 -25.84
CA LEU F 202 12.37 -16.13 -27.21
C LEU F 202 10.86 -15.71 -27.22
N PHE F 203 10.49 -14.85 -28.16
CA PHE F 203 9.13 -14.36 -28.30
C PHE F 203 8.50 -14.81 -29.62
N ILE F 204 7.36 -15.50 -29.56
CA ILE F 204 6.60 -15.92 -30.74
C ILE F 204 5.54 -14.81 -30.97
N ILE F 205 5.80 -13.94 -31.95
CA ILE F 205 4.93 -12.79 -32.23
C ILE F 205 4.09 -12.97 -33.52
N PHE F 206 2.78 -12.63 -33.44
CA PHE F 206 1.83 -12.67 -34.54
C PHE F 206 1.60 -11.24 -35.03
N ALA F 207 2.08 -10.94 -36.25
CA ALA F 207 1.98 -9.61 -36.86
C ALA F 207 1.37 -9.69 -38.28
N THR F 208 1.23 -8.52 -38.95
CA THR F 208 0.68 -8.44 -40.30
C THR F 208 1.66 -7.76 -41.28
N ILE F 209 1.88 -8.38 -42.46
CA ILE F 209 2.75 -7.77 -43.47
C ILE F 209 1.96 -6.62 -44.13
N ASP F 210 0.62 -6.77 -44.26
CA ASP F 210 -0.29 -5.79 -44.83
C ASP F 210 -1.69 -5.92 -44.23
N PRO F 211 -2.16 -4.88 -43.49
CA PRO F 211 -3.50 -4.97 -42.87
C PRO F 211 -4.68 -5.06 -43.85
N SER F 212 -4.48 -4.64 -45.12
CA SER F 212 -5.51 -4.71 -46.17
C SER F 212 -5.85 -6.16 -46.53
N LEU F 213 -4.87 -7.07 -46.35
CA LEU F 213 -5.02 -8.48 -46.66
C LEU F 213 -5.89 -9.21 -45.63
N GLY F 214 -5.96 -8.68 -44.41
CA GLY F 214 -6.73 -9.26 -43.32
C GLY F 214 -6.13 -10.57 -42.86
N LYS F 215 -6.95 -11.65 -42.88
CA LYS F 215 -6.58 -13.01 -42.49
C LYS F 215 -5.35 -13.50 -43.27
N GLU F 216 -5.29 -13.18 -44.57
CA GLU F 216 -4.22 -13.60 -45.46
C GLU F 216 -2.89 -12.85 -45.26
N GLY F 217 -2.91 -11.78 -44.45
CA GLY F 217 -1.75 -10.93 -44.17
C GLY F 217 -0.97 -11.28 -42.92
N LEU F 218 -1.55 -12.18 -42.06
CA LEU F 218 -0.99 -12.64 -40.80
C LEU F 218 0.31 -13.44 -40.98
N THR F 219 1.34 -13.09 -40.19
CA THR F 219 2.66 -13.73 -40.22
C THR F 219 3.19 -13.90 -38.78
N THR F 220 4.13 -14.82 -38.57
CA THR F 220 4.74 -15.13 -37.27
C THR F 220 6.26 -14.84 -37.29
N PHE F 221 6.79 -14.26 -36.20
CA PHE F 221 8.20 -13.90 -36.05
C PHE F 221 8.76 -14.40 -34.72
N MET F 222 10.03 -14.86 -34.74
CA MET F 222 10.71 -15.32 -33.53
C MET F 222 11.78 -14.33 -33.16
N ILE F 223 11.56 -13.60 -32.06
CA ILE F 223 12.46 -12.54 -31.60
C ILE F 223 13.07 -12.93 -30.27
N GLU F 224 14.37 -12.70 -30.16
CA GLU F 224 15.12 -12.99 -28.94
C GLU F 224 14.97 -11.84 -27.95
N LYS F 225 15.09 -12.15 -26.66
CA LYS F 225 15.04 -11.21 -25.53
C LYS F 225 16.19 -10.17 -25.74
N ASP F 226 16.01 -8.94 -25.25
CA ASP F 226 16.98 -7.84 -25.37
C ASP F 226 17.28 -7.46 -26.84
N THR F 227 16.23 -7.35 -27.67
CA THR F 227 16.41 -6.91 -29.05
C THR F 227 15.98 -5.45 -29.02
N PRO F 228 16.77 -4.51 -29.60
CA PRO F 228 16.34 -3.10 -29.58
C PRO F 228 14.95 -2.91 -30.19
N GLY F 229 14.05 -2.33 -29.39
CA GLY F 229 12.67 -2.08 -29.76
C GLY F 229 11.64 -2.97 -29.07
N LEU F 230 12.09 -3.91 -28.20
CA LEU F 230 11.26 -4.85 -27.45
C LEU F 230 11.11 -4.34 -26.01
N ILE F 231 9.95 -3.70 -25.73
CA ILE F 231 9.63 -3.11 -24.42
C ILE F 231 8.61 -3.93 -23.65
N LEU F 232 9.00 -4.35 -22.44
CA LEU F 232 8.16 -5.10 -21.52
C LEU F 232 7.80 -4.30 -20.29
N SER F 233 6.59 -4.51 -19.77
CA SER F 233 6.10 -3.87 -18.56
C SER F 233 6.35 -4.79 -17.38
N LYS F 234 5.98 -4.36 -16.18
CA LYS F 234 6.07 -5.18 -14.96
C LYS F 234 4.93 -6.17 -15.02
N PRO F 235 5.07 -7.42 -14.49
CA PRO F 235 3.94 -8.38 -14.58
C PRO F 235 2.68 -7.85 -13.92
N ILE F 236 1.54 -7.93 -14.61
CA ILE F 236 0.26 -7.40 -14.14
C ILE F 236 -0.32 -8.28 -13.04
N SER F 237 -0.82 -7.65 -11.96
CA SER F 237 -1.40 -8.32 -10.80
C SER F 237 -2.80 -8.83 -11.15
N LYS F 238 -3.07 -10.10 -10.83
CA LYS F 238 -4.34 -10.76 -11.14
C LYS F 238 -4.89 -11.61 -9.99
N MET F 239 -6.17 -12.04 -10.09
CA MET F 239 -6.89 -12.85 -9.10
C MET F 239 -6.12 -14.10 -8.66
N GLY F 240 -5.86 -15.00 -9.61
CA GLY F 240 -5.10 -16.23 -9.41
C GLY F 240 -3.99 -16.30 -10.44
N MET F 241 -3.33 -17.48 -10.55
CA MET F 241 -2.19 -17.75 -11.45
C MET F 241 -1.08 -16.72 -11.19
N ARG F 242 -0.98 -16.25 -9.93
CA ARG F 242 -0.03 -15.24 -9.45
C ARG F 242 1.44 -15.66 -9.51
N THR F 243 1.69 -16.98 -9.65
CA THR F 243 3.02 -17.57 -9.75
C THR F 243 3.44 -17.71 -11.22
N ALA F 244 2.65 -17.10 -12.13
CA ALA F 244 2.91 -17.04 -13.57
C ALA F 244 3.00 -15.56 -13.95
N GLU F 245 4.10 -15.17 -14.59
CA GLU F 245 4.33 -13.77 -14.97
C GLU F 245 3.64 -13.38 -16.28
N VAL F 246 2.70 -12.41 -16.19
CA VAL F 246 1.92 -11.92 -17.33
C VAL F 246 2.04 -10.38 -17.54
N PRO F 247 3.11 -9.91 -18.20
CA PRO F 247 3.24 -8.47 -18.46
C PRO F 247 2.65 -8.06 -19.82
N GLU F 248 2.84 -6.77 -20.19
CA GLU F 248 2.45 -6.20 -21.48
C GLU F 248 3.71 -6.07 -22.35
N LEU F 249 3.53 -6.06 -23.67
CA LEU F 249 4.64 -5.95 -24.61
C LEU F 249 4.39 -4.85 -25.65
N ARG F 250 5.42 -4.08 -25.97
CA ARG F 250 5.40 -2.99 -26.96
C ARG F 250 6.56 -3.15 -27.91
N LEU F 251 6.27 -3.03 -29.22
CA LEU F 251 7.24 -3.11 -30.31
C LEU F 251 7.42 -1.72 -30.94
N GLU F 252 8.61 -1.14 -30.77
CA GLU F 252 9.02 0.18 -31.27
C GLU F 252 10.17 -0.02 -32.26
N ASN F 253 9.84 -0.13 -33.58
CA ASN F 253 10.79 -0.36 -34.68
C ASN F 253 11.73 -1.57 -34.41
N CYS F 254 11.15 -2.66 -33.88
CA CYS F 254 11.83 -3.90 -33.51
C CYS F 254 12.24 -4.71 -34.77
N GLU F 255 13.58 -4.79 -35.07
CA GLU F 255 14.12 -5.48 -36.23
C GLU F 255 14.31 -6.96 -36.05
N VAL F 256 13.94 -7.74 -37.04
CA VAL F 256 14.08 -9.19 -37.10
C VAL F 256 14.39 -9.70 -38.51
N SER F 257 15.35 -10.62 -38.63
CA SER F 257 15.76 -11.24 -39.90
C SER F 257 14.63 -12.10 -40.50
N ALA F 258 14.61 -12.27 -41.84
CA ALA F 258 13.64 -13.11 -42.55
C ALA F 258 13.85 -14.61 -42.21
N ALA F 259 15.04 -14.93 -41.65
CA ALA F 259 15.43 -16.26 -41.18
C ALA F 259 14.64 -16.62 -39.92
N ASN F 260 14.39 -15.61 -39.08
CA ASN F 260 13.68 -15.72 -37.82
C ASN F 260 12.15 -15.64 -37.93
N ARG F 261 11.65 -15.62 -39.16
CA ARG F 261 10.23 -15.58 -39.46
C ARG F 261 9.73 -17.03 -39.53
N LEU F 262 8.75 -17.39 -38.69
CA LEU F 262 8.17 -18.72 -38.66
C LEU F 262 7.15 -18.85 -39.79
N GLY F 263 7.34 -19.83 -40.65
CA GLY F 263 6.49 -20.07 -41.81
C GLY F 263 6.67 -19.00 -42.87
N GLU F 264 6.00 -19.20 -44.02
CA GLU F 264 6.05 -18.24 -45.14
C GLU F 264 5.17 -17.03 -44.86
N GLU F 265 5.27 -16.00 -45.71
CA GLU F 265 4.41 -14.80 -45.54
C GLU F 265 2.94 -15.18 -45.76
N GLY F 266 2.09 -14.86 -44.80
CA GLY F 266 0.66 -15.19 -44.85
C GLY F 266 0.27 -16.50 -44.18
N THR F 267 1.27 -17.25 -43.64
CA THR F 267 1.03 -18.55 -42.97
C THR F 267 0.63 -18.38 -41.49
N GLY F 268 0.76 -17.16 -40.94
CA GLY F 268 0.43 -16.82 -39.56
C GLY F 268 -0.90 -17.35 -39.05
N LEU F 269 -1.94 -17.33 -39.90
CA LEU F 269 -3.29 -17.81 -39.58
C LEU F 269 -3.28 -19.33 -39.36
N ALA F 270 -2.67 -20.09 -40.28
CA ALA F 270 -2.54 -21.54 -40.19
C ALA F 270 -1.73 -21.94 -38.95
N ILE F 271 -0.70 -21.11 -38.58
CA ILE F 271 0.17 -21.34 -37.42
C ILE F 271 -0.60 -21.10 -36.13
N PHE F 272 -1.42 -20.05 -36.09
CA PHE F 272 -2.26 -19.69 -34.94
C PHE F 272 -3.35 -20.74 -34.70
N ASN F 273 -4.03 -21.18 -35.77
CA ASN F 273 -5.10 -22.18 -35.72
C ASN F 273 -4.59 -23.55 -35.26
N HIS F 274 -3.34 -23.88 -35.65
CA HIS F 274 -2.67 -25.12 -35.26
C HIS F 274 -2.27 -25.01 -33.78
N SER F 275 -1.74 -23.84 -33.36
CA SER F 275 -1.33 -23.56 -31.98
C SER F 275 -2.55 -23.65 -31.03
N MET F 276 -3.74 -23.20 -31.49
CA MET F 276 -5.01 -23.29 -30.74
C MET F 276 -5.44 -24.71 -30.42
N GLU F 277 -5.25 -25.65 -31.36
CA GLU F 277 -5.60 -27.05 -31.19
C GLU F 277 -4.83 -27.65 -30.03
N TRP F 278 -3.48 -27.43 -30.03
CA TRP F 278 -2.60 -27.95 -29.00
C TRP F 278 -2.87 -27.24 -27.67
N GLU F 279 -3.08 -25.91 -27.69
CA GLU F 279 -3.33 -25.15 -26.47
C GLU F 279 -4.65 -25.58 -25.82
N ARG F 280 -5.79 -25.33 -26.49
CA ARG F 280 -7.15 -25.65 -26.01
C ARG F 280 -7.29 -27.06 -25.46
N GLY F 281 -6.72 -28.02 -26.18
CA GLY F 281 -6.78 -29.43 -25.88
C GLY F 281 -5.87 -29.91 -24.77
N PHE F 282 -4.74 -29.21 -24.51
CA PHE F 282 -3.76 -29.67 -23.51
C PHE F 282 -3.46 -28.78 -22.34
N ILE F 283 -3.67 -27.45 -22.46
CA ILE F 283 -3.40 -26.50 -21.37
C ILE F 283 -4.14 -26.87 -20.05
N LEU F 284 -5.25 -27.62 -20.17
CA LEU F 284 -6.09 -28.04 -19.06
C LEU F 284 -5.98 -29.54 -18.71
N ALA F 285 -4.98 -30.24 -19.29
CA ALA F 285 -4.72 -31.65 -19.03
C ALA F 285 -4.39 -31.85 -17.55
N ALA F 286 -3.56 -30.95 -16.99
CA ALA F 286 -3.14 -30.97 -15.59
C ALA F 286 -4.27 -30.55 -14.65
N ALA F 287 -5.21 -29.69 -15.12
CA ALA F 287 -6.39 -29.21 -14.37
C ALA F 287 -7.27 -30.40 -13.97
N VAL F 288 -7.32 -31.45 -14.84
CA VAL F 288 -8.06 -32.71 -14.60
C VAL F 288 -7.43 -33.42 -13.38
N GLY F 289 -6.10 -33.36 -13.28
CA GLY F 289 -5.35 -33.92 -12.15
C GLY F 289 -5.63 -33.21 -10.85
N THR F 290 -5.74 -31.86 -10.93
CA THR F 290 -6.06 -30.97 -9.79
C THR F 290 -7.46 -31.32 -9.27
N MET F 291 -8.40 -31.57 -10.20
CA MET F 291 -9.79 -31.95 -9.92
C MET F 291 -9.82 -33.27 -9.15
N GLU F 292 -8.95 -34.22 -9.54
CA GLU F 292 -8.85 -35.51 -8.88
C GLU F 292 -8.33 -35.35 -7.44
N ARG F 293 -7.34 -34.45 -7.23
CA ARG F 293 -6.78 -34.17 -5.90
C ARG F 293 -7.82 -33.53 -4.97
N LEU F 294 -8.59 -32.56 -5.52
CA LEU F 294 -9.62 -31.86 -4.75
C LEU F 294 -10.75 -32.80 -4.34
N LEU F 295 -11.12 -33.73 -5.23
CA LEU F 295 -12.19 -34.69 -4.97
C LEU F 295 -11.81 -35.57 -3.78
N GLU F 296 -10.58 -36.16 -3.79
CA GLU F 296 -10.12 -37.02 -2.71
C GLU F 296 -9.92 -36.29 -1.37
N GLN F 297 -9.50 -35.03 -1.44
CA GLN F 297 -9.35 -34.16 -0.27
C GLN F 297 -10.73 -33.84 0.34
N SER F 298 -11.74 -33.63 -0.53
CA SER F 298 -13.10 -33.30 -0.10
C SER F 298 -13.84 -34.54 0.44
N ILE F 299 -13.60 -35.76 -0.14
CA ILE F 299 -14.18 -37.03 0.36
C ILE F 299 -13.65 -37.24 1.78
N ARG F 300 -12.31 -37.11 1.96
CA ARG F 300 -11.65 -37.25 3.27
C ARG F 300 -12.27 -36.31 4.31
N TYR F 301 -12.51 -35.05 3.92
CA TYR F 301 -13.13 -34.07 4.81
C TYR F 301 -14.59 -34.40 5.13
N ALA F 302 -15.36 -34.84 4.12
CA ALA F 302 -16.77 -35.23 4.27
C ALA F 302 -16.93 -36.48 5.18
N ARG F 303 -15.89 -37.31 5.25
CA ARG F 303 -15.87 -38.50 6.08
C ARG F 303 -15.32 -38.19 7.48
N SER F 304 -14.35 -37.28 7.57
CA SER F 304 -13.71 -36.87 8.83
C SER F 304 -14.52 -35.89 9.64
N HIS F 305 -14.94 -34.76 9.03
CA HIS F 305 -15.66 -33.72 9.75
C HIS F 305 -17.05 -34.12 10.13
N LYS F 306 -17.37 -33.96 11.42
CA LYS F 306 -18.66 -34.34 12.00
C LYS F 306 -19.49 -33.15 12.48
N GLN F 307 -20.82 -33.27 12.30
CA GLN F 307 -21.84 -32.31 12.72
C GLN F 307 -23.14 -33.07 12.91
N PHE F 308 -23.90 -32.72 13.98
CA PHE F 308 -25.18 -33.36 14.36
C PHE F 308 -25.02 -34.90 14.66
N GLY F 309 -23.88 -35.25 15.23
CA GLY F 309 -23.55 -36.62 15.63
C GLY F 309 -23.14 -37.58 14.53
N GLN F 310 -22.86 -37.06 13.32
CA GLN F 310 -22.44 -37.87 12.17
C GLN F 310 -21.53 -37.10 11.24
N ALA F 311 -20.83 -37.82 10.34
CA ALA F 311 -19.96 -37.22 9.34
C ALA F 311 -20.84 -36.40 8.40
N ILE F 312 -20.35 -35.21 7.98
CA ILE F 312 -21.04 -34.27 7.10
C ILE F 312 -21.46 -34.93 5.76
N GLY F 313 -20.70 -35.95 5.34
CA GLY F 313 -20.93 -36.75 4.14
C GLY F 313 -22.13 -37.68 4.20
N LYS F 314 -22.72 -37.84 5.40
CA LYS F 314 -23.95 -38.64 5.64
C LYS F 314 -25.21 -37.84 5.28
N PHE F 315 -25.09 -36.51 5.10
CA PHE F 315 -26.16 -35.63 4.65
C PHE F 315 -26.04 -35.59 3.12
N GLN F 316 -27.14 -35.92 2.43
CA GLN F 316 -27.20 -35.98 0.96
C GLN F 316 -26.83 -34.69 0.22
N LEU F 317 -27.03 -33.51 0.84
CA LEU F 317 -26.68 -32.23 0.20
C LEU F 317 -25.16 -32.08 0.06
N VAL F 318 -24.39 -32.70 1.00
CA VAL F 318 -22.93 -32.70 1.02
C VAL F 318 -22.43 -33.80 0.08
N ALA F 319 -22.98 -35.04 0.20
CA ALA F 319 -22.61 -36.18 -0.63
C ALA F 319 -22.83 -35.93 -2.11
N ASN F 320 -23.91 -35.21 -2.49
CA ASN F 320 -24.25 -34.90 -3.89
C ASN F 320 -23.19 -34.01 -4.56
N LYS F 321 -22.53 -33.12 -3.78
CA LYS F 321 -21.46 -32.24 -4.27
C LYS F 321 -20.27 -33.08 -4.73
N LEU F 322 -19.98 -34.17 -4.02
CA LEU F 322 -18.90 -35.10 -4.37
C LEU F 322 -19.29 -35.98 -5.56
N VAL F 323 -20.60 -36.32 -5.68
CA VAL F 323 -21.16 -37.07 -6.80
C VAL F 323 -21.01 -36.21 -8.08
N GLU F 324 -21.31 -34.89 -7.99
CA GLU F 324 -21.16 -33.94 -9.10
C GLU F 324 -19.68 -33.76 -9.48
N MET F 325 -18.80 -33.72 -8.47
CA MET F 325 -17.35 -33.62 -8.66
C MET F 325 -16.83 -34.85 -9.40
N LYS F 326 -17.37 -36.05 -9.06
CA LYS F 326 -17.03 -37.34 -9.70
C LYS F 326 -17.46 -37.37 -11.17
N LEU F 327 -18.73 -36.99 -11.45
CA LEU F 327 -19.28 -36.94 -12.82
C LEU F 327 -18.45 -36.02 -13.71
N ARG F 328 -18.12 -34.81 -13.22
CA ARG F 328 -17.32 -33.82 -13.93
C ARG F 328 -15.91 -34.32 -14.23
N LEU F 329 -15.27 -34.97 -13.25
CA LEU F 329 -13.91 -35.52 -13.38
C LEU F 329 -13.83 -36.56 -14.50
N GLU F 330 -14.81 -37.49 -14.56
CA GLU F 330 -14.86 -38.55 -15.57
C GLU F 330 -15.16 -38.00 -16.96
N ASN F 331 -15.96 -36.92 -17.05
CA ASN F 331 -16.28 -36.23 -18.31
C ASN F 331 -15.06 -35.46 -18.83
N ALA F 332 -14.31 -34.80 -17.92
CA ALA F 332 -13.09 -34.05 -18.22
C ALA F 332 -12.03 -35.02 -18.83
N LYS F 333 -11.89 -36.22 -18.23
CA LYS F 333 -10.98 -37.26 -18.69
C LYS F 333 -11.35 -37.69 -20.12
N ALA F 334 -12.65 -37.87 -20.38
CA ALA F 334 -13.17 -38.25 -21.69
C ALA F 334 -12.84 -37.21 -22.78
N TYR F 335 -13.03 -35.89 -22.49
CA TYR F 335 -12.73 -34.82 -23.44
C TYR F 335 -11.24 -34.72 -23.72
N LEU F 336 -10.41 -34.88 -22.67
CA LEU F 336 -8.96 -34.83 -22.76
C LEU F 336 -8.38 -36.00 -23.56
N TYR F 337 -8.85 -37.23 -23.30
CA TYR F 337 -8.36 -38.41 -23.98
C TYR F 337 -8.81 -38.58 -25.43
N LYS F 338 -9.92 -37.92 -25.83
CA LYS F 338 -10.39 -37.93 -27.22
C LYS F 338 -9.43 -37.09 -28.08
N VAL F 339 -9.13 -35.84 -27.63
CA VAL F 339 -8.20 -34.90 -28.28
C VAL F 339 -6.81 -35.51 -28.39
N ALA F 340 -6.32 -36.10 -27.27
CA ALA F 340 -5.01 -36.76 -27.19
C ALA F 340 -4.89 -37.87 -28.24
N TRP F 341 -5.96 -38.70 -28.39
CA TRP F 341 -6.02 -39.79 -29.35
C TRP F 341 -5.98 -39.25 -30.78
N MET F 342 -6.87 -38.29 -31.08
CA MET F 342 -6.98 -37.67 -32.41
C MET F 342 -5.67 -37.10 -32.89
N LYS F 343 -5.04 -36.23 -32.07
CA LYS F 343 -3.77 -35.60 -32.38
C LYS F 343 -2.63 -36.60 -32.56
N GLU F 344 -2.67 -37.72 -31.80
CA GLU F 344 -1.70 -38.81 -31.92
C GLU F 344 -1.87 -39.48 -33.29
N ASN F 345 -3.14 -39.65 -33.72
CA ASN F 345 -3.50 -40.23 -35.03
C ASN F 345 -3.50 -39.18 -36.16
N LYS F 346 -2.71 -38.10 -35.99
CA LYS F 346 -2.47 -36.98 -36.90
C LYS F 346 -3.73 -36.35 -37.56
N GLN F 347 -4.84 -36.24 -36.79
CA GLN F 347 -6.11 -35.67 -37.25
C GLN F 347 -6.30 -34.22 -36.78
N MET F 348 -7.09 -33.42 -37.55
CA MET F 348 -7.41 -32.04 -37.21
C MET F 348 -8.49 -32.09 -36.13
N ALA F 349 -8.16 -31.62 -34.91
CA ALA F 349 -9.09 -31.68 -33.78
C ALA F 349 -9.43 -30.33 -33.12
N LEU F 350 -9.71 -29.27 -33.93
CA LEU F 350 -10.06 -27.96 -33.38
C LEU F 350 -11.41 -27.96 -32.67
N LEU F 351 -12.38 -28.72 -33.20
CA LEU F 351 -13.71 -28.87 -32.61
C LEU F 351 -13.60 -29.57 -31.24
N GLU F 352 -12.82 -30.68 -31.20
CA GLU F 352 -12.63 -31.48 -30.00
C GLU F 352 -11.83 -30.76 -28.93
N ALA F 353 -10.85 -29.94 -29.33
CA ALA F 353 -10.01 -29.13 -28.43
C ALA F 353 -10.85 -28.00 -27.81
N SER F 354 -11.77 -27.40 -28.60
CA SER F 354 -12.67 -26.34 -28.17
C SER F 354 -13.70 -26.87 -27.17
N MET F 355 -14.24 -28.08 -27.41
CA MET F 355 -15.20 -28.75 -26.52
C MET F 355 -14.53 -29.10 -25.19
N ALA F 356 -13.25 -29.56 -25.25
CA ALA F 356 -12.45 -29.92 -24.08
C ALA F 356 -12.17 -28.68 -23.22
N ASN F 357 -11.66 -27.59 -23.83
CA ASN F 357 -11.35 -26.34 -23.12
C ASN F 357 -12.60 -25.71 -22.49
N LEU F 358 -13.74 -25.71 -23.22
CA LEU F 358 -15.02 -25.18 -22.74
C LEU F 358 -15.54 -25.99 -21.54
N TYR F 359 -15.56 -27.34 -21.67
CA TYR F 359 -16.03 -28.20 -20.59
C TYR F 359 -15.16 -28.14 -19.34
N ILE F 360 -13.85 -28.47 -19.47
CA ILE F 360 -12.85 -28.55 -18.38
C ILE F 360 -12.67 -27.24 -17.61
N SER F 361 -12.70 -26.07 -18.30
CA SER F 361 -12.52 -24.78 -17.63
C SER F 361 -13.67 -24.48 -16.68
N GLU F 362 -14.90 -24.76 -17.11
CA GLU F 362 -16.09 -24.55 -16.29
C GLU F 362 -16.26 -25.62 -15.22
N ALA F 363 -15.96 -26.88 -15.56
CA ALA F 363 -16.01 -28.00 -14.64
C ALA F 363 -15.03 -27.76 -13.47
N TRP F 364 -13.82 -27.22 -13.77
CA TRP F 364 -12.79 -26.90 -12.79
C TRP F 364 -13.23 -25.84 -11.79
N VAL F 365 -13.81 -24.71 -12.28
CA VAL F 365 -14.30 -23.59 -11.46
C VAL F 365 -15.39 -24.07 -10.50
N GLN F 366 -16.37 -24.83 -11.05
CA GLN F 366 -17.50 -25.40 -10.32
C GLN F 366 -17.08 -26.35 -9.22
N SER F 367 -16.18 -27.30 -9.53
CA SER F 367 -15.66 -28.27 -8.55
C SER F 367 -14.89 -27.58 -7.43
N CYS F 368 -14.12 -26.52 -7.75
CA CYS F 368 -13.36 -25.69 -6.78
C CYS F 368 -14.33 -25.02 -5.81
N LEU F 369 -15.41 -24.43 -6.35
CA LEU F 369 -16.48 -23.75 -5.61
C LEU F 369 -17.14 -24.71 -4.61
N GLU F 370 -17.43 -25.94 -5.02
CA GLU F 370 -18.02 -26.98 -4.17
C GLU F 370 -17.06 -27.45 -3.09
N ALA F 371 -15.77 -27.63 -3.43
CA ALA F 371 -14.77 -28.06 -2.46
C ALA F 371 -14.73 -27.08 -1.28
N ILE F 372 -14.85 -25.76 -1.57
CA ILE F 372 -14.90 -24.68 -0.57
C ILE F 372 -16.20 -24.82 0.24
N GLU F 373 -17.32 -25.14 -0.45
CA GLU F 373 -18.65 -25.33 0.18
C GLU F 373 -18.65 -26.47 1.18
N ILE F 374 -18.09 -27.64 0.79
CA ILE F 374 -17.97 -28.85 1.63
C ILE F 374 -17.22 -28.54 2.95
N HIS F 375 -16.14 -27.73 2.87
CA HIS F 375 -15.31 -27.32 4.01
C HIS F 375 -15.94 -26.21 4.88
N GLY F 376 -16.98 -25.55 4.38
CA GLY F 376 -17.66 -24.48 5.10
C GLY F 376 -16.81 -23.22 5.16
N ALA F 377 -16.88 -22.47 6.27
CA ALA F 377 -16.08 -21.24 6.48
C ALA F 377 -14.59 -21.55 6.43
N TYR F 378 -14.22 -22.78 6.84
CA TYR F 378 -12.87 -23.32 6.84
C TYR F 378 -12.25 -23.26 5.44
N GLY F 379 -13.06 -23.53 4.41
CA GLY F 379 -12.63 -23.49 3.01
C GLY F 379 -12.43 -22.10 2.45
N TYR F 380 -12.82 -21.06 3.20
CA TYR F 380 -12.70 -19.63 2.82
C TYR F 380 -11.42 -18.98 3.37
N LEU F 381 -10.70 -19.69 4.30
CA LEU F 381 -9.47 -19.21 4.93
C LEU F 381 -8.26 -19.41 4.03
N THR F 382 -7.31 -18.42 4.01
CA THR F 382 -6.08 -18.46 3.21
C THR F 382 -5.23 -19.73 3.45
N ASN F 383 -5.01 -20.07 4.73
CA ASN F 383 -4.18 -21.20 5.15
C ASN F 383 -4.69 -22.60 4.77
N THR F 384 -5.97 -22.73 4.38
CA THR F 384 -6.57 -24.00 3.94
C THR F 384 -6.09 -24.32 2.50
N GLU F 385 -5.93 -23.26 1.65
CA GLU F 385 -5.43 -23.28 0.26
C GLU F 385 -6.46 -23.65 -0.83
N LEU F 386 -7.72 -23.94 -0.45
CA LEU F 386 -8.79 -24.27 -1.40
C LEU F 386 -9.25 -23.04 -2.15
N GLU F 387 -9.13 -21.87 -1.49
CA GLU F 387 -9.51 -20.57 -2.04
C GLU F 387 -8.64 -20.20 -3.25
N ARG F 388 -7.31 -20.45 -3.16
CA ARG F 388 -6.34 -20.20 -4.23
C ARG F 388 -6.70 -21.04 -5.45
N GLU F 389 -7.09 -22.32 -5.23
CA GLU F 389 -7.48 -23.25 -6.28
C GLU F 389 -8.58 -22.64 -7.16
N LEU F 390 -9.62 -22.02 -6.54
CA LEU F 390 -10.72 -21.37 -7.26
C LEU F 390 -10.24 -20.14 -8.04
N ARG F 391 -9.41 -19.28 -7.38
CA ARG F 391 -8.82 -18.08 -7.98
C ARG F 391 -8.03 -18.43 -9.25
N ASP F 392 -7.28 -19.55 -9.22
CA ASP F 392 -6.48 -20.05 -10.35
C ASP F 392 -7.37 -20.60 -11.46
N ALA F 393 -8.42 -21.35 -11.07
CA ALA F 393 -9.37 -21.99 -11.99
C ALA F 393 -10.09 -21.01 -12.93
N ILE F 394 -10.40 -19.78 -12.44
CA ILE F 394 -11.10 -18.76 -13.25
C ILE F 394 -10.33 -18.38 -14.51
N ALA F 395 -9.00 -18.24 -14.41
CA ALA F 395 -8.12 -17.89 -15.52
C ALA F 395 -8.38 -18.71 -16.79
N SER F 396 -8.66 -20.03 -16.62
CA SER F 396 -8.94 -20.99 -17.70
C SER F 396 -10.13 -20.61 -18.57
N LYS F 397 -11.02 -19.76 -18.04
CA LYS F 397 -12.21 -19.26 -18.73
C LYS F 397 -11.87 -18.09 -19.67
N PHE F 398 -10.60 -17.59 -19.61
CA PHE F 398 -10.12 -16.47 -20.40
C PHE F 398 -8.94 -16.80 -21.31
N TYR F 399 -7.92 -17.52 -20.81
CA TYR F 399 -6.81 -17.92 -21.68
C TYR F 399 -7.26 -19.07 -22.60
N SER F 400 -6.62 -19.21 -23.79
CA SER F 400 -6.95 -20.19 -24.83
C SER F 400 -8.36 -19.90 -25.45
N GLY F 401 -8.90 -18.71 -25.20
CA GLY F 401 -10.20 -18.26 -25.66
C GLY F 401 -11.26 -18.34 -24.58
N THR F 402 -12.25 -17.43 -24.62
CA THR F 402 -13.34 -17.40 -23.63
C THR F 402 -14.34 -18.52 -23.92
N SER F 403 -15.18 -18.86 -22.92
CA SER F 403 -16.23 -19.88 -23.02
C SER F 403 -17.19 -19.60 -24.18
N GLU F 404 -17.54 -18.31 -24.38
CA GLU F 404 -18.43 -17.82 -25.44
C GLU F 404 -17.82 -18.06 -26.83
N ILE F 405 -16.48 -17.84 -26.99
CA ILE F 405 -15.74 -18.04 -28.23
C ILE F 405 -15.76 -19.49 -28.66
N GLN F 406 -15.51 -20.41 -27.70
CA GLN F 406 -15.53 -21.86 -27.93
C GLN F 406 -16.92 -22.28 -28.44
N ARG F 407 -17.98 -21.78 -27.78
CA ARG F 407 -19.38 -22.03 -28.15
C ARG F 407 -19.64 -21.60 -29.60
N VAL F 408 -19.13 -20.39 -29.99
CA VAL F 408 -19.25 -19.84 -31.34
C VAL F 408 -18.51 -20.77 -32.33
N VAL F 409 -17.29 -21.22 -31.97
CA VAL F 409 -16.46 -22.12 -32.78
C VAL F 409 -17.20 -23.45 -33.00
N ILE F 410 -17.78 -24.05 -31.92
CA ILE F 410 -18.54 -25.31 -31.98
C ILE F 410 -19.74 -25.15 -32.92
N ALA F 411 -20.51 -24.04 -32.77
CA ALA F 411 -21.68 -23.74 -33.59
C ALA F 411 -21.36 -23.69 -35.10
N LYS F 412 -20.19 -23.11 -35.46
CA LYS F 412 -19.72 -23.00 -36.85
C LYS F 412 -19.42 -24.41 -37.41
N PHE F 413 -18.76 -25.28 -36.62
CA PHE F 413 -18.46 -26.68 -37.00
C PHE F 413 -19.74 -27.50 -37.20
N LEU F 414 -20.84 -27.12 -36.51
CA LEU F 414 -22.12 -27.81 -36.63
C LEU F 414 -22.85 -27.41 -37.91
N GLY F 415 -22.43 -26.27 -38.48
CA GLY F 415 -22.97 -25.73 -39.73
C GLY F 415 -23.81 -24.48 -39.58
N LEU F 416 -23.96 -23.97 -38.35
CA LEU F 416 -24.76 -22.78 -38.04
C LEU F 416 -24.09 -21.46 -38.41
N ALA G 39 -12.19 -44.73 -33.35
CA ALA G 39 -11.47 -45.98 -33.13
C ALA G 39 -12.30 -47.25 -33.51
N TRP G 40 -13.40 -47.04 -34.28
CA TRP G 40 -14.27 -48.13 -34.74
C TRP G 40 -13.73 -48.71 -36.06
N ASN G 41 -13.71 -50.04 -36.17
CA ASN G 41 -13.23 -50.75 -37.36
C ASN G 41 -14.26 -50.72 -38.51
N SER G 42 -13.83 -51.09 -39.73
CA SER G 42 -14.65 -51.13 -40.95
C SER G 42 -15.90 -51.99 -40.83
N GLN G 43 -15.76 -53.15 -40.15
CA GLN G 43 -16.85 -54.11 -39.89
C GLN G 43 -17.90 -53.45 -38.98
N GLN G 44 -17.44 -52.68 -37.95
CA GLN G 44 -18.26 -51.96 -36.96
C GLN G 44 -19.04 -50.79 -37.60
N ILE G 45 -18.38 -50.01 -38.50
CA ILE G 45 -18.98 -48.90 -39.25
C ILE G 45 -20.10 -49.44 -40.16
N GLN G 46 -19.77 -50.48 -40.96
CA GLN G 46 -20.68 -51.14 -41.90
C GLN G 46 -21.87 -51.82 -41.23
N PHE G 47 -21.66 -52.49 -40.08
CA PHE G 47 -22.74 -53.17 -39.36
C PHE G 47 -23.75 -52.18 -38.79
N ARG G 48 -23.27 -51.06 -38.20
CA ARG G 48 -24.12 -50.00 -37.64
C ARG G 48 -24.92 -49.34 -38.77
N LYS G 49 -24.26 -49.12 -39.94
CA LYS G 49 -24.88 -48.56 -41.15
C LYS G 49 -26.00 -49.51 -41.64
N LYS G 50 -25.76 -50.84 -41.55
CA LYS G 50 -26.73 -51.87 -41.93
C LYS G 50 -27.92 -51.86 -40.97
N VAL G 51 -27.65 -51.62 -39.65
CA VAL G 51 -28.68 -51.53 -38.60
C VAL G 51 -29.59 -50.31 -38.85
N ILE G 52 -28.99 -49.13 -39.14
CA ILE G 52 -29.71 -47.88 -39.43
C ILE G 52 -30.64 -48.07 -40.65
N GLN G 53 -30.09 -48.60 -41.75
CA GLN G 53 -30.82 -48.87 -43.02
C GLN G 53 -32.02 -49.81 -42.78
N PHE G 54 -31.80 -50.91 -42.02
CA PHE G 54 -32.84 -51.89 -41.67
C PHE G 54 -33.98 -51.20 -40.89
N ALA G 55 -33.61 -50.40 -39.88
CA ALA G 55 -34.55 -49.66 -39.03
C ALA G 55 -35.31 -48.57 -39.79
N GLN G 56 -34.64 -47.91 -40.75
CA GLN G 56 -35.25 -46.86 -41.58
C GLN G 56 -36.16 -47.41 -42.68
N GLN G 57 -35.87 -48.64 -43.17
CA GLN G 57 -36.65 -49.25 -44.26
C GLN G 57 -37.74 -50.23 -43.84
N SER G 58 -37.40 -51.20 -42.97
CA SER G 58 -38.34 -52.23 -42.55
C SER G 58 -38.95 -52.11 -41.15
N LEU G 59 -38.88 -50.92 -40.53
CA LEU G 59 -39.50 -50.71 -39.20
C LEU G 59 -40.55 -49.60 -39.18
N ILE G 60 -40.86 -49.01 -40.34
CA ILE G 60 -41.87 -47.94 -40.53
C ILE G 60 -43.20 -48.29 -39.84
N SER G 61 -43.67 -47.39 -38.98
CA SER G 61 -44.92 -47.56 -38.26
C SER G 61 -45.68 -46.23 -38.21
N ASP G 62 -46.98 -46.28 -37.92
CA ASP G 62 -47.81 -45.09 -37.76
C ASP G 62 -47.68 -44.69 -36.29
N LEU G 63 -46.52 -44.12 -35.94
CA LEU G 63 -46.16 -43.72 -34.59
C LEU G 63 -47.07 -42.74 -33.88
N ILE G 64 -47.68 -41.74 -34.59
CA ILE G 64 -48.64 -40.83 -33.95
C ILE G 64 -49.84 -41.65 -33.43
N LYS G 65 -50.35 -42.58 -34.27
CA LYS G 65 -51.47 -43.47 -33.97
C LYS G 65 -51.14 -44.51 -32.87
N ASN G 66 -50.01 -45.22 -33.00
CA ASN G 66 -49.57 -46.25 -32.05
C ASN G 66 -49.29 -45.67 -30.65
N ASP G 67 -48.79 -44.42 -30.57
CA ASP G 67 -48.53 -43.73 -29.30
C ASP G 67 -49.84 -43.31 -28.65
N LYS G 68 -50.75 -42.69 -29.43
CA LYS G 68 -52.05 -42.22 -28.98
C LYS G 68 -52.93 -43.39 -28.51
N GLU G 69 -53.01 -44.46 -29.32
CA GLU G 69 -53.85 -45.63 -29.05
C GLU G 69 -53.20 -46.68 -28.14
N GLU G 70 -51.90 -46.52 -27.79
CA GLU G 70 -51.09 -47.43 -26.97
C GLU G 70 -50.94 -48.82 -27.63
N ILE G 71 -50.38 -48.83 -28.85
CA ILE G 71 -50.20 -50.05 -29.62
C ILE G 71 -48.74 -50.54 -29.63
N PHE G 72 -48.52 -51.76 -29.11
CA PHE G 72 -47.21 -52.40 -29.10
C PHE G 72 -47.01 -53.00 -30.50
N ASN G 73 -45.86 -52.72 -31.13
CA ASN G 73 -45.54 -53.23 -32.47
C ASN G 73 -44.90 -54.62 -32.44
N ARG G 74 -45.74 -55.67 -32.49
CA ARG G 74 -45.26 -57.05 -32.48
C ARG G 74 -44.55 -57.40 -33.76
N ASP G 75 -45.01 -56.84 -34.89
CA ASP G 75 -44.44 -57.03 -36.23
C ASP G 75 -42.97 -56.58 -36.26
N ALA G 76 -42.70 -55.39 -35.67
CA ALA G 76 -41.35 -54.81 -35.59
C ALA G 76 -40.44 -55.60 -34.63
N TRP G 77 -41.00 -56.16 -33.53
CA TRP G 77 -40.27 -56.99 -32.56
C TRP G 77 -39.76 -58.25 -33.30
N GLN G 78 -40.67 -58.92 -34.04
CA GLN G 78 -40.40 -60.13 -34.83
C GLN G 78 -39.30 -59.89 -35.87
N LYS G 79 -39.37 -58.76 -36.59
CA LYS G 79 -38.38 -58.38 -37.61
C LYS G 79 -36.99 -58.13 -37.02
N CYS G 80 -36.93 -57.53 -35.81
CA CYS G 80 -35.69 -57.26 -35.07
C CYS G 80 -35.02 -58.56 -34.63
N SER G 81 -35.84 -59.54 -34.17
CA SER G 81 -35.35 -60.87 -33.76
C SER G 81 -34.82 -61.66 -34.94
N GLU G 82 -35.45 -61.51 -36.13
CA GLU G 82 -35.04 -62.13 -37.40
C GLU G 82 -33.68 -61.55 -37.80
N PHE G 83 -33.47 -60.22 -37.58
CA PHE G 83 -32.22 -59.51 -37.88
C PHE G 83 -31.10 -59.98 -36.93
N GLY G 84 -31.47 -60.30 -35.69
CA GLY G 84 -30.55 -60.82 -34.67
C GLY G 84 -30.33 -59.94 -33.46
N VAL G 85 -31.10 -58.83 -33.34
CA VAL G 85 -31.00 -57.85 -32.23
C VAL G 85 -30.91 -58.53 -30.87
N HIS G 86 -31.92 -59.33 -30.51
CA HIS G 86 -32.02 -60.04 -29.24
C HIS G 86 -30.81 -60.92 -28.93
N GLY G 87 -30.25 -61.54 -29.96
CA GLY G 87 -29.11 -62.44 -29.85
C GLY G 87 -27.75 -61.79 -29.84
N TRP G 88 -27.69 -60.45 -30.06
CA TRP G 88 -26.44 -59.69 -30.12
C TRP G 88 -25.42 -59.99 -29.00
N PRO G 89 -25.77 -59.92 -27.67
CA PRO G 89 -24.77 -60.26 -26.65
C PRO G 89 -24.72 -61.75 -26.26
N ILE G 90 -25.50 -62.55 -26.97
CA ILE G 90 -25.65 -63.98 -26.70
C ILE G 90 -24.74 -64.90 -27.53
N PRO G 91 -24.12 -65.92 -26.90
CA PRO G 91 -23.30 -66.88 -27.66
C PRO G 91 -24.10 -67.63 -28.71
N ALA G 92 -23.49 -67.86 -29.89
CA ALA G 92 -24.10 -68.49 -31.07
C ALA G 92 -24.62 -69.90 -30.81
N ARG G 93 -24.16 -70.55 -29.73
CA ARG G 93 -24.62 -71.88 -29.33
C ARG G 93 -26.03 -71.90 -28.74
N TYR G 94 -26.47 -70.75 -28.20
CA TYR G 94 -27.82 -70.55 -27.69
C TYR G 94 -28.62 -69.76 -28.73
N GLY G 95 -28.20 -69.87 -29.99
CA GLY G 95 -28.84 -69.19 -31.10
C GLY G 95 -28.59 -67.70 -31.17
N GLY G 96 -27.55 -67.25 -30.47
CA GLY G 96 -27.15 -65.86 -30.44
C GLY G 96 -26.28 -65.45 -31.60
N GLN G 97 -25.86 -64.18 -31.62
CA GLN G 97 -24.99 -63.61 -32.64
C GLN G 97 -23.51 -63.61 -32.20
N GLU G 98 -23.29 -63.67 -30.86
CA GLU G 98 -21.97 -63.69 -30.22
C GLU G 98 -21.11 -62.45 -30.55
N LEU G 99 -21.73 -61.26 -30.55
CA LEU G 99 -21.03 -60.01 -30.81
C LEU G 99 -20.38 -59.50 -29.53
N ASP G 100 -19.27 -58.78 -29.67
CA ASP G 100 -18.60 -58.19 -28.51
C ASP G 100 -19.43 -57.00 -28.03
N ILE G 101 -19.35 -56.66 -26.74
CA ILE G 101 -20.11 -55.58 -26.10
C ILE G 101 -19.98 -54.23 -26.80
N LEU G 102 -18.75 -53.82 -27.14
CA LEU G 102 -18.49 -52.55 -27.82
C LEU G 102 -19.22 -52.44 -29.16
N THR G 103 -19.27 -53.55 -29.92
CA THR G 103 -19.99 -53.63 -31.20
C THR G 103 -21.50 -53.59 -30.92
N THR G 104 -21.96 -54.33 -29.88
CA THR G 104 -23.36 -54.39 -29.46
C THR G 104 -23.89 -52.98 -29.12
N ALA G 105 -23.11 -52.22 -28.32
CA ALA G 105 -23.45 -50.84 -27.91
C ALA G 105 -23.48 -49.88 -29.11
N TYR G 106 -22.52 -50.01 -30.04
CA TYR G 106 -22.39 -49.21 -31.26
C TYR G 106 -23.59 -49.46 -32.18
N ALA G 107 -23.98 -50.75 -32.34
CA ALA G 107 -25.12 -51.19 -33.15
C ALA G 107 -26.44 -50.72 -32.52
N LEU G 108 -26.54 -50.77 -31.17
CA LEU G 108 -27.70 -50.33 -30.42
C LEU G 108 -27.94 -48.83 -30.58
N GLN G 109 -26.86 -48.03 -30.63
CA GLN G 109 -26.88 -46.59 -30.86
C GLN G 109 -27.41 -46.34 -32.28
N GLY G 110 -26.96 -47.16 -33.23
CA GLY G 110 -27.43 -47.14 -34.61
C GLY G 110 -28.92 -47.42 -34.70
N LEU G 111 -29.38 -48.39 -33.87
CA LEU G 111 -30.81 -48.76 -33.79
C LEU G 111 -31.67 -47.60 -33.29
N GLY G 112 -31.18 -46.90 -32.25
CA GLY G 112 -31.84 -45.74 -31.67
C GLY G 112 -31.98 -44.58 -32.64
N TYR G 113 -30.95 -44.38 -33.48
CA TYR G 113 -30.92 -43.36 -34.51
C TYR G 113 -31.91 -43.68 -35.65
N GLY G 114 -31.93 -44.94 -36.09
CA GLY G 114 -32.80 -45.40 -37.18
C GLY G 114 -34.24 -45.69 -36.83
N CYS G 115 -34.50 -46.12 -35.57
CA CYS G 115 -35.84 -46.47 -35.09
C CYS G 115 -36.38 -45.36 -34.20
N LYS G 116 -37.57 -44.82 -34.56
CA LYS G 116 -38.24 -43.74 -33.84
C LYS G 116 -39.12 -44.26 -32.68
N ASP G 117 -39.48 -45.56 -32.69
CA ASP G 117 -40.32 -46.18 -31.67
C ASP G 117 -39.49 -46.47 -30.42
N ASN G 118 -39.43 -45.48 -29.51
CA ASN G 118 -38.68 -45.57 -28.26
C ASN G 118 -39.22 -46.64 -27.29
N GLY G 119 -40.53 -46.85 -27.32
CA GLY G 119 -41.21 -47.86 -26.49
C GLY G 119 -40.79 -49.28 -26.83
N LEU G 120 -40.65 -49.57 -28.16
CA LEU G 120 -40.20 -50.87 -28.66
C LEU G 120 -38.75 -51.12 -28.23
N ILE G 121 -37.89 -50.09 -28.43
CA ILE G 121 -36.49 -50.11 -28.03
C ILE G 121 -36.35 -50.43 -26.52
N PHE G 122 -37.17 -49.78 -25.65
CA PHE G 122 -37.17 -50.02 -24.21
C PHE G 122 -37.61 -51.45 -23.88
N ALA G 123 -38.69 -51.93 -24.54
CA ALA G 123 -39.26 -53.28 -24.37
C ALA G 123 -38.23 -54.37 -24.70
N MET G 124 -37.43 -54.17 -25.76
CA MET G 124 -36.41 -55.14 -26.18
C MET G 124 -35.21 -55.14 -25.23
N ASN G 125 -34.74 -53.94 -24.84
CA ASN G 125 -33.61 -53.77 -23.92
C ASN G 125 -33.88 -54.37 -22.55
N ALA G 126 -35.15 -54.29 -22.09
CA ALA G 126 -35.61 -54.90 -20.83
C ALA G 126 -35.50 -56.43 -20.93
N HIS G 127 -35.93 -57.00 -22.10
CA HIS G 127 -35.88 -58.42 -22.44
C HIS G 127 -34.42 -58.91 -22.50
N ILE G 128 -33.53 -58.16 -23.18
CA ILE G 128 -32.12 -58.53 -23.34
C ILE G 128 -31.30 -58.43 -22.04
N TRP G 129 -31.19 -57.21 -21.47
CA TRP G 129 -30.35 -56.93 -20.30
C TRP G 129 -30.84 -57.38 -18.93
N ALA G 130 -32.17 -57.30 -18.67
CA ALA G 130 -32.74 -57.70 -17.36
C ALA G 130 -33.24 -59.15 -17.31
N CYS G 131 -33.29 -59.85 -18.45
CA CYS G 131 -33.79 -61.23 -18.48
C CYS G 131 -32.82 -62.21 -19.09
N GLU G 132 -32.37 -61.98 -20.35
CA GLU G 132 -31.43 -62.88 -21.04
C GLU G 132 -30.07 -62.94 -20.35
N MET G 133 -29.51 -61.76 -19.97
CA MET G 133 -28.20 -61.64 -19.31
C MET G 133 -28.08 -62.37 -17.96
N PRO G 134 -28.97 -62.15 -16.95
CA PRO G 134 -28.86 -62.93 -15.69
C PRO G 134 -29.01 -64.44 -15.92
N LEU G 135 -29.84 -64.87 -16.90
CA LEU G 135 -30.04 -66.27 -17.28
C LEU G 135 -28.75 -66.88 -17.85
N LEU G 136 -28.03 -66.11 -18.70
CA LEU G 136 -26.76 -66.53 -19.29
C LEU G 136 -25.66 -66.70 -18.23
N THR G 137 -25.62 -65.78 -17.24
CA THR G 137 -24.63 -65.75 -16.17
C THR G 137 -24.91 -66.74 -15.04
N PHE G 138 -26.14 -66.77 -14.50
CA PHE G 138 -26.50 -67.61 -13.35
C PHE G 138 -27.21 -68.94 -13.65
N GLY G 139 -27.72 -69.10 -14.86
CA GLY G 139 -28.43 -70.30 -15.25
C GLY G 139 -27.55 -71.52 -15.46
N THR G 140 -28.11 -72.70 -15.19
CA THR G 140 -27.41 -73.97 -15.40
C THR G 140 -27.41 -74.26 -16.89
N GLU G 141 -26.57 -75.21 -17.34
CA GLU G 141 -26.49 -75.59 -18.76
C GLU G 141 -27.85 -75.99 -19.35
N GLU G 142 -28.67 -76.73 -18.58
CA GLU G 142 -30.02 -77.18 -18.96
C GLU G 142 -31.01 -76.03 -19.01
N GLN G 143 -30.90 -75.07 -18.07
CA GLN G 143 -31.74 -73.86 -17.99
C GLN G 143 -31.48 -72.95 -19.18
N LYS G 144 -30.21 -72.82 -19.58
CA LYS G 144 -29.77 -72.02 -20.72
C LYS G 144 -30.16 -72.68 -22.04
N GLU G 145 -29.91 -73.98 -22.18
CA GLU G 145 -30.24 -74.76 -23.39
C GLU G 145 -31.74 -74.74 -23.70
N LYS G 146 -32.60 -74.71 -22.66
CA LYS G 146 -34.05 -74.68 -22.84
C LYS G 146 -34.60 -73.28 -23.13
N TYR G 147 -34.30 -72.28 -22.27
CA TYR G 147 -34.86 -70.94 -22.37
C TYR G 147 -34.17 -69.91 -23.26
N LEU G 148 -32.83 -69.89 -23.27
CA LEU G 148 -32.09 -68.91 -24.08
C LEU G 148 -32.37 -68.98 -25.57
N PRO G 149 -32.34 -70.17 -26.23
CA PRO G 149 -32.65 -70.22 -27.67
C PRO G 149 -34.04 -69.69 -28.02
N LEU G 150 -35.01 -69.89 -27.10
CA LEU G 150 -36.39 -69.42 -27.26
C LEU G 150 -36.51 -67.90 -27.22
N LEU G 151 -35.81 -67.25 -26.26
CA LEU G 151 -35.80 -65.79 -26.08
C LEU G 151 -35.03 -65.07 -27.20
N CYS G 152 -33.96 -65.70 -27.73
CA CYS G 152 -33.14 -65.15 -28.81
C CYS G 152 -33.81 -65.26 -30.16
N ARG G 153 -34.46 -66.44 -30.43
CA ARG G 153 -35.00 -66.73 -31.75
C ARG G 153 -36.43 -67.28 -31.83
N GLY G 154 -36.93 -67.88 -30.75
CA GLY G 154 -38.23 -68.54 -30.72
C GLY G 154 -39.48 -67.69 -30.62
N GLY G 155 -39.31 -66.37 -30.55
CA GLY G 155 -40.46 -65.48 -30.43
C GLY G 155 -41.01 -65.38 -29.03
N TRP G 156 -40.23 -65.89 -28.06
CA TRP G 156 -40.56 -65.84 -26.64
C TRP G 156 -40.13 -64.49 -26.09
N ILE G 157 -40.98 -63.87 -25.31
CA ILE G 157 -40.73 -62.56 -24.69
C ILE G 157 -40.57 -62.76 -23.18
N ALA G 158 -39.64 -62.03 -22.56
CA ALA G 158 -39.39 -62.14 -21.13
C ALA G 158 -39.65 -60.84 -20.39
N SER G 159 -40.06 -60.98 -19.13
CA SER G 159 -40.35 -59.89 -18.19
C SER G 159 -39.52 -60.07 -16.93
N HIS G 160 -39.13 -58.94 -16.33
CA HIS G 160 -38.36 -58.87 -15.10
C HIS G 160 -39.29 -58.25 -14.04
N ALA G 161 -39.78 -59.07 -13.09
CA ALA G 161 -40.69 -58.60 -12.04
C ALA G 161 -39.99 -58.64 -10.68
N ALA G 162 -39.50 -57.47 -10.24
CA ALA G 162 -38.77 -57.30 -8.99
C ALA G 162 -39.42 -56.24 -8.09
N THR G 163 -39.81 -55.08 -8.66
CA THR G 163 -40.44 -54.00 -7.87
C THR G 163 -41.80 -54.33 -7.28
N GLU G 164 -42.11 -53.68 -6.14
CA GLU G 164 -43.36 -53.81 -5.40
C GLU G 164 -43.82 -52.45 -4.87
N PRO G 165 -45.11 -52.27 -4.52
CA PRO G 165 -45.57 -50.95 -4.03
C PRO G 165 -44.78 -50.33 -2.87
N GLN G 166 -44.22 -51.17 -1.98
CA GLN G 166 -43.40 -50.66 -0.87
C GLN G 166 -41.92 -51.09 -1.00
N ALA G 167 -41.52 -51.54 -2.20
CA ALA G 167 -40.17 -51.98 -2.52
C ALA G 167 -39.78 -51.56 -3.94
N GLY G 168 -39.53 -50.27 -4.08
CA GLY G 168 -39.09 -49.69 -5.34
C GLY G 168 -37.59 -49.46 -5.25
N SER G 169 -37.23 -48.33 -4.65
CA SER G 169 -35.84 -47.96 -4.37
C SER G 169 -35.26 -48.93 -3.34
N ASP G 170 -36.03 -49.25 -2.27
CA ASP G 170 -35.69 -50.20 -1.21
C ASP G 170 -36.12 -51.62 -1.66
N ILE G 171 -35.48 -52.12 -2.73
CA ILE G 171 -35.75 -53.43 -3.34
C ILE G 171 -35.42 -54.63 -2.44
N TYR G 172 -34.53 -54.43 -1.43
CA TYR G 172 -34.16 -55.46 -0.46
C TYR G 172 -35.33 -55.82 0.45
N SER G 173 -36.25 -54.86 0.66
CA SER G 173 -37.46 -54.99 1.48
C SER G 173 -38.66 -55.66 0.74
N LEU G 174 -38.36 -56.62 -0.18
CA LEU G 174 -39.35 -57.39 -0.95
C LEU G 174 -40.24 -58.19 -0.01
N LYS G 175 -41.53 -58.23 -0.31
CA LYS G 175 -42.50 -58.99 0.48
C LYS G 175 -42.92 -60.29 -0.20
N THR G 176 -42.75 -60.43 -1.55
CA THR G 176 -43.11 -61.64 -2.32
C THR G 176 -42.37 -62.85 -1.75
N THR G 177 -43.12 -63.74 -1.10
CA THR G 177 -42.56 -64.93 -0.45
C THR G 177 -42.60 -66.17 -1.33
N ALA G 178 -41.61 -67.05 -1.16
CA ALA G 178 -41.48 -68.32 -1.89
C ALA G 178 -41.30 -69.45 -0.87
N GLN G 179 -42.37 -70.22 -0.63
CA GLN G 179 -42.38 -71.32 0.34
C GLN G 179 -42.12 -72.67 -0.31
N LYS G 180 -41.02 -73.32 0.07
CA LYS G 180 -40.64 -74.64 -0.44
C LYS G 180 -41.58 -75.74 0.06
N ASP G 181 -41.95 -76.66 -0.84
CA ASP G 181 -42.80 -77.82 -0.57
C ASP G 181 -42.23 -79.03 -1.32
N GLY G 182 -41.06 -79.47 -0.85
CA GLY G 182 -40.34 -80.58 -1.45
C GLY G 182 -39.57 -80.15 -2.67
N ASP G 183 -40.07 -80.53 -3.86
CA ASP G 183 -39.49 -80.24 -5.17
C ASP G 183 -40.02 -78.94 -5.80
N LYS G 184 -40.99 -78.29 -5.13
CA LYS G 184 -41.59 -77.06 -5.64
C LYS G 184 -41.51 -75.89 -4.67
N TYR G 185 -41.96 -74.71 -5.14
CA TYR G 185 -42.02 -73.46 -4.38
C TYR G 185 -43.39 -72.80 -4.59
N ILE G 186 -44.00 -72.31 -3.49
CA ILE G 186 -45.29 -71.63 -3.52
C ILE G 186 -45.03 -70.13 -3.41
N LEU G 187 -45.30 -69.41 -4.51
CA LEU G 187 -45.07 -67.96 -4.59
C LEU G 187 -46.34 -67.15 -4.39
N ASN G 188 -46.25 -66.17 -3.48
CA ASN G 188 -47.33 -65.26 -3.14
C ASN G 188 -46.79 -63.85 -3.00
N GLY G 189 -47.44 -62.91 -3.67
CA GLY G 189 -47.04 -61.50 -3.64
C GLY G 189 -47.66 -60.66 -4.73
N TYR G 190 -47.28 -59.38 -4.75
CA TYR G 190 -47.74 -58.39 -5.73
C TYR G 190 -46.56 -57.61 -6.29
N LYS G 191 -46.46 -57.56 -7.63
CA LYS G 191 -45.40 -56.84 -8.33
C LYS G 191 -46.00 -55.78 -9.25
N HIS G 192 -45.76 -54.48 -8.95
CA HIS G 192 -46.26 -53.44 -9.82
C HIS G 192 -45.20 -53.10 -10.87
N TYR G 193 -45.58 -52.51 -12.02
CA TYR G 193 -44.67 -52.20 -13.14
C TYR G 193 -43.89 -53.43 -13.65
N VAL G 194 -44.48 -54.19 -14.57
CA VAL G 194 -43.82 -55.37 -15.14
C VAL G 194 -43.77 -55.20 -16.67
N THR G 195 -42.69 -54.59 -17.18
CA THR G 195 -42.49 -54.35 -18.62
C THR G 195 -42.63 -55.67 -19.38
N ASN G 196 -43.47 -55.69 -20.44
CA ASN G 196 -43.77 -56.82 -21.33
C ASN G 196 -44.69 -57.90 -20.71
N GLY G 197 -45.15 -57.68 -19.48
CA GLY G 197 -46.01 -58.60 -18.72
C GLY G 197 -47.18 -59.22 -19.46
N THR G 198 -47.96 -58.37 -20.15
CA THR G 198 -49.13 -58.80 -20.92
C THR G 198 -48.83 -59.63 -22.20
N ILE G 199 -47.55 -59.65 -22.64
CA ILE G 199 -47.09 -60.36 -23.84
C ILE G 199 -45.94 -61.35 -23.57
N ALA G 200 -45.43 -61.42 -22.32
CA ALA G 200 -44.33 -62.29 -21.92
C ALA G 200 -44.70 -63.76 -21.86
N ASP G 201 -43.74 -64.63 -22.22
CA ASP G 201 -43.84 -66.08 -22.19
C ASP G 201 -43.12 -66.65 -20.98
N LEU G 202 -42.09 -65.92 -20.49
CA LEU G 202 -41.28 -66.28 -19.31
C LEU G 202 -41.11 -65.05 -18.37
N PHE G 203 -41.29 -65.29 -17.08
CA PHE G 203 -41.21 -64.25 -16.06
C PHE G 203 -40.03 -64.50 -15.12
N ILE G 204 -39.15 -63.49 -14.99
CA ILE G 204 -38.01 -63.52 -14.08
C ILE G 204 -38.48 -62.81 -12.79
N ILE G 205 -38.76 -63.60 -11.76
CA ILE G 205 -39.34 -63.12 -10.49
C ILE G 205 -38.38 -63.17 -9.32
N PHE G 206 -38.30 -62.07 -8.61
CA PHE G 206 -37.47 -61.89 -7.42
C PHE G 206 -38.35 -62.01 -6.17
N ALA G 207 -38.15 -63.10 -5.43
CA ALA G 207 -38.92 -63.42 -4.23
C ALA G 207 -37.99 -63.69 -3.02
N THR G 208 -38.57 -63.96 -1.84
CA THR G 208 -37.81 -64.27 -0.62
C THR G 208 -38.25 -65.61 -0.01
N ILE G 209 -37.28 -66.43 0.43
CA ILE G 209 -37.58 -67.71 1.06
C ILE G 209 -38.03 -67.50 2.52
N ASP G 210 -37.50 -66.43 3.15
CA ASP G 210 -37.81 -66.01 4.52
C ASP G 210 -37.53 -64.50 4.67
N PRO G 211 -38.58 -63.68 4.92
CA PRO G 211 -38.38 -62.22 5.05
C PRO G 211 -37.48 -61.79 6.22
N SER G 212 -37.30 -62.65 7.24
CA SER G 212 -36.45 -62.39 8.41
C SER G 212 -34.97 -62.32 8.01
N LEU G 213 -34.59 -63.06 6.94
CA LEU G 213 -33.23 -63.12 6.41
C LEU G 213 -32.81 -61.83 5.72
N GLY G 214 -33.78 -61.10 5.19
CA GLY G 214 -33.56 -59.85 4.48
C GLY G 214 -32.87 -60.08 3.15
N LYS G 215 -31.72 -59.39 2.93
CA LYS G 215 -30.88 -59.48 1.72
C LYS G 215 -30.48 -60.92 1.41
N GLU G 216 -30.15 -61.70 2.47
CA GLU G 216 -29.73 -63.10 2.39
C GLU G 216 -30.85 -64.07 2.03
N GLY G 217 -32.10 -63.61 2.06
CA GLY G 217 -33.27 -64.43 1.75
C GLY G 217 -33.77 -64.34 0.32
N LEU G 218 -33.28 -63.36 -0.46
CA LEU G 218 -33.66 -63.10 -1.85
C LEU G 218 -33.32 -64.26 -2.79
N THR G 219 -34.30 -64.70 -3.59
CA THR G 219 -34.14 -65.82 -4.53
C THR G 219 -34.91 -65.51 -5.84
N THR G 220 -34.35 -65.92 -6.99
CA THR G 220 -34.94 -65.72 -8.33
C THR G 220 -35.60 -67.01 -8.87
N PHE G 221 -36.76 -66.85 -9.54
CA PHE G 221 -37.55 -67.94 -10.11
C PHE G 221 -38.00 -67.61 -11.54
N MET G 222 -38.00 -68.63 -12.42
CA MET G 222 -38.42 -68.48 -13.82
C MET G 222 -39.77 -69.16 -13.99
N ILE G 223 -40.82 -68.36 -14.13
CA ILE G 223 -42.18 -68.87 -14.25
C ILE G 223 -42.71 -68.63 -15.66
N GLU G 224 -43.16 -69.69 -16.33
CA GLU G 224 -43.73 -69.62 -17.67
C GLU G 224 -45.12 -68.97 -17.61
N LYS G 225 -45.54 -68.37 -18.71
CA LYS G 225 -46.84 -67.73 -18.90
C LYS G 225 -47.95 -68.79 -18.68
N ASP G 226 -49.10 -68.39 -18.19
CA ASP G 226 -50.26 -69.26 -17.92
C ASP G 226 -49.94 -70.36 -16.92
N THR G 227 -49.29 -70.00 -15.84
CA THR G 227 -49.04 -70.91 -14.74
C THR G 227 -50.15 -70.58 -13.74
N PRO G 228 -50.88 -71.57 -13.22
CA PRO G 228 -51.98 -71.26 -12.30
C PRO G 228 -51.48 -70.46 -11.10
N GLY G 229 -52.06 -69.27 -10.93
CA GLY G 229 -51.74 -68.34 -9.86
C GLY G 229 -51.08 -67.04 -10.30
N LEU G 230 -50.72 -66.94 -11.58
CA LEU G 230 -50.07 -65.80 -12.23
C LEU G 230 -51.15 -64.88 -12.83
N ILE G 231 -51.50 -63.82 -12.12
CA ILE G 231 -52.54 -62.84 -12.48
C ILE G 231 -51.98 -61.53 -13.00
N LEU G 232 -52.37 -61.14 -14.22
CA LEU G 232 -51.94 -59.90 -14.86
C LEU G 232 -53.09 -58.94 -15.07
N SER G 233 -52.82 -57.65 -14.89
CA SER G 233 -53.79 -56.58 -15.08
C SER G 233 -53.69 -56.07 -16.51
N LYS G 234 -54.51 -55.08 -16.85
CA LYS G 234 -54.46 -54.45 -18.17
C LYS G 234 -53.21 -53.54 -18.18
N PRO G 235 -52.54 -53.28 -19.33
CA PRO G 235 -51.37 -52.40 -19.28
C PRO G 235 -51.75 -50.99 -18.79
N ILE G 236 -50.99 -50.46 -17.83
CA ILE G 236 -51.23 -49.15 -17.24
C ILE G 236 -50.86 -48.00 -18.21
N SER G 237 -51.74 -46.98 -18.30
CA SER G 237 -51.55 -45.80 -19.15
C SER G 237 -50.52 -44.87 -18.52
N LYS G 238 -49.55 -44.41 -19.33
CA LYS G 238 -48.47 -43.52 -18.90
C LYS G 238 -48.14 -42.39 -19.90
N MET G 239 -47.36 -41.39 -19.46
CA MET G 239 -46.96 -40.21 -20.25
C MET G 239 -46.38 -40.57 -21.64
N GLY G 240 -45.28 -41.31 -21.64
CA GLY G 240 -44.59 -41.79 -22.83
C GLY G 240 -44.37 -43.29 -22.71
N MET G 241 -43.56 -43.89 -23.61
CA MET G 241 -43.28 -45.34 -23.68
C MET G 241 -44.60 -46.13 -23.85
N ARG G 242 -45.63 -45.47 -24.43
CA ARG G 242 -46.98 -45.99 -24.65
C ARG G 242 -47.07 -47.20 -25.58
N THR G 243 -46.01 -47.44 -26.36
CA THR G 243 -45.89 -48.58 -27.28
C THR G 243 -45.19 -49.76 -26.59
N ALA G 244 -45.00 -49.66 -25.24
CA ALA G 244 -44.42 -50.69 -24.39
C ALA G 244 -45.48 -51.03 -23.32
N GLU G 245 -45.83 -52.32 -23.21
CA GLU G 245 -46.86 -52.77 -22.27
C GLU G 245 -46.31 -52.97 -20.85
N VAL G 246 -46.83 -52.19 -19.87
CA VAL G 246 -46.39 -52.24 -18.45
C VAL G 246 -47.60 -52.47 -17.48
N PRO G 247 -48.07 -53.73 -17.35
CA PRO G 247 -49.18 -54.01 -16.42
C PRO G 247 -48.68 -54.31 -15.01
N GLU G 248 -49.62 -54.71 -14.11
CA GLU G 248 -49.34 -55.11 -12.74
C GLU G 248 -49.40 -56.64 -12.70
N LEU G 249 -48.72 -57.24 -11.73
CA LEU G 249 -48.68 -58.69 -11.55
C LEU G 249 -48.99 -59.09 -10.11
N ARG G 250 -49.79 -60.15 -9.96
CA ARG G 250 -50.09 -60.75 -8.68
C ARG G 250 -49.87 -62.23 -8.76
N LEU G 251 -49.33 -62.80 -7.69
CA LEU G 251 -49.06 -64.22 -7.54
C LEU G 251 -49.90 -64.77 -6.39
N GLU G 252 -50.83 -65.69 -6.70
CA GLU G 252 -51.72 -66.32 -5.73
C GLU G 252 -51.43 -67.83 -5.74
N ASN G 253 -50.57 -68.29 -4.81
CA ASN G 253 -50.13 -69.69 -4.66
C ASN G 253 -49.59 -70.26 -5.97
N CYS G 254 -48.74 -69.47 -6.64
CA CYS G 254 -48.10 -69.79 -7.92
C CYS G 254 -47.01 -70.83 -7.68
N GLU G 255 -47.21 -72.03 -8.23
CA GLU G 255 -46.27 -73.14 -8.07
C GLU G 255 -45.21 -73.18 -9.14
N VAL G 256 -43.96 -73.36 -8.73
CA VAL G 256 -42.80 -73.47 -9.62
C VAL G 256 -41.82 -74.55 -9.11
N SER G 257 -41.28 -75.35 -10.05
CA SER G 257 -40.33 -76.42 -9.77
C SER G 257 -38.98 -75.86 -9.32
N ALA G 258 -38.25 -76.62 -8.48
CA ALA G 258 -36.92 -76.23 -7.99
C ALA G 258 -35.89 -76.16 -9.15
N ALA G 259 -36.23 -76.81 -10.28
CA ALA G 259 -35.43 -76.83 -11.51
C ALA G 259 -35.47 -75.48 -12.22
N ASN G 260 -36.60 -74.73 -12.06
CA ASN G 260 -36.81 -73.42 -12.67
C ASN G 260 -36.38 -72.24 -11.79
N ARG G 261 -35.71 -72.55 -10.66
CA ARG G 261 -35.16 -71.57 -9.73
C ARG G 261 -33.77 -71.16 -10.26
N LEU G 262 -33.61 -69.85 -10.57
CA LEU G 262 -32.35 -69.31 -11.09
C LEU G 262 -31.39 -69.10 -9.92
N GLY G 263 -30.29 -69.86 -9.95
CA GLY G 263 -29.28 -69.85 -8.89
C GLY G 263 -29.73 -70.57 -7.63
N GLU G 264 -28.86 -70.59 -6.61
CA GLU G 264 -29.16 -71.22 -5.32
C GLU G 264 -30.05 -70.29 -4.47
N GLU G 265 -30.58 -70.81 -3.34
CA GLU G 265 -31.39 -70.03 -2.39
C GLU G 265 -30.48 -68.95 -1.77
N GLY G 266 -30.90 -67.71 -1.86
CA GLY G 266 -30.14 -66.58 -1.33
C GLY G 266 -29.27 -65.86 -2.33
N THR G 267 -29.17 -66.37 -3.57
CA THR G 267 -28.33 -65.77 -4.63
C THR G 267 -29.05 -64.61 -5.38
N GLY G 268 -30.35 -64.43 -5.12
CA GLY G 268 -31.19 -63.40 -5.71
C GLY G 268 -30.62 -61.98 -5.72
N LEU G 269 -29.91 -61.60 -4.65
CA LEU G 269 -29.27 -60.28 -4.50
C LEU G 269 -28.15 -60.12 -5.54
N ALA G 270 -27.27 -61.14 -5.66
CA ALA G 270 -26.17 -61.16 -6.62
C ALA G 270 -26.72 -61.13 -8.07
N ILE G 271 -27.88 -61.80 -8.33
CA ILE G 271 -28.52 -61.84 -9.64
C ILE G 271 -29.11 -60.46 -10.00
N PHE G 272 -29.76 -59.80 -9.02
CA PHE G 272 -30.34 -58.47 -9.18
C PHE G 272 -29.26 -57.40 -9.43
N ASN G 273 -28.18 -57.41 -8.62
CA ASN G 273 -27.05 -56.48 -8.73
C ASN G 273 -26.31 -56.64 -10.05
N HIS G 274 -26.25 -57.87 -10.58
CA HIS G 274 -25.63 -58.19 -11.86
C HIS G 274 -26.52 -57.69 -13.00
N SER G 275 -27.85 -57.90 -12.87
CA SER G 275 -28.86 -57.43 -13.84
C SER G 275 -28.83 -55.91 -13.97
N MET G 276 -28.67 -55.19 -12.84
CA MET G 276 -28.59 -53.73 -12.79
C MET G 276 -27.38 -53.16 -13.52
N GLU G 277 -26.25 -53.87 -13.46
CA GLU G 277 -24.99 -53.52 -14.15
C GLU G 277 -25.22 -53.45 -15.68
N TRP G 278 -25.89 -54.47 -16.27
CA TRP G 278 -26.21 -54.56 -17.70
C TRP G 278 -27.34 -53.62 -18.06
N GLU G 279 -28.37 -53.52 -17.20
CA GLU G 279 -29.53 -52.67 -17.42
C GLU G 279 -29.13 -51.19 -17.46
N ARG G 280 -28.58 -50.65 -16.35
CA ARG G 280 -28.16 -49.24 -16.24
C ARG G 280 -27.20 -48.79 -17.33
N GLY G 281 -26.22 -49.62 -17.65
CA GLY G 281 -25.22 -49.29 -18.65
C GLY G 281 -25.64 -49.45 -20.10
N PHE G 282 -26.66 -50.31 -20.38
CA PHE G 282 -27.05 -50.58 -21.77
C PHE G 282 -28.47 -50.24 -22.24
N ILE G 283 -29.42 -50.06 -21.31
CA ILE G 283 -30.82 -49.73 -21.65
C ILE G 283 -30.92 -48.38 -22.40
N LEU G 284 -29.96 -47.45 -22.15
CA LEU G 284 -29.91 -46.12 -22.74
C LEU G 284 -28.91 -45.97 -23.89
N ALA G 285 -28.36 -47.10 -24.39
CA ALA G 285 -27.41 -47.12 -25.51
C ALA G 285 -28.08 -46.54 -26.76
N ALA G 286 -29.34 -46.93 -27.00
CA ALA G 286 -30.13 -46.47 -28.13
C ALA G 286 -30.58 -45.02 -27.98
N ALA G 287 -30.75 -44.55 -26.72
CA ALA G 287 -31.15 -43.17 -26.39
C ALA G 287 -30.09 -42.17 -26.90
N VAL G 288 -28.80 -42.60 -26.91
CA VAL G 288 -27.67 -41.83 -27.43
C VAL G 288 -27.88 -41.62 -28.95
N GLY G 289 -28.40 -42.66 -29.64
CA GLY G 289 -28.71 -42.62 -31.05
C GLY G 289 -29.84 -41.65 -31.36
N THR G 290 -30.88 -41.65 -30.51
CA THR G 290 -32.05 -40.77 -30.58
C THR G 290 -31.58 -39.30 -30.42
N MET G 291 -30.63 -39.06 -29.49
CA MET G 291 -30.03 -37.77 -29.22
C MET G 291 -29.28 -37.24 -30.46
N GLU G 292 -28.62 -38.15 -31.20
CA GLU G 292 -27.90 -37.83 -32.44
C GLU G 292 -28.88 -37.42 -33.54
N ARG G 293 -30.04 -38.12 -33.64
CA ARG G 293 -31.08 -37.80 -34.62
C ARG G 293 -31.72 -36.44 -34.36
N LEU G 294 -32.02 -36.11 -33.09
CA LEU G 294 -32.62 -34.83 -32.72
C LEU G 294 -31.67 -33.65 -32.91
N LEU G 295 -30.36 -33.89 -32.76
CA LEU G 295 -29.38 -32.84 -32.97
C LEU G 295 -29.32 -32.47 -34.46
N GLU G 296 -29.21 -33.45 -35.34
CA GLU G 296 -29.17 -33.20 -36.78
C GLU G 296 -30.47 -32.61 -37.32
N GLN G 297 -31.61 -33.05 -36.75
CA GLN G 297 -32.94 -32.53 -37.10
C GLN G 297 -33.07 -31.07 -36.69
N SER G 298 -32.54 -30.73 -35.50
CA SER G 298 -32.55 -29.37 -34.95
C SER G 298 -31.59 -28.43 -35.70
N ILE G 299 -30.39 -28.92 -36.11
CA ILE G 299 -29.42 -28.14 -36.91
C ILE G 299 -30.11 -27.79 -38.24
N ARG G 300 -30.71 -28.79 -38.94
CA ARG G 300 -31.46 -28.60 -40.18
C ARG G 300 -32.51 -27.48 -40.03
N TYR G 301 -33.31 -27.52 -38.93
CA TYR G 301 -34.35 -26.52 -38.65
C TYR G 301 -33.77 -25.14 -38.34
N ALA G 302 -32.67 -25.08 -37.56
CA ALA G 302 -31.99 -23.84 -37.19
C ALA G 302 -31.35 -23.15 -38.40
N ARG G 303 -31.01 -23.93 -39.44
CA ARG G 303 -30.43 -23.43 -40.69
C ARG G 303 -31.55 -23.06 -41.68
N SER G 304 -32.65 -23.85 -41.71
CA SER G 304 -33.80 -23.67 -42.60
C SER G 304 -34.75 -22.60 -42.15
N HIS G 305 -35.25 -22.65 -40.90
CA HIS G 305 -36.23 -21.68 -40.44
C HIS G 305 -35.65 -20.30 -40.23
N LYS G 306 -36.32 -19.30 -40.83
CA LYS G 306 -35.90 -17.91 -40.82
C LYS G 306 -36.87 -17.00 -40.08
N GLN G 307 -36.29 -16.00 -39.41
CA GLN G 307 -36.99 -14.94 -38.67
C GLN G 307 -36.06 -13.73 -38.61
N PHE G 308 -36.62 -12.50 -38.77
CA PHE G 308 -35.89 -11.22 -38.78
C PHE G 308 -34.84 -11.16 -39.93
N GLY G 309 -35.17 -11.79 -41.06
CA GLY G 309 -34.34 -11.82 -42.27
C GLY G 309 -33.15 -12.74 -42.25
N GLN G 310 -33.06 -13.62 -41.27
CA GLN G 310 -31.96 -14.58 -41.19
C GLN G 310 -32.40 -15.90 -40.55
N ALA G 311 -31.56 -16.95 -40.68
CA ALA G 311 -31.84 -18.26 -40.09
C ALA G 311 -31.77 -18.10 -38.57
N ILE G 312 -32.64 -18.81 -37.84
CA ILE G 312 -32.70 -18.75 -36.38
C ILE G 312 -31.38 -19.11 -35.68
N GLY G 313 -30.61 -20.00 -36.31
CA GLY G 313 -29.29 -20.42 -35.85
C GLY G 313 -28.25 -19.30 -35.81
N LYS G 314 -28.52 -18.16 -36.48
CA LYS G 314 -27.66 -16.99 -36.50
C LYS G 314 -27.77 -16.21 -35.19
N PHE G 315 -28.83 -16.47 -34.40
CA PHE G 315 -29.03 -15.88 -33.07
C PHE G 315 -28.37 -16.84 -32.07
N GLN G 316 -27.48 -16.31 -31.24
CA GLN G 316 -26.69 -17.09 -30.27
C GLN G 316 -27.49 -17.87 -29.24
N LEU G 317 -28.70 -17.42 -28.90
CA LEU G 317 -29.53 -18.15 -27.94
C LEU G 317 -30.05 -19.46 -28.51
N VAL G 318 -30.22 -19.51 -29.84
CA VAL G 318 -30.65 -20.70 -30.58
C VAL G 318 -29.45 -21.60 -30.83
N ALA G 319 -28.33 -21.03 -31.34
CA ALA G 319 -27.09 -21.75 -31.63
C ALA G 319 -26.50 -22.44 -30.40
N ASN G 320 -26.59 -21.80 -29.22
CA ASN G 320 -26.08 -22.35 -27.96
C ASN G 320 -26.79 -23.63 -27.52
N LYS G 321 -28.10 -23.76 -27.84
CA LYS G 321 -28.91 -24.94 -27.53
C LYS G 321 -28.38 -26.16 -28.28
N LEU G 322 -27.85 -25.95 -29.49
CA LEU G 322 -27.27 -27.00 -30.31
C LEU G 322 -25.85 -27.32 -29.87
N VAL G 323 -25.14 -26.33 -29.33
CA VAL G 323 -23.80 -26.47 -28.76
C VAL G 323 -23.94 -27.35 -27.49
N GLU G 324 -24.98 -27.09 -26.66
CA GLU G 324 -25.27 -27.87 -25.45
C GLU G 324 -25.68 -29.30 -25.80
N MET G 325 -26.48 -29.46 -26.88
CA MET G 325 -26.91 -30.76 -27.41
C MET G 325 -25.71 -31.57 -27.87
N LYS G 326 -24.73 -30.91 -28.53
CA LYS G 326 -23.48 -31.51 -29.01
C LYS G 326 -22.59 -31.99 -27.85
N LEU G 327 -22.36 -31.12 -26.83
CA LEU G 327 -21.58 -31.47 -25.63
C LEU G 327 -22.18 -32.68 -24.93
N ARG G 328 -23.51 -32.70 -24.71
CA ARG G 328 -24.24 -33.79 -24.07
C ARG G 328 -24.13 -35.11 -24.85
N LEU G 329 -24.23 -35.04 -26.19
CA LEU G 329 -24.15 -36.21 -27.07
C LEU G 329 -22.80 -36.90 -26.96
N GLU G 330 -21.71 -36.10 -26.97
CA GLU G 330 -20.33 -36.61 -26.88
C GLU G 330 -20.02 -37.19 -25.51
N ASN G 331 -20.62 -36.61 -24.45
CA ASN G 331 -20.46 -37.09 -23.06
C ASN G 331 -21.23 -38.40 -22.86
N ALA G 332 -22.44 -38.52 -23.45
CA ALA G 332 -23.26 -39.73 -23.42
C ALA G 332 -22.51 -40.90 -24.08
N LYS G 333 -21.87 -40.61 -25.21
CA LYS G 333 -21.05 -41.56 -25.98
C LYS G 333 -19.92 -42.10 -25.12
N ALA G 334 -19.24 -41.21 -24.39
CA ALA G 334 -18.13 -41.50 -23.49
C ALA G 334 -18.54 -42.42 -22.34
N TYR G 335 -19.70 -42.15 -21.68
CA TYR G 335 -20.19 -42.96 -20.58
C TYR G 335 -20.61 -44.34 -21.06
N LEU G 336 -21.22 -44.42 -22.24
CA LEU G 336 -21.68 -45.67 -22.85
C LEU G 336 -20.51 -46.56 -23.26
N TYR G 337 -19.49 -45.99 -23.90
CA TYR G 337 -18.33 -46.74 -24.38
C TYR G 337 -17.36 -47.19 -23.31
N LYS G 338 -17.34 -46.53 -22.16
CA LYS G 338 -16.51 -46.92 -21.02
C LYS G 338 -17.05 -48.23 -20.43
N VAL G 339 -18.37 -48.26 -20.14
CA VAL G 339 -19.11 -49.41 -19.60
C VAL G 339 -19.00 -50.61 -20.56
N ALA G 340 -19.24 -50.37 -21.86
CA ALA G 340 -19.14 -51.38 -22.92
C ALA G 340 -17.75 -52.03 -22.93
N TRP G 341 -16.67 -51.23 -22.79
CA TRP G 341 -15.29 -51.70 -22.77
C TRP G 341 -15.03 -52.55 -21.52
N MET G 342 -15.32 -51.96 -20.33
CA MET G 342 -15.15 -52.56 -19.01
C MET G 342 -15.78 -53.94 -18.94
N LYS G 343 -17.04 -54.05 -19.37
CA LYS G 343 -17.81 -55.29 -19.42
C LYS G 343 -17.25 -56.32 -20.37
N GLU G 344 -16.83 -55.89 -21.55
CA GLU G 344 -16.19 -56.73 -22.56
C GLU G 344 -14.92 -57.37 -21.97
N ASN G 345 -14.18 -56.60 -21.16
CA ASN G 345 -12.97 -57.05 -20.48
C ASN G 345 -13.28 -57.70 -19.10
N LYS G 346 -14.52 -58.20 -18.96
CA LYS G 346 -15.07 -58.94 -17.82
C LYS G 346 -14.86 -58.30 -16.44
N GLN G 347 -14.95 -56.95 -16.38
CA GLN G 347 -14.80 -56.18 -15.14
C GLN G 347 -16.16 -55.79 -14.53
N MET G 348 -16.18 -55.61 -13.19
CA MET G 348 -17.37 -55.20 -12.44
C MET G 348 -17.52 -53.70 -12.65
N ALA G 349 -18.60 -53.29 -13.33
CA ALA G 349 -18.82 -51.88 -13.66
C ALA G 349 -20.15 -51.28 -13.17
N LEU G 350 -20.55 -51.55 -11.91
CA LEU G 350 -21.78 -51.00 -11.33
C LEU G 350 -21.71 -49.48 -11.16
N LEU G 351 -20.53 -48.96 -10.75
CA LEU G 351 -20.31 -47.52 -10.60
C LEU G 351 -20.41 -46.82 -11.95
N GLU G 352 -19.76 -47.39 -12.98
CA GLU G 352 -19.73 -46.84 -14.33
C GLU G 352 -21.10 -46.89 -15.01
N ALA G 353 -21.89 -47.96 -14.74
CA ALA G 353 -23.23 -48.14 -15.28
C ALA G 353 -24.21 -47.14 -14.64
N SER G 354 -24.02 -46.87 -13.33
CA SER G 354 -24.84 -45.92 -12.56
C SER G 354 -24.59 -44.49 -13.03
N MET G 355 -23.31 -44.15 -13.31
CA MET G 355 -22.91 -42.83 -13.82
C MET G 355 -23.47 -42.61 -15.22
N ALA G 356 -23.45 -43.69 -16.06
CA ALA G 356 -23.98 -43.67 -17.43
C ALA G 356 -25.49 -43.44 -17.43
N ASN G 357 -26.25 -44.24 -16.64
CA ASN G 357 -27.70 -44.13 -16.55
C ASN G 357 -28.14 -42.76 -15.98
N LEU G 358 -27.42 -42.23 -14.96
CA LEU G 358 -27.73 -40.93 -14.37
C LEU G 358 -27.47 -39.81 -15.38
N TYR G 359 -26.30 -39.82 -16.06
CA TYR G 359 -25.96 -38.80 -17.05
C TYR G 359 -26.89 -38.81 -18.27
N ILE G 360 -26.97 -39.96 -18.99
CA ILE G 360 -27.74 -40.15 -20.22
C ILE G 360 -29.24 -39.90 -20.08
N SER G 361 -29.85 -40.29 -18.95
CA SER G 361 -31.29 -40.09 -18.73
C SER G 361 -31.63 -38.61 -18.65
N GLU G 362 -30.81 -37.84 -17.93
CA GLU G 362 -30.98 -36.41 -17.76
C GLU G 362 -30.60 -35.62 -18.99
N ALA G 363 -29.54 -36.07 -19.69
CA ALA G 363 -29.05 -35.47 -20.93
C ALA G 363 -30.12 -35.60 -22.01
N TRP G 364 -30.78 -36.79 -22.08
CA TRP G 364 -31.84 -37.08 -23.03
C TRP G 364 -33.05 -36.17 -22.86
N VAL G 365 -33.56 -36.01 -21.62
CA VAL G 365 -34.72 -35.17 -21.28
C VAL G 365 -34.43 -33.71 -21.66
N GLN G 366 -33.25 -33.20 -21.25
CA GLN G 366 -32.78 -31.84 -21.52
C GLN G 366 -32.66 -31.53 -23.01
N SER G 367 -32.05 -32.43 -23.80
CA SER G 367 -31.88 -32.27 -25.24
C SER G 367 -33.23 -32.29 -25.97
N CYS G 368 -34.19 -33.11 -25.49
CA CYS G 368 -35.55 -33.21 -26.03
C CYS G 368 -36.29 -31.88 -25.82
N LEU G 369 -36.16 -31.31 -24.60
CA LEU G 369 -36.75 -30.04 -24.19
C LEU G 369 -36.24 -28.90 -25.08
N GLU G 370 -34.93 -28.89 -25.37
CA GLU G 370 -34.27 -27.90 -26.21
C GLU G 370 -34.66 -28.03 -27.69
N ALA G 371 -34.90 -29.28 -28.17
CA ALA G 371 -35.33 -29.56 -29.54
C ALA G 371 -36.72 -28.98 -29.79
N ILE G 372 -37.59 -29.02 -28.76
CA ILE G 372 -38.92 -28.43 -28.82
C ILE G 372 -38.79 -26.89 -28.80
N GLU G 373 -37.84 -26.36 -28.00
CA GLU G 373 -37.58 -24.91 -27.89
C GLU G 373 -37.10 -24.31 -29.21
N ILE G 374 -36.15 -24.98 -29.91
CA ILE G 374 -35.60 -24.57 -31.20
C ILE G 374 -36.74 -24.44 -32.26
N HIS G 375 -37.70 -25.37 -32.23
CA HIS G 375 -38.83 -25.37 -33.16
C HIS G 375 -39.91 -24.34 -32.84
N GLY G 376 -39.94 -23.86 -31.60
CA GLY G 376 -40.95 -22.91 -31.15
C GLY G 376 -42.27 -23.61 -30.90
N ALA G 377 -43.40 -22.94 -31.16
CA ALA G 377 -44.75 -23.51 -30.99
C ALA G 377 -44.93 -24.75 -31.86
N TYR G 378 -44.25 -24.79 -33.01
CA TYR G 378 -44.22 -25.88 -33.97
C TYR G 378 -43.77 -27.19 -33.29
N GLY G 379 -42.81 -27.10 -32.37
CA GLY G 379 -42.30 -28.24 -31.61
C GLY G 379 -43.23 -28.79 -30.53
N TYR G 380 -44.32 -28.07 -30.25
CA TYR G 380 -45.34 -28.42 -29.25
C TYR G 380 -46.53 -29.17 -29.87
N LEU G 381 -46.61 -29.22 -31.23
CA LEU G 381 -47.68 -29.89 -31.97
C LEU G 381 -47.44 -31.40 -32.06
N THR G 382 -48.53 -32.19 -31.95
CA THR G 382 -48.52 -33.65 -32.03
C THR G 382 -47.86 -34.18 -33.32
N ASN G 383 -48.26 -33.64 -34.48
CA ASN G 383 -47.78 -34.05 -35.81
C ASN G 383 -46.28 -33.84 -36.08
N THR G 384 -45.60 -32.99 -35.27
CA THR G 384 -44.16 -32.73 -35.40
C THR G 384 -43.35 -33.94 -34.88
N GLU G 385 -43.87 -34.59 -33.80
CA GLU G 385 -43.35 -35.78 -33.11
C GLU G 385 -42.23 -35.54 -32.10
N LEU G 386 -41.78 -34.28 -31.93
CA LEU G 386 -40.72 -33.93 -30.97
C LEU G 386 -41.22 -34.01 -29.53
N GLU G 387 -42.53 -33.75 -29.35
CA GLU G 387 -43.21 -33.80 -28.06
C GLU G 387 -43.20 -35.22 -27.48
N ARG G 388 -43.46 -36.24 -28.32
CA ARG G 388 -43.46 -37.65 -27.93
C ARG G 388 -42.07 -38.05 -27.43
N GLU G 389 -41.02 -37.56 -28.13
CA GLU G 389 -39.62 -37.80 -27.77
C GLU G 389 -39.35 -37.43 -26.32
N LEU G 390 -39.83 -36.24 -25.87
CA LEU G 390 -39.69 -35.77 -24.48
C LEU G 390 -40.46 -36.66 -23.48
N ARG G 391 -41.72 -37.00 -23.81
CA ARG G 391 -42.57 -37.85 -22.97
C ARG G 391 -41.91 -39.21 -22.74
N ASP G 392 -41.28 -39.77 -23.80
CA ASP G 392 -40.58 -41.06 -23.74
C ASP G 392 -39.30 -40.95 -22.90
N ALA G 393 -38.55 -39.85 -23.07
CA ALA G 393 -37.29 -39.56 -22.36
C ALA G 393 -37.41 -39.54 -20.83
N ILE G 394 -38.54 -39.03 -20.30
CA ILE G 394 -38.78 -38.95 -18.84
C ILE G 394 -38.71 -40.32 -18.16
N ALA G 395 -39.29 -41.35 -18.78
CA ALA G 395 -39.33 -42.74 -18.28
C ALA G 395 -37.96 -43.21 -17.79
N SER G 396 -36.88 -42.86 -18.52
CA SER G 396 -35.47 -43.20 -18.22
C SER G 396 -34.99 -42.73 -16.86
N LYS G 397 -35.67 -41.73 -16.27
CA LYS G 397 -35.37 -41.17 -14.95
C LYS G 397 -35.99 -42.00 -13.84
N PHE G 398 -36.82 -43.02 -14.20
CA PHE G 398 -37.52 -43.90 -13.26
C PHE G 398 -37.17 -45.38 -13.42
N TYR G 399 -37.14 -45.91 -14.66
CA TYR G 399 -36.74 -47.31 -14.84
C TYR G 399 -35.20 -47.41 -14.67
N SER G 400 -34.71 -48.59 -14.26
CA SER G 400 -33.29 -48.89 -13.97
C SER G 400 -32.80 -48.15 -12.70
N GLY G 401 -33.74 -47.55 -11.97
CA GLY G 401 -33.49 -46.78 -10.76
C GLY G 401 -33.61 -45.29 -11.02
N THR G 402 -34.05 -44.53 -10.00
CA THR G 402 -34.21 -43.08 -10.10
C THR G 402 -32.86 -42.38 -10.06
N SER G 403 -32.81 -41.11 -10.52
CA SER G 403 -31.59 -40.27 -10.54
C SER G 403 -30.98 -40.14 -9.14
N GLU G 404 -31.84 -40.02 -8.11
CA GLU G 404 -31.46 -39.92 -6.69
C GLU G 404 -30.79 -41.20 -6.21
N ILE G 405 -31.34 -42.38 -6.62
CA ILE G 405 -30.80 -43.69 -6.27
C ILE G 405 -29.38 -43.89 -6.80
N GLN G 406 -29.13 -43.50 -8.08
CA GLN G 406 -27.81 -43.57 -8.74
C GLN G 406 -26.82 -42.74 -7.98
N ARG G 407 -27.23 -41.50 -7.60
CA ARG G 407 -26.41 -40.56 -6.83
C ARG G 407 -26.00 -41.19 -5.49
N VAL G 408 -26.92 -41.86 -4.80
CA VAL G 408 -26.68 -42.57 -3.54
C VAL G 408 -25.67 -43.72 -3.77
N VAL G 409 -25.85 -44.49 -4.87
CA VAL G 409 -24.97 -45.60 -5.28
C VAL G 409 -23.53 -45.08 -5.52
N ILE G 410 -23.40 -43.97 -6.30
CA ILE G 410 -22.12 -43.33 -6.59
C ILE G 410 -21.43 -42.89 -5.30
N ALA G 411 -22.17 -42.22 -4.39
CA ALA G 411 -21.66 -41.75 -3.10
C ALA G 411 -21.06 -42.89 -2.25
N LYS G 412 -21.71 -44.08 -2.25
CA LYS G 412 -21.25 -45.27 -1.51
C LYS G 412 -19.92 -45.75 -2.08
N PHE G 413 -19.79 -45.81 -3.43
CA PHE G 413 -18.55 -46.21 -4.14
C PHE G 413 -17.40 -45.23 -3.84
N LEU G 414 -17.72 -43.95 -3.57
CA LEU G 414 -16.73 -42.92 -3.24
C LEU G 414 -16.20 -43.07 -1.83
N GLY G 415 -16.95 -43.80 -1.00
CA GLY G 415 -16.60 -44.10 0.39
C GLY G 415 -17.40 -43.36 1.44
N LEU G 416 -18.46 -42.66 1.02
CA LEU G 416 -19.33 -41.86 1.89
C LEU G 416 -20.41 -42.70 2.57
N ALA H 39 -49.23 -8.77 2.93
CA ALA H 39 -49.84 -7.45 2.85
C ALA H 39 -51.29 -7.47 2.30
N TRP H 40 -51.91 -8.67 2.24
CA TRP H 40 -53.28 -8.84 1.77
C TRP H 40 -54.24 -8.67 2.91
N ASN H 41 -55.28 -7.88 2.70
CA ASN H 41 -56.28 -7.69 3.73
C ASN H 41 -57.27 -8.85 3.70
N SER H 42 -58.07 -8.99 4.77
CA SER H 42 -59.10 -10.03 4.98
C SER H 42 -60.13 -10.17 3.86
N GLN H 43 -60.53 -9.04 3.22
CA GLN H 43 -61.49 -9.01 2.10
C GLN H 43 -60.86 -9.64 0.87
N GLN H 44 -59.53 -9.44 0.71
CA GLN H 44 -58.73 -10.02 -0.36
C GLN H 44 -58.56 -11.52 -0.09
N ILE H 45 -58.32 -11.88 1.20
CA ILE H 45 -58.18 -13.26 1.68
C ILE H 45 -59.51 -14.00 1.46
N GLN H 46 -60.64 -13.41 1.92
CA GLN H 46 -61.98 -13.98 1.80
C GLN H 46 -62.46 -14.17 0.35
N PHE H 47 -62.16 -13.21 -0.55
CA PHE H 47 -62.57 -13.33 -1.95
C PHE H 47 -61.82 -14.45 -2.67
N ARG H 48 -60.49 -14.58 -2.43
CA ARG H 48 -59.64 -15.63 -3.00
C ARG H 48 -60.11 -17.00 -2.48
N LYS H 49 -60.47 -17.06 -1.18
CA LYS H 49 -61.00 -18.28 -0.52
C LYS H 49 -62.34 -18.67 -1.18
N LYS H 50 -63.18 -17.66 -1.53
CA LYS H 50 -64.46 -17.86 -2.20
C LYS H 50 -64.23 -18.38 -3.63
N VAL H 51 -63.16 -17.89 -4.31
CA VAL H 51 -62.78 -18.32 -5.66
C VAL H 51 -62.34 -19.80 -5.65
N ILE H 52 -61.46 -20.18 -4.68
CA ILE H 52 -60.96 -21.55 -4.50
C ILE H 52 -62.13 -22.52 -4.27
N GLN H 53 -63.04 -22.19 -3.31
CA GLN H 53 -64.23 -22.98 -2.98
C GLN H 53 -65.17 -23.17 -4.17
N PHE H 54 -65.40 -22.11 -4.96
CA PHE H 54 -66.21 -22.16 -6.20
C PHE H 54 -65.60 -23.13 -7.21
N ALA H 55 -64.27 -22.99 -7.44
CA ALA H 55 -63.49 -23.82 -8.36
C ALA H 55 -63.42 -25.29 -7.92
N GLN H 56 -63.33 -25.53 -6.60
CA GLN H 56 -63.26 -26.88 -6.04
C GLN H 56 -64.62 -27.59 -6.02
N GLN H 57 -65.73 -26.81 -5.90
CA GLN H 57 -67.08 -27.38 -5.82
C GLN H 57 -67.86 -27.44 -7.14
N SER H 58 -67.92 -26.31 -7.87
CA SER H 58 -68.70 -26.22 -9.11
C SER H 58 -67.93 -26.28 -10.44
N LEU H 59 -66.67 -26.74 -10.43
CA LEU H 59 -65.89 -26.85 -11.67
C LEU H 59 -65.40 -28.28 -11.98
N ILE H 60 -65.79 -29.27 -11.15
CA ILE H 60 -65.45 -30.70 -11.27
C ILE H 60 -65.69 -31.22 -12.70
N SER H 61 -64.67 -31.84 -13.30
CA SER H 61 -64.71 -32.39 -14.65
C SER H 61 -63.95 -33.71 -14.72
N ASP H 62 -64.17 -34.51 -15.77
CA ASP H 62 -63.47 -35.77 -16.01
C ASP H 62 -62.23 -35.39 -16.81
N LEU H 63 -61.24 -34.77 -16.12
CA LEU H 63 -60.01 -34.26 -16.72
C LEU H 63 -59.13 -35.25 -17.45
N ILE H 64 -59.05 -36.52 -17.00
CA ILE H 64 -58.26 -37.53 -17.70
C ILE H 64 -58.86 -37.73 -19.10
N LYS H 65 -60.21 -37.83 -19.17
CA LYS H 65 -60.97 -38.01 -20.41
C LYS H 65 -60.92 -36.78 -21.34
N ASN H 66 -61.22 -35.57 -20.80
CA ASN H 66 -61.22 -34.32 -21.57
C ASN H 66 -59.84 -33.93 -22.12
N ASP H 67 -58.76 -34.32 -21.42
CA ASP H 67 -57.40 -34.10 -21.89
C ASP H 67 -57.11 -35.08 -23.04
N LYS H 68 -57.41 -36.38 -22.84
CA LYS H 68 -57.20 -37.46 -23.82
C LYS H 68 -58.00 -37.20 -25.10
N GLU H 69 -59.31 -36.91 -24.94
CA GLU H 69 -60.25 -36.71 -26.05
C GLU H 69 -60.28 -35.30 -26.65
N GLU H 70 -59.57 -34.35 -26.01
CA GLU H 70 -59.46 -32.92 -26.39
C GLU H 70 -60.81 -32.22 -26.31
N ILE H 71 -61.42 -32.25 -25.11
CA ILE H 71 -62.74 -31.67 -24.86
C ILE H 71 -62.68 -30.34 -24.11
N PHE H 72 -63.18 -29.27 -24.74
CA PHE H 72 -63.26 -27.95 -24.13
C PHE H 72 -64.50 -27.93 -23.22
N ASN H 73 -64.35 -27.47 -21.97
CA ASN H 73 -65.43 -27.41 -21.00
C ASN H 73 -66.22 -26.10 -21.09
N ARG H 74 -67.26 -26.09 -21.94
CA ARG H 74 -68.14 -24.95 -22.14
C ARG H 74 -68.96 -24.65 -20.87
N ASP H 75 -69.34 -25.72 -20.12
CA ASP H 75 -70.13 -25.59 -18.90
C ASP H 75 -69.36 -24.82 -17.84
N ALA H 76 -68.06 -25.12 -17.70
CA ALA H 76 -67.17 -24.46 -16.74
C ALA H 76 -66.87 -23.01 -17.14
N TRP H 77 -66.82 -22.71 -18.46
CA TRP H 77 -66.61 -21.34 -18.97
C TRP H 77 -67.80 -20.48 -18.57
N GLN H 78 -69.03 -21.00 -18.80
CA GLN H 78 -70.31 -20.36 -18.48
C GLN H 78 -70.41 -20.05 -16.98
N LYS H 79 -70.05 -21.02 -16.14
CA LYS H 79 -70.07 -20.89 -14.68
C LYS H 79 -69.11 -19.83 -14.16
N CYS H 80 -67.93 -19.73 -14.81
CA CYS H 80 -66.87 -18.76 -14.51
C CYS H 80 -67.32 -17.33 -14.85
N SER H 81 -68.07 -17.17 -15.95
CA SER H 81 -68.62 -15.88 -16.38
C SER H 81 -69.74 -15.42 -15.45
N GLU H 82 -70.56 -16.39 -14.95
CA GLU H 82 -71.66 -16.17 -13.99
C GLU H 82 -71.07 -15.67 -12.66
N PHE H 83 -69.91 -16.24 -12.26
CA PHE H 83 -69.19 -15.86 -11.04
C PHE H 83 -68.60 -14.44 -11.17
N GLY H 84 -68.19 -14.07 -12.39
CA GLY H 84 -67.67 -12.76 -12.72
C GLY H 84 -66.21 -12.71 -13.16
N VAL H 85 -65.54 -13.88 -13.32
CA VAL H 85 -64.13 -14.04 -13.70
C VAL H 85 -63.70 -13.16 -14.89
N HIS H 86 -64.45 -13.21 -15.99
CA HIS H 86 -64.20 -12.42 -17.21
C HIS H 86 -64.31 -10.91 -16.96
N GLY H 87 -65.23 -10.49 -16.11
CA GLY H 87 -65.47 -9.09 -15.79
C GLY H 87 -64.57 -8.48 -14.73
N TRP H 88 -63.70 -9.29 -14.09
CA TRP H 88 -62.80 -8.85 -13.01
C TRP H 88 -62.02 -7.57 -13.29
N PRO H 89 -61.31 -7.43 -14.45
CA PRO H 89 -60.60 -6.19 -14.72
C PRO H 89 -61.41 -5.12 -15.48
N ILE H 90 -62.68 -5.44 -15.80
CA ILE H 90 -63.60 -4.58 -16.55
C ILE H 90 -64.40 -3.64 -15.65
N PRO H 91 -64.63 -2.36 -16.06
CA PRO H 91 -65.49 -1.50 -15.24
C PRO H 91 -66.94 -1.96 -15.25
N ALA H 92 -67.64 -1.73 -14.13
CA ALA H 92 -69.04 -2.09 -13.91
C ALA H 92 -70.01 -1.53 -14.93
N ARG H 93 -69.63 -0.41 -15.60
CA ARG H 93 -70.42 0.23 -16.65
C ARG H 93 -70.67 -0.71 -17.83
N TYR H 94 -69.67 -1.52 -18.17
CA TYR H 94 -69.71 -2.49 -19.27
C TYR H 94 -70.07 -3.89 -18.74
N GLY H 95 -70.74 -3.93 -17.59
CA GLY H 95 -71.16 -5.16 -16.92
C GLY H 95 -70.05 -5.93 -16.23
N GLY H 96 -68.94 -5.24 -15.95
CA GLY H 96 -67.78 -5.84 -15.29
C GLY H 96 -67.89 -5.84 -13.78
N GLN H 97 -66.82 -6.29 -13.12
CA GLN H 97 -66.74 -6.35 -11.65
C GLN H 97 -66.02 -5.13 -11.07
N GLU H 98 -65.17 -4.48 -11.90
CA GLU H 98 -64.38 -3.29 -11.55
C GLU H 98 -63.42 -3.52 -10.37
N LEU H 99 -62.74 -4.67 -10.35
CA LEU H 99 -61.78 -5.00 -9.30
C LEU H 99 -60.42 -4.39 -9.62
N ASP H 100 -59.64 -4.07 -8.59
CA ASP H 100 -58.30 -3.55 -8.79
C ASP H 100 -57.40 -4.71 -9.25
N ILE H 101 -56.34 -4.40 -10.02
CA ILE H 101 -55.40 -5.39 -10.60
C ILE H 101 -54.81 -6.34 -9.57
N LEU H 102 -54.32 -5.81 -8.43
CA LEU H 102 -53.73 -6.63 -7.36
C LEU H 102 -54.71 -7.68 -6.81
N THR H 103 -56.00 -7.30 -6.67
CA THR H 103 -57.06 -8.21 -6.22
C THR H 103 -57.33 -9.23 -7.34
N THR H 104 -57.38 -8.78 -8.61
CA THR H 104 -57.62 -9.60 -9.80
C THR H 104 -56.54 -10.70 -9.90
N ALA H 105 -55.25 -10.33 -9.74
CA ALA H 105 -54.11 -11.23 -9.79
C ALA H 105 -54.15 -12.25 -8.65
N TYR H 106 -54.50 -11.80 -7.43
CA TYR H 106 -54.63 -12.62 -6.23
C TYR H 106 -55.74 -13.68 -6.39
N ALA H 107 -56.90 -13.25 -6.93
CA ALA H 107 -58.07 -14.09 -7.21
C ALA H 107 -57.77 -15.08 -8.33
N LEU H 108 -57.05 -14.64 -9.39
CA LEU H 108 -56.66 -15.50 -10.52
C LEU H 108 -55.72 -16.59 -10.04
N GLN H 109 -54.81 -16.23 -9.14
CA GLN H 109 -53.88 -17.14 -8.48
C GLN H 109 -54.70 -18.17 -7.66
N GLY H 110 -55.78 -17.71 -7.01
CA GLY H 110 -56.70 -18.56 -6.27
C GLY H 110 -57.39 -19.55 -7.19
N LEU H 111 -57.82 -19.08 -8.38
CA LEU H 111 -58.48 -19.86 -9.43
C LEU H 111 -57.59 -21.00 -9.93
N GLY H 112 -56.30 -20.71 -10.15
CA GLY H 112 -55.30 -21.67 -10.58
C GLY H 112 -55.07 -22.80 -9.59
N TYR H 113 -55.16 -22.49 -8.29
CA TYR H 113 -55.01 -23.45 -7.19
C TYR H 113 -56.25 -24.38 -7.11
N GLY H 114 -57.45 -23.80 -7.22
CA GLY H 114 -58.72 -24.52 -7.14
C GLY H 114 -59.16 -25.25 -8.39
N CYS H 115 -58.79 -24.74 -9.58
CA CYS H 115 -59.15 -25.32 -10.87
C CYS H 115 -57.97 -26.07 -11.48
N LYS H 116 -58.17 -27.36 -11.78
CA LYS H 116 -57.15 -28.24 -12.34
C LYS H 116 -57.08 -28.18 -13.86
N ASP H 117 -58.14 -27.67 -14.51
CA ASP H 117 -58.22 -27.56 -15.97
C ASP H 117 -57.42 -26.34 -16.43
N ASN H 118 -56.13 -26.58 -16.72
CA ASN H 118 -55.19 -25.55 -17.17
C ASN H 118 -55.52 -24.98 -18.55
N GLY H 119 -56.10 -25.81 -19.41
CA GLY H 119 -56.52 -25.41 -20.76
C GLY H 119 -57.63 -24.37 -20.73
N LEU H 120 -58.62 -24.55 -19.80
CA LEU H 120 -59.73 -23.62 -19.61
C LEU H 120 -59.19 -22.28 -19.11
N ILE H 121 -58.29 -22.33 -18.10
CA ILE H 121 -57.63 -21.18 -17.51
C ILE H 121 -56.90 -20.36 -18.60
N PHE H 122 -56.15 -21.04 -19.49
CA PHE H 122 -55.44 -20.41 -20.61
C PHE H 122 -56.41 -19.75 -21.59
N ALA H 123 -57.49 -20.47 -21.96
CA ALA H 123 -58.54 -20.02 -22.88
C ALA H 123 -59.24 -18.73 -22.37
N MET H 124 -59.52 -18.66 -21.06
CA MET H 124 -60.15 -17.50 -20.43
C MET H 124 -59.21 -16.30 -20.35
N ASN H 125 -57.94 -16.53 -19.97
CA ASN H 125 -56.93 -15.48 -19.85
C ASN H 125 -56.60 -14.84 -21.21
N ALA H 126 -56.64 -15.65 -22.29
CA ALA H 126 -56.44 -15.17 -23.67
C ALA H 126 -57.59 -14.22 -24.05
N HIS H 127 -58.84 -14.58 -23.67
CA HIS H 127 -60.07 -13.81 -23.89
C HIS H 127 -60.04 -12.49 -23.10
N ILE H 128 -59.65 -12.54 -21.82
CA ILE H 128 -59.57 -11.38 -20.94
C ILE H 128 -58.47 -10.38 -21.33
N TRP H 129 -57.20 -10.82 -21.29
CA TRP H 129 -56.02 -9.97 -21.49
C TRP H 129 -55.65 -9.59 -22.93
N ALA H 130 -55.83 -10.50 -23.90
CA ALA H 130 -55.48 -10.23 -25.29
C ALA H 130 -56.64 -9.71 -26.17
N CYS H 131 -57.87 -9.72 -25.64
CA CYS H 131 -59.05 -9.28 -26.39
C CYS H 131 -59.86 -8.18 -25.68
N GLU H 132 -60.33 -8.44 -24.43
CA GLU H 132 -61.12 -7.46 -23.67
C GLU H 132 -60.34 -6.20 -23.34
N MET H 133 -59.07 -6.35 -22.87
CA MET H 133 -58.19 -5.22 -22.49
C MET H 133 -57.93 -4.25 -23.64
N PRO H 134 -57.37 -4.69 -24.83
CA PRO H 134 -57.13 -3.73 -25.91
C PRO H 134 -58.40 -2.99 -26.36
N LEU H 135 -59.57 -3.67 -26.30
CA LEU H 135 -60.88 -3.11 -26.63
C LEU H 135 -61.28 -2.02 -25.64
N LEU H 136 -61.03 -2.26 -24.32
CA LEU H 136 -61.33 -1.30 -23.26
C LEU H 136 -60.47 -0.03 -23.40
N THR H 137 -59.19 -0.21 -23.76
CA THR H 137 -58.20 0.86 -23.90
C THR H 137 -58.31 1.66 -25.20
N PHE H 138 -58.36 0.97 -26.36
CA PHE H 138 -58.37 1.60 -27.67
C PHE H 138 -59.74 1.77 -28.38
N GLY H 139 -60.76 1.10 -27.87
CA GLY H 139 -62.10 1.17 -28.44
C GLY H 139 -62.83 2.47 -28.17
N THR H 140 -63.70 2.87 -29.12
CA THR H 140 -64.55 4.07 -28.98
C THR H 140 -65.68 3.72 -28.04
N GLU H 141 -66.42 4.74 -27.53
CA GLU H 141 -67.54 4.52 -26.60
C GLU H 141 -68.59 3.56 -27.15
N GLU H 142 -68.92 3.67 -28.45
CA GLU H 142 -69.85 2.80 -29.14
C GLU H 142 -69.31 1.38 -29.34
N GLN H 143 -68.01 1.25 -29.62
CA GLN H 143 -67.33 -0.06 -29.80
C GLN H 143 -67.31 -0.82 -28.48
N LYS H 144 -67.05 -0.10 -27.37
CA LYS H 144 -66.99 -0.65 -26.02
C LYS H 144 -68.40 -1.04 -25.54
N GLU H 145 -69.41 -0.14 -25.72
CA GLU H 145 -70.82 -0.37 -25.35
C GLU H 145 -71.43 -1.59 -26.06
N LYS H 146 -71.06 -1.84 -27.31
CA LYS H 146 -71.57 -2.98 -28.06
C LYS H 146 -70.89 -4.31 -27.73
N TYR H 147 -69.56 -4.29 -27.54
CA TYR H 147 -68.79 -5.51 -27.41
C TYR H 147 -68.37 -5.93 -26.02
N LEU H 148 -67.96 -4.97 -25.18
CA LEU H 148 -67.51 -5.25 -23.81
C LEU H 148 -68.56 -5.95 -22.93
N PRO H 149 -69.85 -5.54 -22.90
CA PRO H 149 -70.83 -6.28 -22.08
C PRO H 149 -71.07 -7.70 -22.61
N LEU H 150 -71.03 -7.91 -23.96
CA LEU H 150 -71.18 -9.23 -24.59
C LEU H 150 -70.11 -10.21 -24.10
N LEU H 151 -68.84 -9.80 -24.13
CA LEU H 151 -67.69 -10.59 -23.69
C LEU H 151 -67.73 -10.87 -22.18
N CYS H 152 -68.12 -9.85 -21.40
CA CYS H 152 -68.31 -9.89 -19.95
C CYS H 152 -69.30 -10.93 -19.48
N ARG H 153 -70.60 -10.64 -19.66
CA ARG H 153 -71.69 -11.49 -19.21
C ARG H 153 -72.48 -12.18 -20.32
N GLY H 154 -72.59 -11.56 -21.48
CA GLY H 154 -73.28 -12.17 -22.62
C GLY H 154 -72.76 -13.58 -22.83
N GLY H 155 -71.46 -13.74 -22.60
CA GLY H 155 -70.80 -15.03 -22.70
C GLY H 155 -70.29 -15.30 -24.09
N TRP H 156 -70.03 -14.22 -24.83
CA TRP H 156 -69.45 -14.24 -26.15
C TRP H 156 -67.97 -14.61 -25.93
N ILE H 157 -67.33 -15.26 -26.90
CA ILE H 157 -65.92 -15.62 -26.76
C ILE H 157 -65.09 -14.86 -27.79
N ALA H 158 -63.90 -14.40 -27.38
CA ALA H 158 -63.01 -13.64 -28.23
C ALA H 158 -61.64 -14.29 -28.46
N SER H 159 -61.15 -14.18 -29.69
CA SER H 159 -59.86 -14.70 -30.16
C SER H 159 -58.95 -13.56 -30.58
N HIS H 160 -57.65 -13.76 -30.41
CA HIS H 160 -56.60 -12.79 -30.76
C HIS H 160 -55.78 -13.47 -31.86
N ALA H 161 -55.92 -13.02 -33.12
CA ALA H 161 -55.20 -13.58 -34.26
C ALA H 161 -54.18 -12.57 -34.80
N ALA H 162 -52.90 -12.78 -34.42
CA ALA H 162 -51.78 -11.93 -34.80
C ALA H 162 -50.68 -12.72 -35.47
N THR H 163 -50.30 -13.89 -34.90
CA THR H 163 -49.23 -14.72 -35.44
C THR H 163 -49.51 -15.31 -36.83
N GLU H 164 -48.44 -15.50 -37.63
CA GLU H 164 -48.47 -16.07 -39.00
C GLU H 164 -47.30 -17.05 -39.19
N PRO H 165 -47.34 -17.95 -40.20
CA PRO H 165 -46.22 -18.91 -40.38
C PRO H 165 -44.81 -18.31 -40.52
N GLN H 166 -44.70 -17.09 -41.08
CA GLN H 166 -43.40 -16.41 -41.20
C GLN H 166 -43.34 -15.13 -40.35
N ALA H 167 -44.28 -14.99 -39.39
CA ALA H 167 -44.38 -13.87 -38.48
C ALA H 167 -44.85 -14.32 -37.09
N GLY H 168 -43.95 -15.00 -36.39
CA GLY H 168 -44.17 -15.45 -35.02
C GLY H 168 -43.48 -14.49 -34.08
N SER H 169 -42.17 -14.67 -33.90
CA SER H 169 -41.33 -13.78 -33.10
C SER H 169 -41.22 -12.41 -33.81
N ASP H 170 -41.02 -12.43 -35.15
CA ASP H 170 -40.94 -11.23 -36.00
C ASP H 170 -42.35 -10.85 -36.43
N ILE H 171 -43.15 -10.43 -35.43
CA ILE H 171 -44.56 -10.04 -35.60
C ILE H 171 -44.77 -8.81 -36.48
N TYR H 172 -43.78 -7.91 -36.55
CA TYR H 172 -43.81 -6.69 -37.36
C TYR H 172 -43.87 -7.01 -38.85
N SER H 173 -43.32 -8.18 -39.25
CA SER H 173 -43.27 -8.67 -40.62
C SER H 173 -44.57 -9.41 -41.07
N LEU H 174 -45.75 -8.95 -40.56
CA LEU H 174 -47.08 -9.49 -40.89
C LEU H 174 -47.35 -9.32 -42.36
N LYS H 175 -47.93 -10.32 -43.00
CA LYS H 175 -48.30 -10.28 -44.39
C LYS H 175 -49.79 -10.08 -44.64
N THR H 176 -50.67 -10.35 -43.64
CA THR H 176 -52.13 -10.16 -43.73
C THR H 176 -52.44 -8.71 -44.10
N THR H 177 -52.93 -8.50 -45.33
CA THR H 177 -53.22 -7.17 -45.86
C THR H 177 -54.67 -6.76 -45.68
N ALA H 178 -54.91 -5.45 -45.53
CA ALA H 178 -56.22 -4.84 -45.38
C ALA H 178 -56.40 -3.74 -46.44
N GLN H 179 -57.30 -3.98 -47.41
CA GLN H 179 -57.55 -3.07 -48.55
C GLN H 179 -58.78 -2.20 -48.37
N LYS H 180 -58.58 -0.88 -48.23
CA LYS H 180 -59.70 0.05 -48.09
C LYS H 180 -60.50 0.21 -49.38
N ASP H 181 -61.83 0.15 -49.27
CA ASP H 181 -62.79 0.30 -50.37
C ASP H 181 -63.96 1.17 -49.88
N GLY H 182 -63.64 2.44 -49.63
CA GLY H 182 -64.59 3.42 -49.11
C GLY H 182 -64.76 3.30 -47.62
N ASP H 183 -65.91 2.75 -47.19
CA ASP H 183 -66.29 2.54 -45.80
C ASP H 183 -65.84 1.16 -45.25
N LYS H 184 -65.32 0.31 -46.13
CA LYS H 184 -64.90 -1.04 -45.76
C LYS H 184 -63.42 -1.36 -46.02
N TYR H 185 -62.98 -2.54 -45.55
CA TYR H 185 -61.64 -3.06 -45.71
C TYR H 185 -61.71 -4.50 -46.19
N ILE H 186 -60.83 -4.85 -47.11
CA ILE H 186 -60.77 -6.19 -47.65
C ILE H 186 -59.54 -6.87 -47.06
N LEU H 187 -59.80 -7.88 -46.20
CA LEU H 187 -58.75 -8.63 -45.52
C LEU H 187 -58.43 -9.95 -46.19
N ASN H 188 -57.12 -10.18 -46.41
CA ASN H 188 -56.56 -11.38 -47.00
C ASN H 188 -55.28 -11.77 -46.27
N GLY H 189 -55.20 -13.05 -45.88
CA GLY H 189 -54.06 -13.57 -45.16
C GLY H 189 -54.30 -14.89 -44.47
N TYR H 190 -53.27 -15.38 -43.78
CA TYR H 190 -53.34 -16.63 -43.04
C TYR H 190 -52.74 -16.43 -41.65
N LYS H 191 -53.49 -16.86 -40.62
CA LYS H 191 -53.09 -16.74 -39.22
C LYS H 191 -53.06 -18.11 -38.58
N HIS H 192 -51.87 -18.59 -38.21
CA HIS H 192 -51.80 -19.87 -37.52
C HIS H 192 -51.86 -19.67 -36.02
N TYR H 193 -52.26 -20.70 -35.25
CA TYR H 193 -52.46 -20.65 -33.80
C TYR H 193 -53.43 -19.53 -33.37
N VAL H 194 -54.73 -19.82 -33.33
CA VAL H 194 -55.75 -18.84 -32.93
C VAL H 194 -56.56 -19.43 -31.76
N THR H 195 -56.09 -19.20 -30.51
CA THR H 195 -56.76 -19.70 -29.31
C THR H 195 -58.23 -19.28 -29.30
N ASN H 196 -59.14 -20.25 -29.08
CA ASN H 196 -60.60 -20.10 -29.03
C ASN H 196 -61.29 -19.91 -30.39
N GLY H 197 -60.52 -19.94 -31.48
CA GLY H 197 -60.98 -19.76 -32.85
C GLY H 197 -62.24 -20.49 -33.26
N THR H 198 -62.30 -21.80 -32.97
CA THR H 198 -63.44 -22.67 -33.31
C THR H 198 -64.72 -22.40 -32.48
N ILE H 199 -64.62 -21.61 -31.38
CA ILE H 199 -65.74 -21.28 -30.49
C ILE H 199 -65.95 -19.75 -30.30
N ALA H 200 -65.08 -18.93 -30.91
CA ALA H 200 -65.13 -17.46 -30.82
C ALA H 200 -66.28 -16.85 -31.60
N ASP H 201 -66.82 -15.74 -31.07
CA ASP H 201 -67.88 -14.94 -31.67
C ASP H 201 -67.30 -13.64 -32.24
N LEU H 202 -66.16 -13.18 -31.68
CA LEU H 202 -65.45 -11.98 -32.13
C LEU H 202 -63.92 -12.22 -32.25
N PHE H 203 -63.35 -11.80 -33.38
CA PHE H 203 -61.95 -11.99 -33.70
C PHE H 203 -61.19 -10.66 -33.71
N ILE H 204 -60.10 -10.58 -32.92
CA ILE H 204 -59.21 -9.42 -32.87
C ILE H 204 -58.06 -9.74 -33.84
N ILE H 205 -58.09 -9.11 -35.01
CA ILE H 205 -57.14 -9.36 -36.10
C ILE H 205 -56.14 -8.26 -36.38
N PHE H 206 -54.89 -8.68 -36.54
CA PHE H 206 -53.74 -7.83 -36.84
C PHE H 206 -53.40 -7.90 -38.30
N ALA H 207 -53.59 -6.78 -39.00
CA ALA H 207 -53.32 -6.70 -40.42
C ALA H 207 -52.48 -5.46 -40.79
N THR H 208 -52.09 -5.33 -42.07
CA THR H 208 -51.31 -4.21 -42.57
C THR H 208 -51.99 -3.48 -43.73
N ILE H 209 -52.03 -2.13 -43.68
CA ILE H 209 -52.62 -1.32 -44.74
C ILE H 209 -51.74 -1.33 -46.02
N ASP H 210 -50.42 -1.42 -45.82
CA ASP H 210 -49.40 -1.48 -46.87
C ASP H 210 -48.15 -2.15 -46.28
N PRO H 211 -47.74 -3.32 -46.82
CA PRO H 211 -46.57 -4.04 -46.26
C PRO H 211 -45.25 -3.28 -46.33
N SER H 212 -45.13 -2.32 -47.28
CA SER H 212 -43.93 -1.50 -47.46
C SER H 212 -43.67 -0.60 -46.26
N LEU H 213 -44.75 -0.21 -45.56
CA LEU H 213 -44.69 0.68 -44.40
C LEU H 213 -44.11 -0.01 -43.17
N GLY H 214 -44.26 -1.33 -43.11
CA GLY H 214 -43.79 -2.16 -42.01
C GLY H 214 -44.53 -1.84 -40.72
N LYS H 215 -43.76 -1.45 -39.69
CA LYS H 215 -44.17 -1.06 -38.34
C LYS H 215 -45.35 -0.06 -38.37
N GLU H 216 -45.18 1.07 -39.09
CA GLU H 216 -46.21 2.11 -39.20
C GLU H 216 -47.46 1.75 -40.02
N GLY H 217 -47.44 0.58 -40.67
CA GLY H 217 -48.55 0.12 -41.51
C GLY H 217 -49.51 -0.85 -40.84
N LEU H 218 -49.23 -1.25 -39.59
CA LEU H 218 -50.03 -2.20 -38.82
C LEU H 218 -51.37 -1.60 -38.35
N THR H 219 -52.47 -2.38 -38.49
CA THR H 219 -53.83 -1.96 -38.10
C THR H 219 -54.67 -3.15 -37.58
N THR H 220 -55.56 -2.90 -36.61
CA THR H 220 -56.43 -3.91 -35.97
C THR H 220 -57.91 -3.80 -36.41
N PHE H 221 -58.56 -4.96 -36.59
CA PHE H 221 -59.97 -5.06 -36.97
C PHE H 221 -60.70 -6.11 -36.13
N MET H 222 -61.94 -5.80 -35.76
CA MET H 222 -62.81 -6.69 -34.98
C MET H 222 -63.79 -7.31 -35.96
N ILE H 223 -63.63 -8.60 -36.23
CA ILE H 223 -64.48 -9.31 -37.16
C ILE H 223 -65.33 -10.33 -36.41
N GLU H 224 -66.65 -10.23 -36.57
CA GLU H 224 -67.61 -11.15 -35.95
C GLU H 224 -67.54 -12.52 -36.64
N LYS H 225 -67.88 -13.56 -35.91
CA LYS H 225 -67.94 -14.95 -36.38
C LYS H 225 -68.90 -15.05 -37.58
N ASP H 226 -68.63 -15.94 -38.52
CA ASP H 226 -69.46 -16.18 -39.72
C ASP H 226 -69.55 -14.93 -40.61
N THR H 227 -68.40 -14.29 -40.84
CA THR H 227 -68.33 -13.18 -41.77
C THR H 227 -67.82 -13.84 -43.06
N PRO H 228 -68.46 -13.61 -44.24
CA PRO H 228 -67.97 -14.29 -45.46
C PRO H 228 -66.50 -13.99 -45.72
N GLY H 229 -65.71 -15.05 -45.78
CA GLY H 229 -64.27 -14.97 -45.99
C GLY H 229 -63.41 -15.41 -44.83
N LEU H 230 -64.03 -15.63 -43.66
CA LEU H 230 -63.39 -16.07 -42.41
C LEU H 230 -63.45 -17.62 -42.33
N ILE H 231 -62.32 -18.29 -42.66
CA ILE H 231 -62.22 -19.76 -42.70
C ILE H 231 -61.37 -20.31 -41.55
N LEU H 232 -61.94 -21.26 -40.81
CA LEU H 232 -61.29 -21.93 -39.68
C LEU H 232 -61.04 -23.40 -39.95
N SER H 233 -59.91 -23.91 -39.44
CA SER H 233 -59.55 -25.31 -39.55
C SER H 233 -60.04 -26.05 -38.31
N LYS H 234 -59.78 -27.35 -38.25
CA LYS H 234 -60.11 -28.19 -37.10
C LYS H 234 -59.06 -27.79 -36.01
N PRO H 235 -59.42 -27.84 -34.70
CA PRO H 235 -58.41 -27.53 -33.66
C PRO H 235 -57.17 -28.42 -33.75
N ILE H 236 -55.98 -27.82 -33.71
CA ILE H 236 -54.72 -28.56 -33.81
C ILE H 236 -54.39 -29.35 -32.54
N SER H 237 -53.97 -30.62 -32.70
CA SER H 237 -53.57 -31.51 -31.60
C SER H 237 -52.18 -31.12 -31.08
N LYS H 238 -52.07 -30.96 -29.76
CA LYS H 238 -50.83 -30.55 -29.09
C LYS H 238 -50.54 -31.35 -27.81
N MET H 239 -49.30 -31.25 -27.30
CA MET H 239 -48.80 -31.91 -26.09
C MET H 239 -49.74 -31.77 -24.87
N GLY H 240 -49.96 -30.54 -24.44
CA GLY H 240 -50.84 -30.19 -23.34
C GLY H 240 -51.80 -29.11 -23.78
N MET H 241 -52.53 -28.51 -22.82
CA MET H 241 -53.56 -27.48 -23.04
C MET H 241 -54.60 -27.98 -24.06
N ARG H 242 -54.83 -29.31 -24.07
CA ARG H 242 -55.74 -30.05 -24.95
C ARG H 242 -57.22 -29.70 -24.77
N THR H 243 -57.57 -29.07 -23.64
CA THR H 243 -58.93 -28.63 -23.32
C THR H 243 -59.16 -27.18 -23.79
N ALA H 244 -58.21 -26.64 -24.57
CA ALA H 244 -58.26 -25.30 -25.17
C ALA H 244 -58.16 -25.50 -26.68
N GLU H 245 -59.13 -24.95 -27.42
CA GLU H 245 -59.18 -25.09 -28.87
C GLU H 245 -58.29 -24.08 -29.62
N VAL H 246 -57.27 -24.61 -30.33
CA VAL H 246 -56.32 -23.78 -31.08
C VAL H 246 -56.26 -24.17 -32.59
N PRO H 247 -57.20 -23.66 -33.42
CA PRO H 247 -57.16 -23.97 -34.86
C PRO H 247 -56.36 -22.94 -35.66
N GLU H 248 -56.36 -23.06 -36.99
CA GLU H 248 -55.73 -22.13 -37.93
C GLU H 248 -56.83 -21.25 -38.53
N LEU H 249 -56.46 -20.05 -38.98
CA LEU H 249 -57.40 -19.12 -39.58
C LEU H 249 -56.90 -18.62 -40.92
N ARG H 250 -57.83 -18.52 -41.87
CA ARG H 250 -57.57 -18.01 -43.20
C ARG H 250 -58.63 -16.95 -43.53
N LEU H 251 -58.19 -15.86 -44.17
CA LEU H 251 -59.04 -14.75 -44.61
C LEU H 251 -58.96 -14.64 -46.14
N GLU H 252 -60.14 -14.79 -46.79
CA GLU H 252 -60.32 -14.76 -48.24
C GLU H 252 -61.28 -13.65 -48.67
N ASN H 253 -60.76 -12.45 -49.00
CA ASN H 253 -61.57 -11.28 -49.36
C ASN H 253 -62.71 -11.06 -48.33
N CYS H 254 -62.33 -11.10 -47.04
CA CYS H 254 -63.21 -10.95 -45.90
C CYS H 254 -63.37 -9.46 -45.62
N GLU H 255 -64.60 -8.97 -45.82
CA GLU H 255 -65.01 -7.58 -45.70
C GLU H 255 -65.35 -7.19 -44.27
N VAL H 256 -64.80 -6.05 -43.83
CA VAL H 256 -65.06 -5.48 -42.50
C VAL H 256 -65.24 -3.96 -42.59
N SER H 257 -66.24 -3.43 -41.87
CA SER H 257 -66.53 -1.99 -41.84
C SER H 257 -65.44 -1.21 -41.11
N ALA H 258 -65.24 0.06 -41.50
CA ALA H 258 -64.28 0.97 -40.87
C ALA H 258 -64.68 1.28 -39.40
N ALA H 259 -65.96 1.03 -39.06
CA ALA H 259 -66.53 1.21 -37.74
C ALA H 259 -66.02 0.12 -36.77
N ASN H 260 -65.69 -1.06 -37.32
CA ASN H 260 -65.19 -2.20 -36.55
C ASN H 260 -63.65 -2.26 -36.47
N ARG H 261 -62.97 -1.21 -36.97
CA ARG H 261 -61.52 -1.07 -36.94
C ARG H 261 -61.16 -0.47 -35.58
N LEU H 262 -60.35 -1.21 -34.83
CA LEU H 262 -59.90 -0.82 -33.49
C LEU H 262 -58.75 0.16 -33.63
N GLY H 263 -58.98 1.41 -33.22
CA GLY H 263 -58.03 2.50 -33.35
C GLY H 263 -57.89 3.01 -34.78
N GLU H 264 -57.02 4.02 -34.97
CA GLU H 264 -56.75 4.60 -36.28
C GLU H 264 -55.82 3.70 -37.12
N GLU H 265 -55.65 4.03 -38.41
CA GLU H 265 -54.73 3.30 -39.31
C GLU H 265 -53.30 3.54 -38.80
N GLY H 266 -52.56 2.46 -38.57
CA GLY H 266 -51.19 2.51 -38.07
C GLY H 266 -51.03 2.36 -36.57
N THR H 267 -52.15 2.32 -35.82
CA THR H 267 -52.15 2.18 -34.35
C THR H 267 -51.98 0.71 -33.86
N GLY H 268 -52.05 -0.26 -34.80
CA GLY H 268 -51.94 -1.70 -34.54
C GLY H 268 -50.77 -2.12 -33.68
N LEU H 269 -49.62 -1.45 -33.85
CA LEU H 269 -48.40 -1.71 -33.08
C LEU H 269 -48.59 -1.36 -31.61
N ALA H 270 -49.14 -0.16 -31.33
CA ALA H 270 -49.43 0.34 -29.99
C ALA H 270 -50.44 -0.57 -29.28
N ILE H 271 -51.41 -1.11 -30.04
CA ILE H 271 -52.45 -2.02 -29.55
C ILE H 271 -51.82 -3.35 -29.17
N PHE H 272 -50.98 -3.91 -30.06
CA PHE H 272 -50.29 -5.17 -29.84
C PHE H 272 -49.36 -5.11 -28.63
N ASN H 273 -48.54 -4.03 -28.52
CA ASN H 273 -47.59 -3.82 -27.42
C ASN H 273 -48.28 -3.65 -26.07
N HIS H 274 -49.49 -3.07 -26.09
CA HIS H 274 -50.34 -2.89 -24.91
C HIS H 274 -50.94 -4.24 -24.51
N SER H 275 -51.42 -5.01 -25.51
CA SER H 275 -51.98 -6.36 -25.32
C SER H 275 -50.95 -7.30 -24.68
N MET H 276 -49.68 -7.23 -25.15
CA MET H 276 -48.54 -8.02 -24.65
C MET H 276 -48.20 -7.73 -23.17
N GLU H 277 -48.37 -6.47 -22.70
CA GLU H 277 -48.15 -6.05 -21.32
C GLU H 277 -49.11 -6.81 -20.38
N TRP H 278 -50.43 -6.84 -20.73
CA TRP H 278 -51.47 -7.52 -19.96
C TRP H 278 -51.35 -9.03 -20.10
N GLU H 279 -51.04 -9.51 -21.31
CA GLU H 279 -50.90 -10.93 -21.57
C GLU H 279 -49.74 -11.55 -20.80
N ARG H 280 -48.49 -11.10 -21.07
CA ARG H 280 -47.27 -11.60 -20.43
C ARG H 280 -47.32 -11.56 -18.90
N GLY H 281 -47.81 -10.46 -18.37
CA GLY H 281 -47.89 -10.25 -16.93
C GLY H 281 -49.01 -10.96 -16.21
N PHE H 282 -50.13 -11.29 -16.91
CA PHE H 282 -51.29 -11.89 -16.24
C PHE H 282 -51.77 -13.28 -16.68
N ILE H 283 -51.35 -13.77 -17.86
CA ILE H 283 -51.74 -15.10 -18.36
C ILE H 283 -51.25 -16.25 -17.44
N LEU H 284 -50.14 -16.01 -16.72
CA LEU H 284 -49.51 -16.97 -15.82
C LEU H 284 -49.79 -16.72 -14.32
N ALA H 285 -50.74 -15.82 -14.01
CA ALA H 285 -51.16 -15.51 -12.64
C ALA H 285 -51.69 -16.76 -11.97
N ALA H 286 -52.52 -17.54 -12.71
CA ALA H 286 -53.14 -18.77 -12.25
C ALA H 286 -52.12 -19.90 -12.13
N ALA H 287 -51.06 -19.88 -12.98
CA ALA H 287 -49.98 -20.89 -12.99
C ALA H 287 -49.27 -20.94 -11.63
N VAL H 288 -49.17 -19.79 -10.93
CA VAL H 288 -48.58 -19.64 -9.59
C VAL H 288 -49.47 -20.39 -8.59
N GLY H 289 -50.78 -20.41 -8.87
CA GLY H 289 -51.76 -21.12 -8.07
C GLY H 289 -51.58 -22.62 -8.16
N THR H 290 -51.39 -23.16 -9.39
CA THR H 290 -51.14 -24.58 -9.63
C THR H 290 -49.82 -24.98 -8.98
N MET H 291 -48.84 -24.08 -9.05
CA MET H 291 -47.52 -24.24 -8.46
C MET H 291 -47.65 -24.45 -6.94
N GLU H 292 -48.57 -23.70 -6.30
CA GLU H 292 -48.86 -23.81 -4.88
C GLU H 292 -49.57 -25.15 -4.61
N ARG H 293 -50.47 -25.59 -5.52
CA ARG H 293 -51.20 -26.85 -5.37
C ARG H 293 -50.27 -28.08 -5.45
N LEU H 294 -49.31 -28.07 -6.42
CA LEU H 294 -48.32 -29.14 -6.62
C LEU H 294 -47.32 -29.19 -5.49
N LEU H 295 -47.04 -28.04 -4.86
CA LEU H 295 -46.13 -27.97 -3.73
C LEU H 295 -46.75 -28.71 -2.54
N GLU H 296 -48.03 -28.39 -2.21
CA GLU H 296 -48.78 -29.00 -1.10
C GLU H 296 -49.03 -30.50 -1.33
N GLN H 297 -49.28 -30.89 -2.61
CA GLN H 297 -49.51 -32.28 -3.02
C GLN H 297 -48.22 -33.07 -2.86
N SER H 298 -47.09 -32.45 -3.23
CA SER H 298 -45.78 -33.08 -3.12
C SER H 298 -45.27 -33.14 -1.68
N ILE H 299 -45.53 -32.09 -0.86
CA ILE H 299 -45.14 -32.09 0.57
C ILE H 299 -45.83 -33.29 1.24
N ARG H 300 -47.13 -33.45 1.00
CA ARG H 300 -47.97 -34.52 1.53
C ARG H 300 -47.39 -35.89 1.24
N TYR H 301 -47.12 -36.17 -0.05
CA TYR H 301 -46.56 -37.44 -0.53
C TYR H 301 -45.15 -37.70 0.03
N ALA H 302 -44.38 -36.63 0.30
CA ALA H 302 -43.03 -36.72 0.88
C ALA H 302 -43.05 -37.11 2.35
N ARG H 303 -44.11 -36.71 3.07
CA ARG H 303 -44.33 -37.07 4.47
C ARG H 303 -45.01 -38.43 4.55
N SER H 304 -45.91 -38.75 3.59
CA SER H 304 -46.68 -39.99 3.54
C SER H 304 -45.88 -41.19 3.06
N HIS H 305 -45.33 -41.10 1.83
CA HIS H 305 -44.60 -42.22 1.24
C HIS H 305 -43.30 -42.54 1.94
N LYS H 306 -43.14 -43.82 2.30
CA LYS H 306 -41.96 -44.34 3.01
C LYS H 306 -41.13 -45.31 2.21
N GLN H 307 -39.82 -45.26 2.39
CA GLN H 307 -38.80 -46.11 1.78
C GLN H 307 -37.58 -46.13 2.69
N PHE H 308 -36.95 -47.31 2.87
CA PHE H 308 -35.79 -47.54 3.75
C PHE H 308 -36.11 -47.24 5.24
N GLY H 309 -37.35 -47.51 5.64
CA GLY H 309 -37.85 -47.34 7.00
C GLY H 309 -38.14 -45.92 7.44
N GLN H 310 -38.20 -44.98 6.49
CA GLN H 310 -38.51 -43.57 6.78
C GLN H 310 -39.23 -42.89 5.62
N ALA H 311 -39.80 -41.70 5.90
CA ALA H 311 -40.48 -40.86 4.92
C ALA H 311 -39.45 -40.41 3.91
N ILE H 312 -39.82 -40.38 2.62
CA ILE H 312 -38.92 -39.98 1.53
C ILE H 312 -38.36 -38.57 1.74
N GLY H 313 -39.17 -37.68 2.35
CA GLY H 313 -38.78 -36.31 2.70
C GLY H 313 -37.66 -36.22 3.72
N LYS H 314 -37.31 -37.33 4.38
CA LYS H 314 -36.20 -37.40 5.34
C LYS H 314 -34.86 -37.48 4.60
N PHE H 315 -34.87 -37.82 3.29
CA PHE H 315 -33.68 -37.84 2.44
C PHE H 315 -33.57 -36.44 1.84
N GLN H 316 -32.39 -35.80 2.00
CA GLN H 316 -32.14 -34.44 1.53
C GLN H 316 -32.32 -34.19 0.04
N LEU H 317 -32.11 -35.23 -0.80
CA LEU H 317 -32.28 -35.09 -2.24
C LEU H 317 -33.73 -34.88 -2.62
N VAL H 318 -34.66 -35.45 -1.82
CA VAL H 318 -36.11 -35.33 -1.99
C VAL H 318 -36.57 -34.01 -1.39
N ALA H 319 -36.16 -33.71 -0.13
CA ALA H 319 -36.52 -32.48 0.57
C ALA H 319 -36.09 -31.22 -0.16
N ASN H 320 -34.90 -31.23 -0.82
CA ASN H 320 -34.37 -30.09 -1.57
C ASN H 320 -35.25 -29.72 -2.77
N LYS H 321 -35.90 -30.72 -3.41
CA LYS H 321 -36.81 -30.51 -4.54
C LYS H 321 -38.01 -29.66 -4.11
N LEU H 322 -38.46 -29.86 -2.85
CA LEU H 322 -39.58 -29.11 -2.26
C LEU H 322 -39.15 -27.72 -1.83
N VAL H 323 -37.87 -27.59 -1.39
CA VAL H 323 -37.23 -26.33 -1.01
C VAL H 323 -37.11 -25.46 -2.30
N GLU H 324 -36.67 -26.05 -3.44
CA GLU H 324 -36.58 -25.35 -4.72
C GLU H 324 -37.97 -24.93 -5.21
N MET H 325 -38.95 -25.84 -5.09
CA MET H 325 -40.36 -25.57 -5.45
C MET H 325 -40.86 -24.37 -4.66
N LYS H 326 -40.47 -24.28 -3.38
CA LYS H 326 -40.84 -23.21 -2.45
C LYS H 326 -40.19 -21.85 -2.80
N LEU H 327 -38.89 -21.87 -3.19
CA LEU H 327 -38.15 -20.67 -3.63
C LEU H 327 -38.77 -20.12 -4.93
N ARG H 328 -39.04 -21.01 -5.90
CA ARG H 328 -39.66 -20.66 -7.19
C ARG H 328 -41.06 -20.07 -7.03
N LEU H 329 -41.88 -20.64 -6.14
CA LEU H 329 -43.24 -20.18 -5.86
C LEU H 329 -43.25 -18.74 -5.32
N GLU H 330 -42.35 -18.43 -4.37
CA GLU H 330 -42.23 -17.11 -3.75
C GLU H 330 -41.68 -16.08 -4.74
N ASN H 331 -40.83 -16.53 -5.66
CA ASN H 331 -40.23 -15.72 -6.71
C ASN H 331 -41.27 -15.36 -7.77
N ALA H 332 -42.12 -16.33 -8.14
CA ALA H 332 -43.23 -16.19 -9.10
C ALA H 332 -44.25 -15.17 -8.57
N LYS H 333 -44.58 -15.25 -7.26
CA LYS H 333 -45.50 -14.34 -6.58
C LYS H 333 -44.97 -12.92 -6.65
N ALA H 334 -43.66 -12.74 -6.41
CA ALA H 334 -42.98 -11.44 -6.46
C ALA H 334 -43.07 -10.78 -7.84
N TYR H 335 -42.83 -11.55 -8.93
CA TYR H 335 -42.89 -11.03 -10.31
C TYR H 335 -44.30 -10.66 -10.69
N LEU H 336 -45.28 -11.48 -10.26
CA LEU H 336 -46.70 -11.27 -10.55
C LEU H 336 -47.25 -10.04 -9.83
N TYR H 337 -46.92 -9.86 -8.55
CA TYR H 337 -47.41 -8.74 -7.76
C TYR H 337 -46.78 -7.39 -8.07
N LYS H 338 -45.58 -7.37 -8.66
CA LYS H 338 -44.92 -6.15 -9.08
C LYS H 338 -45.65 -5.57 -10.30
N VAL H 339 -45.92 -6.42 -11.33
CA VAL H 339 -46.65 -6.07 -12.57
C VAL H 339 -48.07 -5.60 -12.21
N ALA H 340 -48.76 -6.36 -11.34
CA ALA H 340 -50.11 -6.06 -10.87
C ALA H 340 -50.18 -4.67 -10.24
N TRP H 341 -49.18 -4.32 -9.40
CA TRP H 341 -49.09 -3.01 -8.77
C TRP H 341 -48.86 -1.91 -9.81
N MET H 342 -47.84 -2.07 -10.67
CA MET H 342 -47.50 -1.11 -11.73
C MET H 342 -48.63 -0.80 -12.71
N LYS H 343 -49.36 -1.79 -13.15
CA LYS H 343 -50.52 -1.62 -14.03
C LYS H 343 -51.70 -0.97 -13.33
N GLU H 344 -51.85 -1.24 -11.99
CA GLU H 344 -52.89 -0.64 -11.16
C GLU H 344 -52.59 0.88 -11.02
N ASN H 345 -51.30 1.23 -10.87
CA ASN H 345 -50.79 2.60 -10.79
C ASN H 345 -50.54 3.23 -12.19
N LYS H 346 -51.25 2.71 -13.21
CA LYS H 346 -51.25 3.15 -14.62
C LYS H 346 -49.87 3.38 -15.26
N GLN H 347 -48.87 2.53 -14.92
CA GLN H 347 -47.49 2.61 -15.44
C GLN H 347 -47.26 1.62 -16.58
N MET H 348 -46.33 1.95 -17.51
CA MET H 348 -45.96 1.09 -18.63
C MET H 348 -45.04 0.00 -18.07
N ALA H 349 -45.52 -1.27 -18.11
CA ALA H 349 -44.78 -2.37 -17.50
C ALA H 349 -44.43 -3.53 -18.43
N LEU H 350 -43.95 -3.23 -19.66
CA LEU H 350 -43.57 -4.28 -20.62
C LEU H 350 -42.32 -5.04 -20.15
N LEU H 351 -41.35 -4.32 -19.52
CA LEU H 351 -40.14 -4.93 -18.98
C LEU H 351 -40.50 -5.90 -17.86
N GLU H 352 -41.37 -5.46 -16.93
CA GLU H 352 -41.81 -6.25 -15.79
C GLU H 352 -42.66 -7.44 -16.16
N ALA H 353 -43.50 -7.29 -17.20
CA ALA H 353 -44.37 -8.36 -17.72
C ALA H 353 -43.53 -9.42 -18.42
N SER H 354 -42.45 -8.99 -19.12
CA SER H 354 -41.54 -9.89 -19.83
C SER H 354 -40.69 -10.70 -18.87
N MET H 355 -40.27 -10.08 -17.75
CA MET H 355 -39.50 -10.75 -16.70
C MET H 355 -40.39 -11.78 -15.99
N ALA H 356 -41.67 -11.42 -15.75
CA ALA H 356 -42.66 -12.28 -15.11
C ALA H 356 -42.95 -13.51 -15.96
N ASN H 357 -43.30 -13.31 -17.25
CA ASN H 357 -43.58 -14.40 -18.19
C ASN H 357 -42.37 -15.33 -18.35
N LEU H 358 -41.16 -14.77 -18.49
CA LEU H 358 -39.92 -15.54 -18.65
C LEU H 358 -39.63 -16.40 -17.41
N TYR H 359 -39.70 -15.79 -16.20
CA TYR H 359 -39.47 -16.49 -14.95
C TYR H 359 -40.50 -17.58 -14.66
N ILE H 360 -41.79 -17.20 -14.59
CA ILE H 360 -42.93 -18.06 -14.25
C ILE H 360 -43.09 -19.26 -15.17
N SER H 361 -42.95 -19.06 -16.51
CA SER H 361 -43.10 -20.14 -17.49
C SER H 361 -42.10 -21.26 -17.27
N GLU H 362 -40.83 -20.89 -16.98
CA GLU H 362 -39.74 -21.83 -16.73
C GLU H 362 -39.79 -22.43 -15.33
N ALA H 363 -40.19 -21.63 -14.35
CA ALA H 363 -40.37 -22.05 -12.97
C ALA H 363 -41.46 -23.13 -12.89
N TRP H 364 -42.56 -22.92 -13.62
CA TRP H 364 -43.69 -23.84 -13.72
C TRP H 364 -43.27 -25.21 -14.31
N VAL H 365 -42.49 -25.22 -15.41
CA VAL H 365 -42.03 -26.46 -16.06
C VAL H 365 -41.15 -27.27 -15.12
N GLN H 366 -40.17 -26.59 -14.52
CA GLN H 366 -39.19 -27.14 -13.58
C GLN H 366 -39.86 -27.75 -12.35
N SER H 367 -40.82 -27.04 -11.73
CA SER H 367 -41.57 -27.52 -10.55
C SER H 367 -42.44 -28.73 -10.87
N CYS H 368 -43.03 -28.76 -12.08
CA CYS H 368 -43.84 -29.87 -12.59
C CYS H 368 -42.99 -31.12 -12.73
N LEU H 369 -41.80 -30.96 -13.33
CA LEU H 369 -40.81 -32.00 -13.54
C LEU H 369 -40.37 -32.63 -12.21
N GLU H 370 -40.15 -31.78 -11.17
CA GLU H 370 -39.75 -32.18 -9.83
C GLU H 370 -40.87 -32.90 -9.07
N ALA H 371 -42.13 -32.47 -9.26
CA ALA H 371 -43.30 -33.10 -8.64
C ALA H 371 -43.42 -34.56 -9.11
N ILE H 372 -43.14 -34.80 -10.42
CA ILE H 372 -43.15 -36.13 -11.03
C ILE H 372 -41.99 -36.94 -10.44
N GLU H 373 -40.82 -36.30 -10.24
CA GLU H 373 -39.63 -36.94 -9.67
C GLU H 373 -39.86 -37.42 -8.24
N ILE H 374 -40.47 -36.58 -7.38
CA ILE H 374 -40.80 -36.89 -5.97
C ILE H 374 -41.69 -38.14 -5.88
N HIS H 375 -42.67 -38.27 -6.79
CA HIS H 375 -43.61 -39.39 -6.85
C HIS H 375 -43.03 -40.67 -7.47
N GLY H 376 -41.88 -40.57 -8.13
CA GLY H 376 -41.21 -41.69 -8.78
C GLY H 376 -41.96 -42.14 -10.01
N ALA H 377 -41.97 -43.45 -10.30
CA ALA H 377 -42.68 -44.03 -11.46
C ALA H 377 -44.17 -43.72 -11.39
N TYR H 378 -44.70 -43.61 -10.16
CA TYR H 378 -46.09 -43.27 -9.83
C TYR H 378 -46.50 -41.93 -10.48
N GLY H 379 -45.58 -40.96 -10.50
CA GLY H 379 -45.79 -39.65 -11.09
C GLY H 379 -45.80 -39.62 -12.62
N TYR H 380 -45.43 -40.75 -13.26
CA TYR H 380 -45.36 -40.93 -14.71
C TYR H 380 -46.64 -41.54 -15.29
N LEU H 381 -47.54 -42.05 -14.38
CA LEU H 381 -48.81 -42.69 -14.78
C LEU H 381 -49.89 -41.66 -15.07
N THR H 382 -50.73 -41.92 -16.10
CA THR H 382 -51.82 -41.04 -16.53
C THR H 382 -52.81 -40.71 -15.40
N ASN H 383 -53.25 -41.75 -14.65
CA ASN H 383 -54.23 -41.62 -13.56
C ASN H 383 -53.77 -40.78 -12.36
N THR H 384 -52.46 -40.51 -12.21
CA THR H 384 -51.92 -39.67 -11.13
C THR H 384 -52.23 -38.17 -11.39
N GLU H 385 -52.18 -37.77 -12.70
CA GLU H 385 -52.47 -36.43 -13.25
C GLU H 385 -51.33 -35.39 -13.19
N LEU H 386 -50.17 -35.76 -12.59
CA LEU H 386 -49.00 -34.86 -12.50
C LEU H 386 -48.33 -34.67 -13.86
N GLU H 387 -48.45 -35.73 -14.71
CA GLU H 387 -47.88 -35.75 -16.06
C GLU H 387 -48.53 -34.68 -16.95
N ARG H 388 -49.88 -34.55 -16.87
CA ARG H 388 -50.67 -33.57 -17.64
C ARG H 388 -50.22 -32.17 -17.26
N GLU H 389 -49.98 -31.92 -15.95
CA GLU H 389 -49.51 -30.64 -15.42
C GLU H 389 -48.26 -30.17 -16.15
N LEU H 390 -47.26 -31.09 -16.36
CA LEU H 390 -46.02 -30.77 -17.09
C LEU H 390 -46.29 -30.46 -18.56
N ARG H 391 -47.11 -31.31 -19.22
CA ARG H 391 -47.50 -31.15 -20.63
C ARG H 391 -48.12 -29.77 -20.86
N ASP H 392 -49.00 -29.33 -19.94
CA ASP H 392 -49.67 -28.02 -19.99
C ASP H 392 -48.69 -26.89 -19.76
N ALA H 393 -47.77 -27.04 -18.78
CA ALA H 393 -46.74 -26.06 -18.41
C ALA H 393 -45.83 -25.63 -19.57
N ILE H 394 -45.47 -26.57 -20.47
CA ILE H 394 -44.58 -26.29 -21.63
C ILE H 394 -45.12 -25.20 -22.54
N ALA H 395 -46.44 -25.22 -22.79
CA ALA H 395 -47.14 -24.25 -23.65
C ALA H 395 -46.77 -22.81 -23.34
N SER H 396 -46.64 -22.46 -22.03
CA SER H 396 -46.29 -21.11 -21.55
C SER H 396 -44.96 -20.59 -22.09
N LYS H 397 -44.07 -21.50 -22.48
CA LYS H 397 -42.77 -21.17 -23.03
C LYS H 397 -42.89 -20.72 -24.49
N PHE H 398 -44.09 -20.86 -25.09
CA PHE H 398 -44.36 -20.51 -26.49
C PHE H 398 -45.43 -19.43 -26.68
N TYR H 399 -46.58 -19.52 -25.94
CA TYR H 399 -47.58 -18.46 -26.05
C TYR H 399 -47.11 -17.23 -25.26
N SER H 400 -47.56 -16.03 -25.67
CA SER H 400 -47.18 -14.71 -25.12
C SER H 400 -45.71 -14.36 -25.45
N GLY H 401 -45.10 -15.14 -26.34
CA GLY H 401 -43.71 -15.01 -26.76
C GLY H 401 -42.84 -16.08 -26.15
N THR H 402 -41.78 -16.49 -26.88
CA THR H 402 -40.83 -17.49 -26.40
C THR H 402 -39.91 -16.90 -25.36
N SER H 403 -39.25 -17.76 -24.55
CA SER H 403 -38.29 -17.39 -23.50
C SER H 403 -37.15 -16.53 -24.07
N GLU H 404 -36.68 -16.87 -25.29
CA GLU H 404 -35.61 -16.19 -26.02
C GLU H 404 -36.05 -14.76 -26.38
N ILE H 405 -37.31 -14.56 -26.76
CA ILE H 405 -37.87 -13.25 -27.13
C ILE H 405 -37.90 -12.28 -25.97
N GLN H 406 -38.34 -12.76 -24.80
CA GLN H 406 -38.42 -12.00 -23.55
C GLN H 406 -37.02 -11.55 -23.18
N ARG H 407 -36.04 -12.47 -23.29
CA ARG H 407 -34.62 -12.18 -23.03
C ARG H 407 -34.15 -11.04 -23.92
N VAL H 408 -34.50 -11.08 -25.22
CA VAL H 408 -34.18 -10.05 -26.22
C VAL H 408 -34.85 -8.71 -25.81
N VAL H 409 -36.15 -8.77 -25.40
CA VAL H 409 -36.93 -7.62 -24.94
C VAL H 409 -36.27 -6.98 -23.71
N ILE H 410 -35.88 -7.80 -22.71
CA ILE H 410 -35.22 -7.35 -21.48
C ILE H 410 -33.90 -6.65 -21.82
N ALA H 411 -33.09 -7.25 -22.71
CA ALA H 411 -31.81 -6.70 -23.17
C ALA H 411 -31.96 -5.28 -23.78
N LYS H 412 -33.04 -5.06 -24.56
CA LYS H 412 -33.35 -3.76 -25.18
C LYS H 412 -33.64 -2.72 -24.12
N PHE H 413 -34.42 -3.08 -23.07
CA PHE H 413 -34.75 -2.20 -21.93
C PHE H 413 -33.50 -1.85 -21.10
N LEU H 414 -32.48 -2.73 -21.10
CA LEU H 414 -31.21 -2.51 -20.40
C LEU H 414 -30.34 -1.53 -21.14
N GLY H 415 -30.64 -1.31 -22.42
CA GLY H 415 -29.94 -0.35 -23.27
C GLY H 415 -29.11 -0.95 -24.38
N LEU H 416 -29.10 -2.28 -24.49
CA LEU H 416 -28.31 -3.03 -25.48
C LEU H 416 -28.94 -2.99 -26.89
PA FAD I . 16.20 31.26 -6.69
O1A FAD I . 15.73 32.64 -6.42
O2A FAD I . 16.12 30.64 -8.07
O5B FAD I . 17.72 31.13 -6.32
C5B FAD I . 18.38 29.86 -6.39
C4B FAD I . 19.32 29.76 -5.22
O4B FAD I . 20.41 30.69 -5.40
C3B FAD I . 18.70 30.03 -3.85
O3B FAD I . 18.84 28.87 -3.04
C2B FAD I . 19.44 31.24 -3.28
O2B FAD I . 20.01 30.91 -2.02
C1B FAD I . 20.60 31.48 -4.25
N9A FAD I . 20.75 32.88 -4.67
C8A FAD I . 20.01 33.53 -5.61
N7A FAD I . 20.31 34.81 -5.75
C5A FAD I . 21.33 35.00 -4.83
C6A FAD I . 22.09 36.14 -4.47
N6A FAD I . 21.93 37.35 -5.03
N1A FAD I . 23.02 35.99 -3.50
C2A FAD I . 23.18 34.79 -2.94
N3A FAD I . 22.54 33.65 -3.21
C4A FAD I . 21.61 33.82 -4.16
N1 FAD I . 6.06 33.73 -4.10
C2 FAD I . 5.03 34.60 -4.35
O2 FAD I . 5.19 35.59 -5.07
N3 FAD I . 3.76 34.36 -3.82
C4 FAD I . 3.42 33.29 -3.02
O4 FAD I . 2.26 33.19 -2.60
C4X FAD I . 4.51 32.37 -2.75
N5 FAD I . 4.26 31.30 -2.02
C5X FAD I . 5.30 30.38 -1.84
C6 FAD I . 5.04 29.24 -1.06
C7 FAD I . 6.03 28.29 -0.82
C7M FAD I . 5.74 27.13 0.09
C8 FAD I . 7.32 28.49 -1.38
C8M FAD I . 8.42 27.49 -1.14
C9 FAD I . 7.57 29.60 -2.15
C9A FAD I . 6.59 30.57 -2.40
N10 FAD I . 6.82 31.73 -3.17
C10 FAD I . 5.82 32.65 -3.36
C1' FAD I . 8.13 31.89 -3.86
C2' FAD I . 9.23 32.06 -2.83
O2' FAD I . 9.25 33.38 -2.30
C3' FAD I . 10.58 31.66 -3.43
O3' FAD I . 11.06 30.49 -2.76
C4' FAD I . 11.65 32.75 -3.37
O4' FAD I . 11.20 33.91 -4.07
C5' FAD I . 13.01 32.28 -3.84
O5' FAD I . 12.98 31.99 -5.24
P FAD I . 13.56 30.59 -5.79
O1P FAD I . 13.22 29.46 -4.89
O2P FAD I . 12.99 30.70 -7.18
O3P FAD I . 15.15 30.40 -5.81
PA FAD J . 16.49 5.36 23.00
O1A FAD J . 17.23 4.34 23.77
O2A FAD J . 14.97 5.48 23.21
O5B FAD J . 17.17 6.79 23.15
C5B FAD J . 16.41 7.95 23.56
C4B FAD J . 17.35 9.10 23.32
O4B FAD J . 18.24 9.21 24.44
C3B FAD J . 18.20 8.93 22.07
O3B FAD J . 17.96 10.01 21.17
C2B FAD J . 19.66 8.87 22.55
O2B FAD J . 20.39 9.88 21.87
C1B FAD J . 19.59 9.24 24.03
N9A FAD J . 20.36 8.35 24.89
C8A FAD J . 19.98 7.12 25.36
N7A FAD J . 20.89 6.51 26.07
C5A FAD J . 21.96 7.40 26.09
C6A FAD J . 23.24 7.35 26.68
N6A FAD J . 23.72 6.30 27.35
N1A FAD J . 24.04 8.43 26.52
C2A FAD J . 23.59 9.46 25.81
N3A FAD J . 22.41 9.61 25.20
C4A FAD J . 21.64 8.55 25.37
N1 FAD J . 16.73 -2.63 15.58
C2 FAD J . 16.88 -3.99 15.41
O2 FAD J . 17.21 -4.74 16.34
N3 FAD J . 16.64 -4.57 14.18
C4 FAD J . 16.26 -3.89 13.04
O4 FAD J . 16.08 -4.51 12.00
C4X FAD J . 16.11 -2.44 13.23
N5 FAD J . 15.71 -1.72 12.19
C5X FAD J . 15.51 -0.35 12.39
C6 FAD J . 15.11 0.42 11.29
C7 FAD J . 14.90 1.78 11.40
C7M FAD J . 14.52 2.58 10.18
C8 FAD J . 15.09 2.41 12.66
C8M FAD J . 14.87 3.89 12.84
C9 FAD J . 15.49 1.65 13.75
C9A FAD J . 15.71 0.27 13.64
N10 FAD J . 16.13 -0.55 14.73
C10 FAD J . 16.34 -1.88 14.55
C1' FAD J . 16.25 0.07 16.07
C2' FAD J . 17.34 1.12 16.08
O2' FAD J . 18.63 0.52 16.20
C3' FAD J . 17.09 2.17 17.18
O3' FAD J . 16.77 3.43 16.62
C4' FAD J . 18.21 2.29 18.21
O4' FAD J . 18.28 1.03 18.87
C5' FAD J . 17.92 3.40 19.20
O5' FAD J . 16.54 3.20 19.54
P FAD J . 15.78 4.18 20.48
O1P FAD J . 15.48 5.49 19.84
O2P FAD J . 14.76 3.20 21.02
O3P FAD J . 16.78 4.65 21.64
PA FAD K . 43.70 40.18 2.08
O1A FAD K . 44.29 39.42 0.96
O2A FAD K . 43.88 41.69 2.20
O5B FAD K . 42.14 40.01 2.07
C5B FAD K . 41.37 40.63 3.12
C4B FAD K . 40.24 39.70 3.48
O4B FAD K . 39.32 39.63 2.38
C3B FAD K . 40.67 38.28 3.83
O3B FAD K . 40.24 37.98 5.14
C2B FAD K . 40.01 37.38 2.77
O2B FAD K . 39.26 36.37 3.44
C1B FAD K . 39.04 38.29 2.03
N9A FAD K . 39.10 38.18 0.57
C8A FAD K . 40.04 38.72 -0.26
N7A FAD K . 39.89 38.39 -1.53
C5A FAD K . 38.76 37.58 -1.52
C6A FAD K . 38.09 36.87 -2.56
N6A FAD K . 38.47 36.87 -3.84
N1A FAD K . 37.01 36.13 -2.20
C2A FAD K . 36.66 36.08 -0.92
N3A FAD K . 37.21 36.70 0.13
C4A FAD K . 38.26 37.44 -0.24
N1 FAD K . 53.58 35.96 2.25
C2 FAD K . 54.73 35.76 1.51
O2 FAD K . 54.79 36.06 0.32
N3 FAD K . 55.87 35.23 2.12
C4 FAD K . 55.96 34.87 3.44
O4 FAD K . 57.02 34.40 3.86
C4X FAD K . 54.75 35.08 4.23
N5 FAD K . 54.77 34.79 5.51
C5X FAD K . 53.62 35.04 6.26
C6 FAD K . 53.63 34.72 7.62
C7 FAD K . 52.51 34.93 8.42
C7M FAD K . 52.54 34.53 9.88
C8 FAD K . 51.35 35.51 7.85
C8M FAD K . 50.12 35.78 8.68
C9 FAD K . 51.34 35.84 6.50
C9A FAD K . 52.45 35.61 5.68
N10 FAD K . 52.47 35.93 4.30
C10 FAD K . 53.58 35.67 3.55
C1' FAD K . 51.30 36.62 3.71
C2' FAD K . 50.08 35.70 3.76
O2' FAD K . 50.12 34.70 2.74
C3' FAD K . 48.80 36.52 3.72
O3' FAD K . 48.10 36.39 4.95
C4' FAD K . 47.84 36.16 2.57
O4' FAD K . 48.51 36.36 1.33
C5' FAD K . 46.52 36.91 2.64
O5' FAD K . 46.75 38.31 2.42
P FAD K . 46.10 39.38 3.42
O1P FAD K . 46.20 38.94 4.82
O2P FAD K . 46.88 40.59 2.92
O3P FAD K . 44.50 39.59 3.35
PA FAD L . 36.55 23.13 36.74
O1A FAD L . 35.81 22.79 37.98
O2A FAD L . 38.08 22.97 36.70
O5B FAD L . 35.97 22.34 35.48
C5B FAD L . 36.81 21.60 34.58
C4B FAD L . 36.05 21.46 33.30
O4B FAD L . 35.04 20.44 33.46
C3B FAD L . 35.35 22.74 32.86
O3B FAD L . 35.84 23.14 31.58
C2B FAD L . 33.85 22.42 32.85
O2B FAD L . 33.32 22.70 31.55
C1B FAD L . 33.76 20.92 33.09
N9A FAD L . 32.80 20.54 34.12
C8A FAD L . 32.97 20.59 35.48
N7A FAD L . 31.92 20.24 36.18
C5A FAD L . 30.98 19.93 35.21
C6A FAD L . 29.64 19.49 35.29
N6A FAD L . 28.97 19.32 36.44
N1A FAD L . 28.97 19.27 34.13
C2A FAD L . 29.62 19.49 32.98
N3A FAD L . 30.87 19.90 32.79
C4A FAD L . 31.50 20.10 33.93
N1 FAD L . 36.52 32.99 41.23
C2 FAD L . 36.25 33.69 42.40
O2 FAD L . 35.74 33.12 43.37
N3 FAD L . 36.58 35.02 42.50
C4 FAD L . 37.19 35.77 41.51
O4 FAD L . 37.45 36.95 41.72
C4X FAD L . 37.47 35.02 40.27
N5 FAD L . 38.07 35.67 39.28
C5X FAD L . 38.38 34.93 38.13
C6 FAD L . 39.01 35.59 37.07
C7 FAD L . 39.34 34.93 35.90
C7M FAD L . 39.97 35.69 34.76
C8 FAD L . 39.05 33.55 35.77
C8M FAD L . 39.38 32.78 34.52
C9 FAD L . 38.42 32.89 36.82
C9A FAD L . 38.07 33.56 38.01
N10 FAD L . 37.43 32.91 39.09
C10 FAD L . 37.10 33.62 40.22
C1' FAD L . 37.18 31.46 39.03
C2' FAD L . 36.19 31.14 37.92
O2' FAD L . 34.85 31.40 38.33
C3' FAD L . 36.37 29.70 37.44
O3' FAD L . 36.86 29.72 36.10
C4' FAD L . 35.12 28.82 37.52
O4' FAD L . 34.74 28.70 38.88
C5' FAD L . 35.32 27.47 36.85
O5' FAD L . 36.73 27.25 36.74
P FAD L . 37.41 25.81 36.96
O1P FAD L . 38.22 25.50 35.77
O2P FAD L . 38.10 25.78 38.33
O3P FAD L . 36.28 24.66 36.85
PA FAD M . -19.79 -26.83 9.26
O1A FAD M . -20.91 -26.28 10.06
O2A FAD M . -18.60 -27.53 9.90
O5B FAD M . -20.30 -27.89 8.20
C5B FAD M . -19.48 -28.01 7.02
C4B FAD M . -20.29 -28.42 5.82
O4B FAD M . -21.23 -29.44 6.23
C3B FAD M . -21.09 -27.30 5.17
O3B FAD M . -21.10 -27.43 3.75
C2B FAD M . -22.50 -27.58 5.66
O2B FAD M . -23.52 -27.27 4.75
C1B FAD M . -22.52 -29.07 5.78
N9A FAD M . -23.49 -29.50 6.76
C8A FAD M . -23.40 -29.42 8.12
N7A FAD M . -24.49 -29.77 8.77
C5A FAD M . -25.37 -30.11 7.74
C6A FAD M . -26.71 -30.55 7.75
N6A FAD M . -27.40 -30.86 8.86
N1A FAD M . -27.33 -30.69 6.55
C2A FAD M . -26.64 -30.44 5.45
N3A FAD M . -25.37 -30.09 5.33
C4A FAD M . -24.78 -29.93 6.51
N1 FAD M . -19.86 -17.05 13.78
C2 FAD M . -20.12 -16.38 14.95
O2 FAD M . -20.61 -16.96 15.92
N3 FAD M . -19.79 -15.04 15.06
C4 FAD M . -19.19 -14.28 14.08
O4 FAD M . -18.95 -13.09 14.30
C4X FAD M . -18.91 -14.99 12.83
N5 FAD M . -18.31 -14.35 11.85
C5X FAD M . -17.99 -15.08 10.69
C6 FAD M . -17.37 -14.40 9.63
C7 FAD M . -17.05 -15.05 8.45
C7M FAD M . -16.42 -14.28 7.33
C8 FAD M . -17.32 -16.43 8.33
C8M FAD M . -16.99 -17.16 7.05
C9 FAD M . -17.92 -17.11 9.38
C9A FAD M . -18.27 -16.46 10.56
N10 FAD M . -18.92 -17.11 11.64
C10 FAD M . -19.26 -16.41 12.77
C1' FAD M . -19.14 -18.57 11.58
C2' FAD M . -20.10 -18.91 10.46
O2' FAD M . -21.46 -18.69 10.88
C3' FAD M . -19.87 -20.35 9.98
O3' FAD M . -19.39 -20.33 8.64
C4' FAD M . -21.13 -21.19 10.08
O4' FAD M . -21.57 -21.26 11.44
C5' FAD M . -21.00 -22.57 9.48
O5' FAD M . -20.07 -23.34 10.26
P FAD M . -18.88 -24.13 9.52
O1P FAD M . -18.29 -23.35 8.41
O2P FAD M . -18.10 -24.39 10.78
O3P FAD M . -19.22 -25.45 8.65
PA FAD N . -12.85 -9.77 -25.45
O1A FAD N . -12.27 -10.60 -26.53
O2A FAD N . -12.66 -8.25 -25.38
O5B FAD N . -14.42 -9.94 -25.44
C5B FAD N . -15.22 -9.30 -24.43
C4B FAD N . -16.31 -10.26 -24.05
O4B FAD N . -17.26 -10.35 -25.12
C3B FAD N . -15.86 -11.67 -23.70
O3B FAD N . -16.22 -11.95 -22.36
C2B FAD N . -16.54 -12.60 -24.71
O2B FAD N . -17.29 -13.57 -24.03
C1B FAD N . -17.51 -11.70 -25.47
N9A FAD N . -17.45 -11.83 -26.93
C8A FAD N . -16.51 -11.28 -27.77
N7A FAD N . -16.67 -11.62 -29.03
C5A FAD N . -17.77 -12.44 -29.02
C6A FAD N . -18.47 -13.13 -30.06
N6A FAD N . -18.10 -13.10 -31.34
N1A FAD N . -19.53 -13.88 -29.70
C2A FAD N . -19.88 -13.93 -28.41
N3A FAD N . -19.32 -13.32 -27.37
C4A FAD N . -18.27 -12.58 -27.73
N1 FAD N . -2.91 -13.94 -25.22
C2 FAD N . -1.75 -14.13 -25.96
O2 FAD N . -1.70 -13.83 -27.15
N3 FAD N . -0.61 -14.65 -25.35
C4 FAD N . -0.50 -15.01 -24.02
O4 FAD N . 0.56 -15.45 -23.60
C4X FAD N . -1.73 -14.80 -23.24
N5 FAD N . -1.71 -15.09 -21.95
C5X FAD N . -2.85 -14.82 -21.20
C6 FAD N . -2.83 -15.13 -19.84
C7 FAD N . -3.95 -14.90 -19.03
C7M FAD N . -3.91 -15.31 -17.58
C8 FAD N . -5.10 -14.35 -19.60
C8M FAD N . -6.34 -14.10 -18.78
C9 FAD N . -5.12 -14.03 -20.96
C9A FAD N . -4.02 -14.26 -21.77
N10 FAD N . -4.01 -13.96 -23.16
C10 FAD N . -2.90 -14.24 -23.92
C1' FAD N . -5.18 -13.28 -23.76
C2' FAD N . -6.40 -14.20 -23.70
O2' FAD N . -6.36 -15.20 -24.72
C3' FAD N . -7.69 -13.37 -23.75
O3' FAD N . -8.37 -13.51 -22.52
C4' FAD N . -8.64 -13.75 -24.89
O4' FAD N . -7.97 -13.56 -26.15
C5' FAD N . -9.97 -13.02 -24.83
O5' FAD N . -9.77 -11.62 -25.09
P FAD N . -10.44 -10.53 -24.12
O1P FAD N . -10.34 -10.94 -22.69
O2P FAD N . -9.65 -9.33 -24.64
O3P FAD N . -12.04 -10.35 -24.18
PA FAD O . -39.85 -44.77 -4.65
O1A FAD O . -39.22 -45.85 -3.85
O2A FAD O . -41.37 -44.59 -4.62
O5B FAD O . -39.20 -43.37 -4.22
C5B FAD O . -39.95 -42.16 -4.03
C4B FAD O . -39.01 -41.03 -4.31
O4B FAD O . -38.12 -40.86 -3.20
C3B FAD O . -38.16 -41.18 -5.57
O3B FAD O . -38.41 -40.11 -6.48
C2B FAD O . -36.71 -41.20 -5.10
O2B FAD O . -35.99 -40.19 -5.79
C1B FAD O . -36.77 -40.83 -3.61
N9A FAD O . -35.98 -41.71 -2.76
C8A FAD O . -36.32 -42.96 -2.32
N7A FAD O . -35.39 -43.56 -1.61
C5A FAD O . -34.37 -42.63 -1.57
C6A FAD O . -33.09 -42.65 -0.96
N6A FAD O . -32.60 -43.69 -0.29
N1A FAD O . -32.31 -41.55 -1.10
C2A FAD O . -32.78 -40.52 -1.81
N3A FAD O . -33.96 -40.40 -2.41
C4A FAD O . -34.71 -41.47 -2.26
N1 FAD O . -39.60 -52.63 -12.11
C2 FAD O . -39.41 -53.99 -12.29
O2 FAD O . -39.08 -54.71 -11.34
N3 FAD O . -39.59 -54.56 -13.55
C4 FAD O . -39.96 -53.89 -14.68
O4 FAD O . -40.10 -54.51 -15.74
C4X FAD O . -40.16 -52.44 -14.49
N5 FAD O . -40.54 -51.72 -15.54
C5X FAD O . -40.75 -50.36 -15.34
C6 FAD O . -41.14 -49.58 -16.43
C7 FAD O . -41.37 -48.22 -16.32
C7M FAD O . -41.75 -47.41 -17.53
C8 FAD O . -41.22 -47.60 -15.05
C8M FAD O . -41.45 -46.13 -14.86
C9 FAD O . -40.83 -48.38 -13.96
C9A FAD O . -40.59 -49.74 -14.08
N10 FAD O . -40.19 -50.55 -12.98
C10 FAD O . -39.96 -51.90 -13.16
C1' FAD O . -40.09 -49.93 -11.64
C2' FAD O . -38.95 -48.92 -11.61
O2' FAD O . -37.67 -49.54 -11.50
C3' FAD O . -39.20 -47.91 -10.49
O3' FAD O . -39.48 -46.64 -11.07
C4' FAD O . -38.07 -47.74 -9.49
O4' FAD O . -37.86 -48.97 -8.80
C5' FAD O . -38.29 -46.55 -8.56
O5' FAD O . -39.72 -46.28 -8.52
P FAD O . -40.50 -45.83 -7.19
O1P FAD O . -41.16 -44.52 -7.40
O2P FAD O . -41.40 -47.00 -6.74
O3P FAD O . -39.46 -45.41 -6.04
PA FAD P . -40.46 -18.78 -34.17
O1A FAD P . -40.91 -17.39 -33.91
O2A FAD P . -40.56 -19.43 -35.55
O5B FAD P . -38.93 -18.90 -33.82
C5B FAD P . -38.26 -20.17 -33.92
C4B FAD P . -37.28 -20.26 -32.76
O4B FAD P . -36.20 -19.35 -32.96
C3B FAD P . -37.88 -20.00 -31.38
O3B FAD P . -37.71 -21.14 -30.56
C2B FAD P . -37.15 -18.76 -30.84
O2B FAD P . -36.61 -19.03 -29.57
C1B FAD P . -36.00 -18.53 -31.83
N9A FAD P . -35.85 -17.14 -32.27
C8A FAD P . -36.60 -16.49 -33.22
N7A FAD P . -36.32 -15.22 -33.35
C5A FAD P . -35.31 -15.01 -32.43
C6A FAD P . -34.59 -13.84 -32.03
N6A FAD P . -34.82 -12.64 -32.54
N1A FAD P . -33.66 -13.98 -31.07
C2A FAD P . -33.46 -15.17 -30.54
N3A FAD P . -34.08 -16.34 -30.81
C4A FAD P . -34.99 -16.19 -31.76
N1 FAD P . -50.59 -16.37 -31.49
C2 FAD P . -51.63 -15.49 -31.72
O2 FAD P . -51.48 -14.51 -32.44
N3 FAD P . -52.88 -15.73 -31.15
C4 FAD P . -53.21 -16.80 -30.37
O4 FAD P . -54.35 -16.91 -29.94
C4X FAD P . -52.10 -17.75 -30.13
N5 FAD P . -52.34 -18.80 -29.40
C5X FAD P . -51.29 -19.71 -29.22
C6 FAD P . -51.52 -20.85 -28.43
C7 FAD P . -50.52 -21.79 -28.19
C7M FAD P . -50.79 -22.94 -27.28
C8 FAD P . -49.25 -21.59 -28.77
C8M FAD P . -48.12 -22.57 -28.56
C9 FAD P . -49.02 -20.47 -29.57
C9A FAD P . -50.02 -19.52 -29.80
N10 FAD P . -49.80 -18.36 -30.59
C10 FAD P . -50.82 -17.45 -30.75
C1' FAD P . -48.51 -18.20 -31.29
C2' FAD P . -47.39 -18.01 -30.27
O2' FAD P . -47.37 -16.69 -29.72
C3' FAD P . -46.05 -18.41 -30.89
O3' FAD P . -45.55 -19.56 -30.22
C4' FAD P . -45.00 -17.30 -30.84
O4' FAD P . -45.47 -16.15 -31.55
C5' FAD P . -43.63 -17.76 -31.32
O5' FAD P . -43.67 -18.05 -32.72
P FAD P . -43.06 -19.44 -33.26
O1P FAD P . -43.40 -20.54 -32.33
O2P FAD P . -43.67 -19.36 -34.64
O3P FAD P . -41.48 -19.61 -33.25
#